data_9C67
#
_entry.id   9C67
#
_cell.length_a   1.00
_cell.length_b   1.00
_cell.length_c   1.00
_cell.angle_alpha   90.00
_cell.angle_beta   90.00
_cell.angle_gamma   90.00
#
_symmetry.space_group_name_H-M   'P 1'
#
loop_
_entity.id
_entity.type
_entity.pdbx_description
1 polymer 'Adenosine deaminase domain-containing protein'
2 non-polymer 'MAGNESIUM ION'
#
_entity_poly.entity_id   1
_entity_poly.type   'polypeptide(L)'
_entity_poly.pdbx_seq_one_letter_code
;MSRVLLCSAGHSSMVVPEAFHAVPEGFEEVHVFTTDSEKFNPVVLNDFFHSLPNVRFSITKCHGLADILNERDFEFYQEM
LWQWYLTKMPDNELPYVCLSGGIKSMSASLQKAATLFGAQSVFHVLADNNPRNIEEMFDALQKGQIHFIEMGYEPGWAAL
RRLKKILPINEGCSRDNFKPLISKSIEEILSNVKIMASDTGKSNQLPFPSLAILPPIAQQWLQLPLSANDGAWIQNLPKV
DLHCHLGGFATSGSLLDQVRGAASEPDLIDRTFSPQEIAGWPRSHKSISLDKYMELGNANGSKLLKDKGCLIRQVELLYQ
SLVNDNVAYAEIRCSPNNYADKNKNRSAWVVLQDINDTFTRLITEAKQKNQFYCHVNLLVIASRKFSGDLSDISKHLALA
ITAMQQGEGVCRIVGVDLAGFENKETRASYYEHDFKAVHRCGLAVTAHAGENDDPEGIWQAVYSLHARRLGHALNLLEAP
DLMRTVIERKIGVEMCPYANYQIKGFAPMPNFSALYPLKKYLEAGILVSVNTDNIGISGANLSENLLILADLCPGISRMD
VLTIIRNSIETAFISHDFRMELLKFFDRKIYDVCLISIKN
;
_entity_poly.pdbx_strand_id   A,B,C,D,E,F
#
loop_
_chem_comp.id
_chem_comp.type
_chem_comp.name
_chem_comp.formula
MG non-polymer 'MAGNESIUM ION' 'Mg 2'
#
# COMPACT_ATOMS: atom_id res chain seq x y z
N SER A 2 52.59 47.75 37.92
CA SER A 2 51.98 48.17 39.17
C SER A 2 52.96 48.07 40.32
N ARG A 3 53.32 46.84 40.67
CA ARG A 3 54.30 46.56 41.73
C ARG A 3 53.81 47.13 43.07
N VAL A 4 52.79 46.47 43.61
CA VAL A 4 52.24 46.78 44.92
C VAL A 4 52.37 45.55 45.82
N LEU A 5 53.01 45.71 46.99
CA LEU A 5 52.94 44.70 48.03
C LEU A 5 51.59 44.71 48.73
N LEU A 6 51.17 43.53 49.17
CA LEU A 6 49.96 43.34 49.95
C LEU A 6 50.34 42.53 51.18
N CYS A 7 50.15 43.10 52.37
CA CYS A 7 50.71 42.47 53.56
C CYS A 7 49.83 42.71 54.77
N SER A 8 50.02 41.89 55.78
CA SER A 8 49.34 42.00 57.07
C SER A 8 50.37 42.27 58.15
N ALA A 9 50.09 43.24 59.02
CA ALA A 9 51.02 43.67 60.06
C ALA A 9 50.59 43.09 61.40
N GLY A 10 51.54 42.45 62.09
CA GLY A 10 51.28 41.91 63.41
C GLY A 10 52.27 42.42 64.45
N HIS A 11 52.61 41.56 65.41
CA HIS A 11 53.62 41.95 66.40
C HIS A 11 54.96 42.22 65.74
N SER A 12 55.35 41.38 64.79
CA SER A 12 56.54 41.62 63.96
C SER A 12 56.14 42.60 62.86
N SER A 13 56.02 43.87 63.24
CA SER A 13 55.62 44.91 62.31
C SER A 13 56.70 45.25 61.30
N MET A 14 57.89 44.68 61.45
CA MET A 14 59.04 45.04 60.62
C MET A 14 59.27 44.06 59.47
N VAL A 15 58.29 43.20 59.18
CA VAL A 15 58.43 42.30 58.03
C VAL A 15 58.26 43.04 56.70
N VAL A 16 57.69 44.23 56.73
CA VAL A 16 57.44 45.02 55.52
C VAL A 16 58.73 45.44 54.82
N PRO A 17 59.73 45.99 55.51
CA PRO A 17 60.95 46.42 54.79
C PRO A 17 61.62 45.33 53.98
N GLU A 18 61.73 44.12 54.53
CA GLU A 18 62.34 43.03 53.77
C GLU A 18 61.45 42.60 52.60
N ALA A 19 60.14 42.71 52.76
CA ALA A 19 59.24 42.47 51.63
C ALA A 19 59.47 43.48 50.52
N PHE A 20 59.67 44.75 50.88
CA PHE A 20 59.99 45.76 49.89
C PHE A 20 61.32 45.48 49.21
N HIS A 21 62.32 45.06 49.99
CA HIS A 21 63.64 44.74 49.45
C HIS A 21 63.66 43.40 48.72
N ALA A 22 62.58 42.63 48.77
CA ALA A 22 62.59 41.30 48.18
C ALA A 22 62.83 41.35 46.67
N VAL A 23 62.21 42.31 45.99
CA VAL A 23 62.37 42.40 44.53
C VAL A 23 63.81 42.77 44.21
N PRO A 24 64.39 42.24 43.14
CA PRO A 24 65.79 42.53 42.79
C PRO A 24 65.99 43.77 41.93
N GLU A 25 64.97 44.62 41.77
CA GLU A 25 65.11 45.81 40.94
C GLU A 25 64.48 47.04 41.56
N GLY A 26 64.11 46.99 42.84
CA GLY A 26 63.36 48.06 43.46
C GLY A 26 61.86 47.87 43.31
N PHE A 27 61.11 48.61 44.12
CA PHE A 27 59.66 48.45 44.16
C PHE A 27 59.00 49.82 44.09
N GLU A 28 57.68 49.80 43.89
CA GLU A 28 56.91 51.00 43.58
C GLU A 28 55.97 51.41 44.72
N GLU A 29 55.08 50.52 45.15
CA GLU A 29 54.09 50.87 46.17
C GLU A 29 53.97 49.75 47.18
N VAL A 30 53.72 50.12 48.44
CA VAL A 30 53.57 49.16 49.54
C VAL A 30 52.27 49.48 50.28
N HIS A 31 51.42 48.46 50.43
CA HIS A 31 50.13 48.61 51.10
C HIS A 31 50.00 47.49 52.13
N VAL A 32 49.62 47.86 53.36
CA VAL A 32 49.61 46.94 54.49
C VAL A 32 48.25 47.02 55.18
N PHE A 33 47.77 45.88 55.66
CA PHE A 33 46.55 45.79 56.47
C PHE A 33 46.92 45.31 57.87
N THR A 34 46.12 45.72 58.85
CA THR A 34 46.33 45.29 60.23
C THR A 34 45.02 45.50 61.00
N THR A 35 45.03 45.07 62.25
CA THR A 35 43.88 45.24 63.13
C THR A 35 44.07 46.48 63.99
N ASP A 36 43.15 46.73 64.92
CA ASP A 36 43.17 47.93 65.74
C ASP A 36 43.97 47.77 67.03
N SER A 37 44.79 46.73 67.13
CA SER A 37 45.59 46.52 68.33
C SER A 37 46.65 47.62 68.48
N GLU A 38 47.01 47.91 69.73
CA GLU A 38 48.00 48.93 70.02
C GLU A 38 49.43 48.43 69.90
N LYS A 39 49.62 47.13 69.65
CA LYS A 39 50.98 46.59 69.55
C LYS A 39 51.74 47.19 68.38
N PHE A 40 51.07 47.35 67.24
CA PHE A 40 51.75 47.83 66.04
C PHE A 40 52.17 49.29 66.19
N ASN A 41 53.38 49.58 65.74
CA ASN A 41 53.91 50.95 65.73
C ASN A 41 54.16 51.38 64.30
N PRO A 42 53.23 52.10 63.67
CA PRO A 42 53.43 52.53 62.28
C PRO A 42 54.55 53.54 62.11
N VAL A 43 55.04 54.14 63.19
CA VAL A 43 56.02 55.21 63.08
C VAL A 43 57.32 54.69 62.44
N VAL A 44 57.76 53.50 62.86
CA VAL A 44 59.03 52.97 62.34
C VAL A 44 58.93 52.73 60.85
N LEU A 45 57.85 52.10 60.40
CA LEU A 45 57.66 51.88 58.98
C LEU A 45 57.55 53.20 58.23
N ASN A 46 56.89 54.19 58.84
CA ASN A 46 56.76 55.50 58.20
C ASN A 46 58.11 56.15 57.98
N ASP A 47 58.98 56.16 59.01
CA ASP A 47 60.27 56.81 58.83
C ASP A 47 61.17 56.00 57.90
N PHE A 48 61.03 54.67 57.91
CA PHE A 48 61.80 53.86 56.99
C PHE A 48 61.41 54.15 55.54
N PHE A 49 60.11 54.29 55.27
CA PHE A 49 59.65 54.52 53.91
C PHE A 49 59.72 55.99 53.51
N HIS A 50 59.92 56.90 54.46
CA HIS A 50 60.13 58.30 54.11
C HIS A 50 61.40 58.51 53.31
N SER A 51 62.39 57.62 53.45
CA SER A 51 63.59 57.69 52.64
C SER A 51 63.30 57.42 51.16
N LEU A 52 62.13 56.87 50.84
CA LEU A 52 61.70 56.65 49.46
C LEU A 52 60.32 57.29 49.30
N PRO A 53 60.26 58.61 49.18
CA PRO A 53 58.95 59.28 49.05
C PRO A 53 58.20 58.89 47.79
N ASN A 54 58.89 58.38 46.77
CA ASN A 54 58.22 57.93 45.56
C ASN A 54 57.39 56.68 45.77
N VAL A 55 57.53 56.02 46.92
CA VAL A 55 56.77 54.81 47.24
C VAL A 55 55.51 55.21 48.00
N ARG A 56 54.36 54.74 47.51
CA ARG A 56 53.08 55.06 48.14
C ARG A 56 52.88 54.13 49.33
N PHE A 57 52.92 54.69 50.54
CA PHE A 57 52.70 53.93 51.76
C PHE A 57 51.25 54.08 52.21
N SER A 58 50.53 52.97 52.26
CA SER A 58 49.15 52.96 52.72
C SER A 58 49.04 52.10 53.96
N ILE A 59 48.50 52.67 55.03
CA ILE A 59 48.31 51.99 56.30
C ILE A 59 46.82 52.01 56.63
N THR A 60 46.24 50.83 56.82
CA THR A 60 44.85 50.69 57.19
C THR A 60 44.73 49.70 58.34
N LYS A 61 43.83 49.98 59.28
CA LYS A 61 43.63 49.17 60.46
C LYS A 61 42.19 48.69 60.52
N CYS A 62 42.01 47.41 60.86
CA CYS A 62 40.68 46.85 61.03
C CYS A 62 40.05 47.45 62.27
N HIS A 63 39.07 48.34 62.07
CA HIS A 63 38.49 49.09 63.18
C HIS A 63 37.74 48.17 64.13
N GLY A 64 37.97 48.38 65.42
CA GLY A 64 37.24 47.64 66.46
C GLY A 64 37.53 46.15 66.51
N LEU A 65 38.74 45.75 66.15
CA LEU A 65 39.14 44.35 66.23
C LEU A 65 40.49 44.24 66.93
N ALA A 66 40.69 43.13 67.63
CA ALA A 66 41.95 42.86 68.31
C ALA A 66 42.02 41.38 68.66
N ASP A 67 43.19 40.78 68.42
CA ASP A 67 43.52 39.42 68.86
C ASP A 67 42.70 38.34 68.15
N ILE A 68 41.71 38.77 67.35
CA ILE A 68 40.82 37.93 66.53
C ILE A 68 40.51 36.61 67.25
N LEU A 69 40.03 36.73 68.49
CA LEU A 69 39.86 35.58 69.36
C LEU A 69 38.47 34.94 69.27
N ASN A 70 37.56 35.54 68.51
CA ASN A 70 36.18 35.06 68.44
C ASN A 70 35.82 34.75 66.99
N GLU A 71 34.91 33.78 66.83
CA GLU A 71 34.45 33.40 65.50
C GLU A 71 33.75 34.56 64.81
N ARG A 72 32.90 35.29 65.53
CA ARG A 72 32.30 36.51 64.97
C ARG A 72 33.38 37.53 64.61
N ASP A 73 34.33 37.74 65.52
CA ASP A 73 35.48 38.58 65.19
C ASP A 73 36.25 38.00 64.02
N PHE A 74 36.30 36.67 63.91
CA PHE A 74 37.09 36.04 62.87
C PHE A 74 36.48 36.33 61.50
N GLU A 75 35.16 36.15 61.36
CA GLU A 75 34.52 36.46 60.09
C GLU A 75 34.48 37.96 59.82
N PHE A 76 34.39 38.79 60.87
CA PHE A 76 34.52 40.23 60.71
C PHE A 76 35.84 40.57 60.04
N TYR A 77 36.95 40.04 60.56
CA TYR A 77 38.25 40.26 59.95
C TYR A 77 38.25 39.72 58.53
N GLN A 78 37.65 38.55 58.32
CA GLN A 78 37.64 37.94 56.99
C GLN A 78 37.04 38.89 55.97
N GLU A 79 35.87 39.45 56.29
CA GLU A 79 35.16 40.26 55.29
C GLU A 79 35.78 41.65 55.11
N MET A 80 36.26 42.29 56.18
CA MET A 80 37.03 43.52 55.94
C MET A 80 38.35 43.25 55.21
N LEU A 81 38.99 42.12 55.45
CA LEU A 81 40.19 41.78 54.68
C LEU A 81 39.85 41.62 53.21
N TRP A 82 38.73 40.94 52.92
CA TRP A 82 38.31 40.79 51.53
C TRP A 82 37.97 42.14 50.90
N GLN A 83 37.26 43.00 51.62
CA GLN A 83 36.91 44.30 51.06
C GLN A 83 38.14 45.14 50.79
N TRP A 84 39.09 45.17 51.74
CA TRP A 84 40.33 45.92 51.54
C TRP A 84 41.12 45.36 50.37
N TYR A 85 41.16 44.03 50.23
CA TYR A 85 41.88 43.43 49.12
C TYR A 85 41.24 43.81 47.78
N LEU A 86 39.93 43.60 47.65
CA LEU A 86 39.23 43.95 46.41
C LEU A 86 39.33 45.42 46.10
N THR A 87 39.41 46.27 47.12
CA THR A 87 39.69 47.67 46.88
C THR A 87 41.17 47.94 46.61
N LYS A 88 42.03 46.93 46.72
CA LYS A 88 43.47 47.17 46.64
C LYS A 88 44.18 46.11 45.78
N MET A 89 43.67 45.83 44.57
CA MET A 89 44.57 45.26 43.59
C MET A 89 44.82 46.28 42.49
N PRO A 90 45.86 46.08 41.68
CA PRO A 90 45.93 46.79 40.39
C PRO A 90 44.79 46.34 39.47
N ASP A 91 44.44 47.20 38.53
CA ASP A 91 43.24 46.97 37.73
C ASP A 91 43.38 45.74 36.83
N ASN A 92 44.51 45.61 36.13
CA ASN A 92 44.66 44.54 35.16
C ASN A 92 46.01 43.83 35.24
N GLU A 93 46.67 43.86 36.39
CA GLU A 93 47.80 42.97 36.67
C GLU A 93 47.69 42.45 38.09
N LEU A 94 48.15 41.21 38.27
CA LEU A 94 48.13 40.60 39.59
C LEU A 94 49.19 41.25 40.48
N PRO A 95 48.89 41.42 41.78
CA PRO A 95 49.85 42.09 42.66
C PRO A 95 50.84 41.13 43.31
N TYR A 96 51.84 41.68 44.00
CA TYR A 96 52.75 40.90 44.82
C TYR A 96 52.25 40.92 46.26
N VAL A 97 52.26 39.76 46.91
CA VAL A 97 51.67 39.61 48.23
C VAL A 97 52.61 38.77 49.11
N CYS A 98 52.74 39.15 50.37
CA CYS A 98 53.50 38.41 51.35
C CYS A 98 52.68 38.26 52.62
N LEU A 99 52.94 37.18 53.37
CA LEU A 99 52.11 36.85 54.52
C LEU A 99 52.92 36.38 55.72
N SER A 100 54.22 36.68 55.77
CA SER A 100 55.05 36.22 56.89
C SER A 100 54.64 36.86 58.22
N GLY A 101 53.91 37.97 58.19
CA GLY A 101 53.47 38.63 59.40
C GLY A 101 52.07 38.22 59.78
N GLY A 102 51.86 37.97 61.06
CA GLY A 102 50.57 37.57 61.60
C GLY A 102 50.56 36.11 62.03
N ILE A 103 49.65 35.80 62.94
CA ILE A 103 49.49 34.43 63.42
C ILE A 103 48.68 33.66 62.40
N LYS A 104 48.54 32.35 62.61
CA LYS A 104 48.08 31.44 61.56
C LYS A 104 46.76 31.90 60.92
N SER A 105 45.86 32.50 61.71
CA SER A 105 44.55 32.82 61.18
C SER A 105 44.62 33.85 60.05
N MET A 106 45.21 35.03 60.33
CA MET A 106 45.28 36.03 59.26
C MET A 106 46.08 35.53 58.08
N SER A 107 47.20 34.83 58.34
CA SER A 107 48.04 34.37 57.23
C SER A 107 47.30 33.38 56.33
N ALA A 108 46.59 32.43 56.93
CA ALA A 108 45.82 31.47 56.14
C ALA A 108 44.71 32.17 55.36
N SER A 109 44.00 33.11 56.00
CA SER A 109 42.93 33.82 55.32
C SER A 109 43.47 34.64 54.16
N LEU A 110 44.61 35.31 54.36
CA LEU A 110 45.21 36.12 53.32
C LEU A 110 45.72 35.27 52.16
N GLN A 111 46.33 34.13 52.47
CA GLN A 111 46.76 33.24 51.39
C GLN A 111 45.58 32.71 50.60
N LYS A 112 44.50 32.35 51.30
CA LYS A 112 43.30 31.87 50.62
C LYS A 112 42.70 32.97 49.75
N ALA A 113 42.67 34.20 50.25
CA ALA A 113 42.15 35.32 49.46
C ALA A 113 43.03 35.59 48.24
N ALA A 114 44.36 35.52 48.41
CA ALA A 114 45.26 35.72 47.30
C ALA A 114 45.05 34.65 46.23
N THR A 115 44.85 33.40 46.65
CA THR A 115 44.50 32.35 45.69
C THR A 115 43.14 32.61 45.07
N LEU A 116 42.22 33.20 45.84
CA LEU A 116 40.85 33.44 45.40
C LEU A 116 40.73 34.64 44.47
N PHE A 117 41.76 35.48 44.37
CA PHE A 117 41.69 36.63 43.49
C PHE A 117 42.98 36.86 42.69
N GLY A 118 43.97 35.98 42.80
CA GLY A 118 45.17 36.09 42.00
C GLY A 118 46.23 36.97 42.61
N ALA A 119 47.49 36.69 42.30
CA ALA A 119 48.62 37.47 42.79
C ALA A 119 49.84 37.13 41.93
N GLN A 120 50.63 38.15 41.60
CA GLN A 120 51.78 37.92 40.72
C GLN A 120 52.77 36.96 41.36
N SER A 121 53.05 37.12 42.64
CA SER A 121 53.98 36.24 43.35
C SER A 121 53.71 36.34 44.84
N VAL A 122 53.51 35.19 45.49
CA VAL A 122 53.37 35.11 46.93
C VAL A 122 54.57 34.35 47.47
N PHE A 123 55.19 34.89 48.51
CA PHE A 123 56.43 34.35 49.03
C PHE A 123 56.47 34.52 50.54
N HIS A 124 57.60 34.14 51.13
CA HIS A 124 57.82 34.23 52.57
C HIS A 124 59.23 34.74 52.83
N VAL A 125 59.37 35.44 53.95
CA VAL A 125 60.67 35.95 54.41
C VAL A 125 60.97 35.34 55.76
N LEU A 126 62.16 34.77 55.90
CA LEU A 126 62.59 34.13 57.13
C LEU A 126 63.90 34.75 57.60
N ALA A 127 64.00 35.01 58.89
CA ALA A 127 65.20 35.58 59.50
C ALA A 127 65.65 34.69 60.64
N ASP A 128 66.93 34.36 60.66
CA ASP A 128 67.45 33.46 61.69
C ASP A 128 67.36 34.08 63.08
N ASN A 129 67.70 35.37 63.21
CA ASN A 129 67.71 36.04 64.50
C ASN A 129 66.50 36.93 64.74
N ASN A 130 65.61 37.07 63.75
CA ASN A 130 64.43 37.92 63.84
C ASN A 130 64.80 39.33 64.28
N PRO A 131 65.41 40.12 63.41
CA PRO A 131 65.88 41.45 63.81
C PRO A 131 64.73 42.39 64.17
N ARG A 132 65.04 43.35 65.03
CA ARG A 132 64.07 44.34 65.50
C ARG A 132 64.39 45.74 64.99
N ASN A 133 65.66 46.07 64.82
CA ASN A 133 66.07 47.41 64.42
C ASN A 133 66.60 47.44 63.00
N ILE A 134 66.60 48.62 62.40
CA ILE A 134 66.89 48.75 60.97
C ILE A 134 68.31 48.31 60.65
N GLU A 135 69.27 48.73 61.47
CA GLU A 135 70.65 48.33 61.20
C GLU A 135 70.83 46.83 61.28
N GLU A 136 70.06 46.15 62.13
CA GLU A 136 70.25 44.72 62.32
C GLU A 136 69.89 43.94 61.06
N MET A 137 68.67 44.13 60.53
CA MET A 137 68.33 43.35 59.34
C MET A 137 68.94 43.96 58.09
N PHE A 138 69.36 45.23 58.14
CA PHE A 138 70.19 45.75 57.06
C PHE A 138 71.50 44.99 56.97
N ASP A 139 72.17 44.79 58.11
CA ASP A 139 73.39 43.99 58.12
C ASP A 139 73.11 42.53 57.75
N ALA A 140 71.96 42.01 58.19
CA ALA A 140 71.59 40.63 57.85
C ALA A 140 71.45 40.45 56.35
N LEU A 141 70.81 41.40 55.68
CA LEU A 141 70.69 41.32 54.23
C LEU A 141 72.01 41.64 53.53
N GLN A 142 72.88 42.45 54.16
CA GLN A 142 74.23 42.62 53.63
C GLN A 142 74.99 41.30 53.61
N LYS A 143 74.89 40.53 54.70
CA LYS A 143 75.48 39.20 54.71
C LYS A 143 74.68 38.23 53.85
N GLY A 144 73.35 38.35 53.87
CA GLY A 144 72.49 37.45 53.14
C GLY A 144 71.77 36.48 54.05
N GLN A 145 71.63 36.86 55.31
CA GLN A 145 70.99 35.97 56.28
C GLN A 145 69.51 35.75 55.95
N ILE A 146 68.81 36.80 55.52
CA ILE A 146 67.39 36.68 55.21
C ILE A 146 67.22 35.91 53.92
N HIS A 147 66.55 34.76 53.99
CA HIS A 147 66.27 33.94 52.84
C HIS A 147 64.88 34.23 52.28
N PHE A 148 64.66 33.82 51.03
CA PHE A 148 63.41 34.08 50.33
C PHE A 148 62.79 32.74 49.95
N ILE A 149 61.53 32.54 50.34
CA ILE A 149 60.84 31.27 50.10
C ILE A 149 59.53 31.57 49.40
N GLU A 150 59.33 30.98 48.22
CA GLU A 150 58.09 31.09 47.47
C GLU A 150 57.73 29.73 46.90
N MET A 151 56.43 29.50 46.72
CA MET A 151 55.93 28.24 46.17
C MET A 151 55.62 28.33 44.68
N GLY A 152 55.93 29.44 44.04
CA GLY A 152 55.74 29.58 42.60
C GLY A 152 54.68 30.61 42.27
N TYR A 153 54.61 30.90 40.98
CA TYR A 153 53.62 31.87 40.48
C TYR A 153 52.22 31.30 40.60
N GLU A 154 51.29 32.14 41.07
CA GLU A 154 49.90 31.73 41.27
C GLU A 154 49.01 32.57 40.37
N PRO A 155 48.46 31.98 39.29
CA PRO A 155 47.62 32.77 38.38
C PRO A 155 46.32 33.24 39.00
N GLY A 156 45.82 32.55 40.03
CA GLY A 156 44.50 32.86 40.51
C GLY A 156 43.47 32.54 39.46
N TRP A 157 42.35 33.26 39.49
CA TRP A 157 41.33 33.17 38.46
C TRP A 157 41.41 34.43 37.61
N ALA A 158 41.36 34.25 36.30
CA ALA A 158 41.69 35.34 35.38
C ALA A 158 40.73 36.53 35.51
N ALA A 159 39.55 36.34 36.08
CA ALA A 159 38.57 37.42 36.12
C ALA A 159 37.61 37.18 37.28
N LEU A 160 37.79 37.93 38.38
CA LEU A 160 36.86 37.92 39.50
C LEU A 160 36.63 39.30 40.10
N ARG A 161 37.21 40.36 39.53
CA ARG A 161 37.28 41.64 40.23
C ARG A 161 36.04 42.51 40.02
N ARG A 162 35.04 42.07 39.26
CA ARG A 162 33.82 42.86 39.17
C ARG A 162 33.06 42.94 40.49
N LEU A 163 33.41 42.10 41.46
CA LEU A 163 32.84 42.26 42.79
C LEU A 163 33.20 43.61 43.39
N LYS A 164 34.40 44.11 43.07
CA LYS A 164 34.81 45.42 43.57
C LYS A 164 34.09 46.57 42.86
N LYS A 165 33.52 46.32 41.67
CA LYS A 165 32.67 47.32 41.05
C LYS A 165 31.25 47.28 41.60
N ILE A 166 30.67 46.08 41.68
CA ILE A 166 29.30 45.97 42.16
C ILE A 166 29.22 46.35 43.64
N LEU A 167 30.24 46.01 44.42
CA LEU A 167 30.29 46.41 45.82
C LEU A 167 31.09 47.70 45.93
N PRO A 168 30.50 48.80 46.38
CA PRO A 168 31.24 50.06 46.48
C PRO A 168 32.30 50.03 47.56
N ILE A 169 32.95 51.17 47.79
CA ILE A 169 34.02 51.24 48.80
C ILE A 169 33.47 50.88 50.17
N ASN A 170 32.27 51.38 50.50
CA ASN A 170 31.61 51.09 51.78
C ASN A 170 32.51 51.45 52.95
N GLU A 171 33.04 52.68 52.92
CA GLU A 171 33.88 53.15 54.03
C GLU A 171 33.09 53.21 55.32
N GLY A 172 31.80 53.55 55.24
CA GLY A 172 30.92 53.49 56.39
C GLY A 172 30.18 52.17 56.45
N CYS A 173 30.68 51.24 57.26
CA CYS A 173 30.08 49.91 57.34
C CYS A 173 30.47 49.30 58.69
N SER A 174 29.80 48.19 59.01
CA SER A 174 30.02 47.50 60.27
C SER A 174 29.79 46.00 60.04
N ARG A 175 29.62 45.25 61.12
CA ARG A 175 29.39 43.82 61.02
C ARG A 175 28.01 43.49 60.46
N ASP A 176 27.11 44.46 60.37
CA ASP A 176 25.74 44.18 59.96
C ASP A 176 25.69 43.72 58.50
N ASN A 177 26.40 44.42 57.61
CA ASN A 177 26.34 44.13 56.18
C ASN A 177 27.53 43.28 55.74
N PHE A 178 27.46 41.99 56.07
CA PHE A 178 28.44 41.03 55.58
C PHE A 178 28.05 40.56 54.19
N LYS A 179 29.04 40.32 53.34
CA LYS A 179 28.76 39.80 52.02
C LYS A 179 29.22 38.35 51.92
N PRO A 180 28.31 37.38 52.00
CA PRO A 180 28.70 35.98 51.77
C PRO A 180 28.57 35.59 50.31
N LEU A 181 29.10 36.43 49.41
CA LEU A 181 28.83 36.26 47.99
C LEU A 181 29.44 34.97 47.45
N ILE A 182 30.71 34.74 47.74
CA ILE A 182 31.39 33.54 47.26
C ILE A 182 31.24 32.36 48.22
N SER A 183 31.05 32.61 49.51
CA SER A 183 31.06 31.53 50.50
C SER A 183 29.93 30.54 50.26
N LYS A 184 28.78 31.00 49.77
CA LYS A 184 27.73 30.04 49.42
C LYS A 184 28.16 29.14 48.27
N SER A 185 28.82 29.70 47.26
CA SER A 185 29.35 28.88 46.18
C SER A 185 30.40 27.91 46.71
N ILE A 186 31.24 28.38 47.65
CA ILE A 186 32.25 27.52 48.26
C ILE A 186 31.58 26.35 48.99
N GLU A 187 30.50 26.62 49.72
CA GLU A 187 29.78 25.55 50.40
C GLU A 187 29.16 24.58 49.40
N GLU A 188 28.55 25.11 48.34
CA GLU A 188 27.94 24.26 47.31
C GLU A 188 28.94 23.71 46.31
N ILE A 189 30.24 23.84 46.58
CA ILE A 189 31.24 23.23 45.72
C ILE A 189 31.03 21.73 45.62
N LEU A 190 30.91 21.06 46.77
CA LEU A 190 30.74 19.61 46.80
C LEU A 190 29.57 19.16 47.68
N SER A 191 28.89 20.09 48.36
CA SER A 191 27.75 19.70 49.17
C SER A 191 26.65 19.09 48.30
N ASN A 192 26.43 19.66 47.12
CA ASN A 192 25.48 19.10 46.17
C ASN A 192 25.95 17.74 45.65
N THR A 200 26.72 11.58 39.19
CA THR A 200 27.58 11.09 38.12
C THR A 200 27.24 11.78 36.80
N GLY A 201 25.96 12.11 36.64
CA GLY A 201 25.51 12.71 35.39
C GLY A 201 26.21 14.03 35.09
N LYS A 202 26.38 14.88 36.11
CA LYS A 202 27.03 16.16 35.91
C LYS A 202 28.55 16.08 35.96
N SER A 203 29.11 14.89 36.19
CA SER A 203 30.56 14.74 36.34
C SER A 203 31.27 14.52 35.00
N ASN A 204 30.71 13.67 34.14
CA ASN A 204 31.35 13.32 32.87
C ASN A 204 30.60 13.89 31.67
N GLN A 205 29.67 14.81 31.91
CA GLN A 205 28.95 15.44 30.80
C GLN A 205 29.77 16.53 30.13
N LEU A 206 31.08 16.55 30.35
CA LEU A 206 31.98 17.62 29.91
C LEU A 206 32.13 17.69 28.40
N PRO A 207 31.62 18.73 27.75
CA PRO A 207 32.01 19.00 26.36
C PRO A 207 33.19 19.95 26.32
N PHE A 208 33.69 20.27 25.13
CA PHE A 208 34.74 21.28 24.98
C PHE A 208 35.92 20.96 25.88
N PRO A 209 36.73 19.95 25.53
CA PRO A 209 37.72 19.39 26.45
C PRO A 209 38.62 20.40 27.13
N SER A 210 38.80 21.58 26.53
CA SER A 210 39.57 22.63 27.19
C SER A 210 38.88 23.19 28.42
N LEU A 211 37.60 22.83 28.63
CA LEU A 211 36.91 23.22 29.86
C LEU A 211 37.57 22.61 31.10
N ALA A 212 38.37 21.55 30.92
CA ALA A 212 39.05 20.94 32.06
C ALA A 212 40.07 21.90 32.66
N ILE A 213 40.80 22.65 31.83
CA ILE A 213 41.82 23.58 32.32
C ILE A 213 41.18 24.71 33.12
N LEU A 214 39.87 24.91 32.98
CA LEU A 214 39.20 25.98 33.72
C LEU A 214 39.37 25.75 35.22
N PRO A 215 39.66 26.79 35.99
CA PRO A 215 39.90 26.60 37.41
C PRO A 215 38.69 25.99 38.09
N PRO A 216 38.91 25.19 39.15
CA PRO A 216 37.81 24.39 39.72
C PRO A 216 36.67 25.22 40.26
N ILE A 217 36.95 26.41 40.78
CA ILE A 217 35.90 27.24 41.35
C ILE A 217 34.85 27.59 40.29
N ALA A 218 35.31 27.97 39.10
CA ALA A 218 34.38 28.23 38.01
C ALA A 218 33.69 26.96 37.53
N GLN A 219 34.36 25.81 37.59
CA GLN A 219 33.71 24.55 37.23
C GLN A 219 32.52 24.29 38.14
N GLN A 220 32.74 24.37 39.46
CA GLN A 220 31.63 24.15 40.38
C GLN A 220 30.59 25.25 40.25
N TRP A 221 31.00 26.47 39.90
CA TRP A 221 30.04 27.52 39.60
C TRP A 221 29.13 27.12 38.46
N LEU A 222 29.70 26.51 37.42
CA LEU A 222 28.90 25.97 36.34
C LEU A 222 27.98 24.87 36.85
N GLN A 223 28.46 24.07 37.80
CA GLN A 223 27.62 23.01 38.37
C GLN A 223 26.43 23.56 39.15
N LEU A 224 26.44 24.84 39.51
CA LEU A 224 25.30 25.44 40.19
C LEU A 224 24.09 25.47 39.26
N PRO A 225 22.88 25.43 39.82
CA PRO A 225 21.68 25.52 38.97
C PRO A 225 21.56 26.89 38.31
N LEU A 226 20.87 26.89 37.17
CA LEU A 226 20.66 28.13 36.43
C LEU A 226 19.72 29.06 37.19
N SER A 227 19.84 30.35 36.91
CA SER A 227 19.04 31.37 37.58
C SER A 227 18.62 32.42 36.55
N ALA A 228 17.85 33.40 37.03
CA ALA A 228 17.39 34.48 36.17
C ALA A 228 18.49 35.51 35.90
N ASN A 229 19.37 35.75 36.88
CA ASN A 229 20.32 36.84 36.81
C ASN A 229 21.55 36.53 35.95
N ASP A 230 21.57 35.40 35.24
CA ASP A 230 22.67 35.06 34.35
C ASP A 230 22.45 35.55 32.93
N GLY A 231 21.64 36.60 32.76
CA GLY A 231 21.37 37.11 31.43
C GLY A 231 22.60 37.63 30.72
N ALA A 232 23.50 38.28 31.47
CA ALA A 232 24.72 38.80 30.87
C ALA A 232 25.58 37.67 30.29
N TRP A 233 25.77 36.60 31.07
CA TRP A 233 26.57 35.48 30.59
C TRP A 233 25.86 34.77 29.44
N ILE A 234 24.53 34.68 29.50
CA ILE A 234 23.78 34.06 28.42
C ILE A 234 23.95 34.84 27.13
N GLN A 235 23.87 36.18 27.20
CA GLN A 235 24.09 37.01 26.03
C GLN A 235 25.51 36.86 25.51
N ASN A 236 26.49 36.84 26.41
CA ASN A 236 27.88 36.61 26.00
C ASN A 236 28.15 35.18 25.61
N LEU A 237 27.18 34.28 25.78
CA LEU A 237 27.37 32.88 25.44
C LEU A 237 27.24 32.70 23.93
N PRO A 238 28.24 32.14 23.25
CA PRO A 238 28.08 31.84 21.82
C PRO A 238 27.11 30.67 21.63
N LYS A 239 26.02 30.94 20.93
CA LYS A 239 24.91 30.00 20.82
C LYS A 239 24.74 29.54 19.39
N VAL A 240 23.87 28.55 19.19
CA VAL A 240 23.55 28.00 17.89
C VAL A 240 22.03 27.85 17.80
N ASP A 241 21.46 28.27 16.68
CA ASP A 241 20.03 28.14 16.41
C ASP A 241 19.84 27.38 15.11
N LEU A 242 19.10 26.28 15.16
CA LEU A 242 18.91 25.42 14.00
C LEU A 242 17.49 25.46 13.43
N HIS A 243 16.51 25.84 14.23
CA HIS A 243 15.11 25.95 13.78
C HIS A 243 14.73 27.42 13.84
N CYS A 244 14.95 28.12 12.73
CA CYS A 244 14.61 29.54 12.62
C CYS A 244 13.78 29.76 11.37
N HIS A 245 12.61 30.37 11.53
CA HIS A 245 11.73 30.67 10.43
C HIS A 245 11.97 32.11 9.98
N LEU A 246 12.37 32.28 8.71
CA LEU A 246 12.66 33.61 8.19
C LEU A 246 11.41 34.48 8.15
N GLY A 247 10.27 33.89 7.80
CA GLY A 247 9.05 34.66 7.63
C GLY A 247 8.53 35.34 8.87
N GLY A 248 9.07 35.02 10.03
CA GLY A 248 8.61 35.63 11.26
C GLY A 248 9.66 36.41 12.01
N PHE A 249 10.67 36.92 11.30
CA PHE A 249 11.72 37.69 11.96
C PHE A 249 11.18 39.05 12.39
N ALA A 250 10.74 39.87 11.44
CA ALA A 250 10.18 41.18 11.73
C ALA A 250 8.65 41.07 11.65
N THR A 251 7.98 41.45 12.73
CA THR A 251 6.53 41.30 12.78
C THR A 251 5.85 42.57 13.28
N SER A 252 6.60 43.42 13.98
CA SER A 252 6.05 44.68 14.46
C SER A 252 7.19 45.63 14.82
N GLY A 253 6.83 46.88 15.06
CA GLY A 253 7.76 47.84 15.60
C GLY A 253 8.71 48.44 14.58
N SER A 254 9.81 48.97 15.11
CA SER A 254 10.79 49.66 14.27
C SER A 254 11.40 48.72 13.25
N LEU A 255 11.59 47.45 13.62
CA LEU A 255 12.12 46.48 12.66
C LEU A 255 11.18 46.34 11.46
N LEU A 256 9.88 46.21 11.73
CA LEU A 256 8.91 46.10 10.65
C LEU A 256 8.87 47.38 9.81
N ASP A 257 8.90 48.54 10.47
CA ASP A 257 8.83 49.80 9.73
C ASP A 257 10.04 49.97 8.83
N GLN A 258 11.23 49.67 9.35
CA GLN A 258 12.45 49.75 8.56
C GLN A 258 12.45 48.75 7.41
N VAL A 259 11.95 47.53 7.64
CA VAL A 259 11.85 46.55 6.58
C VAL A 259 10.90 47.02 5.49
N ARG A 260 9.74 47.58 5.89
CA ARG A 260 8.79 48.09 4.90
C ARG A 260 9.40 49.22 4.09
N GLY A 261 10.12 50.13 4.75
CA GLY A 261 10.61 51.33 4.08
C GLY A 261 11.61 51.06 2.97
N ALA A 262 12.19 49.87 2.91
CA ALA A 262 13.19 49.54 1.90
C ALA A 262 12.62 48.73 0.75
N ALA A 263 11.30 48.57 0.68
CA ALA A 263 10.69 47.85 -0.43
C ALA A 263 10.84 48.63 -1.73
N SER A 264 10.98 47.89 -2.84
CA SER A 264 11.17 48.53 -4.13
C SER A 264 9.94 49.34 -4.54
N GLU A 265 8.75 48.83 -4.28
CA GLU A 265 7.50 49.50 -4.67
C GLU A 265 6.72 49.88 -3.41
N PRO A 266 6.81 51.14 -2.97
CA PRO A 266 6.08 51.52 -1.75
C PRO A 266 4.57 51.41 -1.86
N ASP A 267 4.01 51.63 -3.05
CA ASP A 267 2.56 51.63 -3.21
C ASP A 267 1.95 50.25 -2.98
N LEU A 268 2.74 49.20 -3.02
CA LEU A 268 2.26 47.84 -2.80
C LEU A 268 2.33 47.43 -1.34
N ILE A 269 2.63 48.36 -0.44
CA ILE A 269 2.79 48.07 0.98
C ILE A 269 1.50 48.41 1.71
N ASP A 270 1.01 47.48 2.53
CA ASP A 270 -0.13 47.74 3.41
C ASP A 270 0.43 48.23 4.74
N ARG A 271 0.57 49.55 4.86
CA ARG A 271 1.10 50.17 6.07
C ARG A 271 0.03 50.48 7.10
N THR A 272 -1.09 49.78 7.06
CA THR A 272 -2.22 50.02 7.97
C THR A 272 -2.45 48.90 8.96
N PHE A 273 -2.56 47.66 8.48
CA PHE A 273 -2.85 46.54 9.37
C PHE A 273 -1.68 46.28 10.31
N SER A 274 -2.01 45.99 11.57
CA SER A 274 -1.04 45.63 12.59
C SER A 274 -1.55 44.42 13.35
N PRO A 275 -0.65 43.55 13.82
CA PRO A 275 -1.09 42.39 14.59
C PRO A 275 -1.68 42.81 15.93
N GLN A 276 -2.62 42.00 16.41
CA GLN A 276 -3.23 42.27 17.70
C GLN A 276 -2.23 42.09 18.83
N GLU A 277 -2.31 42.96 19.83
CA GLU A 277 -1.40 42.88 20.98
C GLU A 277 -1.91 41.86 21.98
N ILE A 278 -0.97 41.15 22.61
CA ILE A 278 -1.26 40.18 23.65
C ILE A 278 -0.60 40.66 24.94
N ALA A 279 -1.38 40.79 26.00
CA ALA A 279 -0.86 41.27 27.27
C ALA A 279 0.17 40.30 27.83
N GLY A 280 1.27 40.85 28.33
CA GLY A 280 2.32 40.06 28.93
C GLY A 280 3.30 39.42 27.97
N TRP A 281 3.11 39.59 26.67
CA TRP A 281 3.97 38.95 25.69
C TRP A 281 5.42 39.36 25.91
N PRO A 282 6.38 38.42 25.82
CA PRO A 282 6.23 37.01 25.43
C PRO A 282 5.74 36.12 26.58
N ARG A 283 5.80 36.62 27.82
CA ARG A 283 5.32 35.87 28.99
C ARG A 283 3.80 35.89 29.00
N SER A 284 3.23 34.99 28.20
CA SER A 284 1.78 34.88 28.11
C SER A 284 1.21 34.29 29.40
N HIS A 285 0.26 35.00 29.99
CA HIS A 285 -0.43 34.52 31.18
C HIS A 285 -1.64 33.66 30.85
N LYS A 286 -1.99 33.55 29.57
CA LYS A 286 -3.11 32.73 29.13
C LYS A 286 -2.68 31.94 27.90
N SER A 287 -3.16 30.70 27.80
CA SER A 287 -2.80 29.85 26.68
C SER A 287 -3.38 30.39 25.38
N ILE A 288 -2.65 30.17 24.29
CA ILE A 288 -3.03 30.67 22.97
C ILE A 288 -2.95 29.53 21.97
N SER A 289 -3.95 29.48 21.09
CA SER A 289 -4.05 28.45 20.07
C SER A 289 -3.08 28.75 18.93
N LEU A 290 -2.87 27.72 18.08
CA LEU A 290 -1.95 27.84 16.97
C LEU A 290 -2.45 28.82 15.93
N ASP A 291 -3.75 28.82 15.66
CA ASP A 291 -4.33 29.73 14.67
C ASP A 291 -3.99 31.18 14.99
N LYS A 292 -4.24 31.60 16.22
CA LYS A 292 -3.82 32.94 16.63
C LYS A 292 -2.30 33.09 16.54
N TYR A 293 -1.57 31.98 16.69
CA TYR A 293 -0.12 32.07 16.65
C TYR A 293 0.39 32.52 15.28
N MET A 294 -0.13 31.96 14.19
CA MET A 294 0.32 32.54 12.92
C MET A 294 -0.51 33.77 12.55
N GLU A 295 -1.65 34.01 13.19
CA GLU A 295 -2.38 35.24 12.94
C GLU A 295 -1.60 36.46 13.44
N LEU A 296 -0.85 36.29 14.54
CA LEU A 296 0.08 37.32 14.98
C LEU A 296 1.11 37.66 13.91
N GLY A 297 1.45 36.71 13.03
CA GLY A 297 2.44 36.97 12.00
C GLY A 297 1.83 37.39 10.69
N ASN A 298 0.57 37.84 10.73
CA ASN A 298 -0.13 38.21 9.50
C ASN A 298 0.47 39.46 8.85
N ALA A 299 0.94 40.41 9.65
CA ALA A 299 1.47 41.65 9.10
C ALA A 299 2.70 41.41 8.23
N ASN A 300 3.41 40.30 8.42
CA ASN A 300 4.56 39.94 7.61
C ASN A 300 4.26 38.63 6.89
N GLY A 301 5.27 38.11 6.20
CA GLY A 301 5.13 36.88 5.45
C GLY A 301 5.20 37.12 3.95
N SER A 302 4.68 36.14 3.20
CA SER A 302 4.72 36.22 1.74
C SER A 302 3.91 37.41 1.22
N LYS A 303 2.88 37.83 1.95
CA LYS A 303 2.05 38.95 1.50
C LYS A 303 2.83 40.25 1.45
N LEU A 304 3.94 40.36 2.18
CA LEU A 304 4.74 41.57 2.20
C LEU A 304 6.17 41.35 1.71
N LEU A 305 6.60 40.11 1.52
CA LEU A 305 7.99 39.80 1.20
C LEU A 305 8.23 39.69 -0.30
N LYS A 306 7.22 39.99 -1.13
CA LYS A 306 7.39 39.86 -2.57
C LYS A 306 8.40 40.86 -3.11
N ASP A 307 8.44 42.07 -2.55
CA ASP A 307 9.36 43.10 -3.01
C ASP A 307 10.80 42.65 -2.80
N LYS A 308 11.62 42.79 -3.85
CA LYS A 308 13.01 42.37 -3.77
C LYS A 308 13.78 43.18 -2.73
N GLY A 309 13.59 44.50 -2.73
CA GLY A 309 14.26 45.33 -1.75
C GLY A 309 13.81 45.01 -0.33
N CYS A 310 12.51 44.74 -0.15
CA CYS A 310 12.01 44.36 1.16
C CYS A 310 12.63 43.05 1.63
N LEU A 311 12.76 42.08 0.72
CA LEU A 311 13.38 40.80 1.08
C LEU A 311 14.85 40.99 1.43
N ILE A 312 15.56 41.82 0.68
CA ILE A 312 16.95 42.10 0.97
C ILE A 312 17.09 42.73 2.35
N ARG A 313 16.23 43.71 2.65
CA ARG A 313 16.29 44.37 3.96
C ARG A 313 15.97 43.39 5.08
N GLN A 314 14.98 42.51 4.87
CA GLN A 314 14.65 41.53 5.89
C GLN A 314 15.80 40.58 6.14
N VAL A 315 16.46 40.11 5.08
CA VAL A 315 17.58 39.20 5.23
C VAL A 315 18.73 39.88 5.97
N GLU A 316 19.05 41.11 5.58
CA GLU A 316 20.14 41.84 6.22
C GLU A 316 19.84 42.08 7.69
N LEU A 317 18.60 42.47 8.01
CA LEU A 317 18.23 42.70 9.40
C LEU A 317 18.29 41.41 10.21
N LEU A 318 17.84 40.30 9.63
CA LEU A 318 17.94 39.01 10.33
C LEU A 318 19.39 38.64 10.60
N TYR A 319 20.26 38.83 9.62
CA TYR A 319 21.68 38.52 9.82
C TYR A 319 22.28 39.41 10.90
N GLN A 320 21.94 40.71 10.87
CA GLN A 320 22.47 41.63 11.87
C GLN A 320 21.99 41.26 13.27
N SER A 321 20.71 40.90 13.41
CA SER A 321 20.20 40.50 14.71
C SER A 321 20.85 39.21 15.19
N LEU A 322 21.07 38.25 14.29
CA LEU A 322 21.73 37.01 14.66
C LEU A 322 23.15 37.26 15.13
N VAL A 323 23.87 38.14 14.44
CA VAL A 323 25.22 38.49 14.87
C VAL A 323 25.19 39.20 16.22
N ASN A 324 24.20 40.07 16.42
CA ASN A 324 24.09 40.81 17.67
C ASN A 324 23.86 39.88 18.85
N ASP A 325 23.19 38.75 18.61
CA ASP A 325 22.90 37.79 19.67
C ASP A 325 24.06 36.83 19.93
N ASN A 326 25.26 37.16 19.47
CA ASN A 326 26.47 36.37 19.69
C ASN A 326 26.37 34.97 19.06
N VAL A 327 25.37 34.74 18.24
CA VAL A 327 25.21 33.44 17.59
C VAL A 327 26.32 33.26 16.57
N ALA A 328 27.02 32.14 16.64
CA ALA A 328 28.14 31.87 15.73
C ALA A 328 27.76 30.95 14.58
N TYR A 329 26.63 30.24 14.67
CA TYR A 329 26.17 29.41 13.58
C TYR A 329 24.66 29.30 13.65
N ALA A 330 24.02 29.31 12.49
CA ALA A 330 22.56 29.24 12.43
C ALA A 330 22.13 28.57 11.13
N GLU A 331 20.89 28.09 11.13
CA GLU A 331 20.26 27.54 9.94
C GLU A 331 18.86 28.11 9.82
N ILE A 332 18.49 28.55 8.63
CA ILE A 332 17.28 29.34 8.41
C ILE A 332 16.31 28.53 7.54
N ARG A 333 15.07 28.43 8.01
CA ARG A 333 14.00 27.82 7.25
C ARG A 333 13.32 28.88 6.38
N CYS A 334 13.21 28.60 5.09
CA CYS A 334 12.64 29.55 4.14
C CYS A 334 11.68 28.83 3.21
N SER A 335 10.76 29.61 2.63
CA SER A 335 9.74 29.12 1.69
C SER A 335 9.86 29.91 0.39
N PRO A 336 10.72 29.47 -0.53
CA PRO A 336 10.93 30.26 -1.76
C PRO A 336 9.67 30.43 -2.60
N ASN A 337 8.79 29.42 -2.62
CA ASN A 337 7.58 29.53 -3.45
C ASN A 337 6.65 30.62 -2.96
N ASN A 338 6.59 30.82 -1.64
CA ASN A 338 5.67 31.80 -1.08
C ASN A 338 6.00 33.21 -1.54
N TYR A 339 7.29 33.55 -1.62
CA TYR A 339 7.72 34.89 -1.99
C TYR A 339 7.96 35.05 -3.49
N ALA A 340 7.73 34.00 -4.27
CA ALA A 340 7.89 34.07 -5.71
C ALA A 340 6.74 34.83 -6.35
N ASP A 341 7.00 35.41 -7.52
CA ASP A 341 5.98 36.16 -8.25
C ASP A 341 6.36 36.18 -9.72
N LYS A 342 5.62 35.42 -10.54
CA LYS A 342 5.90 35.34 -11.97
C LYS A 342 5.64 36.65 -12.69
N ASN A 343 4.86 37.56 -12.09
CA ASN A 343 4.59 38.84 -12.74
C ASN A 343 5.86 39.65 -12.93
N LYS A 344 6.73 39.65 -11.92
CA LYS A 344 8.01 40.36 -11.98
C LYS A 344 9.16 39.43 -12.34
N ASN A 345 8.85 38.27 -12.93
CA ASN A 345 9.82 37.22 -13.22
C ASN A 345 10.48 36.69 -11.96
N ARG A 346 9.88 36.92 -10.80
CA ARG A 346 10.42 36.47 -9.52
C ARG A 346 10.01 35.02 -9.30
N SER A 347 10.74 34.12 -9.95
CA SER A 347 10.54 32.70 -9.71
C SER A 347 11.12 32.32 -8.34
N ALA A 348 10.71 31.14 -7.86
CA ALA A 348 11.22 30.67 -6.58
C ALA A 348 12.73 30.50 -6.61
N TRP A 349 13.26 29.98 -7.71
CA TRP A 349 14.70 29.84 -7.84
C TRP A 349 15.39 31.19 -7.77
N VAL A 350 14.80 32.22 -8.37
CA VAL A 350 15.38 33.56 -8.32
C VAL A 350 15.44 34.06 -6.89
N VAL A 351 14.35 33.86 -6.13
CA VAL A 351 14.34 34.30 -4.73
C VAL A 351 15.41 33.57 -3.93
N LEU A 352 15.51 32.26 -4.13
CA LEU A 352 16.51 31.47 -3.39
C LEU A 352 17.92 31.92 -3.75
N GLN A 353 18.19 32.15 -5.04
CA GLN A 353 19.49 32.64 -5.45
C GLN A 353 19.79 33.99 -4.83
N ASP A 354 18.78 34.87 -4.78
CA ASP A 354 18.98 36.20 -4.24
C ASP A 354 19.34 36.15 -2.75
N ILE A 355 18.61 35.34 -1.98
CA ILE A 355 18.89 35.26 -0.55
C ILE A 355 20.26 34.60 -0.33
N ASN A 356 20.58 33.58 -1.13
CA ASN A 356 21.87 32.92 -0.99
C ASN A 356 23.01 33.91 -1.24
N ASP A 357 22.90 34.70 -2.32
CA ASP A 357 23.94 35.68 -2.63
C ASP A 357 24.01 36.75 -1.56
N THR A 358 22.87 37.19 -1.03
CA THR A 358 22.88 38.21 0.01
C THR A 358 23.59 37.71 1.27
N PHE A 359 23.27 36.49 1.70
CA PHE A 359 23.93 35.92 2.86
C PHE A 359 25.42 35.72 2.61
N THR A 360 25.79 35.27 1.41
CA THR A 360 27.20 35.08 1.09
C THR A 360 27.95 36.40 1.14
N ARG A 361 27.37 37.46 0.56
CA ARG A 361 28.02 38.76 0.58
C ARG A 361 28.16 39.29 2.01
N LEU A 362 27.11 39.14 2.81
CA LEU A 362 27.17 39.61 4.19
C LEU A 362 28.25 38.87 4.97
N ILE A 363 28.32 37.55 4.81
CA ILE A 363 29.32 36.76 5.53
C ILE A 363 30.73 37.15 5.07
N THR A 364 30.92 37.31 3.76
CA THR A 364 32.24 37.66 3.25
C THR A 364 32.67 39.04 3.75
N GLU A 365 31.77 40.01 3.73
CA GLU A 365 32.13 41.35 4.18
C GLU A 365 32.37 41.39 5.68
N ALA A 366 31.64 40.58 6.45
CA ALA A 366 31.90 40.50 7.88
C ALA A 366 33.24 39.85 8.19
N LYS A 367 33.59 38.80 7.43
CA LYS A 367 34.86 38.11 7.67
C LYS A 367 36.05 38.93 7.21
N GLN A 368 35.91 39.69 6.12
CA GLN A 368 37.04 40.46 5.59
C GLN A 368 37.56 41.47 6.61
N LYS A 369 36.68 41.97 7.47
CA LYS A 369 37.09 42.89 8.53
C LYS A 369 37.52 42.16 9.80
N ASN A 370 37.53 40.82 9.79
CA ASN A 370 38.00 40.01 10.92
C ASN A 370 37.21 40.33 12.19
N GLN A 371 35.89 40.33 12.05
CA GLN A 371 34.98 40.52 13.17
C GLN A 371 34.23 39.21 13.42
N PHE A 372 33.30 39.25 14.37
CA PHE A 372 32.47 38.08 14.65
C PHE A 372 31.38 37.97 13.60
N TYR A 373 31.38 36.87 12.86
CA TYR A 373 30.41 36.62 11.80
C TYR A 373 29.65 35.35 12.10
N CYS A 374 28.34 35.39 11.88
CA CYS A 374 27.45 34.25 12.13
C CYS A 374 27.30 33.48 10.84
N HIS A 375 28.01 32.36 10.72
CA HIS A 375 27.88 31.51 9.55
C HIS A 375 26.47 30.94 9.48
N VAL A 376 25.86 31.03 8.31
CA VAL A 376 24.45 30.71 8.15
C VAL A 376 24.28 29.77 6.95
N ASN A 377 23.39 28.79 7.11
CA ASN A 377 22.94 27.94 6.01
C ASN A 377 21.42 27.96 6.00
N LEU A 378 20.84 27.52 4.88
CA LEU A 378 19.41 27.62 4.66
C LEU A 378 18.71 26.31 4.94
N LEU A 379 17.38 26.35 4.93
CA LEU A 379 16.53 25.18 4.98
C LEU A 379 15.31 25.42 4.12
N VAL A 380 15.03 24.48 3.21
CA VAL A 380 13.91 24.61 2.28
C VAL A 380 12.69 23.96 2.91
N ILE A 381 11.68 24.76 3.21
CA ILE A 381 10.44 24.26 3.79
C ILE A 381 9.57 23.69 2.67
N ALA A 382 9.15 22.44 2.83
CA ALA A 382 8.24 21.78 1.89
C ALA A 382 6.94 21.52 2.65
N SER A 383 6.05 22.51 2.64
CA SER A 383 4.82 22.41 3.40
C SER A 383 3.85 21.44 2.73
N ARG A 384 2.90 20.94 3.52
CA ARG A 384 1.92 19.97 3.07
C ARG A 384 0.54 20.64 3.04
N LYS A 385 -0.10 20.62 1.88
CA LYS A 385 -1.45 21.14 1.70
C LYS A 385 -1.56 22.59 2.16
N PHE A 386 -0.53 23.39 1.86
CA PHE A 386 -0.49 24.77 2.28
C PHE A 386 -0.94 25.75 1.20
N SER A 387 -0.82 25.37 -0.07
CA SER A 387 -1.19 26.25 -1.17
C SER A 387 -2.12 25.61 -2.19
N GLY A 388 -2.53 24.36 -1.99
CA GLY A 388 -3.38 23.68 -2.94
C GLY A 388 -2.87 22.31 -3.33
N ASP A 389 -2.51 22.16 -4.60
CA ASP A 389 -2.03 20.88 -5.10
C ASP A 389 -0.74 20.48 -4.40
N LEU A 390 -0.56 19.16 -4.21
CA LEU A 390 0.60 18.63 -3.52
C LEU A 390 1.84 18.52 -4.41
N SER A 391 1.72 18.82 -5.70
CA SER A 391 2.90 18.85 -6.56
C SER A 391 3.87 19.95 -6.16
N ASP A 392 3.41 20.92 -5.36
CA ASP A 392 4.32 21.92 -4.81
C ASP A 392 5.41 21.27 -3.97
N ILE A 393 5.13 20.14 -3.33
CA ILE A 393 6.14 19.44 -2.55
C ILE A 393 7.28 18.99 -3.46
N SER A 394 6.96 18.40 -4.60
CA SER A 394 8.00 17.98 -5.54
C SER A 394 8.71 19.17 -6.14
N LYS A 395 7.97 20.24 -6.45
CA LYS A 395 8.63 21.45 -6.93
C LYS A 395 9.65 21.95 -5.93
N HIS A 396 9.27 21.96 -4.64
CA HIS A 396 10.16 22.42 -3.59
C HIS A 396 11.40 21.55 -3.48
N LEU A 397 11.23 20.22 -3.48
CA LEU A 397 12.39 19.37 -3.24
C LEU A 397 13.32 19.36 -4.44
N ALA A 398 12.76 19.47 -5.65
CA ALA A 398 13.59 19.62 -6.84
C ALA A 398 14.37 20.93 -6.80
N LEU A 399 13.71 22.01 -6.38
CA LEU A 399 14.41 23.28 -6.23
C LEU A 399 15.54 23.15 -5.22
N ALA A 400 15.28 22.46 -4.12
CA ALA A 400 16.29 22.31 -3.07
C ALA A 400 17.51 21.55 -3.58
N ILE A 401 17.30 20.43 -4.26
CA ILE A 401 18.43 19.63 -4.73
C ILE A 401 19.20 20.36 -5.82
N THR A 402 18.48 21.06 -6.71
CA THR A 402 19.17 21.82 -7.75
C THR A 402 19.98 22.97 -7.13
N ALA A 403 19.45 23.61 -6.09
CA ALA A 403 20.22 24.63 -5.39
C ALA A 403 21.45 24.03 -4.72
N MET A 404 21.31 22.83 -4.16
CA MET A 404 22.46 22.15 -3.57
C MET A 404 23.54 21.90 -4.61
N GLN A 405 23.14 21.54 -5.82
CA GLN A 405 24.14 21.24 -6.83
C GLN A 405 24.91 22.53 -7.32
N GLN A 406 24.72 23.68 -6.67
CA GLN A 406 25.51 24.87 -7.01
C GLN A 406 27.01 24.59 -6.93
N GLY A 407 27.42 23.75 -6.00
CA GLY A 407 28.81 23.34 -5.90
C GLY A 407 29.68 24.23 -5.04
N GLU A 408 30.00 25.43 -5.53
CA GLU A 408 30.89 26.34 -4.85
C GLU A 408 30.08 27.43 -4.15
N GLY A 409 30.46 27.72 -2.91
CA GLY A 409 29.79 28.75 -2.14
C GLY A 409 30.19 28.68 -0.70
N VAL A 410 29.67 29.64 0.06
CA VAL A 410 29.92 29.74 1.50
C VAL A 410 28.65 29.47 2.30
N CYS A 411 27.57 30.17 1.98
CA CYS A 411 26.27 29.96 2.62
C CYS A 411 25.47 29.02 1.74
N ARG A 412 25.44 27.75 2.12
CA ARG A 412 24.86 26.70 1.29
C ARG A 412 23.50 26.26 1.81
N ILE A 413 22.87 25.38 1.04
CA ILE A 413 21.64 24.69 1.44
C ILE A 413 22.04 23.30 1.92
N VAL A 414 21.58 22.94 3.13
CA VAL A 414 22.03 21.70 3.75
C VAL A 414 20.98 20.61 3.59
N GLY A 415 19.71 20.98 3.57
CA GLY A 415 18.66 19.99 3.49
C GLY A 415 17.30 20.61 3.36
N VAL A 416 16.28 19.77 3.52
CA VAL A 416 14.89 20.20 3.33
C VAL A 416 14.15 20.08 4.66
N ASP A 417 12.94 20.63 4.69
CA ASP A 417 12.10 20.61 5.87
C ASP A 417 10.71 20.12 5.51
N LEU A 418 10.06 19.46 6.45
CA LEU A 418 8.72 18.91 6.28
C LEU A 418 7.84 19.42 7.42
N ALA A 419 6.99 20.40 7.12
CA ALA A 419 6.17 21.06 8.12
C ALA A 419 4.69 20.98 7.72
N GLY A 420 3.83 20.92 8.73
CA GLY A 420 2.40 20.79 8.51
C GLY A 420 1.63 21.46 9.63
N PHE A 421 0.30 21.42 9.53
CA PHE A 421 -0.52 22.17 10.49
C PHE A 421 -0.69 21.41 11.80
N GLU A 422 -1.43 20.30 11.78
CA GLU A 422 -1.49 19.46 12.98
C GLU A 422 -1.11 18.01 12.73
N ASN A 423 -1.84 17.35 11.84
CA ASN A 423 -1.83 15.89 11.73
C ASN A 423 -2.72 15.47 10.56
N LYS A 424 -2.69 14.17 10.27
CA LYS A 424 -3.60 13.53 9.32
C LYS A 424 -3.48 14.20 7.95
N GLU A 425 -4.12 15.36 7.79
CA GLU A 425 -4.00 16.11 6.55
C GLU A 425 -2.57 16.56 6.30
N THR A 426 -1.74 16.59 7.34
CA THR A 426 -0.33 16.93 7.26
C THR A 426 0.49 15.87 7.97
N ARG A 427 0.20 14.60 7.69
CA ARG A 427 0.97 13.51 8.28
C ARG A 427 2.32 13.37 7.57
N ALA A 428 3.26 12.74 8.27
CA ALA A 428 4.62 12.61 7.79
C ALA A 428 4.88 11.28 7.08
N SER A 429 3.83 10.49 6.82
CA SER A 429 3.95 9.21 6.16
C SER A 429 3.17 9.18 4.86
N TYR A 430 3.30 10.24 4.06
CA TYR A 430 2.61 10.35 2.78
C TYR A 430 3.54 10.42 1.58
N TYR A 431 4.75 10.94 1.74
CA TYR A 431 5.60 11.33 0.61
C TYR A 431 6.97 10.66 0.67
N GLU A 432 7.00 9.37 1.01
CA GLU A 432 8.27 8.64 1.02
C GLU A 432 8.80 8.43 -0.40
N HIS A 433 7.92 8.02 -1.31
CA HIS A 433 8.33 7.76 -2.68
C HIS A 433 8.88 9.01 -3.35
N ASP A 434 8.24 10.15 -3.11
CA ASP A 434 8.79 11.42 -3.61
C ASP A 434 10.15 11.70 -2.98
N PHE A 435 10.29 11.41 -1.69
CA PHE A 435 11.50 11.73 -0.95
C PHE A 435 12.68 10.83 -1.27
N LYS A 436 12.45 9.70 -1.94
CA LYS A 436 13.54 8.76 -2.21
C LYS A 436 14.71 9.43 -2.90
N ALA A 437 14.45 10.12 -4.01
CA ALA A 437 15.54 10.67 -4.82
C ALA A 437 16.25 11.81 -4.11
N VAL A 438 15.48 12.75 -3.54
CA VAL A 438 16.08 13.91 -2.89
C VAL A 438 16.90 13.47 -1.69
N HIS A 439 16.45 12.44 -0.98
CA HIS A 439 17.29 11.88 0.07
C HIS A 439 18.53 11.24 -0.52
N ARG A 440 18.37 10.53 -1.64
CA ARG A 440 19.50 9.84 -2.27
C ARG A 440 20.59 10.81 -2.72
N CYS A 441 20.23 12.05 -3.04
CA CYS A 441 21.24 12.99 -3.51
C CYS A 441 22.27 13.30 -2.43
N GLY A 442 21.82 13.46 -1.18
CA GLY A 442 22.74 13.75 -0.10
C GLY A 442 22.29 14.85 0.85
N LEU A 443 21.03 15.26 0.75
CA LEU A 443 20.49 16.28 1.64
C LEU A 443 20.09 15.65 2.98
N ALA A 444 19.40 16.42 3.81
CA ALA A 444 18.92 15.95 5.11
C ALA A 444 17.50 16.42 5.31
N VAL A 445 16.77 15.71 6.17
CA VAL A 445 15.35 15.94 6.41
C VAL A 445 15.13 16.22 7.89
N THR A 446 14.33 17.24 8.19
CA THR A 446 13.92 17.56 9.55
C THR A 446 12.40 17.54 9.59
N ALA A 447 11.82 16.37 9.81
CA ALA A 447 10.37 16.25 9.85
C ALA A 447 9.81 16.93 11.09
N HIS A 448 8.69 17.62 10.93
CA HIS A 448 8.00 18.26 12.04
C HIS A 448 6.99 17.28 12.66
N ALA A 449 7.53 16.13 13.09
CA ALA A 449 6.72 15.08 13.71
C ALA A 449 6.63 15.40 15.20
N GLY A 450 5.55 16.07 15.58
CA GLY A 450 5.38 16.45 16.97
C GLY A 450 4.16 17.34 17.13
N GLU A 451 4.06 17.93 18.32
CA GLU A 451 2.97 18.85 18.68
C GLU A 451 1.62 18.14 18.51
N ASN A 452 1.43 17.14 19.38
CA ASN A 452 0.20 16.34 19.43
C ASN A 452 0.13 15.40 18.20
N ASP A 453 1.30 14.90 17.81
CA ASP A 453 1.43 13.91 16.75
C ASP A 453 1.51 12.52 17.38
N ASP A 454 0.76 11.56 16.82
CA ASP A 454 0.72 10.23 17.38
C ASP A 454 2.05 9.51 17.17
N PRO A 455 2.44 8.62 18.09
CA PRO A 455 3.79 8.05 18.04
C PRO A 455 4.11 7.31 16.76
N GLU A 456 3.11 6.72 16.11
CA GLU A 456 3.35 6.07 14.82
C GLU A 456 3.87 7.08 13.80
N GLY A 457 3.40 8.32 13.86
CA GLY A 457 3.86 9.33 12.94
C GLY A 457 5.35 9.61 13.08
N ILE A 458 5.81 9.80 14.32
CA ILE A 458 7.24 10.03 14.52
C ILE A 458 8.05 8.79 14.17
N TRP A 459 7.52 7.60 14.47
CA TRP A 459 8.24 6.39 14.11
C TRP A 459 8.43 6.29 12.60
N GLN A 460 7.37 6.56 11.85
CA GLN A 460 7.47 6.57 10.39
C GLN A 460 8.46 7.64 9.94
N ALA A 461 8.40 8.82 10.55
CA ALA A 461 9.28 9.91 10.14
C ALA A 461 10.75 9.56 10.34
N VAL A 462 11.09 8.99 11.51
CA VAL A 462 12.49 8.66 11.76
C VAL A 462 12.92 7.49 10.91
N TYR A 463 12.03 6.54 10.65
CA TYR A 463 12.47 5.27 10.08
C TYR A 463 12.21 5.15 8.58
N SER A 464 11.08 5.61 8.08
CA SER A 464 10.84 5.59 6.64
C SER A 464 11.45 6.78 5.92
N LEU A 465 11.44 7.96 6.54
CA LEU A 465 12.04 9.14 5.94
C LEU A 465 13.50 9.33 6.34
N HIS A 466 13.97 8.59 7.35
CA HIS A 466 15.33 8.75 7.87
C HIS A 466 15.60 10.18 8.29
N ALA A 467 14.59 10.84 8.86
CA ALA A 467 14.73 12.23 9.27
C ALA A 467 15.72 12.34 10.42
N ARG A 468 16.70 13.22 10.27
CA ARG A 468 17.73 13.40 11.27
C ARG A 468 17.31 14.34 12.40
N ARG A 469 16.16 15.01 12.28
CA ARG A 469 15.72 15.94 13.30
C ARG A 469 14.21 15.91 13.39
N LEU A 470 13.71 16.28 14.57
CA LEU A 470 12.27 16.33 14.85
C LEU A 470 11.91 17.70 15.36
N GLY A 471 10.73 18.19 14.97
CA GLY A 471 10.23 19.44 15.52
C GLY A 471 9.40 19.18 16.76
N HIS A 472 9.68 19.94 17.82
CA HIS A 472 8.94 19.85 19.08
C HIS A 472 9.02 18.46 19.68
N ALA A 473 8.11 17.57 19.26
CA ALA A 473 8.02 16.21 19.81
C ALA A 473 7.89 16.25 21.32
N LEU A 474 7.02 17.13 21.81
CA LEU A 474 6.91 17.38 23.24
C LEU A 474 6.42 16.14 23.99
N ASN A 475 5.46 15.42 23.42
CA ASN A 475 4.84 14.28 24.09
C ASN A 475 5.57 12.97 23.84
N LEU A 476 6.87 13.02 23.52
CA LEU A 476 7.64 11.80 23.35
C LEU A 476 7.76 10.99 24.64
N LEU A 477 7.54 11.63 25.79
CA LEU A 477 7.73 10.98 27.08
C LEU A 477 6.83 9.77 27.30
N GLU A 478 5.74 9.66 26.55
CA GLU A 478 4.77 8.58 26.72
C GLU A 478 4.97 7.46 25.71
N ALA A 479 6.08 7.44 25.00
CA ALA A 479 6.39 6.40 24.02
C ALA A 479 7.78 5.86 24.32
N PRO A 480 7.88 4.97 25.32
CA PRO A 480 9.22 4.55 25.80
C PRO A 480 10.11 3.94 24.73
N ASP A 481 9.54 3.14 23.82
CA ASP A 481 10.35 2.55 22.77
C ASP A 481 10.83 3.60 21.78
N LEU A 482 9.98 4.60 21.51
CA LEU A 482 10.40 5.71 20.66
C LEU A 482 11.55 6.48 21.28
N MET A 483 11.47 6.75 22.58
CA MET A 483 12.64 7.25 23.29
C MET A 483 13.85 6.37 23.03
N ARG A 484 13.75 5.09 23.40
CA ARG A 484 14.90 4.19 23.32
C ARG A 484 15.57 4.25 21.95
N THR A 485 14.79 4.18 20.88
CA THR A 485 15.40 4.21 19.55
C THR A 485 15.98 5.59 19.22
N VAL A 486 15.31 6.68 19.64
CA VAL A 486 15.83 8.02 19.33
C VAL A 486 17.16 8.24 20.05
N ILE A 487 17.21 7.90 21.34
CA ILE A 487 18.44 8.02 22.10
C ILE A 487 19.52 7.12 21.52
N GLU A 488 19.17 5.89 21.15
CA GLU A 488 20.17 5.00 20.56
C GLU A 488 20.67 5.51 19.22
N ARG A 489 19.90 6.33 18.51
CA ARG A 489 20.32 6.84 17.21
C ARG A 489 20.80 8.29 17.25
N LYS A 490 20.76 8.95 18.41
CA LYS A 490 21.27 10.30 18.56
C LYS A 490 20.61 11.25 17.56
N ILE A 491 19.29 11.15 17.45
CA ILE A 491 18.54 11.97 16.50
C ILE A 491 18.13 13.26 17.20
N GLY A 492 18.53 14.39 16.62
CA GLY A 492 18.28 15.67 17.26
C GLY A 492 16.80 15.99 17.35
N VAL A 493 16.45 16.76 18.37
CA VAL A 493 15.07 17.18 18.62
C VAL A 493 15.08 18.69 18.81
N GLU A 494 14.81 19.43 17.75
CA GLU A 494 14.65 20.88 17.87
C GLU A 494 13.38 21.19 18.65
N MET A 495 13.46 22.12 19.58
CA MET A 495 12.30 22.50 20.39
C MET A 495 12.43 23.95 20.81
N CYS A 496 11.32 24.67 20.73
CA CYS A 496 11.30 26.11 20.99
C CYS A 496 10.71 26.38 22.36
N PRO A 497 11.50 26.82 23.34
CA PRO A 497 10.98 27.01 24.70
C PRO A 497 9.82 28.00 24.76
N TYR A 498 10.03 29.23 24.30
CA TYR A 498 9.00 30.26 24.42
C TYR A 498 7.79 29.95 23.54
N ALA A 499 8.01 29.48 22.32
CA ALA A 499 6.90 29.20 21.41
C ALA A 499 6.01 28.09 21.96
N ASN A 500 6.61 26.94 22.30
CA ASN A 500 5.83 25.86 22.88
C ASN A 500 5.23 26.25 24.21
N TYR A 501 5.94 27.07 24.99
CA TYR A 501 5.42 27.55 26.26
C TYR A 501 4.15 28.37 26.07
N GLN A 502 4.14 29.26 25.06
CA GLN A 502 2.96 30.10 24.82
C GLN A 502 1.81 29.27 24.25
N ILE A 503 2.09 28.47 23.22
CA ILE A 503 1.02 27.82 22.46
C ILE A 503 0.47 26.58 23.15
N LYS A 504 1.16 26.02 24.13
CA LYS A 504 0.70 24.81 24.81
C LYS A 504 0.46 25.04 26.29
N GLY A 505 1.41 25.63 26.99
CA GLY A 505 1.24 25.87 28.40
C GLY A 505 2.00 24.87 29.23
N PHE A 506 2.95 25.35 30.03
CA PHE A 506 3.74 24.53 30.92
C PHE A 506 4.02 25.32 32.19
N ALA A 507 4.29 24.61 33.27
CA ALA A 507 4.50 25.29 34.55
C ALA A 507 5.66 26.25 34.43
N PRO A 508 5.54 27.48 34.97
CA PRO A 508 4.46 28.03 35.83
C PRO A 508 3.30 28.79 35.16
N MET A 509 2.65 28.33 34.10
CA MET A 509 1.35 28.91 33.74
C MET A 509 0.37 28.88 34.92
N PRO A 510 -0.40 29.95 35.11
CA PRO A 510 -1.58 29.85 35.97
C PRO A 510 -2.56 28.83 35.41
N ASN A 511 -3.24 28.13 36.31
CA ASN A 511 -4.29 27.17 35.94
C ASN A 511 -3.74 26.09 35.01
N PHE A 512 -2.52 25.64 35.26
CA PHE A 512 -1.89 24.58 34.50
C PHE A 512 -1.19 23.61 35.43
N SER A 513 -1.10 22.35 35.00
CA SER A 513 -0.41 21.31 35.75
C SER A 513 0.76 20.69 35.00
N ALA A 514 0.70 20.63 33.67
CA ALA A 514 1.79 20.04 32.90
C ALA A 514 3.05 20.90 33.01
N LEU A 515 4.20 20.22 33.06
CA LEU A 515 5.48 20.87 33.18
C LEU A 515 6.34 20.53 31.97
N TYR A 516 7.32 21.40 31.70
CA TYR A 516 8.17 21.22 30.53
C TYR A 516 9.00 19.95 30.66
N PRO A 517 9.16 19.18 29.58
CA PRO A 517 9.91 17.93 29.63
C PRO A 517 11.40 18.06 29.34
N LEU A 518 11.96 19.27 29.35
CA LEU A 518 13.35 19.44 28.94
C LEU A 518 14.31 18.68 29.84
N LYS A 519 14.19 18.83 31.16
CA LYS A 519 15.15 18.21 32.06
C LYS A 519 15.18 16.69 31.87
N LYS A 520 14.00 16.09 31.72
CA LYS A 520 13.95 14.66 31.43
C LYS A 520 14.59 14.32 30.10
N TYR A 521 14.30 15.12 29.06
CA TYR A 521 14.89 14.88 27.76
C TYR A 521 16.41 14.92 27.83
N LEU A 522 16.96 15.81 28.65
CA LEU A 522 18.41 15.85 28.83
C LEU A 522 18.93 14.63 29.58
N GLU A 523 18.34 14.28 30.72
CA GLU A 523 19.03 13.28 31.54
C GLU A 523 18.92 11.92 30.87
N ALA A 524 17.85 11.71 30.08
CA ALA A 524 17.74 10.49 29.30
C ALA A 524 18.87 10.38 28.29
N GLY A 525 19.22 11.48 27.64
CA GLY A 525 20.32 11.47 26.69
C GLY A 525 19.91 11.87 25.29
N ILE A 526 18.72 12.45 25.14
CA ILE A 526 18.28 12.91 23.84
C ILE A 526 19.10 14.12 23.41
N LEU A 527 19.48 14.15 22.13
CA LEU A 527 20.29 15.24 21.58
C LEU A 527 19.37 16.44 21.33
N VAL A 528 18.96 17.07 22.42
CA VAL A 528 18.03 18.19 22.37
C VAL A 528 18.76 19.43 21.90
N SER A 529 18.07 20.27 21.12
CA SER A 529 18.58 21.55 20.68
C SER A 529 17.53 22.62 20.90
N VAL A 530 17.95 23.74 21.49
CA VAL A 530 17.06 24.85 21.80
C VAL A 530 17.03 25.81 20.63
N ASN A 531 15.83 26.23 20.23
CA ASN A 531 15.68 27.06 19.04
C ASN A 531 14.73 28.22 19.29
N THR A 532 14.45 29.01 18.25
CA THR A 532 13.63 30.21 18.38
C THR A 532 12.36 30.20 17.53
N ASP A 533 12.29 29.37 16.50
CA ASP A 533 11.14 29.31 15.60
C ASP A 533 10.88 30.67 14.95
N ASN A 534 9.96 31.45 15.51
CA ASN A 534 9.57 32.75 14.97
C ASN A 534 9.93 33.82 15.99
N ILE A 535 11.01 34.54 15.73
CA ILE A 535 11.49 35.53 16.70
C ILE A 535 10.46 36.65 16.88
N GLY A 536 9.94 37.18 15.77
CA GLY A 536 9.03 38.30 15.86
C GLY A 536 7.72 37.97 16.54
N ILE A 537 7.11 36.84 16.15
CA ILE A 537 5.83 36.46 16.74
C ILE A 537 5.99 36.11 18.21
N SER A 538 6.98 35.28 18.53
CA SER A 538 7.22 34.92 19.93
C SER A 538 7.81 36.08 20.73
N GLY A 539 8.46 37.03 20.07
CA GLY A 539 9.08 38.13 20.78
C GLY A 539 10.21 37.70 21.69
N ALA A 540 11.05 36.76 21.23
CA ALA A 540 12.12 36.23 22.05
C ALA A 540 13.20 35.66 21.14
N ASN A 541 14.44 36.12 21.33
CA ASN A 541 15.57 35.60 20.59
C ASN A 541 16.17 34.43 21.37
N LEU A 542 17.35 33.97 20.95
CA LEU A 542 17.95 32.79 21.56
C LEU A 542 18.36 33.05 23.00
N SER A 543 18.79 34.27 23.33
CA SER A 543 19.29 34.55 24.68
C SER A 543 18.21 34.32 25.73
N GLU A 544 17.06 35.00 25.59
CA GLU A 544 15.98 34.76 26.53
C GLU A 544 15.35 33.39 26.34
N ASN A 545 15.47 32.80 25.16
CA ASN A 545 14.97 31.44 24.97
C ASN A 545 15.76 30.44 25.80
N LEU A 546 17.05 30.69 25.99
CA LEU A 546 17.83 29.88 26.93
C LEU A 546 17.58 30.29 28.38
N LEU A 547 17.38 31.58 28.64
CA LEU A 547 17.22 32.06 30.01
C LEU A 547 15.90 31.60 30.62
N ILE A 548 14.84 31.47 29.81
CA ILE A 548 13.51 31.16 30.32
C ILE A 548 13.47 29.80 30.98
N LEU A 549 14.40 28.91 30.63
CA LEU A 549 14.44 27.56 31.15
C LEU A 549 14.62 27.53 32.65
N ALA A 550 15.22 28.57 33.23
CA ALA A 550 15.50 28.57 34.66
C ALA A 550 14.22 28.45 35.47
N ASP A 551 13.21 29.24 35.14
CA ASP A 551 11.90 29.09 35.76
C ASP A 551 10.99 28.13 35.01
N LEU A 552 11.38 27.71 33.80
CA LEU A 552 10.59 26.71 33.09
C LEU A 552 10.93 25.30 33.57
N CYS A 553 12.21 24.97 33.66
CA CYS A 553 12.66 23.68 34.18
C CYS A 553 13.50 23.91 35.41
N PRO A 554 12.91 23.86 36.61
CA PRO A 554 13.69 24.13 37.83
C PRO A 554 14.76 23.08 38.04
N GLY A 555 15.85 23.50 38.68
CA GLY A 555 16.97 22.62 38.92
C GLY A 555 17.92 22.47 37.75
N ILE A 556 17.67 23.15 36.64
CA ILE A 556 18.55 23.07 35.49
C ILE A 556 19.85 23.83 35.79
N SER A 557 20.98 23.26 35.38
CA SER A 557 22.27 23.85 35.64
C SER A 557 22.88 24.41 34.37
N ARG A 558 23.86 25.30 34.55
CA ARG A 558 24.56 25.91 33.43
C ARG A 558 25.29 24.84 32.62
N MET A 559 25.76 23.79 33.30
CA MET A 559 26.48 22.72 32.63
C MET A 559 25.59 22.04 31.59
N ASP A 560 24.31 21.86 31.92
CA ASP A 560 23.38 21.30 30.94
C ASP A 560 23.17 22.26 29.77
N VAL A 561 23.26 23.57 30.01
CA VAL A 561 23.18 24.52 28.91
C VAL A 561 24.38 24.34 27.98
N LEU A 562 25.57 24.14 28.56
CA LEU A 562 26.74 23.85 27.74
C LEU A 562 26.56 22.57 26.93
N THR A 563 26.01 21.53 27.56
CA THR A 563 25.77 20.29 26.83
C THR A 563 24.72 20.48 25.74
N ILE A 564 23.74 21.34 25.97
CA ILE A 564 22.74 21.65 24.95
C ILE A 564 23.40 22.31 23.75
N ILE A 565 24.30 23.25 24.01
CA ILE A 565 25.06 23.88 22.92
C ILE A 565 25.88 22.84 22.17
N ARG A 566 26.50 21.92 22.91
CA ARG A 566 27.28 20.86 22.27
C ARG A 566 26.39 19.99 21.38
N ASN A 567 25.20 19.63 21.86
CA ASN A 567 24.30 18.81 21.06
C ASN A 567 23.83 19.56 19.82
N SER A 568 23.54 20.85 19.96
CA SER A 568 23.16 21.66 18.80
C SER A 568 24.28 21.69 17.78
N ILE A 569 25.52 21.77 18.26
CA ILE A 569 26.67 21.68 17.36
C ILE A 569 26.69 20.33 16.66
N GLU A 570 26.43 19.26 17.42
CA GLU A 570 26.55 17.91 16.87
C GLU A 570 25.49 17.63 15.81
N THR A 571 24.27 18.12 16.00
CA THR A 571 23.16 17.73 15.14
C THR A 571 23.06 18.52 13.84
N ALA A 572 23.97 19.46 13.60
CA ALA A 572 23.92 20.23 12.37
C ALA A 572 24.40 19.38 11.18
N PHE A 573 23.72 19.54 10.04
CA PHE A 573 24.06 18.81 8.82
C PHE A 573 25.19 19.56 8.13
N ILE A 574 26.42 19.35 8.60
CA ILE A 574 27.59 20.05 8.11
C ILE A 574 28.73 19.08 7.91
N SER A 575 29.71 19.49 7.12
CA SER A 575 30.84 18.63 6.79
C SER A 575 31.74 18.42 8.00
N HIS A 576 32.61 17.41 7.89
CA HIS A 576 33.45 17.01 9.03
C HIS A 576 34.47 18.09 9.36
N ASP A 577 35.22 18.55 8.37
CA ASP A 577 36.29 19.50 8.64
C ASP A 577 35.73 20.82 9.18
N PHE A 578 34.64 21.30 8.59
CA PHE A 578 33.97 22.47 9.13
C PHE A 578 33.52 22.20 10.58
N ARG A 579 33.16 20.95 10.88
CA ARG A 579 32.79 20.63 12.25
C ARG A 579 33.98 20.76 13.20
N MET A 580 35.15 20.26 12.80
CA MET A 580 36.32 20.41 13.66
C MET A 580 36.68 21.87 13.88
N GLU A 581 36.66 22.66 12.81
CA GLU A 581 36.97 24.09 12.97
C GLU A 581 35.94 24.78 13.88
N LEU A 582 34.66 24.44 13.70
CA LEU A 582 33.61 25.03 14.51
C LEU A 582 33.77 24.63 15.97
N LEU A 583 34.10 23.36 16.24
CA LEU A 583 34.32 22.93 17.61
C LEU A 583 35.50 23.66 18.24
N LYS A 584 36.59 23.80 17.50
CA LYS A 584 37.76 24.48 18.06
C LYS A 584 37.43 25.92 18.40
N PHE A 585 36.79 26.64 17.47
CA PHE A 585 36.44 28.03 17.73
C PHE A 585 35.47 28.16 18.90
N PHE A 586 34.45 27.30 18.93
CA PHE A 586 33.48 27.35 20.03
C PHE A 586 34.13 27.04 21.36
N ASP A 587 35.03 26.06 21.40
CA ASP A 587 35.62 25.70 22.68
C ASP A 587 36.52 26.83 23.19
N ARG A 588 37.34 27.41 22.30
CA ARG A 588 38.18 28.53 22.74
C ARG A 588 37.32 29.69 23.22
N LYS A 589 36.28 30.04 22.45
CA LYS A 589 35.43 31.15 22.83
C LYS A 589 34.69 30.86 24.13
N ILE A 590 34.27 29.61 24.33
CA ILE A 590 33.53 29.26 25.53
C ILE A 590 34.44 29.32 26.75
N TYR A 591 35.71 28.88 26.60
CA TYR A 591 36.65 29.00 27.70
C TYR A 591 36.89 30.45 28.04
N ASP A 592 37.05 31.30 27.02
CA ASP A 592 37.25 32.72 27.28
C ASP A 592 36.03 33.33 27.98
N VAL A 593 34.83 32.99 27.51
CA VAL A 593 33.62 33.55 28.13
C VAL A 593 33.52 33.12 29.58
N CYS A 594 33.74 31.83 29.87
CA CYS A 594 33.64 31.39 31.25
C CYS A 594 34.77 31.92 32.12
N LEU A 595 35.92 32.27 31.53
CA LEU A 595 36.98 32.89 32.31
C LEU A 595 36.55 34.25 32.86
N ILE A 596 35.94 35.09 32.02
CA ILE A 596 35.40 36.37 32.45
C ILE A 596 33.89 36.29 32.70
N SER A 597 33.36 35.10 32.96
CA SER A 597 31.98 34.96 33.41
C SER A 597 31.85 35.09 34.92
N ILE A 598 32.75 34.45 35.67
CA ILE A 598 32.69 34.49 37.13
C ILE A 598 33.07 35.85 37.69
N LYS A 599 33.59 36.75 36.86
CA LYS A 599 33.90 38.12 37.31
C LYS A 599 32.68 38.76 37.95
N ASN A 600 31.54 38.70 37.27
CA ASN A 600 30.30 39.26 37.78
C ASN A 600 29.55 38.26 38.65
N MET B 1 33.18 4.61 55.91
CA MET B 1 33.54 6.00 55.64
C MET B 1 34.59 6.42 56.67
N SER B 2 35.66 7.04 56.19
CA SER B 2 36.83 7.35 57.01
C SER B 2 37.03 8.87 57.05
N ARG B 3 37.02 9.43 58.26
CA ARG B 3 37.34 10.84 58.47
C ARG B 3 38.82 10.97 58.83
N VAL B 4 39.65 10.69 57.83
CA VAL B 4 41.10 10.76 58.00
C VAL B 4 41.51 12.19 58.32
N LEU B 5 42.39 12.34 59.30
CA LEU B 5 42.87 13.65 59.73
C LEU B 5 44.36 13.75 59.48
N LEU B 6 44.77 14.86 58.86
CA LEU B 6 46.18 15.13 58.60
C LEU B 6 46.57 16.43 59.29
N CYS B 7 47.76 16.42 59.89
CA CYS B 7 48.22 17.58 60.64
C CYS B 7 49.73 17.61 60.65
N SER B 8 50.29 18.76 61.02
CA SER B 8 51.72 18.92 61.23
C SER B 8 51.94 19.65 62.54
N ALA B 9 52.83 19.11 63.36
CA ALA B 9 53.09 19.67 64.69
C ALA B 9 54.57 20.01 64.82
N GLY B 10 54.84 21.18 65.39
CA GLY B 10 56.21 21.60 65.63
C GLY B 10 56.64 21.35 67.05
N HIS B 11 56.93 22.43 67.79
CA HIS B 11 57.31 22.28 69.19
C HIS B 11 56.14 21.80 70.03
N SER B 12 54.91 22.10 69.63
CA SER B 12 53.72 21.70 70.36
C SER B 12 53.08 20.48 69.72
N SER B 13 52.90 19.42 70.52
CA SER B 13 52.21 18.22 70.08
C SER B 13 50.80 18.11 70.62
N MET B 14 50.38 19.02 71.51
CA MET B 14 49.02 19.09 72.04
C MET B 14 47.97 19.34 70.97
N VAL B 15 48.32 19.93 69.83
CA VAL B 15 47.31 20.44 68.92
C VAL B 15 46.49 19.33 68.29
N VAL B 16 47.10 18.16 68.06
CA VAL B 16 46.38 17.06 67.42
C VAL B 16 45.24 16.54 68.27
N PRO B 17 45.41 16.27 69.58
CA PRO B 17 44.23 15.93 70.39
C PRO B 17 43.17 17.02 70.40
N GLU B 18 43.58 18.29 70.38
CA GLU B 18 42.59 19.37 70.32
C GLU B 18 41.79 19.30 69.03
N ALA B 19 42.47 19.03 67.91
CA ALA B 19 41.76 18.89 66.64
C ALA B 19 40.82 17.69 66.66
N PHE B 20 41.26 16.58 67.28
CA PHE B 20 40.40 15.41 67.37
C PHE B 20 39.15 15.69 68.19
N HIS B 21 39.30 16.41 69.30
CA HIS B 21 38.17 16.72 70.17
C HIS B 21 37.39 17.95 69.73
N ALA B 22 37.87 18.67 68.71
CA ALA B 22 37.14 19.83 68.23
C ALA B 22 35.78 19.45 67.66
N VAL B 23 35.72 18.35 66.93
CA VAL B 23 34.47 17.81 66.42
C VAL B 23 34.07 16.63 67.31
N PRO B 24 33.03 16.75 68.13
CA PRO B 24 32.65 15.64 69.01
C PRO B 24 32.21 14.38 68.28
N GLU B 25 31.84 14.50 67.00
CA GLU B 25 31.38 13.34 66.25
C GLU B 25 32.47 12.28 66.10
N GLY B 26 33.73 12.66 66.20
CA GLY B 26 34.82 11.70 66.21
C GLY B 26 35.32 11.28 64.85
N PHE B 27 36.63 11.34 64.65
CA PHE B 27 37.25 10.92 63.40
C PHE B 27 37.58 9.43 63.47
N GLU B 28 38.20 8.92 62.41
CA GLU B 28 38.57 7.52 62.31
C GLU B 28 40.06 7.28 62.18
N GLU B 29 40.76 8.11 61.40
CA GLU B 29 42.20 7.99 61.24
C GLU B 29 42.84 9.37 61.41
N VAL B 30 43.99 9.42 62.06
CA VAL B 30 44.75 10.64 62.24
C VAL B 30 46.20 10.39 61.87
N HIS B 31 46.78 11.27 61.07
CA HIS B 31 48.18 11.18 60.67
C HIS B 31 48.83 12.55 60.83
N VAL B 32 50.05 12.56 61.36
CA VAL B 32 50.77 13.79 61.65
C VAL B 32 52.11 13.76 60.94
N PHE B 33 52.44 14.85 60.25
CA PHE B 33 53.72 14.99 59.57
C PHE B 33 54.63 15.86 60.41
N THR B 34 55.83 15.35 60.70
CA THR B 34 56.79 16.06 61.54
C THR B 34 58.19 15.75 61.04
N THR B 35 59.10 16.70 61.25
CA THR B 35 60.49 16.50 60.90
C THR B 35 61.17 15.57 61.91
N ASP B 36 62.48 15.38 61.72
CA ASP B 36 63.26 14.52 62.61
C ASP B 36 63.90 15.29 63.76
N SER B 37 63.31 16.43 64.15
CA SER B 37 63.86 17.22 65.24
C SER B 37 63.64 16.52 66.57
N GLU B 38 64.52 16.80 67.52
CA GLU B 38 64.47 16.16 68.83
C GLU B 38 63.50 16.85 69.78
N LYS B 39 63.01 18.04 69.45
CA LYS B 39 62.08 18.75 70.32
C LYS B 39 60.70 18.11 70.37
N PHE B 40 60.41 17.17 69.46
CA PHE B 40 59.12 16.52 69.44
C PHE B 40 58.96 15.60 70.64
N ASN B 41 57.70 15.44 71.08
CA ASN B 41 57.35 14.58 72.21
C ASN B 41 56.26 13.63 71.75
N PRO B 42 56.61 12.56 71.04
CA PRO B 42 55.59 11.66 70.50
C PRO B 42 54.83 10.87 71.56
N VAL B 43 55.34 10.81 72.79
CA VAL B 43 54.75 9.90 73.78
C VAL B 43 53.36 10.34 74.19
N VAL B 44 53.11 11.66 74.25
CA VAL B 44 51.83 12.14 74.77
C VAL B 44 50.69 11.80 73.82
N LEU B 45 50.85 12.11 72.53
CA LEU B 45 49.82 11.70 71.58
C LEU B 45 49.83 10.20 71.39
N ASN B 46 50.99 9.55 71.58
CA ASN B 46 51.06 8.10 71.45
C ASN B 46 50.14 7.41 72.46
N ASP B 47 50.26 7.75 73.74
CA ASP B 47 49.41 7.08 74.72
C ASP B 47 48.00 7.64 74.72
N PHE B 48 47.82 8.91 74.30
CA PHE B 48 46.46 9.42 74.16
C PHE B 48 45.68 8.63 73.11
N PHE B 49 46.33 8.31 71.99
CA PHE B 49 45.68 7.50 70.97
C PHE B 49 45.64 6.03 71.37
N HIS B 50 46.59 5.58 72.19
CA HIS B 50 46.52 4.23 72.75
C HIS B 50 45.37 4.09 73.72
N SER B 51 44.84 5.20 74.23
CA SER B 51 43.62 5.14 75.03
C SER B 51 42.41 4.76 74.19
N LEU B 52 42.45 4.99 72.88
CA LEU B 52 41.39 4.60 71.96
C LEU B 52 41.97 3.82 70.79
N PRO B 53 42.18 2.51 70.96
CA PRO B 53 42.65 1.69 69.83
C PRO B 53 41.77 1.78 68.59
N ASN B 54 40.46 2.01 68.77
CA ASN B 54 39.51 1.96 67.65
C ASN B 54 39.78 3.00 66.58
N VAL B 55 40.56 4.04 66.87
CA VAL B 55 40.90 5.07 65.91
C VAL B 55 42.35 4.86 65.48
N ARG B 56 42.55 4.69 64.17
CA ARG B 56 43.88 4.47 63.65
C ARG B 56 44.74 5.71 63.78
N PHE B 57 46.05 5.51 63.88
CA PHE B 57 46.99 6.61 64.05
C PHE B 57 48.35 6.19 63.52
N SER B 58 49.07 7.15 62.94
CA SER B 58 50.38 6.90 62.39
C SER B 58 51.22 8.16 62.48
N ILE B 59 52.55 7.98 62.47
CA ILE B 59 53.51 9.07 62.54
C ILE B 59 54.52 8.89 61.42
N THR B 60 54.73 9.93 60.63
CA THR B 60 55.72 9.94 59.58
C THR B 60 56.75 11.03 59.85
N LYS B 61 58.03 10.69 59.66
CA LYS B 61 59.13 11.58 59.99
C LYS B 61 59.86 12.00 58.73
N CYS B 62 60.11 13.30 58.60
CA CYS B 62 60.87 13.84 57.48
C CYS B 62 62.35 13.81 57.84
N HIS B 63 63.05 12.78 57.38
CA HIS B 63 64.44 12.58 57.76
C HIS B 63 65.36 13.60 57.08
N GLY B 64 66.37 14.05 57.82
CA GLY B 64 67.42 14.89 57.27
C GLY B 64 67.19 16.38 57.38
N LEU B 65 66.01 16.83 57.78
CA LEU B 65 65.68 18.25 57.88
C LEU B 65 65.25 18.55 59.31
N ALA B 66 66.20 19.01 60.13
CA ALA B 66 65.84 19.42 61.49
C ALA B 66 64.88 20.61 61.47
N ASP B 67 65.14 21.58 60.60
CA ASP B 67 64.25 22.73 60.43
C ASP B 67 64.52 23.35 59.07
N ILE B 68 63.56 24.14 58.60
CA ILE B 68 63.67 24.80 57.31
C ILE B 68 64.57 26.03 57.48
N LEU B 69 65.67 26.05 56.76
CA LEU B 69 66.63 27.15 56.84
C LEU B 69 66.90 27.81 55.50
N ASN B 70 67.01 27.03 54.42
CA ASN B 70 67.28 27.61 53.11
C ASN B 70 66.27 27.13 52.08
N GLU B 71 66.50 27.47 50.80
CA GLU B 71 65.57 27.11 49.75
C GLU B 71 65.50 25.60 49.57
N ARG B 72 66.64 24.92 49.59
CA ARG B 72 66.64 23.47 49.42
C ARG B 72 65.89 22.78 50.54
N ASP B 73 66.05 23.25 51.77
CA ASP B 73 65.35 22.66 52.90
C ASP B 73 63.84 22.80 52.73
N PHE B 74 63.39 23.99 52.35
CA PHE B 74 61.95 24.21 52.20
C PHE B 74 61.39 23.39 51.04
N GLU B 75 62.10 23.33 49.92
CA GLU B 75 61.60 22.54 48.79
C GLU B 75 61.56 21.06 49.13
N PHE B 76 62.56 20.57 49.85
CA PHE B 76 62.54 19.17 50.29
C PHE B 76 61.36 18.92 51.22
N TYR B 77 61.14 19.81 52.19
CA TYR B 77 60.02 19.63 53.10
C TYR B 77 58.69 19.66 52.35
N GLN B 78 58.54 20.59 51.41
CA GLN B 78 57.29 20.69 50.67
C GLN B 78 57.05 19.43 49.84
N GLU B 79 58.10 18.90 49.19
CA GLU B 79 57.93 17.70 48.39
C GLU B 79 57.55 16.50 49.26
N MET B 80 58.22 16.34 50.41
CA MET B 80 57.88 15.23 51.29
C MET B 80 56.49 15.40 51.88
N LEU B 81 56.09 16.62 52.22
CA LEU B 81 54.75 16.85 52.74
C LEU B 81 53.69 16.54 51.70
N TRP B 82 53.91 16.97 50.45
CA TRP B 82 52.97 16.65 49.38
C TRP B 82 52.91 15.14 49.15
N GLN B 83 54.05 14.46 49.18
CA GLN B 83 54.05 13.01 49.00
C GLN B 83 53.29 12.32 50.12
N TRP B 84 53.49 12.75 51.36
CA TRP B 84 52.78 12.15 52.48
C TRP B 84 51.29 12.43 52.42
N TYR B 85 50.91 13.65 52.04
CA TYR B 85 49.49 13.97 51.91
C TYR B 85 48.83 13.12 50.84
N LEU B 86 49.48 13.01 49.67
CA LEU B 86 48.90 12.28 48.56
C LEU B 86 48.96 10.77 48.74
N THR B 87 49.87 10.26 49.55
CA THR B 87 49.89 8.83 49.87
C THR B 87 48.89 8.47 50.96
N LYS B 88 48.41 9.44 51.71
CA LYS B 88 47.42 9.21 52.76
C LYS B 88 46.03 9.70 52.39
N MET B 89 45.80 10.01 51.11
CA MET B 89 44.47 10.38 50.67
C MET B 89 43.51 9.20 50.84
N PRO B 90 42.24 9.44 51.13
CA PRO B 90 41.23 8.39 50.96
C PRO B 90 41.13 8.03 49.50
N ASP B 91 40.78 6.77 49.22
CA ASP B 91 40.66 6.33 47.84
C ASP B 91 39.55 7.10 47.13
N ASN B 92 38.43 7.34 47.80
CA ASN B 92 37.28 8.01 47.20
C ASN B 92 36.65 8.99 48.17
N GLU B 93 37.47 9.79 48.85
CA GLU B 93 36.93 10.77 49.81
C GLU B 93 37.93 11.90 50.00
N LEU B 94 37.41 13.07 50.35
CA LEU B 94 38.25 14.21 50.71
C LEU B 94 38.48 14.23 52.22
N PRO B 95 39.72 14.41 52.68
CA PRO B 95 39.98 14.36 54.12
C PRO B 95 39.75 15.71 54.79
N TYR B 96 39.92 15.70 56.11
CA TYR B 96 39.98 16.92 56.92
C TYR B 96 41.42 17.20 57.32
N VAL B 97 41.67 18.44 57.76
CA VAL B 97 43.02 18.85 58.10
C VAL B 97 42.95 20.13 58.94
N CYS B 98 43.84 20.22 59.93
CA CYS B 98 43.98 21.40 60.77
C CYS B 98 45.36 22.00 60.57
N LEU B 99 45.40 23.33 60.39
CA LEU B 99 46.63 24.05 60.09
C LEU B 99 47.29 24.63 61.33
N SER B 100 46.69 24.47 62.51
CA SER B 100 47.13 25.20 63.69
C SER B 100 48.57 24.88 64.07
N GLY B 101 48.96 23.62 63.98
CA GLY B 101 50.29 23.22 64.41
C GLY B 101 51.37 23.66 63.44
N GLY B 102 52.60 23.65 63.95
CA GLY B 102 53.77 24.03 63.16
C GLY B 102 53.93 25.53 63.04
N ILE B 103 55.12 25.93 62.59
CA ILE B 103 55.41 27.34 62.34
C ILE B 103 54.83 27.72 60.98
N LYS B 104 54.86 29.02 60.67
CA LYS B 104 54.14 29.55 59.51
C LYS B 104 54.49 28.82 58.22
N SER B 105 55.75 28.38 58.08
CA SER B 105 56.19 27.78 56.82
C SER B 105 55.42 26.51 56.50
N MET B 106 55.39 25.55 57.44
CA MET B 106 54.69 24.31 57.18
C MET B 106 53.18 24.51 57.16
N SER B 107 52.68 25.50 57.89
CA SER B 107 51.25 25.82 57.80
C SER B 107 50.88 26.26 56.39
N ALA B 108 51.68 27.17 55.82
CA ALA B 108 51.44 27.61 54.45
C ALA B 108 51.61 26.47 53.45
N SER B 109 52.62 25.62 53.65
CA SER B 109 52.82 24.50 52.75
C SER B 109 51.67 23.52 52.81
N LEU B 110 51.15 23.26 54.01
CA LEU B 110 50.00 22.36 54.16
C LEU B 110 48.76 22.95 53.52
N GLN B 111 48.54 24.26 53.69
CA GLN B 111 47.38 24.87 53.04
C GLN B 111 47.53 24.85 51.52
N LYS B 112 48.77 24.97 51.02
CA LYS B 112 49.00 24.82 49.59
C LYS B 112 48.71 23.40 49.13
N ALA B 113 49.08 22.41 49.93
CA ALA B 113 48.72 21.03 49.62
C ALA B 113 47.20 20.88 49.55
N ALA B 114 46.48 21.50 50.49
CA ALA B 114 45.03 21.48 50.44
C ALA B 114 44.50 22.14 49.18
N THR B 115 45.09 23.27 48.80
CA THR B 115 44.61 23.99 47.62
C THR B 115 44.94 23.25 46.33
N LEU B 116 45.92 22.35 46.37
CA LEU B 116 46.27 21.61 45.16
C LEU B 116 45.46 20.32 45.05
N PHE B 117 45.26 19.62 46.18
CA PHE B 117 44.58 18.33 46.15
C PHE B 117 43.14 18.40 46.65
N GLY B 118 42.76 19.46 47.35
CA GLY B 118 41.39 19.54 47.85
C GLY B 118 41.22 18.82 49.17
N ALA B 119 40.20 19.26 49.93
CA ALA B 119 39.92 18.68 51.23
C ALA B 119 38.45 18.88 51.54
N GLN B 120 37.92 18.00 52.39
CA GLN B 120 36.52 18.11 52.80
C GLN B 120 36.28 19.40 53.57
N SER B 121 37.17 19.72 54.52
CA SER B 121 37.07 20.96 55.29
C SER B 121 38.41 21.20 55.97
N VAL B 122 39.06 22.32 55.66
CA VAL B 122 40.24 22.71 56.41
C VAL B 122 39.77 23.58 57.57
N PHE B 123 40.52 23.58 58.67
CA PHE B 123 40.08 24.28 59.86
C PHE B 123 41.27 24.58 60.76
N HIS B 124 41.02 25.41 61.76
CA HIS B 124 42.01 25.78 62.76
C HIS B 124 41.46 25.46 64.14
N VAL B 125 42.32 25.62 65.15
CA VAL B 125 41.92 25.48 66.55
C VAL B 125 42.55 26.62 67.33
N LEU B 126 41.82 27.12 68.32
CA LEU B 126 42.28 28.22 69.17
C LEU B 126 42.16 27.79 70.62
N ALA B 127 43.26 27.91 71.37
CA ALA B 127 43.29 27.59 72.79
C ALA B 127 43.58 28.87 73.56
N ASP B 128 42.69 29.22 74.49
CA ASP B 128 42.87 30.44 75.26
C ASP B 128 44.05 30.32 76.22
N ASN B 129 44.26 29.14 76.81
CA ASN B 129 45.33 28.93 77.77
C ASN B 129 46.54 28.24 77.19
N ASN B 130 46.47 27.76 75.94
CA ASN B 130 47.51 26.96 75.31
C ASN B 130 47.89 25.79 76.21
N PRO B 131 47.01 24.80 76.37
CA PRO B 131 47.28 23.69 77.29
C PRO B 131 48.43 22.81 76.81
N ARG B 132 48.99 22.07 77.77
CA ARG B 132 50.14 21.20 77.52
C ARG B 132 49.95 19.75 77.96
N ASN B 133 49.04 19.47 78.87
CA ASN B 133 48.76 18.10 79.29
C ASN B 133 47.25 17.85 79.21
N ILE B 134 46.89 16.57 79.05
CA ILE B 134 45.56 16.20 78.57
C ILE B 134 44.45 16.68 79.50
N GLU B 135 44.67 16.62 80.81
CA GLU B 135 43.58 16.94 81.73
C GLU B 135 43.13 18.39 81.59
N GLU B 136 44.08 19.32 81.42
CA GLU B 136 43.73 20.73 81.37
C GLU B 136 43.12 21.12 80.03
N MET B 137 43.54 20.49 78.92
CA MET B 137 42.83 20.74 77.67
C MET B 137 41.41 20.21 77.76
N PHE B 138 41.24 19.06 78.43
CA PHE B 138 39.90 18.51 78.64
C PHE B 138 39.04 19.46 79.45
N ASP B 139 39.60 20.05 80.52
CA ASP B 139 38.85 21.01 81.32
C ASP B 139 38.50 22.25 80.51
N ALA B 140 39.43 22.72 79.67
CA ALA B 140 39.15 23.89 78.85
C ALA B 140 38.01 23.62 77.86
N LEU B 141 38.01 22.43 77.24
CA LEU B 141 36.92 22.13 76.32
C LEU B 141 35.61 21.87 77.04
N GLN B 142 35.65 21.31 78.26
CA GLN B 142 34.44 21.14 79.04
C GLN B 142 33.83 22.49 79.41
N LYS B 143 34.67 23.44 79.85
CA LYS B 143 34.17 24.76 80.19
C LYS B 143 33.65 25.49 78.95
N GLY B 144 34.39 25.40 77.83
CA GLY B 144 34.02 26.09 76.62
C GLY B 144 35.14 26.94 76.06
N GLN B 145 36.32 26.83 76.67
CA GLN B 145 37.48 27.58 76.19
C GLN B 145 37.99 27.06 74.84
N ILE B 146 37.57 25.86 74.45
CA ILE B 146 37.96 25.31 73.15
C ILE B 146 37.35 26.17 72.03
N HIS B 147 38.16 26.42 70.99
CA HIS B 147 37.71 27.19 69.85
C HIS B 147 38.25 26.56 68.57
N PHE B 148 37.36 26.12 67.70
CA PHE B 148 37.72 25.57 66.40
C PHE B 148 37.25 26.52 65.32
N ILE B 149 38.09 26.72 64.29
CA ILE B 149 37.92 27.79 63.33
C ILE B 149 38.04 27.22 61.92
N GLU B 150 37.08 27.55 61.06
CA GLU B 150 36.98 26.93 59.73
C GLU B 150 36.72 27.97 58.64
N MET B 151 37.48 27.89 57.54
CA MET B 151 37.22 28.56 56.26
C MET B 151 37.04 27.64 55.06
N GLY B 152 37.85 26.60 54.95
CA GLY B 152 37.98 25.96 53.65
C GLY B 152 36.98 24.88 53.28
N TYR B 153 36.57 24.90 52.01
CA TYR B 153 35.77 23.83 51.43
C TYR B 153 36.08 23.86 49.93
N GLU B 154 36.95 22.97 49.50
CA GLU B 154 37.49 23.04 48.16
C GLU B 154 37.46 21.67 47.51
N PRO B 155 37.18 21.57 46.21
CA PRO B 155 37.19 20.26 45.56
C PRO B 155 38.59 19.82 45.21
N GLY B 156 39.46 20.80 45.00
CA GLY B 156 40.80 20.53 44.52
C GLY B 156 40.82 20.19 43.05
N TRP B 157 42.01 19.83 42.58
CA TRP B 157 42.22 19.38 41.22
C TRP B 157 42.13 17.86 41.17
N ALA B 158 41.11 17.34 40.49
CA ALA B 158 40.98 15.90 40.32
C ALA B 158 42.18 15.32 39.58
N ALA B 159 42.63 16.00 38.53
CA ALA B 159 43.73 15.47 37.72
C ALA B 159 45.02 15.36 38.54
N LEU B 160 45.33 16.38 39.34
CA LEU B 160 46.54 16.30 40.15
C LEU B 160 46.34 15.49 41.42
N ARG B 161 45.09 15.31 41.86
CA ARG B 161 44.88 14.31 42.90
C ARG B 161 45.00 12.90 42.33
N ARG B 162 44.98 12.77 41.00
CA ARG B 162 44.92 11.48 40.32
C ARG B 162 46.28 10.90 39.97
N LEU B 163 47.38 11.55 40.36
CA LEU B 163 48.70 11.10 39.96
C LEU B 163 49.41 10.26 41.03
N LYS B 164 48.67 9.77 42.03
CA LYS B 164 49.28 8.98 43.09
C LYS B 164 49.84 7.65 42.59
N LYS B 165 49.48 7.23 41.38
CA LYS B 165 49.96 5.96 40.85
C LYS B 165 51.45 5.96 40.58
N ILE B 166 52.10 7.13 40.59
CA ILE B 166 53.51 7.25 40.27
C ILE B 166 54.40 7.27 41.51
N LEU B 167 53.81 7.21 42.71
CA LEU B 167 54.63 7.25 43.92
C LEU B 167 55.63 6.11 44.02
N PRO B 168 55.29 4.85 43.66
CA PRO B 168 56.30 3.78 43.72
C PRO B 168 57.54 4.07 42.88
N ILE B 169 58.54 3.18 42.99
CA ILE B 169 59.80 3.28 42.26
C ILE B 169 60.51 4.57 42.62
N ASN B 170 60.56 4.88 43.92
CA ASN B 170 61.36 6.01 44.40
C ASN B 170 62.20 5.68 45.63
N GLU B 171 62.00 4.52 46.27
CA GLU B 171 62.82 4.02 47.37
C GLU B 171 62.54 4.82 48.66
N GLY B 172 61.78 5.90 48.54
CA GLY B 172 61.48 6.72 49.71
C GLY B 172 62.01 8.14 49.59
N CYS B 173 62.42 8.52 48.38
CA CYS B 173 62.89 9.87 48.07
C CYS B 173 64.09 10.26 48.93
N SER B 174 65.17 9.49 48.78
CA SER B 174 66.42 9.79 49.45
C SER B 174 67.10 10.98 48.78
N ARG B 175 67.62 11.90 49.62
CA ARG B 175 68.12 13.18 49.12
C ARG B 175 69.24 12.99 48.09
N ASP B 176 70.00 11.90 48.19
CA ASP B 176 71.09 11.67 47.24
C ASP B 176 70.55 11.50 45.82
N ASN B 177 69.45 10.78 45.66
CA ASN B 177 68.87 10.48 44.36
C ASN B 177 67.37 10.76 44.36
N PHE B 178 67.00 11.94 44.86
CA PHE B 178 65.60 12.35 44.93
C PHE B 178 65.24 13.21 43.73
N LYS B 179 64.10 12.94 43.13
CA LYS B 179 63.54 13.76 42.06
C LYS B 179 62.19 14.29 42.50
N PRO B 180 62.02 15.61 42.67
CA PRO B 180 60.74 16.13 43.13
C PRO B 180 59.65 16.03 42.08
N LEU B 181 59.05 14.85 41.96
CA LEU B 181 58.02 14.63 40.95
C LEU B 181 56.75 15.44 41.23
N ILE B 182 56.49 15.79 42.49
CA ILE B 182 55.36 16.68 42.76
C ILE B 182 55.66 18.07 42.20
N SER B 183 56.92 18.50 42.25
CA SER B 183 57.30 19.72 41.55
C SER B 183 57.10 19.58 40.05
N LYS B 184 57.30 18.37 39.51
CA LYS B 184 56.97 18.13 38.11
C LYS B 184 55.47 18.31 37.86
N SER B 185 54.65 17.84 38.79
CA SER B 185 53.19 18.03 38.65
C SER B 185 52.83 19.50 38.68
N ILE B 186 53.43 20.26 39.60
CA ILE B 186 53.07 21.68 39.71
C ILE B 186 53.56 22.45 38.49
N GLU B 187 54.78 22.16 38.01
CA GLU B 187 55.22 22.82 36.80
C GLU B 187 54.36 22.42 35.61
N GLU B 188 53.85 21.19 35.59
CA GLU B 188 52.94 20.77 34.55
C GLU B 188 51.67 21.60 34.55
N ILE B 189 51.02 21.73 35.72
CA ILE B 189 49.74 22.43 35.76
C ILE B 189 49.93 23.91 35.44
N LEU B 190 50.94 24.54 36.02
CA LEU B 190 51.21 25.94 35.71
C LEU B 190 51.56 26.13 34.23
N SER B 191 52.32 25.19 33.66
CA SER B 191 52.67 25.29 32.24
C SER B 191 51.42 25.22 31.37
N ASN B 192 50.53 24.26 31.65
CA ASN B 192 49.31 24.16 30.84
C ASN B 192 48.46 25.40 30.98
N VAL B 193 48.28 25.90 32.21
CA VAL B 193 47.44 27.08 32.41
C VAL B 193 48.02 28.29 31.70
N LYS B 194 49.33 28.52 31.86
CA LYS B 194 49.95 29.68 31.23
C LYS B 194 49.93 29.58 29.72
N ILE B 195 50.25 28.41 29.17
CA ILE B 195 50.21 28.22 27.72
C ILE B 195 48.80 28.45 27.19
N MET B 196 47.80 27.96 27.93
CA MET B 196 46.41 28.14 27.52
C MET B 196 46.04 29.61 27.51
N ALA B 197 46.47 30.35 28.53
CA ALA B 197 46.10 31.75 28.68
C ALA B 197 47.03 32.72 27.96
N SER B 198 48.14 32.25 27.39
CA SER B 198 49.08 33.12 26.69
C SER B 198 49.15 32.84 25.20
N ASP B 199 48.15 32.15 24.65
CA ASP B 199 48.14 31.83 23.23
C ASP B 199 46.71 31.59 22.79
N THR B 200 46.50 31.65 21.48
CA THR B 200 45.20 31.37 20.88
C THR B 200 45.22 30.21 19.90
N GLY B 201 46.25 30.13 19.06
CA GLY B 201 46.33 29.03 18.11
C GLY B 201 46.45 27.68 18.78
N LYS B 202 47.34 27.56 19.77
CA LYS B 202 47.45 26.33 20.53
C LYS B 202 46.21 26.11 21.39
N SER B 203 45.59 27.19 21.83
CA SER B 203 44.42 27.19 22.70
C SER B 203 43.14 26.76 22.00
N ASN B 204 43.21 26.24 20.78
CA ASN B 204 42.00 25.85 20.06
C ASN B 204 41.23 24.77 20.82
N GLN B 205 41.82 23.59 20.97
CA GLN B 205 41.18 22.44 21.60
C GLN B 205 42.17 21.28 21.65
N LEU B 206 42.09 20.39 20.63
CA LEU B 206 42.93 19.25 20.27
C LEU B 206 42.32 17.93 20.73
N PRO B 207 42.39 17.59 22.01
CA PRO B 207 42.04 16.24 22.46
C PRO B 207 40.56 15.99 22.71
N PHE B 208 39.92 15.30 21.77
CA PHE B 208 38.51 14.98 21.86
C PHE B 208 38.21 13.84 22.83
N PRO B 209 39.07 12.79 22.91
CA PRO B 209 38.85 11.75 23.94
C PRO B 209 38.89 12.26 25.38
N SER B 210 39.12 13.56 25.55
CA SER B 210 39.03 14.26 26.82
C SER B 210 40.22 13.94 27.72
N LEU B 211 40.98 14.99 28.08
CA LEU B 211 42.18 14.89 28.90
C LEU B 211 42.70 16.30 29.20
N ALA B 212 43.55 16.85 28.33
CA ALA B 212 43.95 18.25 28.30
C ALA B 212 44.64 18.72 29.57
N ILE B 213 45.02 17.82 30.48
CA ILE B 213 45.75 18.19 31.69
C ILE B 213 47.11 17.51 31.77
N LEU B 214 47.49 16.72 30.76
CA LEU B 214 48.83 16.15 30.73
C LEU B 214 49.87 17.24 30.56
N PRO B 215 51.11 16.96 30.94
CA PRO B 215 52.18 17.93 30.71
C PRO B 215 52.32 18.21 29.22
N PRO B 216 52.75 19.41 28.85
CA PRO B 216 52.94 19.71 27.43
C PRO B 216 53.89 18.76 26.74
N ILE B 217 54.90 18.27 27.46
CA ILE B 217 55.80 17.26 26.90
C ILE B 217 55.02 15.99 26.57
N ALA B 218 54.08 15.60 27.45
CA ALA B 218 53.27 14.42 27.18
C ALA B 218 52.41 14.62 25.94
N GLN B 219 51.79 15.80 25.79
CA GLN B 219 50.98 16.05 24.61
C GLN B 219 51.83 16.05 23.34
N GLN B 220 53.03 16.64 23.40
CA GLN B 220 53.92 16.59 22.25
C GLN B 220 54.30 15.15 21.90
N TRP B 221 54.58 14.34 22.92
CA TRP B 221 54.88 12.93 22.68
C TRP B 221 53.70 12.22 22.03
N LEU B 222 52.49 12.54 22.47
CA LEU B 222 51.30 11.97 21.85
C LEU B 222 51.19 12.40 20.39
N GLN B 223 51.54 13.65 20.09
CA GLN B 223 51.43 14.15 18.72
C GLN B 223 52.42 13.49 17.78
N LEU B 224 53.56 13.01 18.27
CA LEU B 224 54.51 12.35 17.39
C LEU B 224 53.92 11.06 16.85
N PRO B 225 54.32 10.66 15.64
CA PRO B 225 53.88 9.35 15.13
C PRO B 225 54.34 8.23 16.03
N LEU B 226 53.48 7.23 16.21
CA LEU B 226 53.82 6.11 17.09
C LEU B 226 54.85 5.21 16.42
N SER B 227 55.65 4.55 17.25
CA SER B 227 56.69 3.64 16.79
C SER B 227 56.29 2.20 17.12
N ALA B 228 57.17 1.27 16.73
CA ALA B 228 56.96 -0.14 17.05
C ALA B 228 57.35 -0.49 18.48
N ASN B 229 57.98 0.44 19.20
CA ASN B 229 58.41 0.20 20.57
C ASN B 229 57.37 0.63 21.61
N ASP B 230 56.21 1.10 21.17
CA ASP B 230 55.14 1.50 22.06
C ASP B 230 54.29 0.33 22.53
N GLY B 231 54.77 -0.91 22.36
CA GLY B 231 53.97 -2.07 22.66
C GLY B 231 53.50 -2.13 24.11
N ALA B 232 54.41 -1.82 25.04
CA ALA B 232 54.03 -1.81 26.45
C ALA B 232 52.96 -0.78 26.73
N TRP B 233 53.10 0.41 26.14
CA TRP B 233 52.13 1.48 26.39
C TRP B 233 50.75 1.10 25.87
N ILE B 234 50.67 0.62 24.61
CA ILE B 234 49.38 0.26 24.06
C ILE B 234 48.77 -0.93 24.78
N GLN B 235 49.61 -1.89 25.20
CA GLN B 235 49.10 -3.00 26.00
C GLN B 235 48.53 -2.52 27.32
N ASN B 236 49.15 -1.51 27.93
CA ASN B 236 48.59 -0.93 29.14
C ASN B 236 47.32 -0.14 28.87
N LEU B 237 47.11 0.29 27.62
CA LEU B 237 45.92 1.04 27.25
C LEU B 237 44.70 0.13 27.26
N PRO B 238 43.59 0.52 27.88
CA PRO B 238 42.36 -0.25 27.74
C PRO B 238 41.80 -0.12 26.34
N LYS B 239 41.16 -1.19 25.87
CA LYS B 239 40.71 -1.28 24.49
C LYS B 239 39.29 -1.82 24.45
N VAL B 240 38.65 -1.66 23.28
CA VAL B 240 37.31 -2.17 23.02
C VAL B 240 37.37 -3.02 21.75
N ASP B 241 36.67 -4.15 21.77
CA ASP B 241 36.68 -5.10 20.66
C ASP B 241 35.24 -5.37 20.25
N LEU B 242 34.76 -4.65 19.23
CA LEU B 242 33.36 -4.71 18.84
C LEU B 242 33.05 -5.83 17.87
N HIS B 243 34.04 -6.60 17.43
CA HIS B 243 33.82 -7.67 16.46
C HIS B 243 34.75 -8.82 16.82
N CYS B 244 34.23 -9.80 17.55
CA CYS B 244 35.00 -10.97 17.94
C CYS B 244 34.09 -12.19 17.97
N HIS B 245 34.38 -13.18 17.14
CA HIS B 245 33.58 -14.38 17.05
C HIS B 245 34.02 -15.37 18.12
N LEU B 246 33.05 -15.89 18.87
CA LEU B 246 33.34 -16.80 19.97
C LEU B 246 33.96 -18.11 19.46
N GLY B 247 33.45 -18.63 18.36
CA GLY B 247 33.86 -19.94 17.88
C GLY B 247 35.21 -20.00 17.20
N GLY B 248 35.90 -18.87 17.05
CA GLY B 248 37.18 -18.87 16.39
C GLY B 248 38.33 -18.47 17.30
N PHE B 249 38.32 -18.95 18.54
CA PHE B 249 39.35 -18.62 19.51
C PHE B 249 40.36 -19.74 19.68
N ALA B 250 39.91 -20.93 20.06
CA ALA B 250 40.80 -22.08 20.21
C ALA B 250 40.78 -22.95 18.96
N THR B 251 41.26 -22.37 17.86
CA THR B 251 41.30 -23.06 16.58
C THR B 251 42.61 -23.82 16.42
N ASN B 300 37.25 -27.03 15.79
CA ASN B 300 36.51 -26.31 16.81
C ASN B 300 35.24 -25.69 16.25
N GLY B 301 34.16 -25.73 17.03
CA GLY B 301 32.90 -25.15 16.62
C GLY B 301 31.76 -26.15 16.59
N SER B 302 31.21 -26.39 15.40
CA SER B 302 30.04 -27.25 15.28
C SER B 302 30.37 -28.69 15.67
N LYS B 303 31.52 -29.20 15.24
CA LYS B 303 31.85 -30.60 15.44
C LYS B 303 32.29 -30.94 16.84
N LEU B 304 32.87 -29.99 17.58
CA LEU B 304 33.47 -30.25 18.88
C LEU B 304 32.69 -29.65 20.04
N LEU B 305 32.13 -28.46 19.85
CA LEU B 305 31.63 -27.64 20.95
C LEU B 305 30.15 -27.89 21.26
N LYS B 306 29.59 -29.01 20.82
CA LYS B 306 28.17 -29.28 21.11
C LYS B 306 27.96 -29.56 22.59
N ASP B 307 28.95 -30.18 23.25
CA ASP B 307 28.82 -30.50 24.66
C ASP B 307 28.95 -29.24 25.52
N LYS B 308 28.38 -29.31 26.72
CA LYS B 308 28.35 -28.15 27.61
C LYS B 308 29.74 -27.81 28.14
N GLY B 309 30.54 -28.83 28.47
CA GLY B 309 31.82 -28.57 29.10
C GLY B 309 32.78 -27.79 28.20
N CYS B 310 32.80 -28.14 26.92
CA CYS B 310 33.63 -27.39 25.98
C CYS B 310 33.18 -25.95 25.87
N LEU B 311 31.87 -25.71 25.88
CA LEU B 311 31.39 -24.33 25.83
C LEU B 311 31.81 -23.56 27.07
N ILE B 312 31.71 -24.19 28.25
CA ILE B 312 32.10 -23.52 29.48
C ILE B 312 33.58 -23.19 29.47
N ARG B 313 34.42 -24.14 29.04
CA ARG B 313 35.86 -23.88 29.01
C ARG B 313 36.19 -22.80 27.99
N GLN B 314 35.51 -22.81 26.83
CA GLN B 314 35.75 -21.78 25.83
C GLN B 314 35.38 -20.41 26.37
N VAL B 315 34.23 -20.31 27.04
CA VAL B 315 33.78 -19.04 27.61
C VAL B 315 34.80 -18.53 28.62
N GLU B 316 35.19 -19.39 29.56
CA GLU B 316 36.10 -18.94 30.62
C GLU B 316 37.46 -18.56 30.05
N LEU B 317 37.98 -19.33 29.10
CA LEU B 317 39.29 -19.03 28.55
C LEU B 317 39.25 -17.75 27.71
N LEU B 318 38.14 -17.54 26.99
CA LEU B 318 37.99 -16.29 26.23
C LEU B 318 37.94 -15.09 27.16
N TYR B 319 37.18 -15.19 28.26
CA TYR B 319 37.12 -14.09 29.21
C TYR B 319 38.48 -13.84 29.83
N GLN B 320 39.21 -14.90 30.17
CA GLN B 320 40.54 -14.74 30.73
C GLN B 320 41.48 -14.04 29.75
N SER B 321 41.43 -14.44 28.48
CA SER B 321 42.26 -13.79 27.48
C SER B 321 41.88 -12.32 27.31
N LEU B 322 40.59 -12.02 27.31
CA LEU B 322 40.13 -10.65 27.15
C LEU B 322 40.59 -9.77 28.32
N VAL B 323 40.46 -10.29 29.55
CA VAL B 323 40.93 -9.53 30.70
C VAL B 323 42.44 -9.38 30.67
N ASN B 324 43.15 -10.41 30.20
CA ASN B 324 44.61 -10.34 30.10
C ASN B 324 45.04 -9.23 29.15
N ASP B 325 44.25 -8.96 28.12
CA ASP B 325 44.56 -7.91 27.15
C ASP B 325 44.07 -6.54 27.57
N ASN B 326 43.58 -6.40 28.81
CA ASN B 326 43.11 -5.13 29.37
C ASN B 326 41.92 -4.57 28.59
N VAL B 327 41.20 -5.42 27.86
CA VAL B 327 40.02 -4.97 27.13
C VAL B 327 38.91 -4.72 28.13
N ALA B 328 38.33 -3.52 28.10
CA ALA B 328 37.30 -3.13 29.06
C ALA B 328 35.89 -3.42 28.57
N TYR B 329 35.69 -3.56 27.26
CA TYR B 329 34.37 -3.84 26.72
C TYR B 329 34.52 -4.53 25.38
N ALA B 330 33.60 -5.44 25.09
CA ALA B 330 33.63 -6.17 23.83
C ALA B 330 32.23 -6.66 23.50
N GLU B 331 31.98 -6.86 22.21
CA GLU B 331 30.74 -7.46 21.72
C GLU B 331 31.08 -8.74 20.99
N ILE B 332 30.38 -9.82 21.33
CA ILE B 332 30.71 -11.16 20.86
C ILE B 332 29.58 -11.65 19.95
N ARG B 333 29.95 -12.17 18.78
CA ARG B 333 29.01 -12.78 17.86
C ARG B 333 29.11 -14.29 17.97
N CYS B 334 28.00 -14.94 18.26
CA CYS B 334 27.97 -16.38 18.47
C CYS B 334 26.79 -16.98 17.71
N SER B 335 26.95 -18.23 17.29
CA SER B 335 25.94 -18.93 16.50
C SER B 335 25.25 -19.99 17.37
N PRO B 336 24.14 -19.66 18.01
CA PRO B 336 23.46 -20.68 18.85
C PRO B 336 22.99 -21.89 18.09
N ASN B 337 22.53 -21.72 16.85
CA ASN B 337 22.04 -22.86 16.08
C ASN B 337 23.16 -23.80 15.69
N ASN B 338 24.35 -23.25 15.39
CA ASN B 338 25.51 -24.07 15.07
C ASN B 338 26.00 -24.84 16.28
N TYR B 339 25.50 -24.53 17.48
CA TYR B 339 26.03 -25.07 18.71
C TYR B 339 25.02 -25.94 19.44
N ALA B 340 23.77 -25.97 18.99
CA ALA B 340 22.73 -26.74 19.64
C ALA B 340 22.84 -28.22 19.29
N ASP B 341 22.13 -29.05 20.05
CA ASP B 341 22.12 -30.50 19.82
C ASP B 341 20.76 -31.03 20.23
N LYS B 342 19.86 -31.19 19.26
CA LYS B 342 18.53 -31.72 19.55
C LYS B 342 18.60 -33.14 20.09
N ASN B 343 19.64 -33.89 19.75
CA ASN B 343 19.77 -35.25 20.26
C ASN B 343 19.97 -35.26 21.76
N LYS B 344 20.76 -34.32 22.30
CA LYS B 344 21.06 -34.25 23.72
C LYS B 344 20.22 -33.21 24.45
N ASN B 345 19.02 -32.90 23.94
CA ASN B 345 18.14 -31.91 24.54
C ASN B 345 18.83 -30.55 24.66
N ARG B 346 19.66 -30.23 23.68
CA ARG B 346 20.43 -28.98 23.67
C ARG B 346 19.86 -28.10 22.56
N SER B 347 18.90 -27.25 22.92
CA SER B 347 18.34 -26.31 21.97
C SER B 347 19.25 -25.10 21.81
N ALA B 348 19.04 -24.36 20.71
CA ALA B 348 19.79 -23.13 20.50
C ALA B 348 19.52 -22.12 21.59
N TRP B 349 18.25 -22.01 22.01
CA TRP B 349 17.92 -21.15 23.13
C TRP B 349 18.66 -21.59 24.39
N VAL B 350 18.77 -22.89 24.61
CA VAL B 350 19.50 -23.39 25.78
C VAL B 350 20.96 -22.99 25.69
N VAL B 351 21.56 -23.12 24.51
CA VAL B 351 22.97 -22.75 24.34
C VAL B 351 23.17 -21.28 24.63
N LEU B 352 22.29 -20.43 24.08
CA LEU B 352 22.42 -19.00 24.31
C LEU B 352 22.22 -18.64 25.78
N GLN B 353 21.24 -19.27 26.43
CA GLN B 353 21.01 -19.02 27.85
C GLN B 353 22.22 -19.44 28.68
N ASP B 354 22.83 -20.57 28.34
CA ASP B 354 23.99 -21.04 29.09
C ASP B 354 25.16 -20.07 28.88
N ILE B 355 25.35 -19.59 27.66
CA ILE B 355 26.38 -18.59 27.38
C ILE B 355 26.16 -17.35 28.23
N ASN B 356 24.93 -16.83 28.22
CA ASN B 356 24.63 -15.62 28.98
C ASN B 356 24.87 -15.85 30.46
N ASP B 357 24.45 -17.01 30.98
CA ASP B 357 24.58 -17.28 32.40
C ASP B 357 26.05 -17.40 32.81
N THR B 358 26.88 -18.10 32.03
CA THR B 358 28.27 -18.22 32.41
C THR B 358 29.01 -16.89 32.29
N PHE B 359 28.68 -16.10 31.26
CA PHE B 359 29.26 -14.76 31.16
C PHE B 359 28.89 -13.91 32.36
N THR B 360 27.61 -13.94 32.75
CA THR B 360 27.16 -13.16 33.90
C THR B 360 27.85 -13.62 35.18
N ARG B 361 27.97 -14.93 35.38
CA ARG B 361 28.66 -15.44 36.56
C ARG B 361 30.10 -14.96 36.59
N LEU B 362 30.78 -15.03 35.45
CA LEU B 362 32.19 -14.63 35.41
C LEU B 362 32.36 -13.14 35.70
N ILE B 363 31.54 -12.28 35.09
CA ILE B 363 31.72 -10.85 35.31
C ILE B 363 31.35 -10.51 36.74
N THR B 364 30.32 -11.16 37.29
CA THR B 364 29.96 -10.93 38.69
C THR B 364 31.09 -11.32 39.62
N GLU B 365 31.73 -12.48 39.36
CA GLU B 365 32.86 -12.90 40.18
C GLU B 365 34.00 -11.90 40.08
N ALA B 366 34.30 -11.42 38.87
CA ALA B 366 35.38 -10.46 38.70
C ALA B 366 35.08 -9.15 39.40
N LYS B 367 33.83 -8.69 39.35
CA LYS B 367 33.49 -7.41 39.96
C LYS B 367 33.44 -7.50 41.48
N GLN B 368 33.01 -8.65 42.01
CA GLN B 368 32.88 -8.79 43.45
C GLN B 368 34.21 -8.71 44.17
N LYS B 369 35.31 -9.04 43.50
CA LYS B 369 36.64 -8.95 44.08
C LYS B 369 37.30 -7.60 43.81
N ASN B 370 36.59 -6.66 43.20
CA ASN B 370 37.08 -5.30 42.95
C ASN B 370 38.36 -5.32 42.13
N GLN B 371 38.35 -6.11 41.05
CA GLN B 371 39.45 -6.16 40.10
C GLN B 371 38.91 -5.77 38.73
N PHE B 372 39.81 -5.30 37.87
CA PHE B 372 39.43 -4.93 36.51
C PHE B 372 38.69 -6.08 35.82
N TYR B 373 37.55 -5.76 35.22
CA TYR B 373 36.70 -6.74 34.58
C TYR B 373 36.30 -6.22 33.20
N CYS B 374 35.92 -7.15 32.32
CA CYS B 374 35.60 -6.84 30.94
C CYS B 374 34.11 -7.11 30.70
N HIS B 375 33.31 -6.05 30.67
CA HIS B 375 31.91 -6.17 30.32
C HIS B 375 31.78 -6.59 28.86
N VAL B 376 30.94 -7.59 28.59
CA VAL B 376 30.76 -8.12 27.24
C VAL B 376 29.29 -8.41 27.00
N ASN B 377 28.80 -8.07 25.81
CA ASN B 377 27.46 -8.39 25.37
C ASN B 377 27.53 -9.28 24.14
N LEU B 378 26.51 -10.11 23.94
CA LEU B 378 26.47 -11.05 22.84
C LEU B 378 25.68 -10.49 21.67
N LEU B 379 26.11 -10.86 20.46
CA LEU B 379 25.41 -10.55 19.22
C LEU B 379 25.01 -11.85 18.54
N VAL B 380 23.73 -11.98 18.20
CA VAL B 380 23.25 -13.16 17.49
C VAL B 380 23.51 -12.98 16.01
N ILE B 381 24.37 -13.83 15.46
CA ILE B 381 24.74 -13.77 14.05
C ILE B 381 23.69 -14.51 13.24
N ALA B 382 23.04 -13.80 12.31
CA ALA B 382 22.11 -14.42 11.37
C ALA B 382 22.92 -15.02 10.24
N SER B 383 23.37 -16.26 10.44
CA SER B 383 24.23 -16.90 9.46
C SER B 383 23.52 -17.04 8.12
N ARG B 384 24.26 -16.77 7.05
CA ARG B 384 23.71 -16.82 5.70
C ARG B 384 23.79 -18.25 5.17
N LYS B 385 22.66 -18.77 4.72
CA LYS B 385 22.62 -20.07 4.06
C LYS B 385 22.17 -19.97 2.61
N PHE B 386 21.00 -19.38 2.37
CA PHE B 386 20.46 -19.12 1.04
C PHE B 386 20.33 -20.36 0.17
N SER B 387 20.49 -21.55 0.74
CA SER B 387 20.38 -22.80 0.01
C SER B 387 19.21 -23.65 0.47
N GLY B 388 19.12 -23.92 1.77
CA GLY B 388 18.00 -24.67 2.31
C GLY B 388 17.59 -24.11 3.66
N ASP B 389 16.41 -24.55 4.11
CA ASP B 389 15.80 -24.13 5.37
C ASP B 389 15.99 -22.63 5.61
N LEU B 390 15.45 -21.84 4.68
CA LEU B 390 15.58 -20.39 4.75
C LEU B 390 14.86 -19.79 5.95
N SER B 391 14.00 -20.56 6.62
CA SER B 391 13.37 -20.10 7.85
C SER B 391 14.36 -19.97 9.00
N ASP B 392 15.60 -20.42 8.82
CA ASP B 392 16.61 -20.28 9.86
C ASP B 392 16.87 -18.82 10.19
N ILE B 393 16.79 -17.92 9.21
CA ILE B 393 16.98 -16.50 9.48
C ILE B 393 15.90 -15.98 10.42
N SER B 394 14.63 -16.33 10.13
CA SER B 394 13.54 -15.91 10.99
C SER B 394 13.67 -16.53 12.37
N LYS B 395 14.09 -17.79 12.44
CA LYS B 395 14.30 -18.44 13.72
C LYS B 395 15.37 -17.72 14.53
N HIS B 396 16.47 -17.34 13.88
CA HIS B 396 17.53 -16.60 14.55
C HIS B 396 17.03 -15.26 15.06
N LEU B 397 16.25 -14.56 14.24
CA LEU B 397 15.75 -13.24 14.64
C LEU B 397 14.81 -13.36 15.83
N ALA B 398 13.91 -14.35 15.81
CA ALA B 398 13.01 -14.56 16.93
C ALA B 398 13.79 -14.93 18.19
N LEU B 399 14.82 -15.78 18.05
CA LEU B 399 15.64 -16.15 19.18
C LEU B 399 16.35 -14.93 19.76
N ALA B 400 16.86 -14.05 18.91
CA ALA B 400 17.53 -12.84 19.38
C ALA B 400 16.55 -11.93 20.12
N ILE B 401 15.35 -11.76 19.59
CA ILE B 401 14.36 -10.91 20.25
C ILE B 401 14.01 -11.47 21.62
N THR B 402 13.76 -12.78 21.70
CA THR B 402 13.41 -13.37 22.99
C THR B 402 14.59 -13.33 23.95
N ALA B 403 15.81 -13.45 23.43
CA ALA B 403 17.00 -13.36 24.27
C ALA B 403 17.14 -11.98 24.88
N MET B 404 16.95 -10.93 24.07
CA MET B 404 17.03 -9.58 24.63
C MET B 404 15.87 -9.31 25.58
N GLN B 405 14.75 -10.02 25.40
CA GLN B 405 13.62 -9.83 26.30
C GLN B 405 13.91 -10.30 27.73
N GLN B 406 15.01 -11.02 27.95
CA GLN B 406 15.37 -11.44 29.30
C GLN B 406 15.42 -10.28 30.26
N GLY B 407 15.94 -9.14 29.82
CA GLY B 407 15.95 -7.94 30.63
C GLY B 407 17.00 -7.94 31.72
N GLU B 408 16.86 -8.82 32.69
CA GLU B 408 17.80 -8.87 33.80
C GLU B 408 19.15 -9.40 33.35
N GLY B 409 20.18 -9.06 34.11
CA GLY B 409 21.52 -9.53 33.82
C GLY B 409 22.38 -8.40 33.29
N VAL B 410 23.56 -8.23 33.90
CA VAL B 410 24.49 -7.21 33.45
C VAL B 410 24.99 -7.53 32.04
N CYS B 411 24.97 -8.80 31.66
CA CYS B 411 25.30 -9.24 30.31
C CYS B 411 24.02 -9.63 29.59
N ARG B 412 23.81 -9.07 28.41
CA ARG B 412 22.52 -9.20 27.73
C ARG B 412 22.76 -9.25 26.23
N ILE B 413 21.67 -9.16 25.47
CA ILE B 413 21.68 -9.16 24.02
C ILE B 413 21.34 -7.76 23.53
N VAL B 414 22.17 -7.21 22.65
CA VAL B 414 21.98 -5.85 22.19
C VAL B 414 21.84 -5.72 20.68
N GLY B 415 22.35 -6.67 19.88
CA GLY B 415 22.26 -6.51 18.44
C GLY B 415 22.38 -7.84 17.74
N VAL B 416 22.09 -7.80 16.44
CA VAL B 416 22.15 -8.98 15.57
C VAL B 416 23.15 -8.69 14.45
N ASP B 417 23.71 -9.74 13.87
CA ASP B 417 24.72 -9.61 12.83
C ASP B 417 24.23 -10.25 11.54
N LEU B 418 24.29 -9.48 10.45
CA LEU B 418 23.94 -9.98 9.12
C LEU B 418 25.17 -10.46 8.36
N ALA B 419 25.92 -11.36 8.98
CA ALA B 419 27.16 -11.87 8.39
C ALA B 419 26.84 -12.94 7.36
N GLY B 420 27.86 -13.64 6.91
CA GLY B 420 27.74 -14.64 5.86
C GLY B 420 28.38 -14.17 4.57
N PHE B 421 28.10 -14.91 3.51
CA PHE B 421 28.60 -14.54 2.18
C PHE B 421 27.89 -13.25 1.74
N GLU B 422 28.64 -12.15 1.76
CA GLU B 422 28.13 -10.82 1.46
C GLU B 422 28.01 -10.55 -0.04
N ASN B 423 28.00 -11.59 -0.86
CA ASN B 423 27.91 -11.43 -2.31
C ASN B 423 26.53 -10.88 -2.70
N LYS B 424 26.35 -10.68 -4.01
CA LYS B 424 25.11 -10.12 -4.52
C LYS B 424 23.92 -11.04 -4.25
N GLU B 425 24.16 -12.34 -4.12
CA GLU B 425 23.08 -13.28 -3.89
C GLU B 425 22.37 -13.07 -2.57
N THR B 426 23.02 -12.44 -1.60
CA THR B 426 22.47 -12.23 -0.26
C THR B 426 22.63 -10.78 0.15
N ARG B 427 22.25 -9.85 -0.73
CA ARG B 427 22.33 -8.43 -0.44
C ARG B 427 21.20 -8.05 0.52
N ALA B 428 21.04 -6.75 0.76
CA ALA B 428 20.09 -6.25 1.75
C ALA B 428 18.69 -6.05 1.20
N SER B 429 18.45 -6.41 -0.06
CA SER B 429 17.15 -6.22 -0.69
C SER B 429 16.29 -7.47 -0.63
N TYR B 430 16.43 -8.28 0.42
CA TYR B 430 15.70 -9.54 0.53
C TYR B 430 14.77 -9.60 1.73
N TYR B 431 15.24 -9.22 2.92
CA TYR B 431 14.52 -9.52 4.16
C TYR B 431 14.19 -8.27 4.97
N GLU B 432 14.17 -7.09 4.35
CA GLU B 432 13.94 -5.85 5.09
C GLU B 432 12.57 -5.88 5.78
N HIS B 433 11.56 -6.42 5.11
CA HIS B 433 10.23 -6.52 5.72
C HIS B 433 10.25 -7.37 6.98
N ASP B 434 11.09 -8.42 7.01
CA ASP B 434 11.23 -9.19 8.25
C ASP B 434 12.04 -8.42 9.28
N PHE B 435 13.05 -7.66 8.84
CA PHE B 435 13.82 -6.85 9.79
C PHE B 435 13.00 -5.72 10.40
N LYS B 436 11.85 -5.39 9.79
CA LYS B 436 10.92 -4.48 10.45
C LYS B 436 10.57 -4.98 11.85
N ALA B 437 10.45 -6.30 12.01
CA ALA B 437 10.08 -6.86 13.31
C ALA B 437 11.16 -6.59 14.35
N VAL B 438 12.42 -6.91 14.02
CA VAL B 438 13.50 -6.72 14.98
C VAL B 438 13.70 -5.23 15.26
N HIS B 439 13.50 -4.37 14.25
CA HIS B 439 13.65 -2.95 14.48
C HIS B 439 12.51 -2.39 15.32
N ARG B 440 11.33 -3.02 15.27
CA ARG B 440 10.20 -2.54 16.06
C ARG B 440 10.49 -2.63 17.55
N CYS B 441 11.14 -3.72 17.99
CA CYS B 441 11.45 -3.93 19.39
C CYS B 441 12.72 -3.23 19.85
N GLY B 442 13.21 -2.25 19.08
CA GLY B 442 14.36 -1.46 19.49
C GLY B 442 15.65 -2.23 19.62
N LEU B 443 16.00 -3.05 18.63
CA LEU B 443 17.22 -3.84 18.64
C LEU B 443 18.16 -3.33 17.55
N ALA B 444 19.42 -3.18 17.90
CA ALA B 444 20.42 -2.75 16.94
C ALA B 444 20.71 -3.86 15.94
N VAL B 445 21.17 -3.46 14.76
CA VAL B 445 21.49 -4.39 13.68
C VAL B 445 22.87 -4.02 13.12
N THR B 446 23.74 -5.02 13.02
CA THR B 446 25.06 -4.86 12.42
C THR B 446 25.10 -5.63 11.11
N ALA B 447 25.48 -4.94 10.04
CA ALA B 447 25.59 -5.56 8.73
C ALA B 447 27.04 -5.91 8.44
N HIS B 448 27.26 -6.55 7.28
CA HIS B 448 28.60 -6.90 6.84
C HIS B 448 28.56 -6.99 5.32
N ALA B 449 29.04 -5.94 4.64
CA ALA B 449 29.03 -5.87 3.18
C ALA B 449 30.38 -5.37 2.68
N GLY B 450 31.45 -5.95 3.20
CA GLY B 450 32.77 -5.39 2.96
C GLY B 450 33.68 -6.12 1.98
N GLU B 451 33.32 -7.33 1.58
CA GLU B 451 34.16 -8.11 0.67
C GLU B 451 33.40 -8.38 -0.62
N ASN B 452 34.02 -8.02 -1.75
CA ASN B 452 33.45 -8.24 -3.08
C ASN B 452 32.04 -7.66 -3.18
N ASP B 453 31.93 -6.36 -2.88
CA ASP B 453 30.65 -5.68 -2.91
C ASP B 453 30.81 -4.34 -3.63
N ASP B 454 29.74 -3.95 -4.29
CA ASP B 454 29.60 -2.72 -5.06
C ASP B 454 28.93 -1.64 -4.20
N PRO B 455 29.15 -0.36 -4.53
CA PRO B 455 28.66 0.71 -3.65
C PRO B 455 27.17 0.68 -3.36
N GLU B 456 26.34 0.30 -4.34
CA GLU B 456 24.90 0.33 -4.12
C GLU B 456 24.48 -0.70 -3.07
N GLY B 457 25.25 -1.79 -2.93
CA GLY B 457 24.95 -2.77 -1.89
C GLY B 457 25.17 -2.20 -0.50
N ILE B 458 26.28 -1.50 -0.31
CA ILE B 458 26.49 -0.78 0.94
C ILE B 458 25.38 0.25 1.12
N TRP B 459 24.95 0.89 0.03
CA TRP B 459 23.99 1.97 0.12
C TRP B 459 22.65 1.49 0.67
N GLN B 460 22.07 0.44 0.06
CA GLN B 460 20.76 0.07 0.60
C GLN B 460 20.88 -0.91 1.75
N ALA B 461 22.09 -1.38 2.08
CA ALA B 461 22.30 -1.96 3.40
C ALA B 461 22.19 -0.88 4.47
N VAL B 462 22.70 0.31 4.16
CA VAL B 462 22.58 1.43 5.09
C VAL B 462 21.14 1.93 5.17
N TYR B 463 20.44 1.98 4.03
CA TYR B 463 19.18 2.70 3.99
C TYR B 463 17.94 1.81 3.95
N SER B 464 18.09 0.50 3.81
CA SER B 464 16.95 -0.41 3.95
C SER B 464 17.07 -1.29 5.18
N LEU B 465 18.22 -1.93 5.38
CA LEU B 465 18.48 -2.62 6.65
C LEU B 465 18.66 -1.64 7.80
N HIS B 466 19.09 -0.42 7.52
CA HIS B 466 19.36 0.60 8.54
C HIS B 466 20.34 0.08 9.58
N ALA B 467 21.45 -0.47 9.10
CA ALA B 467 22.50 -0.98 9.97
C ALA B 467 23.10 0.18 10.75
N ARG B 468 22.89 0.18 12.07
CA ARG B 468 23.46 1.25 12.90
C ARG B 468 24.97 1.14 12.98
N ARG B 469 25.53 -0.01 12.60
CA ARG B 469 26.97 -0.21 12.50
C ARG B 469 27.24 -0.99 11.23
N LEU B 470 28.40 -0.74 10.63
CA LEU B 470 28.76 -1.34 9.35
C LEU B 470 30.09 -2.06 9.48
N GLY B 471 30.24 -3.16 8.75
CA GLY B 471 31.43 -3.99 8.82
C GLY B 471 32.29 -3.84 7.59
N HIS B 472 33.60 -3.73 7.82
CA HIS B 472 34.62 -3.74 6.76
C HIS B 472 34.45 -2.59 5.78
N ALA B 473 34.06 -2.92 4.54
CA ALA B 473 33.89 -1.94 3.47
C ALA B 473 35.17 -1.13 3.24
N LEU B 474 36.22 -1.85 2.84
CA LEU B 474 37.52 -1.22 2.61
C LEU B 474 37.52 -0.33 1.38
N ASN B 475 36.69 -0.61 0.39
CA ASN B 475 36.68 0.09 -0.89
C ASN B 475 35.72 1.27 -0.89
N LEU B 476 35.47 1.85 0.29
CA LEU B 476 34.59 2.99 0.42
C LEU B 476 35.20 4.26 -0.16
N LEU B 477 36.51 4.25 -0.44
CA LEU B 477 37.17 5.44 -0.96
C LEU B 477 36.58 5.88 -2.30
N GLU B 478 36.29 4.92 -3.18
CA GLU B 478 35.91 5.19 -4.56
C GLU B 478 34.46 5.64 -4.70
N ALA B 479 33.73 5.79 -3.60
CA ALA B 479 32.33 6.21 -3.62
C ALA B 479 32.17 7.44 -2.74
N PRO B 480 32.51 8.63 -3.26
CA PRO B 480 32.40 9.85 -2.45
C PRO B 480 31.00 10.11 -1.93
N ASP B 481 29.97 9.75 -2.71
CA ASP B 481 28.61 9.86 -2.21
C ASP B 481 28.40 8.97 -0.99
N LEU B 482 28.95 7.75 -1.04
CA LEU B 482 28.86 6.86 0.11
C LEU B 482 29.68 7.38 1.29
N MET B 483 30.83 8.00 1.02
CA MET B 483 31.56 8.70 2.07
C MET B 483 30.68 9.74 2.76
N ARG B 484 30.03 10.60 1.98
CA ARG B 484 29.20 11.64 2.56
C ARG B 484 28.05 11.03 3.37
N THR B 485 27.45 9.97 2.84
CA THR B 485 26.34 9.32 3.56
C THR B 485 26.82 8.76 4.90
N VAL B 486 27.90 7.98 4.89
CA VAL B 486 28.34 7.32 6.12
C VAL B 486 28.81 8.35 7.13
N ILE B 487 29.49 9.41 6.68
CA ILE B 487 29.97 10.42 7.60
C ILE B 487 28.82 11.21 8.19
N GLU B 488 27.86 11.62 7.35
CA GLU B 488 26.75 12.42 7.84
C GLU B 488 25.86 11.63 8.79
N ARG B 489 25.63 10.35 8.49
CA ARG B 489 24.79 9.53 9.36
C ARG B 489 25.54 8.98 10.57
N LYS B 490 26.85 9.21 10.65
CA LYS B 490 27.67 8.84 11.82
C LYS B 490 27.64 7.34 12.10
N ILE B 491 27.51 6.53 11.06
CA ILE B 491 27.56 5.08 11.23
C ILE B 491 29.01 4.61 11.15
N GLY B 492 29.40 3.77 12.10
CA GLY B 492 30.77 3.32 12.21
C GLY B 492 31.15 2.26 11.20
N VAL B 493 32.42 1.87 11.27
CA VAL B 493 32.99 0.87 10.36
C VAL B 493 33.76 -0.15 11.19
N GLU B 494 33.47 -1.43 10.97
CA GLU B 494 34.16 -2.52 11.66
C GLU B 494 35.31 -3.04 10.80
N MET B 495 36.29 -2.17 10.58
CA MET B 495 37.45 -2.53 9.77
C MET B 495 38.39 -3.35 10.64
N CYS B 496 38.84 -4.49 10.12
CA CYS B 496 39.72 -5.39 10.86
C CYS B 496 41.11 -5.37 10.25
N PRO B 497 42.13 -4.84 10.94
CA PRO B 497 43.46 -4.72 10.32
C PRO B 497 44.08 -6.06 9.91
N TYR B 498 44.20 -7.00 10.84
CA TYR B 498 44.84 -8.27 10.50
C TYR B 498 44.04 -9.07 9.48
N ALA B 499 42.71 -8.99 9.52
CA ALA B 499 41.89 -9.77 8.61
C ALA B 499 42.18 -9.42 7.15
N ASN B 500 42.28 -8.12 6.86
CA ASN B 500 42.65 -7.70 5.52
C ASN B 500 44.13 -7.94 5.24
N TYR B 501 44.97 -7.90 6.28
CA TYR B 501 46.39 -8.18 6.10
C TYR B 501 46.61 -9.61 5.62
N GLN B 502 45.87 -10.56 6.20
CA GLN B 502 45.99 -11.95 5.81
C GLN B 502 45.21 -12.23 4.53
N LEU B 515 47.70 0.38 -0.27
CA LEU B 515 47.76 1.34 0.82
C LEU B 515 46.49 1.20 1.66
N TYR B 516 46.67 1.03 2.97
CA TYR B 516 45.53 0.81 3.85
C TYR B 516 44.72 2.10 3.98
N PRO B 517 43.41 2.06 3.71
CA PRO B 517 42.62 3.29 3.72
C PRO B 517 42.29 3.77 5.13
N LEU B 518 42.88 3.15 6.15
CA LEU B 518 42.57 3.51 7.53
C LEU B 518 42.86 4.98 7.79
N LYS B 519 44.07 5.44 7.42
CA LYS B 519 44.44 6.82 7.69
C LYS B 519 43.51 7.79 6.99
N LYS B 520 43.22 7.54 5.71
CA LYS B 520 42.28 8.39 4.99
C LYS B 520 40.90 8.33 5.60
N TYR B 521 40.51 7.16 6.13
CA TYR B 521 39.22 7.05 6.80
C TYR B 521 39.17 7.97 8.03
N LEU B 522 40.26 8.01 8.80
CA LEU B 522 40.31 8.95 9.92
C LEU B 522 40.27 10.39 9.45
N GLU B 523 40.99 10.70 8.37
CA GLU B 523 40.99 12.08 7.86
C GLU B 523 39.59 12.51 7.44
N ALA B 524 38.85 11.64 6.77
CA ALA B 524 37.50 11.97 6.35
C ALA B 524 36.59 12.21 7.55
N GLY B 525 36.70 11.38 8.58
CA GLY B 525 35.90 11.55 9.78
C GLY B 525 35.01 10.37 10.07
N ILE B 526 35.23 9.26 9.37
CA ILE B 526 34.45 8.05 9.62
C ILE B 526 34.80 7.50 10.99
N LEU B 527 33.77 7.10 11.74
CA LEU B 527 33.96 6.56 13.09
C LEU B 527 34.49 5.14 12.96
N VAL B 528 35.77 5.04 12.64
CA VAL B 528 36.41 3.75 12.39
C VAL B 528 36.79 3.10 13.72
N SER B 529 36.48 1.82 13.85
CA SER B 529 36.80 1.05 15.04
C SER B 529 37.70 -0.11 14.65
N VAL B 530 38.83 -0.25 15.34
CA VAL B 530 39.75 -1.35 15.08
C VAL B 530 39.22 -2.60 15.80
N ASN B 531 39.11 -3.69 15.06
CA ASN B 531 38.54 -4.93 15.59
C ASN B 531 39.40 -6.11 15.19
N THR B 532 39.33 -7.16 16.01
CA THR B 532 40.22 -8.30 15.89
C THR B 532 39.63 -9.46 15.10
N ASP B 533 38.32 -9.44 14.82
CA ASP B 533 37.64 -10.55 14.17
C ASP B 533 37.84 -11.85 14.96
N ASN B 534 38.80 -12.66 14.54
CA ASN B 534 39.10 -13.93 15.21
C ASN B 534 40.57 -13.93 15.62
N ILE B 535 40.82 -13.85 16.93
CA ILE B 535 42.20 -13.85 17.40
C ILE B 535 42.83 -15.24 17.23
N GLY B 536 42.02 -16.29 17.39
CA GLY B 536 42.57 -17.64 17.23
C GLY B 536 42.96 -17.96 15.81
N ILE B 537 42.12 -17.61 14.85
CA ILE B 537 42.42 -17.88 13.45
C ILE B 537 43.55 -16.98 12.96
N SER B 538 43.51 -15.69 13.33
CA SER B 538 44.55 -14.77 12.90
C SER B 538 45.84 -14.98 13.67
N GLY B 539 45.76 -15.47 14.90
CA GLY B 539 46.94 -15.65 15.72
C GLY B 539 47.42 -14.41 16.42
N ALA B 540 46.72 -13.29 16.28
CA ALA B 540 47.11 -12.03 16.91
C ALA B 540 45.91 -11.43 17.62
N ASN B 541 46.16 -10.78 18.75
CA ASN B 541 45.11 -10.18 19.56
C ASN B 541 44.83 -8.76 19.07
N LEU B 542 44.03 -8.01 19.86
CA LEU B 542 43.75 -6.63 19.50
C LEU B 542 44.99 -5.75 19.61
N SER B 543 45.86 -6.02 20.60
CA SER B 543 47.04 -5.20 20.78
C SER B 543 47.92 -5.24 19.53
N GLU B 544 48.10 -6.42 18.95
CA GLU B 544 48.80 -6.52 17.67
C GLU B 544 48.00 -5.83 16.56
N ASN B 545 46.66 -5.81 16.68
CA ASN B 545 45.84 -5.14 15.67
C ASN B 545 46.16 -3.65 15.61
N LEU B 546 46.27 -2.99 16.77
CA LEU B 546 46.73 -1.59 16.72
C LEU B 546 48.22 -1.48 16.45
N LEU B 547 49.00 -2.50 16.80
CA LEU B 547 50.45 -2.42 16.60
C LEU B 547 50.79 -2.36 15.11
N ILE B 548 50.13 -3.18 14.30
CA ILE B 548 50.51 -3.30 12.89
C ILE B 548 50.20 -2.04 12.09
N LEU B 549 49.43 -1.11 12.65
CA LEU B 549 49.16 0.13 11.92
C LEU B 549 50.39 1.02 11.80
N ALA B 550 51.46 0.74 12.55
CA ALA B 550 52.66 1.55 12.46
C ALA B 550 53.27 1.47 11.07
N ASP B 551 53.35 0.25 10.50
CA ASP B 551 53.84 0.09 9.15
C ASP B 551 52.73 -0.13 8.12
N LEU B 552 51.52 -0.48 8.57
CA LEU B 552 50.40 -0.59 7.64
C LEU B 552 49.97 0.78 7.14
N CYS B 553 49.94 1.77 8.04
CA CYS B 553 49.59 3.15 7.72
C CYS B 553 50.70 4.06 8.23
N PRO B 554 51.72 4.34 7.42
CA PRO B 554 52.80 5.21 7.88
C PRO B 554 52.30 6.61 8.20
N GLY B 555 52.95 7.24 9.17
CA GLY B 555 52.55 8.55 9.64
C GLY B 555 51.45 8.55 10.66
N ILE B 556 51.08 7.39 11.20
CA ILE B 556 50.03 7.30 12.20
C ILE B 556 50.60 7.65 13.57
N SER B 557 49.81 8.33 14.38
CA SER B 557 50.24 8.80 15.69
C SER B 557 49.33 8.25 16.78
N ARG B 558 49.77 8.43 18.03
CA ARG B 558 49.05 7.89 19.18
C ARG B 558 47.72 8.62 19.40
N MET B 559 47.66 9.91 19.07
CA MET B 559 46.41 10.64 19.16
C MET B 559 45.33 9.99 18.29
N ASP B 560 45.71 9.51 17.11
CA ASP B 560 44.77 8.80 16.27
C ASP B 560 44.32 7.48 16.92
N VAL B 561 45.21 6.81 17.65
CA VAL B 561 44.81 5.60 18.37
C VAL B 561 43.77 5.94 19.44
N LEU B 562 43.99 7.04 20.17
CA LEU B 562 43.01 7.46 21.17
C LEU B 562 41.68 7.79 20.52
N THR B 563 41.71 8.48 19.37
CA THR B 563 40.47 8.77 18.67
C THR B 563 39.79 7.50 18.16
N ILE B 564 40.58 6.50 17.77
CA ILE B 564 40.01 5.21 17.36
C ILE B 564 39.29 4.56 18.53
N ILE B 565 39.90 4.58 19.72
CA ILE B 565 39.25 4.02 20.90
C ILE B 565 37.97 4.79 21.21
N ARG B 566 38.01 6.11 21.09
CA ARG B 566 36.83 6.92 21.35
C ARG B 566 35.72 6.60 20.36
N ASN B 567 36.05 6.44 19.08
CA ASN B 567 35.07 6.06 18.08
C ASN B 567 34.46 4.70 18.41
N SER B 568 35.31 3.76 18.83
CA SER B 568 34.82 2.44 19.22
C SER B 568 33.83 2.54 20.38
N ILE B 569 34.16 3.37 21.38
CA ILE B 569 33.30 3.41 22.56
C ILE B 569 31.98 4.12 22.26
N GLU B 570 31.96 5.12 21.38
CA GLU B 570 30.64 5.63 21.00
C GLU B 570 29.90 4.69 20.06
N THR B 571 30.60 3.84 19.31
CA THR B 571 29.96 3.04 18.28
C THR B 571 29.27 1.80 18.83
N ALA B 572 29.58 1.39 20.06
CA ALA B 572 28.99 0.18 20.63
C ALA B 572 27.50 0.40 20.94
N PHE B 573 26.73 -0.67 20.80
CA PHE B 573 25.30 -0.63 21.10
C PHE B 573 25.11 -0.78 22.60
N ILE B 574 25.08 0.35 23.29
CA ILE B 574 24.94 0.38 24.74
C ILE B 574 23.97 1.50 25.13
N SER B 575 23.40 1.37 26.32
CA SER B 575 22.52 2.40 26.83
C SER B 575 23.32 3.67 27.12
N HIS B 576 22.61 4.79 27.17
CA HIS B 576 23.27 6.08 27.39
C HIS B 576 23.99 6.10 28.74
N ASP B 577 23.33 5.59 29.79
CA ASP B 577 23.96 5.56 31.10
C ASP B 577 25.20 4.68 31.11
N PHE B 578 25.08 3.46 30.59
CA PHE B 578 26.25 2.57 30.56
C PHE B 578 27.34 3.14 29.66
N ARG B 579 26.95 3.78 28.55
CA ARG B 579 27.93 4.41 27.68
C ARG B 579 28.72 5.49 28.42
N MET B 580 28.03 6.32 29.19
CA MET B 580 28.71 7.43 29.85
C MET B 580 29.55 6.94 31.03
N GLU B 581 29.09 5.88 31.71
CA GLU B 581 29.93 5.26 32.74
C GLU B 581 31.20 4.67 32.12
N LEU B 582 31.06 4.00 30.98
CA LEU B 582 32.23 3.46 30.29
C LEU B 582 33.17 4.58 29.87
N LEU B 583 32.61 5.70 29.41
CA LEU B 583 33.44 6.85 29.06
C LEU B 583 34.19 7.37 30.27
N LYS B 584 33.52 7.47 31.42
CA LYS B 584 34.19 7.94 32.63
C LYS B 584 35.35 7.03 33.00
N PHE B 585 35.09 5.73 33.06
CA PHE B 585 36.14 4.79 33.44
C PHE B 585 37.28 4.81 32.43
N PHE B 586 36.95 4.86 31.14
CA PHE B 586 37.98 4.90 30.11
C PHE B 586 38.84 6.15 30.22
N ASP B 587 38.22 7.31 30.46
CA ASP B 587 38.97 8.55 30.61
C ASP B 587 39.91 8.47 31.80
N ARG B 588 39.39 8.00 32.94
CA ARG B 588 40.23 7.79 34.11
C ARG B 588 41.44 6.93 33.77
N LYS B 589 41.19 5.79 33.11
CA LYS B 589 42.28 4.85 32.86
C LYS B 589 43.29 5.41 31.88
N ILE B 590 42.83 6.11 30.82
CA ILE B 590 43.79 6.62 29.85
C ILE B 590 44.64 7.70 30.49
N TYR B 591 44.03 8.58 31.30
CA TYR B 591 44.80 9.61 31.98
C TYR B 591 45.86 8.97 32.87
N ASP B 592 45.47 7.97 33.66
CA ASP B 592 46.45 7.33 34.55
C ASP B 592 47.57 6.65 33.75
N VAL B 593 47.22 5.96 32.66
CA VAL B 593 48.25 5.20 31.95
C VAL B 593 49.21 6.13 31.24
N CYS B 594 48.73 7.23 30.65
CA CYS B 594 49.65 8.15 30.00
C CYS B 594 50.53 8.85 31.03
N LEU B 595 49.96 9.19 32.19
CA LEU B 595 50.78 9.77 33.25
C LEU B 595 51.89 8.81 33.68
N ILE B 596 51.55 7.53 33.82
CA ILE B 596 52.57 6.55 34.21
C ILE B 596 53.62 6.41 33.11
N SER B 597 53.19 6.33 31.86
CA SER B 597 54.10 6.01 30.76
C SER B 597 55.02 7.17 30.40
N ILE B 598 54.56 8.42 30.55
CA ILE B 598 55.37 9.55 30.11
C ILE B 598 56.65 9.66 30.95
N LYS B 599 56.57 9.34 32.24
CA LYS B 599 57.76 9.40 33.08
C LYS B 599 58.74 8.30 32.74
N ASN B 600 58.26 7.11 32.42
CA ASN B 600 59.12 5.99 32.09
C ASN B 600 59.04 5.64 30.60
N ARG C 3 -35.15 27.40 -70.55
CA ARG C 3 -34.39 28.21 -69.60
C ARG C 3 -35.01 29.59 -69.44
N VAL C 4 -34.62 30.28 -68.37
CA VAL C 4 -35.13 31.60 -68.05
C VAL C 4 -33.95 32.57 -67.98
N LEU C 5 -34.07 33.69 -68.70
CA LEU C 5 -33.05 34.73 -68.68
C LEU C 5 -33.62 35.99 -68.06
N LEU C 6 -32.77 36.75 -67.38
CA LEU C 6 -33.13 37.99 -66.74
C LEU C 6 -32.20 39.10 -67.20
N CYS C 7 -32.73 40.32 -67.28
CA CYS C 7 -31.92 41.43 -67.77
C CYS C 7 -32.42 42.73 -67.16
N SER C 8 -31.54 43.73 -67.16
CA SER C 8 -31.87 45.08 -66.73
C SER C 8 -31.06 46.06 -67.58
N ALA C 9 -31.73 47.11 -68.06
CA ALA C 9 -31.09 48.05 -68.96
C ALA C 9 -31.59 49.46 -68.68
N GLY C 10 -30.81 50.43 -69.14
CA GLY C 10 -31.16 51.83 -68.99
C GLY C 10 -31.50 52.51 -70.29
N HIS C 11 -30.54 53.27 -70.83
CA HIS C 11 -30.78 53.99 -72.08
C HIS C 11 -31.02 53.02 -73.24
N SER C 12 -30.26 51.94 -73.30
CA SER C 12 -30.47 50.94 -74.34
C SER C 12 -31.84 50.29 -74.18
N SER C 13 -32.51 50.05 -75.31
CA SER C 13 -33.89 49.58 -75.31
C SER C 13 -34.01 48.09 -75.63
N MET C 14 -33.20 47.57 -76.54
CA MET C 14 -33.34 46.19 -77.00
C MET C 14 -32.02 45.45 -76.92
N VAL C 15 -31.35 45.55 -75.77
CA VAL C 15 -30.23 44.66 -75.48
C VAL C 15 -30.70 43.23 -75.28
N VAL C 16 -31.94 43.06 -74.81
CA VAL C 16 -32.48 41.72 -74.59
C VAL C 16 -32.50 40.88 -75.88
N PRO C 17 -32.93 41.41 -77.03
CA PRO C 17 -32.76 40.63 -78.27
C PRO C 17 -31.32 40.27 -78.57
N GLU C 18 -30.37 41.16 -78.28
CA GLU C 18 -28.96 40.85 -78.52
C GLU C 18 -28.51 39.69 -77.63
N ALA C 19 -28.94 39.67 -76.38
CA ALA C 19 -28.63 38.55 -75.50
C ALA C 19 -29.42 37.30 -75.84
N PHE C 20 -30.54 37.45 -76.56
CA PHE C 20 -31.36 36.30 -76.93
C PHE C 20 -30.67 35.40 -77.93
N HIS C 21 -29.57 35.83 -78.53
CA HIS C 21 -28.78 35.01 -79.43
C HIS C 21 -27.51 34.49 -78.77
N ALA C 22 -27.39 34.61 -77.44
CA ALA C 22 -26.19 34.16 -76.76
C ALA C 22 -25.98 32.65 -76.94
N VAL C 23 -27.05 31.87 -76.81
CA VAL C 23 -27.01 30.43 -77.05
C VAL C 23 -27.46 30.20 -78.49
N PRO C 24 -26.64 29.54 -79.33
CA PRO C 24 -27.06 29.31 -80.72
C PRO C 24 -28.34 28.52 -80.84
N GLU C 25 -28.61 27.60 -79.91
CA GLU C 25 -29.87 26.89 -79.90
C GLU C 25 -31.05 27.82 -79.63
N GLY C 26 -30.87 28.78 -78.73
CA GLY C 26 -31.89 29.76 -78.42
C GLY C 26 -32.15 29.84 -76.93
N PHE C 27 -33.21 30.58 -76.59
CA PHE C 27 -33.67 30.71 -75.22
C PHE C 27 -35.18 30.53 -75.16
N GLU C 28 -35.68 30.21 -73.97
CA GLU C 28 -37.06 29.79 -73.79
C GLU C 28 -37.91 30.83 -73.07
N GLU C 29 -37.42 31.40 -71.97
CA GLU C 29 -38.21 32.34 -71.17
C GLU C 29 -37.46 33.65 -71.02
N VAL C 30 -38.21 34.76 -71.08
CA VAL C 30 -37.66 36.10 -70.96
C VAL C 30 -38.43 36.84 -69.87
N HIS C 31 -37.70 37.40 -68.90
CA HIS C 31 -38.28 38.20 -67.83
C HIS C 31 -37.34 39.35 -67.54
N VAL C 32 -37.80 40.58 -67.78
CA VAL C 32 -36.98 41.77 -67.68
C VAL C 32 -37.48 42.63 -66.53
N PHE C 33 -36.56 43.08 -65.68
CA PHE C 33 -36.87 43.99 -64.59
C PHE C 33 -35.98 45.23 -64.71
N THR C 34 -36.60 46.41 -64.62
CA THR C 34 -35.86 47.65 -64.76
C THR C 34 -36.61 48.75 -64.01
N THR C 35 -36.00 49.93 -63.97
CA THR C 35 -36.59 51.07 -63.28
C THR C 35 -37.75 51.64 -64.07
N ASP C 36 -38.44 52.60 -63.47
CA ASP C 36 -39.59 53.25 -64.07
C ASP C 36 -39.20 54.35 -65.06
N SER C 37 -37.94 54.40 -65.48
CA SER C 37 -37.51 55.42 -66.42
C SER C 37 -38.16 55.21 -67.79
N GLU C 38 -38.44 56.32 -68.47
CA GLU C 38 -39.10 56.26 -69.76
C GLU C 38 -38.15 56.00 -70.92
N LYS C 39 -36.83 56.03 -70.68
CA LYS C 39 -35.88 55.79 -71.77
C LYS C 39 -35.90 54.34 -72.24
N PHE C 40 -36.46 53.43 -71.46
CA PHE C 40 -36.63 52.06 -71.90
C PHE C 40 -37.93 51.92 -72.68
N ASN C 41 -37.87 51.24 -73.83
CA ASN C 41 -39.03 51.10 -74.68
C ASN C 41 -39.61 49.70 -74.55
N PRO C 42 -40.78 49.53 -73.93
CA PRO C 42 -41.36 48.18 -73.83
C PRO C 42 -42.05 47.71 -75.09
N VAL C 43 -42.50 48.64 -75.95
CA VAL C 43 -43.24 48.24 -77.14
C VAL C 43 -42.33 47.48 -78.11
N VAL C 44 -41.09 47.93 -78.26
CA VAL C 44 -40.15 47.27 -79.18
C VAL C 44 -39.87 45.84 -78.72
N LEU C 45 -39.63 45.66 -77.42
CA LEU C 45 -39.44 44.31 -76.90
C LEU C 45 -40.70 43.48 -77.08
N ASN C 46 -41.87 44.11 -76.94
CA ASN C 46 -43.13 43.40 -77.13
C ASN C 46 -43.26 42.87 -78.56
N ASP C 47 -42.99 43.72 -79.56
CA ASP C 47 -43.15 43.25 -80.93
C ASP C 47 -42.06 42.25 -81.29
N PHE C 48 -40.86 42.41 -80.73
CA PHE C 48 -39.80 41.44 -80.97
C PHE C 48 -40.16 40.07 -80.43
N PHE C 49 -40.72 40.01 -79.22
CA PHE C 49 -41.05 38.73 -78.62
C PHE C 49 -42.43 38.21 -79.02
N HIS C 50 -43.26 39.02 -79.69
CA HIS C 50 -44.51 38.53 -80.22
C HIS C 50 -44.31 37.66 -81.44
N SER C 51 -43.21 37.86 -82.19
CA SER C 51 -42.91 37.00 -83.32
C SER C 51 -42.52 35.59 -82.88
N LEU C 52 -42.24 35.38 -81.59
CA LEU C 52 -41.88 34.09 -81.04
C LEU C 52 -42.85 33.76 -79.92
N PRO C 53 -44.05 33.27 -80.25
CA PRO C 53 -45.03 32.95 -79.21
C PRO C 53 -44.54 31.87 -78.24
N ASN C 54 -43.70 30.95 -78.70
CA ASN C 54 -43.19 29.89 -77.84
C ASN C 54 -42.28 30.40 -76.74
N VAL C 55 -41.82 31.65 -76.83
CA VAL C 55 -40.95 32.25 -75.83
C VAL C 55 -41.78 33.13 -74.92
N ARG C 56 -41.81 32.80 -73.63
CA ARG C 56 -42.57 33.58 -72.67
C ARG C 56 -41.91 34.93 -72.44
N PHE C 57 -42.71 36.00 -72.45
CA PHE C 57 -42.22 37.36 -72.27
C PHE C 57 -43.04 38.04 -71.20
N SER C 58 -42.46 38.17 -70.00
CA SER C 58 -43.09 38.86 -68.88
C SER C 58 -42.32 40.13 -68.58
N ILE C 59 -43.06 41.22 -68.34
CA ILE C 59 -42.47 42.54 -68.15
C ILE C 59 -42.84 43.04 -66.76
N THR C 60 -41.84 43.44 -65.98
CA THR C 60 -42.04 44.06 -64.69
C THR C 60 -41.13 45.28 -64.58
N LYS C 61 -41.62 46.29 -63.86
CA LYS C 61 -40.90 47.56 -63.71
C LYS C 61 -40.88 47.97 -62.25
N CYS C 62 -39.88 48.76 -61.88
CA CYS C 62 -39.77 49.30 -60.53
C CYS C 62 -40.75 50.45 -60.40
N HIS C 63 -41.94 50.16 -59.88
CA HIS C 63 -42.97 51.17 -59.74
C HIS C 63 -42.56 52.22 -58.72
N GLY C 64 -42.76 53.49 -59.08
CA GLY C 64 -42.47 54.59 -58.18
C GLY C 64 -41.02 55.00 -58.11
N LEU C 65 -40.14 54.45 -58.95
CA LEU C 65 -38.72 54.79 -58.93
C LEU C 65 -38.24 54.89 -60.37
N ALA C 66 -38.17 56.12 -60.89
CA ALA C 66 -37.68 56.33 -62.25
C ALA C 66 -36.21 55.97 -62.38
N ASP C 67 -35.39 56.40 -61.41
CA ASP C 67 -33.97 56.11 -61.43
C ASP C 67 -33.43 56.21 -60.01
N ILE C 68 -32.27 55.58 -59.79
CA ILE C 68 -31.62 55.62 -58.48
C ILE C 68 -30.95 56.97 -58.31
N LEU C 69 -31.27 57.67 -57.22
CA LEU C 69 -30.76 59.01 -56.98
C LEU C 69 -30.09 59.19 -55.62
N ASN C 70 -30.48 58.44 -54.60
CA ASN C 70 -29.89 58.58 -53.27
C ASN C 70 -29.86 57.22 -52.60
N GLU C 71 -29.49 57.21 -51.32
CA GLU C 71 -29.39 55.95 -50.58
C GLU C 71 -30.73 55.25 -50.47
N ARG C 72 -31.80 56.00 -50.19
CA ARG C 72 -33.11 55.40 -50.02
C ARG C 72 -33.61 54.76 -51.31
N ASP C 73 -33.45 55.46 -52.43
CA ASP C 73 -33.86 54.91 -53.71
C ASP C 73 -33.05 53.66 -54.03
N PHE C 74 -31.75 53.69 -53.78
CA PHE C 74 -30.90 52.53 -54.07
C PHE C 74 -31.32 51.32 -53.24
N GLU C 75 -31.54 51.51 -51.95
CA GLU C 75 -31.88 50.37 -51.10
C GLU C 75 -33.28 49.86 -51.43
N PHE C 76 -34.22 50.75 -51.75
CA PHE C 76 -35.55 50.31 -52.18
C PHE C 76 -35.46 49.46 -53.45
N TYR C 77 -34.73 49.96 -54.45
CA TYR C 77 -34.57 49.20 -55.68
C TYR C 77 -33.88 47.87 -55.41
N GLN C 78 -32.90 47.87 -54.51
CA GLN C 78 -32.18 46.65 -54.18
C GLN C 78 -33.10 45.61 -53.57
N GLU C 79 -33.95 46.02 -52.63
CA GLU C 79 -34.82 45.04 -51.99
C GLU C 79 -35.91 44.55 -52.96
N MET C 80 -36.45 45.44 -53.81
CA MET C 80 -37.41 44.96 -54.80
C MET C 80 -36.77 44.01 -55.82
N LEU C 81 -35.57 44.32 -56.32
CA LEU C 81 -34.97 43.42 -57.29
C LEU C 81 -34.56 42.10 -56.64
N TRP C 82 -34.17 42.14 -55.37
CA TRP C 82 -33.98 40.90 -54.62
C TRP C 82 -35.27 40.08 -54.60
N GLN C 83 -36.39 40.71 -54.22
CA GLN C 83 -37.64 39.96 -54.11
C GLN C 83 -38.04 39.38 -55.46
N TRP C 84 -37.90 40.17 -56.52
CA TRP C 84 -38.23 39.69 -57.87
C TRP C 84 -37.30 38.55 -58.28
N TYR C 85 -36.04 38.62 -57.86
CA TYR C 85 -35.08 37.58 -58.24
C TYR C 85 -35.40 36.27 -57.53
N LEU C 86 -35.67 36.31 -56.22
CA LEU C 86 -36.16 35.12 -55.54
C LEU C 86 -37.47 34.60 -56.13
N THR C 87 -38.37 35.48 -56.56
CA THR C 87 -39.64 35.02 -57.10
C THR C 87 -39.49 34.34 -58.45
N LYS C 88 -38.61 34.85 -59.30
CA LYS C 88 -38.67 34.54 -60.72
C LYS C 88 -37.73 33.42 -61.18
N MET C 89 -36.77 32.99 -60.37
CA MET C 89 -35.84 31.99 -60.88
C MET C 89 -36.53 30.63 -61.02
N PRO C 90 -36.01 29.76 -61.89
CA PRO C 90 -36.56 28.41 -61.96
C PRO C 90 -36.33 27.65 -60.65
N ASP C 91 -37.24 26.71 -60.38
CA ASP C 91 -37.21 26.00 -59.11
C ASP C 91 -35.93 25.17 -58.96
N ASN C 92 -35.52 24.48 -60.02
CA ASN C 92 -34.36 23.60 -59.94
C ASN C 92 -33.18 24.07 -60.78
N GLU C 93 -33.36 25.04 -61.66
CA GLU C 93 -32.28 25.54 -62.52
C GLU C 93 -31.93 26.97 -62.14
N LEU C 94 -30.63 27.28 -62.20
CA LEU C 94 -30.21 28.66 -61.99
C LEU C 94 -30.60 29.51 -63.19
N PRO C 95 -31.18 30.68 -62.97
CA PRO C 95 -31.63 31.51 -64.10
C PRO C 95 -30.45 32.09 -64.86
N TYR C 96 -30.69 32.38 -66.14
CA TYR C 96 -29.75 33.14 -66.94
C TYR C 96 -29.91 34.63 -66.65
N VAL C 97 -28.83 35.37 -66.81
CA VAL C 97 -28.84 36.80 -66.53
C VAL C 97 -27.75 37.48 -67.35
N CYS C 98 -28.02 38.72 -67.75
CA CYS C 98 -27.07 39.53 -68.51
C CYS C 98 -27.02 40.93 -67.92
N LEU C 99 -25.91 41.62 -68.18
CA LEU C 99 -25.67 42.93 -67.58
C LEU C 99 -25.16 43.93 -68.61
N SER C 100 -25.49 43.72 -69.88
CA SER C 100 -25.00 44.61 -70.93
C SER C 100 -25.66 45.98 -70.91
N GLY C 101 -26.72 46.15 -70.10
CA GLY C 101 -27.40 47.43 -70.01
C GLY C 101 -27.55 47.88 -68.57
N GLY C 102 -27.93 49.13 -68.42
CA GLY C 102 -28.16 49.72 -67.11
C GLY C 102 -26.94 50.47 -66.61
N ILE C 103 -27.19 51.50 -65.79
CA ILE C 103 -26.12 52.30 -65.21
C ILE C 103 -25.58 51.56 -63.99
N LYS C 104 -24.47 52.08 -63.43
CA LYS C 104 -23.66 51.33 -62.46
C LYS C 104 -24.49 50.75 -61.33
N SER C 105 -25.49 51.50 -60.84
CA SER C 105 -26.18 51.11 -59.60
C SER C 105 -26.92 49.78 -59.76
N MET C 106 -27.90 49.74 -60.66
CA MET C 106 -28.70 48.53 -60.82
C MET C 106 -27.86 47.37 -61.35
N SER C 107 -26.91 47.66 -62.24
CA SER C 107 -26.05 46.61 -62.76
C SER C 107 -25.25 45.96 -61.64
N ALA C 108 -24.66 46.77 -60.77
CA ALA C 108 -23.92 46.23 -59.63
C ALA C 108 -24.84 45.49 -58.67
N SER C 109 -26.03 46.02 -58.42
CA SER C 109 -26.96 45.33 -57.51
C SER C 109 -27.33 43.96 -58.05
N LEU C 110 -27.66 43.89 -59.35
CA LEU C 110 -28.02 42.63 -59.96
C LEU C 110 -26.84 41.66 -59.98
N GLN C 111 -25.63 42.18 -60.23
CA GLN C 111 -24.45 41.32 -60.20
C GLN C 111 -24.23 40.72 -58.82
N LYS C 112 -24.38 41.55 -57.77
CA LYS C 112 -24.18 41.04 -56.42
C LYS C 112 -25.26 40.03 -56.04
N ALA C 113 -26.52 40.30 -56.42
CA ALA C 113 -27.58 39.34 -56.16
C ALA C 113 -27.32 38.02 -56.88
N ALA C 114 -26.86 38.10 -58.13
CA ALA C 114 -26.58 36.89 -58.90
C ALA C 114 -25.43 36.09 -58.29
N THR C 115 -24.34 36.77 -57.90
CA THR C 115 -23.24 36.04 -57.31
C THR C 115 -23.55 35.55 -55.90
N LEU C 116 -24.59 36.09 -55.26
CA LEU C 116 -24.93 35.64 -53.92
C LEU C 116 -25.88 34.44 -53.98
N PHE C 117 -26.94 34.53 -54.78
CA PHE C 117 -27.82 33.39 -55.00
C PHE C 117 -27.23 32.41 -56.02
N GLY C 118 -27.06 32.85 -57.26
CA GLY C 118 -26.53 32.01 -58.31
C GLY C 118 -27.26 32.20 -59.61
N ALA C 119 -26.56 31.92 -60.71
CA ALA C 119 -27.12 32.07 -62.05
C ALA C 119 -26.45 31.06 -62.97
N GLN C 120 -27.18 30.62 -64.00
CA GLN C 120 -26.60 29.67 -64.94
C GLN C 120 -25.41 30.26 -65.65
N SER C 121 -25.54 31.50 -66.13
CA SER C 121 -24.43 32.18 -66.80
C SER C 121 -24.74 33.67 -66.85
N VAL C 122 -23.86 34.48 -66.27
CA VAL C 122 -23.90 35.93 -66.42
C VAL C 122 -22.85 36.31 -67.46
N PHE C 123 -23.16 37.33 -68.27
CA PHE C 123 -22.31 37.66 -69.39
C PHE C 123 -22.60 39.09 -69.85
N HIS C 124 -21.85 39.52 -70.86
CA HIS C 124 -21.99 40.85 -71.43
C HIS C 124 -22.06 40.73 -72.94
N VAL C 125 -22.85 41.63 -73.56
CA VAL C 125 -22.98 41.69 -75.01
C VAL C 125 -22.70 43.13 -75.43
N LEU C 126 -21.68 43.32 -76.26
CA LEU C 126 -21.33 44.63 -76.78
C LEU C 126 -21.14 44.53 -78.29
N ALA C 127 -21.53 45.58 -79.00
CA ALA C 127 -21.41 45.64 -80.44
C ALA C 127 -20.52 46.81 -80.83
N ASP C 128 -19.72 46.61 -81.87
CA ASP C 128 -18.78 47.64 -82.30
C ASP C 128 -19.50 48.87 -82.82
N ASN C 129 -20.60 48.68 -83.54
CA ASN C 129 -21.31 49.76 -84.20
C ASN C 129 -22.47 50.30 -83.38
N ASN C 130 -22.67 49.81 -82.15
CA ASN C 130 -23.76 50.17 -81.24
C ASN C 130 -25.07 50.37 -81.98
N PRO C 131 -25.66 49.31 -82.50
CA PRO C 131 -26.83 49.46 -83.37
C PRO C 131 -28.02 50.08 -82.66
N ARG C 132 -28.84 50.80 -83.41
CA ARG C 132 -30.05 51.41 -82.89
C ARG C 132 -31.30 50.67 -83.32
N ASN C 133 -31.29 50.07 -84.51
CA ASN C 133 -32.45 49.39 -85.06
C ASN C 133 -32.10 47.93 -85.34
N ILE C 134 -33.13 47.09 -85.42
CA ILE C 134 -32.92 45.66 -85.57
C ILE C 134 -32.25 45.35 -86.92
N GLU C 135 -32.59 46.12 -87.96
CA GLU C 135 -31.93 45.95 -89.24
C GLU C 135 -30.44 46.28 -89.18
N GLU C 136 -29.97 46.85 -88.07
CA GLU C 136 -28.54 47.07 -87.87
C GLU C 136 -27.89 45.95 -87.06
N MET C 137 -28.50 45.50 -85.96
CA MET C 137 -27.86 44.45 -85.19
C MET C 137 -27.93 43.11 -85.90
N PHE C 138 -28.84 42.97 -86.88
CA PHE C 138 -28.82 41.76 -87.71
C PHE C 138 -27.47 41.59 -88.41
N ASP C 139 -27.01 42.63 -89.12
CA ASP C 139 -25.70 42.53 -89.75
C ASP C 139 -24.57 42.70 -88.73
N ALA C 140 -24.84 43.31 -87.58
CA ALA C 140 -23.82 43.36 -86.53
C ALA C 140 -23.46 41.96 -86.05
N LEU C 141 -24.46 41.10 -85.85
CA LEU C 141 -24.18 39.72 -85.50
C LEU C 141 -23.73 38.91 -86.71
N GLN C 142 -24.25 39.23 -87.90
CA GLN C 142 -23.82 38.52 -89.11
C GLN C 142 -22.34 38.76 -89.39
N LYS C 143 -21.87 39.99 -89.18
CA LYS C 143 -20.46 40.30 -89.37
C LYS C 143 -19.60 39.88 -88.19
N GLY C 144 -20.21 39.42 -87.09
CA GLY C 144 -19.46 39.05 -85.91
C GLY C 144 -19.02 40.21 -85.04
N GLN C 145 -19.50 41.43 -85.32
CA GLN C 145 -19.11 42.58 -84.53
C GLN C 145 -19.61 42.47 -83.09
N ILE C 146 -20.80 41.90 -82.90
CA ILE C 146 -21.34 41.71 -81.55
C ILE C 146 -20.49 40.68 -80.81
N HIS C 147 -20.03 41.05 -79.63
CA HIS C 147 -19.15 40.21 -78.84
C HIS C 147 -19.89 39.64 -77.65
N PHE C 148 -19.68 38.34 -77.40
CA PHE C 148 -20.41 37.61 -76.37
C PHE C 148 -19.52 37.49 -75.12
N ILE C 149 -19.35 38.63 -74.46
CA ILE C 149 -18.40 38.73 -73.35
C ILE C 149 -18.93 37.95 -72.17
N GLU C 150 -18.21 36.91 -71.77
CA GLU C 150 -18.58 36.07 -70.63
C GLU C 150 -17.36 35.90 -69.74
N MET C 151 -17.51 36.18 -68.45
CA MET C 151 -16.38 36.13 -67.53
C MET C 151 -16.23 34.79 -66.83
N GLY C 152 -17.30 34.03 -66.67
CA GLY C 152 -17.21 32.72 -66.06
C GLY C 152 -18.51 32.30 -65.43
N TYR C 153 -18.62 31.00 -65.20
CA TYR C 153 -19.79 30.42 -64.55
C TYR C 153 -19.90 30.92 -63.13
N GLU C 154 -21.14 31.16 -62.68
CA GLU C 154 -21.42 31.73 -61.36
C GLU C 154 -22.41 30.84 -60.63
N PRO C 155 -21.92 29.77 -59.97
CA PRO C 155 -22.83 28.94 -59.17
C PRO C 155 -23.50 29.69 -58.03
N GLY C 156 -22.80 30.64 -57.40
CA GLY C 156 -23.35 31.28 -56.23
C GLY C 156 -23.47 30.26 -55.10
N TRP C 157 -24.30 30.58 -54.12
CA TRP C 157 -24.67 29.61 -53.09
C TRP C 157 -25.65 28.64 -53.72
N ALA C 158 -25.26 27.37 -53.82
CA ALA C 158 -26.09 26.37 -54.49
C ALA C 158 -27.43 26.19 -53.79
N ALA C 159 -27.56 26.59 -52.53
CA ALA C 159 -28.80 26.47 -51.78
C ALA C 159 -28.95 27.70 -50.89
N LEU C 160 -29.68 28.71 -51.39
CA LEU C 160 -30.11 29.84 -50.57
C LEU C 160 -31.56 30.24 -50.82
N ARG C 161 -32.23 29.72 -51.85
CA ARG C 161 -33.52 30.25 -52.24
C ARG C 161 -34.68 29.81 -51.32
N ARG C 162 -34.43 29.26 -50.12
CA ARG C 162 -35.52 28.99 -49.20
C ARG C 162 -36.25 30.25 -48.78
N LEU C 163 -35.61 31.42 -48.91
CA LEU C 163 -36.29 32.67 -48.64
C LEU C 163 -37.45 32.93 -49.57
N LYS C 164 -37.53 32.20 -50.69
CA LYS C 164 -38.72 32.29 -51.55
C LYS C 164 -39.96 31.85 -50.81
N LYS C 165 -39.85 30.83 -49.96
CA LYS C 165 -41.00 30.29 -49.23
C LYS C 165 -41.07 30.75 -47.79
N ILE C 166 -39.94 30.76 -47.06
CA ILE C 166 -39.99 31.18 -45.66
C ILE C 166 -40.37 32.66 -45.56
N LEU C 167 -39.91 33.47 -46.52
CA LEU C 167 -40.41 34.83 -46.67
C LEU C 167 -41.50 34.81 -47.74
N PRO C 168 -42.73 35.21 -47.41
CA PRO C 168 -43.81 35.11 -48.40
C PRO C 168 -43.52 35.96 -49.63
N ILE C 169 -43.89 35.43 -50.80
CA ILE C 169 -43.69 36.14 -52.06
C ILE C 169 -44.67 37.30 -52.11
N ASN C 170 -44.14 38.53 -52.11
CA ASN C 170 -44.95 39.75 -52.08
C ASN C 170 -44.44 40.66 -53.19
N GLU C 171 -45.04 40.52 -54.38
CA GLU C 171 -44.65 41.37 -55.50
C GLU C 171 -44.98 42.84 -55.23
N GLY C 172 -46.15 43.10 -54.63
CA GLY C 172 -46.54 44.46 -54.34
C GLY C 172 -46.27 44.87 -52.90
N CYS C 173 -45.17 45.59 -52.69
CA CYS C 173 -44.80 46.08 -51.37
C CYS C 173 -43.74 47.16 -51.56
N SER C 174 -43.44 47.87 -50.46
CA SER C 174 -42.49 48.97 -50.48
C SER C 174 -41.34 48.65 -49.53
N ARG C 175 -40.43 49.62 -49.40
CA ARG C 175 -39.28 49.49 -48.51
C ARG C 175 -39.66 49.61 -47.04
N ASP C 176 -40.90 49.99 -46.74
CA ASP C 176 -41.30 50.22 -45.36
C ASP C 176 -41.25 48.97 -44.51
N ASN C 177 -41.24 47.78 -45.12
CA ASN C 177 -41.24 46.51 -44.38
C ASN C 177 -40.35 45.51 -45.11
N PHE C 178 -39.11 45.41 -44.66
CA PHE C 178 -38.19 44.40 -45.16
C PHE C 178 -37.05 44.25 -44.17
N LYS C 179 -36.64 43.00 -43.92
CA LYS C 179 -35.48 42.73 -43.08
C LYS C 179 -34.39 42.10 -43.92
N PRO C 180 -33.26 42.76 -44.12
CA PRO C 180 -32.16 42.13 -44.86
C PRO C 180 -31.36 41.17 -43.99
N LEU C 181 -31.81 39.93 -43.88
CA LEU C 181 -31.04 38.91 -43.19
C LEU C 181 -29.62 38.82 -43.73
N ILE C 182 -29.47 39.06 -45.04
CA ILE C 182 -28.15 39.08 -45.65
C ILE C 182 -27.29 40.18 -45.04
N SER C 183 -27.89 41.33 -44.70
CA SER C 183 -27.11 42.39 -44.08
C SER C 183 -26.50 41.93 -42.77
N LYS C 184 -27.27 41.21 -41.95
CA LYS C 184 -26.74 40.67 -40.71
C LYS C 184 -25.72 39.57 -40.97
N SER C 185 -25.91 38.79 -42.03
CA SER C 185 -24.96 37.74 -42.36
C SER C 185 -23.65 38.28 -42.95
N ILE C 186 -23.64 39.52 -43.44
CA ILE C 186 -22.45 40.12 -44.00
C ILE C 186 -21.76 41.08 -43.04
N GLU C 187 -22.48 41.69 -42.11
CA GLU C 187 -21.96 42.86 -41.40
C GLU C 187 -20.68 42.54 -40.63
N GLU C 188 -20.64 41.42 -39.92
CA GLU C 188 -19.49 41.06 -39.09
C GLU C 188 -18.96 39.71 -39.55
N ILE C 189 -17.77 39.72 -40.16
CA ILE C 189 -17.14 38.50 -40.63
C ILE C 189 -15.74 38.39 -40.04
N LEU C 190 -14.89 39.36 -40.32
CA LEU C 190 -13.53 39.37 -39.81
C LEU C 190 -13.35 40.44 -38.73
N ASP C 199 -10.20 36.29 -34.91
CA ASP C 199 -9.45 35.49 -33.96
C ASP C 199 -8.80 34.29 -34.64
N THR C 200 -7.74 33.76 -34.02
CA THR C 200 -7.01 32.64 -34.61
C THR C 200 -7.84 31.37 -34.61
N GLY C 201 -8.59 31.12 -33.54
CA GLY C 201 -9.36 29.91 -33.40
C GLY C 201 -10.34 29.64 -34.54
N LYS C 202 -11.35 30.50 -34.68
CA LYS C 202 -12.30 30.33 -35.76
C LYS C 202 -11.63 30.42 -37.12
N SER C 203 -10.42 30.96 -37.20
CA SER C 203 -9.68 30.97 -38.46
C SER C 203 -9.15 29.56 -38.80
N ASN C 204 -8.59 28.86 -37.82
CA ASN C 204 -7.87 27.61 -38.12
C ASN C 204 -8.37 26.37 -37.40
N GLN C 205 -9.36 26.46 -36.52
CA GLN C 205 -9.96 25.25 -35.96
C GLN C 205 -10.96 24.60 -36.90
N LEU C 206 -10.93 24.95 -38.18
CA LEU C 206 -11.87 24.39 -39.16
C LEU C 206 -11.69 22.88 -39.27
N PRO C 207 -12.65 22.07 -38.83
CA PRO C 207 -12.57 20.63 -39.10
C PRO C 207 -13.18 20.32 -40.44
N PHE C 208 -13.22 19.05 -40.84
CA PHE C 208 -13.91 18.64 -42.06
C PHE C 208 -13.48 19.50 -43.25
N PRO C 209 -12.26 19.26 -43.76
CA PRO C 209 -11.63 20.14 -44.76
C PRO C 209 -12.54 20.70 -45.84
N SER C 210 -13.60 19.97 -46.20
CA SER C 210 -14.53 20.49 -47.20
C SER C 210 -15.26 21.74 -46.70
N LEU C 211 -15.18 22.05 -45.41
CA LEU C 211 -15.77 23.28 -44.90
C LEU C 211 -15.07 24.51 -45.46
N ALA C 212 -13.90 24.34 -46.08
CA ALA C 212 -13.25 25.44 -46.76
C ALA C 212 -13.87 25.71 -48.12
N ILE C 213 -14.74 24.81 -48.59
CA ILE C 213 -15.22 24.88 -49.97
C ILE C 213 -16.46 25.76 -50.11
N LEU C 214 -17.32 25.82 -49.09
CA LEU C 214 -18.56 26.58 -49.23
C LEU C 214 -18.25 28.05 -49.50
N PRO C 215 -19.16 28.75 -50.18
CA PRO C 215 -18.91 30.16 -50.48
C PRO C 215 -18.69 30.95 -49.20
N PRO C 216 -17.99 32.08 -49.29
CA PRO C 216 -17.65 32.82 -48.06
C PRO C 216 -18.86 33.17 -47.22
N ILE C 217 -20.05 33.29 -47.83
CA ILE C 217 -21.27 33.52 -47.06
C ILE C 217 -21.48 32.41 -46.03
N ALA C 218 -21.42 31.15 -46.45
CA ALA C 218 -21.63 30.06 -45.50
C ALA C 218 -20.41 29.88 -44.60
N GLN C 219 -19.22 30.07 -45.18
CA GLN C 219 -17.98 29.92 -44.42
C GLN C 219 -17.93 30.88 -43.24
N GLN C 220 -18.52 32.06 -43.38
CA GLN C 220 -18.60 32.99 -42.25
C GLN C 220 -19.88 32.80 -41.44
N TRP C 221 -20.97 32.34 -42.07
CA TRP C 221 -22.19 32.08 -41.33
C TRP C 221 -21.96 31.04 -40.25
N LEU C 222 -21.09 30.07 -40.52
CA LEU C 222 -20.76 29.07 -39.52
C LEU C 222 -20.17 29.69 -38.25
N GLN C 223 -19.57 30.88 -38.36
CA GLN C 223 -18.93 31.53 -37.23
C GLN C 223 -19.88 32.41 -36.41
N LEU C 224 -21.11 32.61 -36.87
CA LEU C 224 -22.06 33.42 -36.11
C LEU C 224 -22.46 32.70 -34.83
N PRO C 225 -22.82 33.44 -33.78
CA PRO C 225 -23.27 32.81 -32.54
C PRO C 225 -24.50 31.94 -32.76
N LEU C 226 -24.53 30.79 -32.08
CA LEU C 226 -25.61 29.85 -32.25
C LEU C 226 -26.88 30.37 -31.59
N SER C 227 -28.03 30.09 -32.21
CA SER C 227 -29.31 30.60 -31.74
C SER C 227 -30.30 29.46 -31.58
N ALA C 228 -31.32 29.71 -30.76
CA ALA C 228 -32.37 28.72 -30.51
C ALA C 228 -33.18 28.39 -31.76
N ASN C 229 -33.26 29.31 -32.73
CA ASN C 229 -34.00 29.05 -33.95
C ASN C 229 -33.29 28.06 -34.87
N ASP C 230 -32.09 27.62 -34.51
CA ASP C 230 -31.35 26.61 -35.27
C ASP C 230 -31.75 25.20 -34.84
N GLY C 231 -32.97 24.78 -35.18
CA GLY C 231 -33.40 23.43 -34.83
C GLY C 231 -33.25 22.46 -35.98
N ALA C 232 -33.79 22.82 -37.15
CA ALA C 232 -33.72 21.93 -38.30
C ALA C 232 -32.28 21.68 -38.73
N TRP C 233 -31.45 22.72 -38.73
CA TRP C 233 -30.06 22.56 -39.14
C TRP C 233 -29.31 21.65 -38.18
N ILE C 234 -29.49 21.86 -36.88
CA ILE C 234 -28.77 21.04 -35.90
C ILE C 234 -29.29 19.61 -35.92
N GLN C 235 -30.58 19.42 -36.21
CA GLN C 235 -31.10 18.06 -36.34
C GLN C 235 -30.56 17.38 -37.59
N ASN C 236 -30.34 18.14 -38.65
CA ASN C 236 -29.89 17.56 -39.91
C ASN C 236 -28.39 17.23 -39.91
N LEU C 237 -27.65 17.64 -38.89
CA LEU C 237 -26.26 17.25 -38.82
C LEU C 237 -26.13 15.79 -38.41
N PRO C 238 -25.12 15.09 -38.93
CA PRO C 238 -24.76 13.78 -38.35
C PRO C 238 -24.04 14.00 -37.03
N LYS C 239 -24.58 13.39 -35.97
CA LYS C 239 -24.07 13.58 -34.63
C LYS C 239 -23.54 12.25 -34.08
N VAL C 240 -22.84 12.34 -32.95
CA VAL C 240 -22.24 11.17 -32.32
C VAL C 240 -22.51 11.24 -30.82
N ASP C 241 -22.97 10.12 -30.25
CA ASP C 241 -23.22 10.00 -28.82
C ASP C 241 -22.29 8.92 -28.27
N LEU C 242 -21.58 9.23 -27.18
CA LEU C 242 -20.61 8.31 -26.62
C LEU C 242 -20.94 7.85 -25.21
N HIS C 243 -21.84 8.53 -24.51
CA HIS C 243 -22.26 8.18 -23.15
C HIS C 243 -23.78 8.04 -23.16
N CYS C 244 -24.25 6.82 -23.42
CA CYS C 244 -25.67 6.52 -23.44
C CYS C 244 -25.93 5.26 -22.62
N HIS C 245 -26.86 5.36 -21.67
CA HIS C 245 -27.25 4.23 -20.84
C HIS C 245 -28.51 3.60 -21.43
N LEU C 246 -28.41 2.32 -21.80
CA LEU C 246 -29.53 1.66 -22.47
C LEU C 246 -30.73 1.52 -21.56
N GLY C 247 -30.49 1.37 -20.25
CA GLY C 247 -31.59 1.20 -19.32
C GLY C 247 -32.47 2.42 -19.17
N GLY C 248 -31.95 3.61 -19.50
CA GLY C 248 -32.70 4.83 -19.36
C GLY C 248 -33.29 5.34 -20.66
N PHE C 249 -33.39 4.48 -21.68
CA PHE C 249 -33.94 4.91 -22.95
C PHE C 249 -35.45 5.14 -22.85
N ALA C 250 -36.19 4.08 -22.54
CA ALA C 250 -37.64 4.16 -22.39
C ALA C 250 -37.97 4.25 -20.90
N THR C 251 -38.67 5.32 -20.52
CA THR C 251 -38.97 5.54 -19.11
C THR C 251 -40.45 5.83 -18.90
N SER C 252 -41.11 6.37 -19.93
CA SER C 252 -42.52 6.71 -19.81
C SER C 252 -43.12 6.85 -21.20
N GLY C 253 -44.45 6.92 -21.23
CA GLY C 253 -45.15 7.22 -22.46
C GLY C 253 -45.23 6.05 -23.42
N SER C 254 -45.26 6.39 -24.72
CA SER C 254 -45.47 5.38 -25.76
C SER C 254 -44.34 4.37 -25.78
N LEU C 255 -43.10 4.82 -25.54
CA LEU C 255 -41.98 3.89 -25.50
C LEU C 255 -42.15 2.87 -24.38
N LEU C 256 -42.55 3.34 -23.19
CA LEU C 256 -42.80 2.43 -22.08
C LEU C 256 -43.93 1.45 -22.40
N ASP C 257 -45.01 1.96 -23.00
CA ASP C 257 -46.12 1.08 -23.36
C ASP C 257 -45.68 0.02 -24.37
N GLN C 258 -44.89 0.42 -25.37
CA GLN C 258 -44.44 -0.53 -26.39
C GLN C 258 -43.53 -1.59 -25.79
N VAL C 259 -42.58 -1.18 -24.94
CA VAL C 259 -41.68 -2.17 -24.37
C VAL C 259 -42.42 -3.08 -23.40
N ARG C 260 -43.37 -2.55 -22.64
CA ARG C 260 -44.15 -3.38 -21.73
C ARG C 260 -45.00 -4.39 -22.49
N GLY C 261 -45.63 -3.96 -23.59
CA GLY C 261 -46.48 -4.86 -24.35
C GLY C 261 -45.73 -5.94 -25.10
N ALA C 262 -44.43 -5.76 -25.31
CA ALA C 262 -43.62 -6.75 -26.01
C ALA C 262 -43.02 -7.77 -25.06
N ALA C 263 -43.33 -7.70 -23.77
CA ALA C 263 -42.86 -8.69 -22.82
C ALA C 263 -43.45 -10.07 -23.13
N SER C 264 -42.65 -11.10 -22.90
CA SER C 264 -43.13 -12.46 -23.14
C SER C 264 -44.28 -12.81 -22.20
N GLU C 265 -44.18 -12.41 -20.94
CA GLU C 265 -45.23 -12.66 -19.94
C GLU C 265 -45.71 -11.34 -19.37
N PRO C 266 -46.76 -10.74 -19.94
CA PRO C 266 -47.25 -9.45 -19.42
C PRO C 266 -47.96 -9.54 -18.09
N ASP C 267 -48.14 -10.75 -17.53
CA ASP C 267 -48.82 -10.90 -16.26
C ASP C 267 -48.04 -10.22 -15.13
N LEU C 268 -46.71 -10.33 -15.16
CA LEU C 268 -45.85 -9.82 -14.10
C LEU C 268 -45.27 -8.46 -14.43
N ILE C 269 -46.03 -7.61 -15.13
CA ILE C 269 -45.59 -6.28 -15.51
C ILE C 269 -46.28 -5.27 -14.59
N ASP C 270 -45.49 -4.53 -13.83
CA ASP C 270 -46.02 -3.54 -12.90
C ASP C 270 -46.43 -2.31 -13.68
N ARG C 271 -47.73 -2.20 -13.98
CA ARG C 271 -48.27 -1.04 -14.68
C ARG C 271 -48.79 0.03 -13.73
N THR C 272 -48.62 -0.14 -12.43
CA THR C 272 -49.14 0.80 -11.45
C THR C 272 -48.17 1.93 -11.15
N PHE C 273 -46.87 1.65 -11.11
CA PHE C 273 -45.89 2.68 -10.77
C PHE C 273 -45.83 3.73 -11.87
N SER C 274 -45.66 4.99 -11.46
CA SER C 274 -45.55 6.10 -12.39
C SER C 274 -44.66 7.19 -11.79
N PRO C 275 -43.51 7.46 -12.41
CA PRO C 275 -42.65 8.54 -11.90
C PRO C 275 -43.37 9.88 -11.94
N GLN C 276 -43.11 10.70 -10.92
CA GLN C 276 -43.77 12.00 -10.81
C GLN C 276 -43.24 12.97 -11.86
N GLU C 277 -44.04 13.99 -12.15
CA GLU C 277 -43.70 15.00 -13.13
C GLU C 277 -42.89 16.13 -12.48
N ILE C 278 -41.97 16.69 -13.25
CA ILE C 278 -41.19 17.84 -12.84
C ILE C 278 -41.59 19.01 -13.73
N ALA C 279 -41.94 20.14 -13.10
CA ALA C 279 -42.43 21.29 -13.84
C ALA C 279 -41.41 21.77 -14.86
N GLY C 280 -41.83 21.84 -16.12
CA GLY C 280 -40.98 22.30 -17.19
C GLY C 280 -39.97 21.29 -17.69
N TRP C 281 -40.03 20.05 -17.23
CA TRP C 281 -39.04 19.06 -17.63
C TRP C 281 -39.04 18.90 -19.15
N PRO C 282 -37.86 18.80 -19.79
CA PRO C 282 -36.51 18.71 -19.21
C PRO C 282 -35.95 20.02 -18.65
N ARG C 283 -36.55 21.17 -18.98
CA ARG C 283 -36.10 22.45 -18.44
C ARG C 283 -36.61 22.52 -17.00
N SER C 284 -35.83 21.93 -16.08
CA SER C 284 -36.22 21.90 -14.68
C SER C 284 -36.30 23.30 -14.11
N HIS C 285 -37.40 23.59 -13.41
CA HIS C 285 -37.58 24.88 -12.76
C HIS C 285 -36.60 25.09 -11.62
N LYS C 286 -36.03 24.02 -11.08
CA LYS C 286 -35.04 24.11 -10.00
C LYS C 286 -34.15 22.89 -10.06
N SER C 287 -33.02 22.97 -9.37
CA SER C 287 -32.05 21.88 -9.37
C SER C 287 -32.64 20.66 -8.65
N ILE C 288 -32.12 19.48 -9.01
CA ILE C 288 -32.60 18.22 -8.48
C ILE C 288 -31.41 17.42 -7.97
N SER C 289 -31.68 16.57 -6.98
CA SER C 289 -30.67 15.69 -6.42
C SER C 289 -30.50 14.45 -7.29
N LEU C 290 -29.37 13.75 -7.08
CA LEU C 290 -29.08 12.55 -7.86
C LEU C 290 -30.06 11.43 -7.54
N ASP C 291 -30.39 11.24 -6.26
CA ASP C 291 -31.23 10.12 -5.87
C ASP C 291 -32.59 10.17 -6.58
N LYS C 292 -33.22 11.35 -6.59
CA LYS C 292 -34.48 11.47 -7.32
C LYS C 292 -34.28 11.31 -8.82
N TYR C 293 -33.11 11.69 -9.33
CA TYR C 293 -32.83 11.52 -10.75
C TYR C 293 -32.84 10.05 -11.14
N MET C 294 -32.22 9.19 -10.32
CA MET C 294 -32.35 7.76 -10.55
C MET C 294 -33.77 7.27 -10.27
N GLU C 295 -34.47 7.90 -9.32
CA GLU C 295 -35.81 7.46 -8.98
C GLU C 295 -36.77 7.66 -10.15
N LEU C 296 -36.63 8.75 -10.90
CA LEU C 296 -37.45 8.95 -12.09
C LEU C 296 -37.28 7.81 -13.11
N GLY C 297 -36.17 7.09 -13.06
CA GLY C 297 -35.96 5.98 -13.97
C GLY C 297 -36.34 4.65 -13.36
N ASN C 298 -37.10 4.67 -12.27
CA ASN C 298 -37.45 3.43 -11.57
C ASN C 298 -38.44 2.59 -12.35
N ALA C 299 -39.27 3.20 -13.20
CA ALA C 299 -40.22 2.43 -14.00
C ALA C 299 -39.52 1.49 -14.97
N ASN C 300 -38.27 1.77 -15.31
CA ASN C 300 -37.50 0.90 -16.18
C ASN C 300 -36.17 0.54 -15.52
N GLY C 301 -35.26 -0.07 -16.28
CA GLY C 301 -33.97 -0.43 -15.74
C GLY C 301 -33.72 -1.93 -15.82
N SER C 302 -33.66 -2.58 -14.66
CA SER C 302 -33.51 -4.03 -14.60
C SER C 302 -34.73 -4.76 -14.07
N LYS C 303 -35.60 -4.07 -13.32
CA LYS C 303 -36.80 -4.70 -12.79
C LYS C 303 -37.78 -5.11 -13.88
N LEU C 304 -37.71 -4.48 -15.06
CA LEU C 304 -38.60 -4.77 -16.17
C LEU C 304 -37.90 -5.41 -17.35
N LEU C 305 -36.59 -5.28 -17.48
CA LEU C 305 -35.87 -5.65 -18.68
C LEU C 305 -35.39 -7.11 -18.64
N LYS C 306 -35.70 -7.85 -17.57
CA LYS C 306 -35.32 -9.25 -17.50
C LYS C 306 -35.92 -10.05 -18.65
N ASP C 307 -37.11 -9.67 -19.10
CA ASP C 307 -37.76 -10.37 -20.20
C ASP C 307 -36.94 -10.24 -21.48
N LYS C 308 -36.75 -11.37 -22.16
CA LYS C 308 -36.00 -11.35 -23.42
C LYS C 308 -36.72 -10.53 -24.48
N GLY C 309 -38.04 -10.68 -24.57
CA GLY C 309 -38.80 -9.85 -25.50
C GLY C 309 -38.72 -8.38 -25.17
N CYS C 310 -38.77 -8.05 -23.87
CA CYS C 310 -38.59 -6.66 -23.45
C CYS C 310 -37.22 -6.14 -23.86
N LEU C 311 -36.18 -6.96 -23.70
CA LEU C 311 -34.84 -6.55 -24.08
C LEU C 311 -34.75 -6.30 -25.58
N ILE C 312 -35.31 -7.20 -26.39
CA ILE C 312 -35.26 -7.03 -27.83
C ILE C 312 -36.01 -5.77 -28.25
N ARG C 313 -37.19 -5.55 -27.67
CA ARG C 313 -37.98 -4.37 -28.01
C ARG C 313 -37.25 -3.09 -27.61
N GLN C 314 -36.64 -3.07 -26.43
CA GLN C 314 -35.91 -1.90 -25.98
C GLN C 314 -34.73 -1.61 -26.91
N VAL C 315 -33.98 -2.65 -27.29
CA VAL C 315 -32.83 -2.45 -28.16
C VAL C 315 -33.27 -1.93 -29.52
N GLU C 316 -34.30 -2.53 -30.10
CA GLU C 316 -34.77 -2.09 -31.41
C GLU C 316 -35.30 -0.65 -31.35
N LEU C 317 -36.04 -0.31 -30.30
CA LEU C 317 -36.56 1.04 -30.17
C LEU C 317 -35.42 2.05 -29.99
N LEU C 318 -34.41 1.70 -29.20
CA LEU C 318 -33.26 2.58 -29.04
C LEU C 318 -32.54 2.81 -30.35
N TYR C 319 -32.32 1.74 -31.12
CA TYR C 319 -31.66 1.88 -32.42
C TYR C 319 -32.49 2.73 -33.36
N GLN C 320 -33.81 2.53 -33.37
CA GLN C 320 -34.67 3.32 -34.25
C GLN C 320 -34.65 4.79 -33.86
N SER C 321 -34.67 5.09 -32.55
CA SER C 321 -34.60 6.48 -32.12
C SER C 321 -33.26 7.10 -32.48
N LEU C 322 -32.18 6.34 -32.33
CA LEU C 322 -30.85 6.84 -32.70
C LEU C 322 -30.78 7.15 -34.18
N VAL C 323 -31.34 6.27 -35.02
CA VAL C 323 -31.37 6.55 -36.45
C VAL C 323 -32.24 7.77 -36.75
N ASN C 324 -33.36 7.90 -36.04
CA ASN C 324 -34.25 9.04 -36.28
C ASN C 324 -33.58 10.36 -35.92
N ASP C 325 -32.68 10.34 -34.93
CA ASP C 325 -31.96 11.54 -34.53
C ASP C 325 -30.77 11.84 -35.43
N ASN C 326 -30.69 11.21 -36.61
CA ASN C 326 -29.67 11.47 -37.61
C ASN C 326 -28.27 11.11 -37.11
N VAL C 327 -28.19 10.39 -35.99
CA VAL C 327 -26.89 9.97 -35.46
C VAL C 327 -26.24 8.98 -36.42
N ALA C 328 -24.93 9.13 -36.63
CA ALA C 328 -24.19 8.25 -37.52
C ALA C 328 -23.30 7.26 -36.80
N TYR C 329 -22.95 7.52 -35.54
CA TYR C 329 -22.14 6.59 -34.77
C TYR C 329 -22.46 6.80 -33.29
N ALA C 330 -22.50 5.70 -32.54
CA ALA C 330 -22.83 5.78 -31.12
C ALA C 330 -22.14 4.65 -30.37
N GLU C 331 -21.99 4.86 -29.06
CA GLU C 331 -21.47 3.84 -28.16
C GLU C 331 -22.42 3.75 -26.97
N ILE C 332 -22.84 2.53 -26.64
CA ILE C 332 -23.90 2.30 -25.67
C ILE C 332 -23.30 1.67 -24.41
N ARG C 333 -23.59 2.27 -23.26
CA ARG C 333 -23.20 1.71 -21.98
C ARG C 333 -24.26 0.73 -21.50
N CYS C 334 -23.83 -0.47 -21.15
CA CYS C 334 -24.75 -1.54 -20.78
C CYS C 334 -24.26 -2.24 -19.52
N SER C 335 -25.19 -2.88 -18.82
CA SER C 335 -24.92 -3.63 -17.60
C SER C 335 -25.46 -5.05 -17.79
N PRO C 336 -24.73 -5.92 -18.47
CA PRO C 336 -25.26 -7.27 -18.76
C PRO C 336 -25.58 -8.07 -17.52
N ASN C 337 -24.81 -7.91 -16.44
CA ASN C 337 -25.07 -8.69 -15.23
C ASN C 337 -26.39 -8.32 -14.58
N ASN C 338 -26.75 -7.03 -14.61
CA ASN C 338 -27.99 -6.58 -13.97
C ASN C 338 -29.23 -7.21 -14.58
N TYR C 339 -29.16 -7.64 -15.84
CA TYR C 339 -30.32 -8.17 -16.54
C TYR C 339 -30.30 -9.69 -16.65
N ALA C 340 -29.37 -10.35 -15.96
CA ALA C 340 -29.26 -11.80 -16.00
C ALA C 340 -30.20 -12.43 -14.99
N ASP C 341 -30.68 -13.63 -15.32
CA ASP C 341 -31.60 -14.37 -14.44
C ASP C 341 -31.32 -15.85 -14.59
N LYS C 342 -30.74 -16.47 -13.56
CA LYS C 342 -30.40 -17.88 -13.62
C LYS C 342 -31.62 -18.78 -13.65
N ASN C 343 -32.78 -18.28 -13.20
CA ASN C 343 -33.99 -19.11 -13.22
C ASN C 343 -34.38 -19.49 -14.63
N LYS C 344 -34.28 -18.55 -15.57
CA LYS C 344 -34.63 -18.79 -16.96
C LYS C 344 -33.41 -19.16 -17.80
N ASN C 345 -32.31 -19.54 -17.16
CA ASN C 345 -31.03 -19.76 -17.84
C ASN C 345 -30.58 -18.52 -18.60
N ARG C 346 -30.88 -17.35 -18.04
CA ARG C 346 -30.50 -16.08 -18.64
C ARG C 346 -29.25 -15.57 -17.92
N SER C 347 -28.10 -16.04 -18.38
CA SER C 347 -26.83 -15.56 -17.84
C SER C 347 -26.46 -14.23 -18.47
N ALA C 348 -25.52 -13.53 -17.83
CA ALA C 348 -25.08 -12.23 -18.32
C ALA C 348 -24.45 -12.36 -19.71
N TRP C 349 -23.64 -13.40 -19.90
CA TRP C 349 -23.01 -13.59 -21.21
C TRP C 349 -24.06 -13.81 -22.28
N VAL C 350 -25.11 -14.57 -21.98
CA VAL C 350 -26.18 -14.79 -22.94
C VAL C 350 -26.87 -13.48 -23.28
N VAL C 351 -27.09 -12.63 -22.28
CA VAL C 351 -27.73 -11.33 -22.51
C VAL C 351 -26.86 -10.48 -23.44
N LEU C 352 -25.56 -10.43 -23.17
CA LEU C 352 -24.66 -9.64 -24.01
C LEU C 352 -24.61 -10.20 -25.43
N GLN C 353 -24.57 -11.52 -25.56
CA GLN C 353 -24.55 -12.13 -26.89
C GLN C 353 -25.83 -11.81 -27.66
N ASP C 354 -26.97 -11.87 -26.97
CA ASP C 354 -28.24 -11.56 -27.62
C ASP C 354 -28.28 -10.11 -28.08
N ILE C 355 -27.80 -9.19 -27.23
CA ILE C 355 -27.80 -7.78 -27.62
C ILE C 355 -26.86 -7.56 -28.80
N ASN C 356 -25.72 -8.26 -28.81
CA ASN C 356 -24.78 -8.14 -29.91
C ASN C 356 -25.40 -8.62 -31.22
N ASP C 357 -26.05 -9.79 -31.18
CA ASP C 357 -26.68 -10.31 -32.40
C ASP C 357 -27.82 -9.41 -32.86
N THR C 358 -28.61 -8.88 -31.93
CA THR C 358 -29.71 -8.00 -32.32
C THR C 358 -29.19 -6.75 -33.01
N PHE C 359 -28.18 -6.11 -32.41
CA PHE C 359 -27.63 -4.91 -33.02
C PHE C 359 -26.97 -5.21 -34.36
N THR C 360 -26.27 -6.35 -34.46
CA THR C 360 -25.65 -6.72 -35.73
C THR C 360 -26.69 -6.95 -36.81
N ARG C 361 -27.79 -7.63 -36.47
CA ARG C 361 -28.86 -7.86 -37.43
C ARG C 361 -29.49 -6.55 -37.87
N LEU C 362 -29.72 -5.63 -36.93
CA LEU C 362 -30.29 -4.34 -37.30
C LEU C 362 -29.34 -3.57 -38.22
N ILE C 363 -28.05 -3.59 -37.91
CA ILE C 363 -27.07 -2.88 -38.73
C ILE C 363 -27.04 -3.47 -40.14
N THR C 364 -27.02 -4.80 -40.23
CA THR C 364 -26.95 -5.45 -41.54
C THR C 364 -28.21 -5.18 -42.35
N GLU C 365 -29.38 -5.23 -41.72
CA GLU C 365 -30.62 -5.00 -42.46
C GLU C 365 -30.75 -3.53 -42.87
N ALA C 366 -30.20 -2.61 -42.09
CA ALA C 366 -30.21 -1.21 -42.49
C ALA C 366 -29.23 -0.94 -43.63
N LYS C 367 -28.05 -1.57 -43.58
CA LYS C 367 -27.05 -1.36 -44.63
C LYS C 367 -27.44 -2.01 -45.94
N GLN C 368 -28.08 -3.18 -45.90
CA GLN C 368 -28.45 -3.87 -47.14
C GLN C 368 -29.46 -3.06 -47.96
N LYS C 369 -30.24 -2.20 -47.31
CA LYS C 369 -31.18 -1.34 -48.00
C LYS C 369 -30.56 -0.01 -48.41
N ASN C 370 -29.28 0.20 -48.15
CA ASN C 370 -28.57 1.41 -48.53
C ASN C 370 -29.24 2.65 -47.95
N GLN C 371 -29.75 2.53 -46.73
CA GLN C 371 -30.34 3.63 -46.01
C GLN C 371 -29.32 4.18 -45.01
N PHE C 372 -29.74 5.14 -44.20
CA PHE C 372 -28.87 5.70 -43.18
C PHE C 372 -28.89 4.81 -41.94
N TYR C 373 -27.70 4.45 -41.45
CA TYR C 373 -27.56 3.62 -40.27
C TYR C 373 -26.47 4.19 -39.39
N CYS C 374 -26.65 4.01 -38.08
CA CYS C 374 -25.67 4.46 -37.09
C CYS C 374 -24.92 3.24 -36.59
N HIS C 375 -23.64 3.12 -36.99
CA HIS C 375 -22.80 2.06 -36.47
C HIS C 375 -22.68 2.22 -34.96
N VAL C 376 -22.91 1.12 -34.25
CA VAL C 376 -23.05 1.14 -32.79
C VAL C 376 -22.08 0.12 -32.20
N ASN C 377 -21.40 0.52 -31.12
CA ASN C 377 -20.55 -0.37 -30.35
C ASN C 377 -20.96 -0.29 -28.89
N LEU C 378 -20.68 -1.34 -28.13
CA LEU C 378 -21.18 -1.47 -26.76
C LEU C 378 -20.15 -0.96 -25.77
N LEU C 379 -20.61 -0.74 -24.53
CA LEU C 379 -19.74 -0.45 -23.39
C LEU C 379 -20.29 -1.17 -22.18
N VAL C 380 -19.47 -2.03 -21.57
CA VAL C 380 -19.88 -2.73 -20.36
C VAL C 380 -19.66 -1.80 -19.16
N ILE C 381 -20.52 -1.93 -18.16
CA ILE C 381 -20.49 -1.07 -16.97
C ILE C 381 -20.03 -1.91 -15.79
N ALA C 382 -18.85 -1.57 -15.26
CA ALA C 382 -18.36 -2.15 -14.01
C ALA C 382 -18.72 -1.18 -12.89
N SER C 383 -19.98 -1.26 -12.45
CA SER C 383 -20.52 -0.29 -11.51
C SER C 383 -19.80 -0.39 -10.16
N ARG C 384 -20.10 0.57 -9.29
CA ARG C 384 -19.48 0.60 -7.97
C ARG C 384 -19.91 -0.55 -7.08
N LYS C 385 -20.93 -1.31 -7.49
CA LYS C 385 -21.38 -2.52 -6.81
C LYS C 385 -21.79 -2.21 -5.36
N PHE C 386 -22.89 -1.45 -5.27
CA PHE C 386 -23.49 -1.15 -3.98
C PHE C 386 -23.76 -2.42 -3.19
N SER C 387 -23.82 -2.27 -1.86
CA SER C 387 -24.02 -3.39 -0.94
C SER C 387 -22.90 -4.41 -1.06
N GLY C 388 -21.66 -3.93 -1.21
CA GLY C 388 -20.51 -4.80 -1.23
C GLY C 388 -20.48 -5.72 -2.44
N ASP C 389 -19.89 -6.91 -2.23
CA ASP C 389 -19.78 -7.93 -3.27
C ASP C 389 -19.01 -7.40 -4.50
N LEU C 390 -17.74 -7.10 -4.27
CA LEU C 390 -16.90 -6.52 -5.32
C LEU C 390 -16.36 -7.54 -6.31
N SER C 391 -16.65 -8.83 -6.12
CA SER C 391 -16.27 -9.84 -7.11
C SER C 391 -16.95 -9.60 -8.45
N ASP C 392 -18.11 -8.96 -8.45
CA ASP C 392 -18.79 -8.66 -9.70
C ASP C 392 -17.95 -7.76 -10.60
N ILE C 393 -17.02 -7.00 -10.02
CA ILE C 393 -16.09 -6.23 -10.83
C ILE C 393 -15.26 -7.15 -11.71
N SER C 394 -14.65 -8.18 -11.10
CA SER C 394 -13.87 -9.13 -11.87
C SER C 394 -14.74 -9.90 -12.85
N LYS C 395 -15.96 -10.24 -12.44
CA LYS C 395 -16.87 -10.90 -13.37
C LYS C 395 -17.11 -10.03 -14.61
N HIS C 396 -17.34 -8.73 -14.40
CA HIS C 396 -17.59 -7.83 -15.52
C HIS C 396 -16.37 -7.72 -16.43
N LEU C 397 -15.18 -7.59 -15.84
CA LEU C 397 -13.98 -7.50 -16.67
C LEU C 397 -13.77 -8.77 -17.47
N ALA C 398 -13.98 -9.94 -16.86
CA ALA C 398 -13.83 -11.19 -17.58
C ALA C 398 -14.85 -11.28 -18.71
N LEU C 399 -16.09 -10.87 -18.46
CA LEU C 399 -17.11 -10.89 -19.50
C LEU C 399 -16.72 -9.97 -20.66
N ALA C 400 -16.20 -8.78 -20.35
CA ALA C 400 -15.80 -7.86 -21.41
C ALA C 400 -14.64 -8.43 -22.22
N ILE C 401 -13.66 -9.03 -21.55
CA ILE C 401 -12.52 -9.61 -22.28
C ILE C 401 -13.00 -10.72 -23.20
N THR C 402 -13.90 -11.59 -22.70
CA THR C 402 -14.40 -12.67 -23.53
C THR C 402 -15.17 -12.13 -24.74
N ALA C 403 -16.00 -11.11 -24.51
CA ALA C 403 -16.69 -10.49 -25.62
C ALA C 403 -15.71 -9.87 -26.62
N MET C 404 -14.55 -9.42 -26.15
CA MET C 404 -13.65 -8.74 -27.06
C MET C 404 -12.90 -9.74 -27.92
N GLN C 405 -12.42 -10.85 -27.33
CA GLN C 405 -11.84 -11.83 -28.27
C GLN C 405 -12.88 -12.74 -28.89
N GLN C 406 -14.18 -12.47 -28.71
CA GLN C 406 -15.18 -13.13 -29.56
C GLN C 406 -14.87 -12.87 -31.03
N GLY C 407 -14.48 -11.63 -31.35
CA GLY C 407 -13.88 -11.31 -32.64
C GLY C 407 -14.82 -11.01 -33.78
N GLU C 408 -15.42 -12.05 -34.36
CA GLU C 408 -16.19 -11.88 -35.58
C GLU C 408 -17.49 -11.15 -35.31
N GLY C 409 -17.88 -10.30 -36.25
CA GLY C 409 -19.09 -9.54 -36.18
C GLY C 409 -18.84 -8.11 -36.61
N VAL C 410 -19.84 -7.25 -36.40
CA VAL C 410 -19.76 -5.84 -36.71
C VAL C 410 -19.96 -4.99 -35.47
N CYS C 411 -21.02 -5.25 -34.71
CA CYS C 411 -21.29 -4.53 -33.47
C CYS C 411 -20.37 -5.07 -32.39
N ARG C 412 -19.15 -4.53 -32.38
CA ARG C 412 -18.10 -5.02 -31.49
C ARG C 412 -18.16 -4.31 -30.14
N ILE C 413 -17.56 -4.93 -29.13
CA ILE C 413 -17.35 -4.33 -27.82
C ILE C 413 -16.00 -3.64 -27.84
N VAL C 414 -15.97 -2.38 -27.40
CA VAL C 414 -14.77 -1.57 -27.53
C VAL C 414 -14.01 -1.46 -26.22
N GLY C 415 -14.72 -1.41 -25.09
CA GLY C 415 -14.04 -1.25 -23.84
C GLY C 415 -15.00 -1.33 -22.66
N VAL C 416 -14.47 -0.97 -21.49
CA VAL C 416 -15.21 -1.06 -20.25
C VAL C 416 -15.44 0.35 -19.69
N ASP C 417 -16.37 0.45 -18.74
CA ASP C 417 -16.71 1.72 -18.11
C ASP C 417 -16.79 1.48 -16.61
N LEU C 418 -16.21 2.39 -15.84
CA LEU C 418 -16.30 2.37 -14.38
C LEU C 418 -17.11 3.57 -13.94
N ALA C 419 -18.16 3.33 -13.17
CA ALA C 419 -19.06 4.39 -12.75
C ALA C 419 -19.78 3.94 -11.48
N GLY C 420 -20.43 4.89 -10.82
CA GLY C 420 -21.20 4.60 -9.64
C GLY C 420 -21.31 5.82 -8.75
N PHE C 421 -21.80 5.59 -7.55
CA PHE C 421 -22.01 6.66 -6.59
C PHE C 421 -20.68 7.20 -6.08
N GLU C 422 -20.66 8.50 -5.81
CA GLU C 422 -19.49 9.17 -5.26
C GLU C 422 -19.49 9.19 -3.74
N ASN C 423 -20.54 8.67 -3.10
CA ASN C 423 -20.59 8.64 -1.64
C ASN C 423 -19.54 7.68 -1.08
N LYS C 424 -19.28 6.57 -1.78
CA LYS C 424 -18.26 5.63 -1.35
C LYS C 424 -16.85 6.24 -1.37
N GLU C 425 -16.68 7.35 -2.10
CA GLU C 425 -15.39 8.03 -2.22
C GLU C 425 -14.37 7.12 -2.89
N THR C 426 -14.75 6.61 -4.06
CA THR C 426 -13.85 5.80 -4.88
C THR C 426 -13.14 6.69 -5.89
N ARG C 427 -11.82 6.67 -5.85
CA ARG C 427 -10.98 7.52 -6.70
C ARG C 427 -10.08 6.66 -7.57
N ALA C 428 -10.66 5.62 -8.18
CA ALA C 428 -9.97 4.69 -9.06
C ALA C 428 -8.84 3.94 -8.37
N SER C 429 -8.73 4.06 -7.04
CA SER C 429 -7.73 3.32 -6.28
C SER C 429 -8.29 2.08 -5.62
N TYR C 430 -9.55 2.11 -5.17
CA TYR C 430 -10.17 0.91 -4.61
C TYR C 430 -10.28 -0.19 -5.64
N TYR C 431 -10.64 0.17 -6.88
CA TYR C 431 -10.88 -0.79 -7.94
C TYR C 431 -9.68 -0.94 -8.89
N GLU C 432 -8.54 -0.38 -8.52
CA GLU C 432 -7.34 -0.49 -9.35
C GLU C 432 -6.71 -1.88 -9.29
N HIS C 433 -7.02 -2.66 -8.25
CA HIS C 433 -6.30 -3.91 -8.00
C HIS C 433 -6.45 -4.93 -9.11
N ASP C 434 -7.47 -4.81 -9.96
CA ASP C 434 -7.71 -5.77 -11.02
C ASP C 434 -7.70 -5.18 -12.42
N PHE C 435 -7.67 -3.86 -12.55
CA PHE C 435 -7.76 -3.22 -13.86
C PHE C 435 -6.48 -3.33 -14.68
N LYS C 436 -5.46 -4.03 -14.18
CA LYS C 436 -4.20 -4.12 -14.91
C LYS C 436 -4.34 -5.01 -16.15
N ALA C 437 -5.10 -6.10 -16.03
CA ALA C 437 -5.14 -7.12 -17.08
C ALA C 437 -5.88 -6.67 -18.33
N VAL C 438 -6.80 -5.71 -18.24
CA VAL C 438 -7.65 -5.38 -19.38
C VAL C 438 -6.82 -4.75 -20.50
N HIS C 439 -5.83 -3.93 -20.15
CA HIS C 439 -5.04 -3.25 -21.18
C HIS C 439 -4.21 -4.23 -22.00
N ARG C 440 -3.88 -5.40 -21.44
CA ARG C 440 -3.11 -6.38 -22.20
C ARG C 440 -3.89 -6.93 -23.38
N CYS C 441 -5.20 -7.15 -23.21
CA CYS C 441 -6.01 -7.64 -24.31
C CYS C 441 -6.14 -6.59 -25.42
N GLY C 442 -6.38 -5.34 -25.04
CA GLY C 442 -6.50 -4.27 -26.02
C GLY C 442 -7.80 -3.50 -25.96
N LEU C 443 -8.49 -3.55 -24.83
CA LEU C 443 -9.73 -2.81 -24.66
C LEU C 443 -9.41 -1.35 -24.36
N ALA C 444 -10.44 -0.58 -24.00
CA ALA C 444 -10.29 0.82 -23.64
C ALA C 444 -11.06 1.08 -22.36
N VAL C 445 -10.60 2.07 -21.59
CA VAL C 445 -11.13 2.34 -20.27
C VAL C 445 -11.63 3.78 -20.21
N THR C 446 -12.84 3.97 -19.71
CA THR C 446 -13.36 5.26 -19.31
C THR C 446 -13.48 5.30 -17.79
N ALA C 447 -13.89 6.45 -17.26
CA ALA C 447 -14.03 6.59 -15.81
C ALA C 447 -14.94 7.76 -15.51
N HIS C 448 -16.10 7.48 -14.91
CA HIS C 448 -16.94 8.56 -14.38
C HIS C 448 -16.33 9.06 -13.09
N ALA C 449 -15.50 10.10 -13.19
CA ALA C 449 -14.71 10.58 -12.06
C ALA C 449 -15.02 12.05 -11.79
N GLY C 450 -15.11 12.39 -10.51
CA GLY C 450 -15.24 13.77 -10.08
C GLY C 450 -16.50 14.46 -10.52
N GLU C 451 -17.65 13.78 -10.43
CA GLU C 451 -18.92 14.44 -10.69
C GLU C 451 -19.15 15.56 -9.68
N ASN C 452 -18.88 15.30 -8.40
CA ASN C 452 -18.90 16.34 -7.38
C ASN C 452 -17.78 16.14 -6.37
N ASP C 453 -16.74 15.40 -6.73
CA ASP C 453 -15.68 15.00 -5.81
C ASP C 453 -14.46 15.89 -5.98
N ASP C 454 -13.41 15.56 -5.24
CA ASP C 454 -12.18 16.32 -5.21
C ASP C 454 -11.42 16.20 -6.53
N PRO C 455 -10.54 17.15 -6.84
CA PRO C 455 -9.78 17.07 -8.10
C PRO C 455 -8.56 16.17 -8.02
N GLU C 456 -8.50 15.32 -6.99
CA GLU C 456 -7.34 14.46 -6.83
C GLU C 456 -7.52 13.12 -7.54
N GLY C 457 -8.71 12.52 -7.43
CA GLY C 457 -8.90 11.18 -7.94
C GLY C 457 -8.67 11.05 -9.43
N ILE C 458 -9.00 12.10 -10.19
CA ILE C 458 -8.85 12.04 -11.64
C ILE C 458 -7.39 11.84 -12.03
N TRP C 459 -6.46 12.30 -11.20
CA TRP C 459 -5.04 12.14 -11.53
C TRP C 459 -4.67 10.67 -11.62
N GLN C 460 -5.03 9.87 -10.61
CA GLN C 460 -4.79 8.44 -10.70
C GLN C 460 -5.69 7.79 -11.73
N ALA C 461 -6.90 8.35 -11.92
CA ALA C 461 -7.81 7.80 -12.92
C ALA C 461 -7.22 7.87 -14.33
N VAL C 462 -6.41 8.90 -14.60
CA VAL C 462 -5.83 9.01 -15.94
C VAL C 462 -4.44 8.39 -15.98
N TYR C 463 -3.70 8.45 -14.87
CA TYR C 463 -2.30 8.07 -14.88
C TYR C 463 -2.03 6.65 -14.42
N SER C 464 -2.90 6.07 -13.61
CA SER C 464 -2.79 4.66 -13.24
C SER C 464 -3.78 3.78 -13.98
N LEU C 465 -5.03 4.25 -14.13
CA LEU C 465 -6.01 3.50 -14.89
C LEU C 465 -5.82 3.62 -16.38
N HIS C 466 -5.07 4.63 -16.84
CA HIS C 466 -4.88 4.89 -18.27
C HIS C 466 -6.21 5.09 -18.98
N ALA C 467 -7.16 5.71 -18.28
CA ALA C 467 -8.48 5.95 -18.83
C ALA C 467 -8.40 7.02 -19.93
N ARG C 468 -8.90 6.70 -21.10
CA ARG C 468 -8.88 7.61 -22.23
C ARG C 468 -10.08 8.53 -22.28
N ARG C 469 -11.05 8.36 -21.37
CA ARG C 469 -12.22 9.22 -21.34
C ARG C 469 -12.65 9.46 -19.91
N LEU C 470 -13.29 10.60 -19.69
CA LEU C 470 -13.79 11.00 -18.39
C LEU C 470 -15.27 11.34 -18.50
N GLY C 471 -16.03 10.99 -17.46
CA GLY C 471 -17.42 11.39 -17.39
C GLY C 471 -17.56 12.68 -16.60
N HIS C 472 -18.35 13.61 -17.13
CA HIS C 472 -18.64 14.87 -16.48
C HIS C 472 -17.37 15.66 -16.16
N ALA C 473 -16.85 15.51 -14.95
CA ALA C 473 -15.66 16.24 -14.48
C ALA C 473 -15.86 17.75 -14.63
N LEU C 474 -17.03 18.20 -14.18
CA LEU C 474 -17.43 19.60 -14.32
C LEU C 474 -16.62 20.54 -13.43
N ASN C 475 -15.94 20.03 -12.41
CA ASN C 475 -15.17 20.85 -11.50
C ASN C 475 -13.71 20.96 -11.90
N LEU C 476 -13.36 20.54 -13.13
CA LEU C 476 -11.98 20.56 -13.57
C LEU C 476 -11.43 21.98 -13.65
N LEU C 477 -12.29 22.99 -13.79
CA LEU C 477 -11.87 24.37 -13.96
C LEU C 477 -11.03 24.89 -12.78
N GLU C 478 -11.18 24.31 -11.59
CA GLU C 478 -10.48 24.79 -10.41
C GLU C 478 -9.15 24.07 -10.18
N ALA C 479 -8.72 23.24 -11.13
CA ALA C 479 -7.42 22.56 -11.07
C ALA C 479 -6.70 22.81 -12.38
N PRO C 480 -6.10 24.00 -12.55
CA PRO C 480 -5.41 24.29 -13.81
C PRO C 480 -4.28 23.33 -14.11
N ASP C 481 -3.59 22.84 -13.07
CA ASP C 481 -2.58 21.81 -13.26
C ASP C 481 -3.18 20.56 -13.89
N LEU C 482 -4.38 20.18 -13.43
CA LEU C 482 -5.06 19.04 -14.04
C LEU C 482 -5.49 19.35 -15.46
N MET C 483 -5.94 20.59 -15.72
CA MET C 483 -6.26 20.99 -17.09
C MET C 483 -5.07 20.78 -18.02
N ARG C 484 -3.88 21.23 -17.60
CA ARG C 484 -2.74 21.17 -18.49
C ARG C 484 -2.39 19.73 -18.85
N THR C 485 -2.32 18.85 -17.84
CA THR C 485 -1.96 17.46 -18.12
C THR C 485 -3.06 16.73 -18.87
N VAL C 486 -4.33 17.06 -18.63
CA VAL C 486 -5.41 16.48 -19.42
C VAL C 486 -5.28 16.90 -20.87
N ILE C 487 -4.96 18.18 -21.11
CA ILE C 487 -4.89 18.69 -22.47
C ILE C 487 -3.75 18.04 -23.23
N GLU C 488 -2.56 17.92 -22.62
CA GLU C 488 -1.44 17.39 -23.40
C GLU C 488 -1.64 15.92 -23.74
N ARG C 489 -2.40 15.18 -22.95
CA ARG C 489 -2.55 13.75 -23.14
C ARG C 489 -3.67 13.37 -24.09
N LYS C 490 -4.38 14.34 -24.66
CA LYS C 490 -5.48 14.09 -25.58
C LYS C 490 -6.52 13.17 -24.96
N ILE C 491 -7.11 13.65 -23.87
CA ILE C 491 -8.05 12.87 -23.07
C ILE C 491 -9.45 13.45 -23.26
N GLY C 492 -10.36 12.63 -23.77
CA GLY C 492 -11.72 13.08 -23.98
C GLY C 492 -12.47 13.27 -22.67
N VAL C 493 -13.49 14.12 -22.73
CA VAL C 493 -14.32 14.43 -21.57
C VAL C 493 -15.78 14.35 -22.03
N GLU C 494 -16.43 13.23 -21.74
CA GLU C 494 -17.87 13.12 -22.00
C GLU C 494 -18.62 13.97 -20.99
N MET C 495 -19.65 14.67 -21.46
CA MET C 495 -20.42 15.57 -20.60
C MET C 495 -21.83 15.71 -21.14
N CYS C 496 -22.81 15.67 -20.23
CA CYS C 496 -24.22 15.65 -20.60
C CYS C 496 -24.87 16.98 -20.22
N PRO C 497 -25.18 17.85 -21.19
CA PRO C 497 -25.71 19.18 -20.86
C PRO C 497 -26.99 19.15 -20.04
N TYR C 498 -28.03 18.51 -20.55
CA TYR C 498 -29.32 18.53 -19.86
C TYR C 498 -29.24 17.85 -18.50
N ALA C 499 -28.56 16.71 -18.43
CA ALA C 499 -28.48 15.97 -17.17
C ALA C 499 -27.73 16.77 -16.11
N ASN C 500 -26.57 17.33 -16.48
CA ASN C 500 -25.81 18.13 -15.53
C ASN C 500 -26.56 19.38 -15.12
N TYR C 501 -27.25 20.02 -16.08
CA TYR C 501 -28.05 21.19 -15.76
C TYR C 501 -29.15 20.85 -14.76
N GLN C 502 -29.83 19.72 -14.97
CA GLN C 502 -30.91 19.33 -14.06
C GLN C 502 -30.39 18.99 -12.68
N ILE C 503 -29.33 18.16 -12.61
CA ILE C 503 -28.87 17.66 -11.32
C ILE C 503 -27.94 18.61 -10.58
N LYS C 504 -27.49 19.68 -11.22
CA LYS C 504 -26.57 20.60 -10.54
C LYS C 504 -27.04 22.04 -10.56
N GLY C 505 -27.66 22.48 -11.64
CA GLY C 505 -28.08 23.87 -11.73
C GLY C 505 -27.03 24.75 -12.37
N PHE C 506 -27.40 25.42 -13.46
CA PHE C 506 -26.49 26.31 -14.17
C PHE C 506 -27.29 27.43 -14.79
N ALA C 507 -26.59 28.46 -15.26
CA ALA C 507 -27.25 29.62 -15.82
C ALA C 507 -28.10 29.20 -17.02
N PRO C 508 -29.24 29.89 -17.25
CA PRO C 508 -29.74 31.05 -16.53
C PRO C 508 -30.94 30.80 -15.61
N MET C 509 -31.03 29.72 -14.85
CA MET C 509 -32.20 29.52 -14.00
C MET C 509 -31.99 30.25 -12.67
N PRO C 510 -33.05 30.75 -12.03
CA PRO C 510 -32.87 31.71 -10.93
C PRO C 510 -32.21 31.09 -9.70
N ASN C 511 -31.64 31.97 -8.88
CA ASN C 511 -31.00 31.64 -7.61
C ASN C 511 -29.74 30.79 -7.79
N PHE C 512 -29.04 30.96 -8.91
CA PHE C 512 -27.79 30.26 -9.17
C PHE C 512 -26.82 31.17 -9.91
N SER C 513 -25.54 31.04 -9.56
CA SER C 513 -24.49 31.80 -10.21
C SER C 513 -23.48 30.93 -10.94
N ALA C 514 -23.50 29.61 -10.76
CA ALA C 514 -22.55 28.74 -11.43
C ALA C 514 -22.74 28.80 -12.94
N LEU C 515 -21.63 28.95 -13.66
CA LEU C 515 -21.63 29.02 -15.11
C LEU C 515 -21.21 27.67 -15.69
N TYR C 516 -21.83 27.29 -16.80
CA TYR C 516 -21.49 26.03 -17.43
C TYR C 516 -20.08 26.10 -18.00
N PRO C 517 -19.21 25.14 -17.68
CA PRO C 517 -17.80 25.28 -18.05
C PRO C 517 -17.48 24.87 -19.48
N LEU C 518 -18.50 24.75 -20.33
CA LEU C 518 -18.27 24.22 -21.67
C LEU C 518 -17.42 25.15 -22.52
N LYS C 519 -17.77 26.43 -22.56
CA LYS C 519 -17.08 27.36 -23.46
C LYS C 519 -15.60 27.47 -23.11
N LYS C 520 -15.29 27.58 -21.81
CA LYS C 520 -13.90 27.61 -21.38
C LYS C 520 -13.20 26.28 -21.68
N TYR C 521 -13.92 25.16 -21.58
CA TYR C 521 -13.33 23.87 -21.93
C TYR C 521 -12.95 23.84 -23.41
N LEU C 522 -13.83 24.37 -24.27
CA LEU C 522 -13.51 24.41 -25.70
C LEU C 522 -12.31 25.31 -25.98
N GLU C 523 -12.32 26.54 -25.45
CA GLU C 523 -11.23 27.45 -25.77
C GLU C 523 -9.91 26.96 -25.19
N ALA C 524 -9.96 26.24 -24.07
CA ALA C 524 -8.75 25.64 -23.52
C ALA C 524 -8.19 24.59 -24.46
N GLY C 525 -9.05 23.79 -25.07
CA GLY C 525 -8.61 22.76 -25.99
C GLY C 525 -8.89 21.36 -25.51
N ILE C 526 -9.74 21.24 -24.49
CA ILE C 526 -10.11 19.93 -23.97
C ILE C 526 -11.00 19.22 -24.97
N LEU C 527 -10.70 17.95 -25.26
CA LEU C 527 -11.44 17.19 -26.24
C LEU C 527 -12.80 16.78 -25.69
N VAL C 528 -13.67 17.76 -25.46
CA VAL C 528 -14.97 17.50 -24.86
C VAL C 528 -15.94 17.02 -25.93
N SER C 529 -16.68 15.96 -25.62
CA SER C 529 -17.71 15.43 -26.50
C SER C 529 -19.05 15.46 -25.76
N VAL C 530 -20.03 16.11 -26.36
CA VAL C 530 -21.35 16.27 -25.76
C VAL C 530 -22.12 14.96 -25.89
N ASN C 531 -22.71 14.50 -24.79
CA ASN C 531 -23.50 13.27 -24.80
C ASN C 531 -24.84 13.50 -24.12
N THR C 532 -25.70 12.47 -24.08
CA THR C 532 -27.05 12.62 -23.57
C THR C 532 -27.34 11.78 -22.34
N ASP C 533 -26.44 10.89 -21.92
CA ASP C 533 -26.62 10.07 -20.74
C ASP C 533 -27.87 9.21 -20.82
N ASN C 534 -28.88 9.56 -20.04
CA ASN C 534 -30.14 8.82 -19.97
C ASN C 534 -31.20 9.59 -20.73
N ILE C 535 -31.57 9.08 -21.91
CA ILE C 535 -32.49 9.81 -22.78
C ILE C 535 -33.87 9.92 -22.14
N GLY C 536 -34.41 8.80 -21.65
CA GLY C 536 -35.77 8.80 -21.14
C GLY C 536 -35.94 9.64 -19.89
N ILE C 537 -35.01 9.50 -18.93
CA ILE C 537 -35.14 10.25 -17.68
C ILE C 537 -34.96 11.74 -17.93
N SER C 538 -33.92 12.12 -18.67
CA SER C 538 -33.73 13.53 -19.00
C SER C 538 -34.80 14.04 -19.96
N GLY C 539 -35.37 13.17 -20.79
CA GLY C 539 -36.36 13.59 -21.75
C GLY C 539 -35.81 14.50 -22.83
N ALA C 540 -34.62 14.21 -23.33
CA ALA C 540 -34.01 15.04 -24.37
C ALA C 540 -33.02 14.19 -25.16
N ASN C 541 -33.15 14.22 -26.48
CA ASN C 541 -32.26 13.47 -27.35
C ASN C 541 -30.97 14.25 -27.55
N LEU C 542 -30.11 13.78 -28.45
CA LEU C 542 -28.83 14.44 -28.70
C LEU C 542 -29.04 15.83 -29.30
N SER C 543 -30.02 15.97 -30.19
CA SER C 543 -30.25 17.26 -30.85
C SER C 543 -30.62 18.34 -29.84
N GLU C 544 -31.53 18.01 -28.92
CA GLU C 544 -31.92 19.00 -27.91
C GLU C 544 -30.78 19.32 -26.96
N ASN C 545 -29.98 18.32 -26.61
CA ASN C 545 -28.82 18.56 -25.76
C ASN C 545 -27.83 19.50 -26.43
N LEU C 546 -27.59 19.30 -27.73
CA LEU C 546 -26.71 20.21 -28.46
C LEU C 546 -27.32 21.61 -28.56
N LEU C 547 -28.63 21.69 -28.79
CA LEU C 547 -29.27 22.98 -29.00
C LEU C 547 -29.34 23.80 -27.72
N ILE C 548 -29.43 23.14 -26.56
CA ILE C 548 -29.57 23.86 -25.30
C ILE C 548 -28.33 24.68 -24.96
N LEU C 549 -27.23 24.49 -25.69
CA LEU C 549 -26.04 25.29 -25.45
C LEU C 549 -26.26 26.77 -25.75
N ALA C 550 -27.31 27.11 -26.51
CA ALA C 550 -27.57 28.51 -26.84
C ALA C 550 -27.83 29.32 -25.59
N ASP C 551 -28.76 28.88 -24.75
CA ASP C 551 -29.01 29.52 -23.47
C ASP C 551 -28.19 28.93 -22.33
N LEU C 552 -27.44 27.86 -22.59
CA LEU C 552 -26.54 27.33 -21.59
C LEU C 552 -25.21 28.06 -21.59
N CYS C 553 -24.53 28.10 -22.72
CA CYS C 553 -23.27 28.86 -22.87
C CYS C 553 -23.48 29.94 -23.92
N PRO C 554 -23.78 31.18 -23.51
CA PRO C 554 -24.02 32.24 -24.49
C PRO C 554 -22.76 32.57 -25.29
N GLY C 555 -22.97 33.05 -26.51
CA GLY C 555 -21.87 33.42 -27.37
C GLY C 555 -21.25 32.26 -28.12
N ILE C 556 -21.76 31.04 -27.98
CA ILE C 556 -21.20 29.91 -28.69
C ILE C 556 -21.64 29.96 -30.15
N SER C 557 -20.76 29.53 -31.04
CA SER C 557 -21.02 29.54 -32.47
C SER C 557 -21.22 28.12 -32.97
N ARG C 558 -21.80 28.02 -34.18
CA ARG C 558 -22.04 26.71 -34.78
C ARG C 558 -20.74 25.97 -35.03
N MET C 559 -19.65 26.72 -35.24
CA MET C 559 -18.40 26.06 -35.60
C MET C 559 -17.77 25.40 -34.37
N ASP C 560 -18.04 25.94 -33.18
CA ASP C 560 -17.68 25.19 -31.98
C ASP C 560 -18.44 23.87 -31.90
N VAL C 561 -19.71 23.87 -32.34
CA VAL C 561 -20.45 22.61 -32.42
C VAL C 561 -19.77 21.67 -33.41
N LEU C 562 -19.34 22.18 -34.55
CA LEU C 562 -18.66 21.35 -35.55
C LEU C 562 -17.39 20.75 -34.99
N THR C 563 -16.58 21.55 -34.30
CA THR C 563 -15.36 21.02 -33.70
C THR C 563 -15.65 20.10 -32.53
N ILE C 564 -16.79 20.27 -31.86
CA ILE C 564 -17.21 19.31 -30.84
C ILE C 564 -17.48 17.96 -31.48
N ILE C 565 -18.17 17.95 -32.62
CA ILE C 565 -18.40 16.71 -33.34
C ILE C 565 -17.08 16.10 -33.78
N ARG C 566 -16.14 16.93 -34.26
CA ARG C 566 -14.84 16.42 -34.68
C ARG C 566 -14.10 15.79 -33.49
N ASN C 567 -14.15 16.44 -32.33
CA ASN C 567 -13.54 15.86 -31.13
C ASN C 567 -14.19 14.54 -30.77
N SER C 568 -15.51 14.45 -30.91
CA SER C 568 -16.22 13.20 -30.63
C SER C 568 -15.74 12.09 -31.55
N ILE C 569 -15.54 12.40 -32.83
CA ILE C 569 -14.90 11.43 -33.73
C ILE C 569 -13.52 11.04 -33.20
N GLU C 570 -12.74 12.03 -32.77
CA GLU C 570 -11.36 11.76 -32.40
C GLU C 570 -11.27 10.86 -31.17
N THR C 571 -12.16 11.04 -30.19
CA THR C 571 -12.00 10.37 -28.90
C THR C 571 -12.64 9.00 -28.82
N ALA C 572 -13.23 8.50 -29.91
CA ALA C 572 -13.91 7.21 -29.87
C ALA C 572 -12.91 6.06 -30.01
N PHE C 573 -13.09 5.02 -29.20
CA PHE C 573 -12.20 3.87 -29.20
C PHE C 573 -12.50 3.01 -30.41
N ILE C 574 -11.99 3.41 -31.57
CA ILE C 574 -12.25 2.73 -32.84
C ILE C 574 -10.95 2.56 -33.60
N SER C 575 -10.98 1.63 -34.55
CA SER C 575 -9.79 1.33 -35.33
C SER C 575 -9.47 2.47 -36.30
N HIS C 576 -8.24 2.44 -36.82
CA HIS C 576 -7.77 3.55 -37.66
C HIS C 576 -8.53 3.62 -38.97
N ASP C 577 -8.63 2.49 -39.69
CA ASP C 577 -9.27 2.52 -41.00
C ASP C 577 -10.74 2.89 -40.90
N PHE C 578 -11.43 2.35 -39.89
CA PHE C 578 -12.81 2.76 -39.65
C PHE C 578 -12.89 4.24 -39.33
N ARG C 579 -11.86 4.78 -38.66
CA ARG C 579 -11.82 6.22 -38.41
C ARG C 579 -11.73 7.01 -39.71
N MET C 580 -10.88 6.57 -40.65
CA MET C 580 -10.78 7.26 -41.93
C MET C 580 -12.11 7.20 -42.69
N GLU C 581 -12.73 6.01 -42.75
CA GLU C 581 -13.98 5.90 -43.49
C GLU C 581 -15.09 6.75 -42.86
N LEU C 582 -15.22 6.69 -41.52
CA LEU C 582 -16.24 7.48 -40.86
C LEU C 582 -15.97 8.96 -41.00
N LEU C 583 -14.69 9.36 -40.98
CA LEU C 583 -14.35 10.76 -41.20
C LEU C 583 -14.74 11.22 -42.59
N LYS C 584 -14.48 10.39 -43.61
CA LYS C 584 -14.86 10.76 -44.97
C LYS C 584 -16.37 10.90 -45.09
N PHE C 585 -17.12 9.92 -44.56
CA PHE C 585 -18.58 10.00 -44.64
C PHE C 585 -19.11 11.21 -43.90
N PHE C 586 -18.59 11.47 -42.69
CA PHE C 586 -19.00 12.65 -41.94
C PHE C 586 -18.68 13.93 -42.69
N ASP C 587 -17.51 14.00 -43.33
CA ASP C 587 -17.13 15.18 -44.08
C ASP C 587 -18.13 15.45 -45.19
N ARG C 588 -18.40 14.43 -46.02
CA ARG C 588 -19.32 14.65 -47.14
C ARG C 588 -20.72 15.01 -46.64
N LYS C 589 -21.22 14.27 -45.64
CA LYS C 589 -22.57 14.51 -45.15
C LYS C 589 -22.70 15.89 -44.56
N ILE C 590 -21.72 16.30 -43.73
CA ILE C 590 -21.80 17.60 -43.09
C ILE C 590 -21.67 18.71 -44.13
N TYR C 591 -20.86 18.49 -45.16
CA TYR C 591 -20.76 19.46 -46.25
C TYR C 591 -22.13 19.67 -46.89
N ASP C 592 -22.79 18.57 -47.27
CA ASP C 592 -24.12 18.69 -47.87
C ASP C 592 -25.10 19.35 -46.91
N VAL C 593 -24.99 19.05 -45.62
CA VAL C 593 -25.92 19.61 -44.65
C VAL C 593 -25.76 21.12 -44.55
N CYS C 594 -24.53 21.60 -44.34
CA CYS C 594 -24.37 23.05 -44.25
C CYS C 594 -24.66 23.72 -45.58
N LEU C 595 -24.56 22.99 -46.69
CA LEU C 595 -24.91 23.57 -47.98
C LEU C 595 -26.41 23.75 -48.14
N ILE C 596 -27.21 22.76 -47.72
CA ILE C 596 -28.61 22.68 -48.11
C ILE C 596 -29.56 23.03 -46.98
N SER C 597 -29.27 22.62 -45.74
CA SER C 597 -30.22 22.80 -44.65
C SER C 597 -30.37 24.27 -44.27
N ILE C 598 -29.30 25.06 -44.36
CA ILE C 598 -29.32 26.45 -43.94
C ILE C 598 -29.64 27.31 -45.16
N LYS C 599 -30.19 26.67 -46.20
CA LYS C 599 -30.72 27.39 -47.36
C LYS C 599 -31.73 28.46 -46.97
N ASN C 600 -32.27 28.40 -45.75
CA ASN C 600 -33.17 29.43 -45.22
C ASN C 600 -32.57 30.82 -45.32
N ARG D 3 -5.59 51.98 -44.82
CA ARG D 3 -6.74 52.05 -45.71
C ARG D 3 -6.32 52.40 -47.13
N VAL D 4 -6.79 51.63 -48.10
CA VAL D 4 -6.41 51.79 -49.49
C VAL D 4 -7.66 51.91 -50.34
N LEU D 5 -7.68 52.91 -51.22
CA LEU D 5 -8.76 53.11 -52.18
C LEU D 5 -8.30 52.64 -53.56
N LEU D 6 -9.14 51.83 -54.20
CA LEU D 6 -8.90 51.36 -55.55
C LEU D 6 -10.11 51.71 -56.41
N CYS D 7 -9.86 52.33 -57.56
CA CYS D 7 -10.93 52.74 -58.46
C CYS D 7 -10.43 52.65 -59.90
N SER D 8 -11.37 52.54 -60.83
CA SER D 8 -11.04 52.50 -62.24
C SER D 8 -11.24 53.87 -62.86
N ALA D 9 -10.38 54.21 -63.81
CA ALA D 9 -10.41 55.49 -64.50
C ALA D 9 -10.84 55.27 -65.94
N GLY D 10 -11.89 55.96 -66.37
CA GLY D 10 -12.38 55.85 -67.72
C GLY D 10 -12.07 57.09 -68.55
N HIS D 11 -13.06 57.97 -68.71
CA HIS D 11 -12.89 59.19 -69.47
C HIS D 11 -13.01 60.46 -68.64
N SER D 12 -13.56 60.37 -67.42
CA SER D 12 -13.76 61.54 -66.57
C SER D 12 -13.10 61.32 -65.21
N SER D 13 -12.68 62.43 -64.61
CA SER D 13 -12.05 62.42 -63.29
C SER D 13 -13.07 62.59 -62.16
N MET D 14 -14.31 62.12 -62.39
CA MET D 14 -15.36 62.26 -61.40
C MET D 14 -15.06 61.49 -60.12
N VAL D 15 -14.61 60.24 -60.23
CA VAL D 15 -14.73 59.31 -59.12
C VAL D 15 -13.73 59.61 -58.01
N VAL D 16 -12.46 59.84 -58.37
CA VAL D 16 -11.37 59.73 -57.40
C VAL D 16 -11.48 60.73 -56.26
N PRO D 17 -11.63 62.04 -56.51
CA PRO D 17 -11.62 62.97 -55.36
C PRO D 17 -12.84 62.83 -54.46
N GLU D 18 -14.02 62.66 -55.06
CA GLU D 18 -15.23 62.49 -54.26
C GLU D 18 -15.16 61.20 -53.45
N ALA D 19 -14.59 60.13 -54.02
CA ALA D 19 -14.42 58.90 -53.27
C ALA D 19 -13.41 59.09 -52.15
N PHE D 20 -12.33 59.83 -52.40
CA PHE D 20 -11.33 60.07 -51.36
C PHE D 20 -11.91 60.82 -50.18
N HIS D 21 -12.74 61.83 -50.46
CA HIS D 21 -13.34 62.60 -49.39
C HIS D 21 -14.64 62.01 -48.87
N ALA D 22 -15.12 60.90 -49.47
CA ALA D 22 -16.37 60.30 -49.03
C ALA D 22 -16.29 59.83 -47.58
N VAL D 23 -15.19 59.17 -47.22
CA VAL D 23 -15.00 58.74 -45.83
C VAL D 23 -14.61 59.96 -45.01
N PRO D 24 -15.28 60.21 -43.87
CA PRO D 24 -14.96 61.42 -43.08
C PRO D 24 -13.51 61.48 -42.63
N GLU D 25 -12.91 60.33 -42.30
CA GLU D 25 -11.52 60.31 -41.87
C GLU D 25 -10.55 60.50 -43.02
N GLY D 26 -10.95 60.16 -44.25
CA GLY D 26 -10.05 60.19 -45.38
C GLY D 26 -9.23 58.92 -45.49
N PHE D 27 -8.44 58.84 -46.55
CA PHE D 27 -7.62 57.67 -46.81
C PHE D 27 -6.14 58.04 -46.80
N GLU D 28 -5.30 57.01 -46.89
CA GLU D 28 -3.86 57.16 -46.85
C GLU D 28 -3.21 56.77 -48.17
N GLU D 29 -3.67 55.68 -48.79
CA GLU D 29 -3.16 55.24 -50.09
C GLU D 29 -4.33 55.12 -51.05
N VAL D 30 -4.18 55.69 -52.25
CA VAL D 30 -5.19 55.62 -53.30
C VAL D 30 -4.52 55.21 -54.59
N HIS D 31 -5.06 54.18 -55.24
CA HIS D 31 -4.54 53.70 -56.51
C HIS D 31 -5.68 53.64 -57.52
N VAL D 32 -5.44 54.17 -58.71
CA VAL D 32 -6.44 54.25 -59.76
C VAL D 32 -5.93 53.50 -60.99
N PHE D 33 -6.79 52.66 -61.57
CA PHE D 33 -6.45 51.89 -62.76
C PHE D 33 -7.11 52.49 -63.99
N THR D 34 -6.43 52.41 -65.13
CA THR D 34 -6.93 52.97 -66.37
C THR D 34 -6.35 52.19 -67.54
N THR D 35 -6.96 52.37 -68.71
CA THR D 35 -6.50 51.74 -69.93
C THR D 35 -5.51 52.67 -70.65
N ASP D 36 -5.07 52.25 -71.83
CA ASP D 36 -4.13 53.03 -72.64
C ASP D 36 -4.80 54.18 -73.39
N SER D 37 -6.09 54.42 -73.17
CA SER D 37 -6.78 55.49 -73.89
C SER D 37 -6.19 56.85 -73.55
N GLU D 38 -5.96 57.66 -74.57
CA GLU D 38 -5.47 59.02 -74.39
C GLU D 38 -6.54 60.00 -73.97
N LYS D 39 -7.82 59.58 -73.96
CA LYS D 39 -8.90 60.49 -73.62
C LYS D 39 -8.78 60.99 -72.19
N PHE D 40 -8.44 60.09 -71.26
CA PHE D 40 -8.31 60.48 -69.87
C PHE D 40 -7.13 61.40 -69.66
N ASN D 41 -7.26 62.28 -68.66
CA ASN D 41 -6.19 63.19 -68.28
C ASN D 41 -5.77 62.93 -66.85
N PRO D 42 -4.47 62.88 -66.57
CA PRO D 42 -3.99 62.66 -65.19
C PRO D 42 -3.60 63.93 -64.44
N VAL D 43 -3.65 65.10 -65.07
CA VAL D 43 -3.09 66.30 -64.45
C VAL D 43 -3.93 66.76 -63.27
N VAL D 44 -5.26 66.65 -63.37
CA VAL D 44 -6.13 67.15 -62.30
C VAL D 44 -5.93 66.33 -61.03
N LEU D 45 -5.98 65.01 -61.16
CA LEU D 45 -5.75 64.15 -60.00
C LEU D 45 -4.35 64.33 -59.45
N ASN D 46 -3.36 64.47 -60.34
CA ASN D 46 -1.98 64.67 -59.90
C ASN D 46 -1.85 65.91 -59.04
N ASP D 47 -2.38 67.04 -59.51
CA ASP D 47 -2.25 68.27 -58.72
C ASP D 47 -3.10 68.21 -57.45
N PHE D 48 -4.27 67.56 -57.51
CA PHE D 48 -5.09 67.46 -56.32
C PHE D 48 -4.40 66.66 -55.23
N PHE D 49 -3.76 65.54 -55.60
CA PHE D 49 -3.04 64.76 -54.61
C PHE D 49 -1.71 65.41 -54.21
N HIS D 50 -1.13 66.23 -55.09
CA HIS D 50 0.02 67.02 -54.69
C HIS D 50 -0.34 68.11 -53.70
N SER D 51 -1.59 68.58 -53.71
CA SER D 51 -2.04 69.53 -52.71
C SER D 51 -1.99 68.93 -51.31
N LEU D 52 -2.13 67.61 -51.20
CA LEU D 52 -2.05 66.89 -49.93
C LEU D 52 -1.04 65.76 -50.09
N PRO D 53 0.26 66.06 -50.04
CA PRO D 53 1.26 65.01 -50.27
C PRO D 53 1.38 64.02 -49.12
N ASN D 54 0.68 64.24 -48.00
CA ASN D 54 0.77 63.30 -46.89
C ASN D 54 0.24 61.93 -47.27
N VAL D 55 -0.79 61.87 -48.10
CA VAL D 55 -1.34 60.61 -48.56
C VAL D 55 -0.58 60.15 -49.81
N ARG D 56 -0.73 58.87 -50.14
CA ARG D 56 -0.05 58.28 -51.28
C ARG D 56 -1.00 58.15 -52.46
N PHE D 57 -0.43 58.15 -53.66
CA PHE D 57 -1.21 58.08 -54.89
C PHE D 57 -0.38 57.42 -55.98
N SER D 58 -1.05 56.74 -56.89
CA SER D 58 -0.39 56.09 -58.00
C SER D 58 -1.38 55.92 -59.16
N ILE D 59 -0.82 55.76 -60.35
CA ILE D 59 -1.61 55.57 -61.57
C ILE D 59 -1.07 54.35 -62.31
N THR D 60 -1.97 53.44 -62.68
CA THR D 60 -1.60 52.25 -63.44
C THR D 60 -2.32 52.27 -64.78
N LYS D 61 -1.57 52.06 -65.86
CA LYS D 61 -2.09 52.13 -67.21
C LYS D 61 -1.97 50.76 -67.86
N CYS D 62 -3.05 50.29 -68.46
CA CYS D 62 -3.06 49.01 -69.16
C CYS D 62 -2.43 49.22 -70.53
N HIS D 63 -1.19 48.75 -70.68
CA HIS D 63 -0.44 49.00 -71.90
C HIS D 63 -1.06 48.27 -73.09
N GLY D 64 -1.07 48.95 -74.24
CA GLY D 64 -1.51 48.33 -75.48
C GLY D 64 -2.99 48.06 -75.58
N LEU D 65 -3.82 48.78 -74.82
CA LEU D 65 -5.27 48.57 -74.87
C LEU D 65 -5.94 49.91 -74.54
N ALA D 66 -6.41 50.60 -75.58
CA ALA D 66 -7.14 51.84 -75.36
C ALA D 66 -8.55 51.58 -74.85
N ASP D 67 -9.20 50.54 -75.34
CA ASP D 67 -10.56 50.21 -74.94
C ASP D 67 -10.80 48.73 -75.21
N ILE D 68 -12.01 48.27 -74.93
CA ILE D 68 -12.40 46.88 -75.11
C ILE D 68 -13.20 46.78 -76.41
N LEU D 69 -12.70 45.97 -77.35
CA LEU D 69 -13.33 45.83 -78.65
C LEU D 69 -13.67 44.40 -79.03
N ASN D 70 -13.23 43.40 -78.27
CA ASN D 70 -13.50 42.01 -78.59
C ASN D 70 -13.28 41.16 -77.34
N GLU D 71 -13.36 39.84 -77.51
CA GLU D 71 -13.16 38.93 -76.38
C GLU D 71 -11.74 39.02 -75.85
N ARG D 72 -10.75 39.04 -76.74
CA ARG D 72 -9.36 39.13 -76.31
C ARG D 72 -9.08 40.43 -75.56
N ASP D 73 -9.62 41.54 -76.06
CA ASP D 73 -9.42 42.82 -75.39
C ASP D 73 -10.01 42.81 -73.99
N PHE D 74 -11.23 42.29 -73.85
CA PHE D 74 -11.86 42.29 -72.54
C PHE D 74 -11.14 41.35 -71.57
N GLU D 75 -10.75 40.16 -72.04
CA GLU D 75 -10.05 39.24 -71.15
C GLU D 75 -8.70 39.79 -70.74
N PHE D 76 -7.99 40.45 -71.66
CA PHE D 76 -6.72 41.09 -71.31
C PHE D 76 -6.94 42.21 -70.29
N TYR D 77 -7.97 43.03 -70.49
CA TYR D 77 -8.23 44.09 -69.53
C TYR D 77 -8.56 43.52 -68.17
N GLN D 78 -9.38 42.47 -68.12
CA GLN D 78 -9.75 41.88 -66.84
C GLN D 78 -8.53 41.29 -66.15
N GLU D 79 -7.64 40.64 -66.91
CA GLU D 79 -6.43 40.08 -66.31
C GLU D 79 -5.53 41.17 -65.73
N MET D 80 -5.31 42.25 -66.49
CA MET D 80 -4.49 43.34 -65.95
C MET D 80 -5.17 44.05 -64.78
N LEU D 81 -6.49 44.18 -64.79
CA LEU D 81 -7.19 44.76 -63.65
C LEU D 81 -7.00 43.90 -62.41
N TRP D 82 -7.15 42.58 -62.56
CA TRP D 82 -6.95 41.66 -61.45
C TRP D 82 -5.50 41.69 -60.96
N GLN D 83 -4.55 41.81 -61.88
CA GLN D 83 -3.14 41.87 -61.48
C GLN D 83 -2.83 43.16 -60.73
N TRP D 84 -3.34 44.29 -61.23
CA TRP D 84 -3.20 45.55 -60.52
C TRP D 84 -3.83 45.46 -59.16
N TYR D 85 -4.94 44.74 -59.05
CA TYR D 85 -5.58 44.59 -57.75
C TYR D 85 -4.71 43.77 -56.80
N LEU D 86 -4.17 42.65 -57.29
CA LEU D 86 -3.43 41.76 -56.39
C LEU D 86 -2.09 42.37 -55.98
N THR D 87 -1.44 43.13 -56.87
CA THR D 87 -0.25 43.86 -56.44
C THR D 87 -0.59 44.98 -55.47
N LYS D 88 -1.88 45.28 -55.28
CA LYS D 88 -2.35 46.41 -54.49
C LYS D 88 -3.31 46.06 -53.34
N MET D 89 -3.51 44.77 -52.99
CA MET D 89 -4.04 44.48 -51.65
C MET D 89 -3.09 44.99 -50.57
N PRO D 90 -3.62 45.63 -49.52
CA PRO D 90 -2.85 45.75 -48.27
C PRO D 90 -2.55 44.37 -47.71
N ASP D 91 -1.43 44.27 -47.01
CA ASP D 91 -0.94 42.97 -46.57
C ASP D 91 -1.95 42.26 -45.68
N ASN D 92 -2.55 42.98 -44.74
CA ASN D 92 -3.43 42.37 -43.75
C ASN D 92 -4.88 42.80 -43.92
N GLU D 93 -5.16 44.10 -43.91
CA GLU D 93 -6.53 44.58 -43.92
C GLU D 93 -7.10 44.59 -45.34
N LEU D 94 -8.42 44.45 -45.42
CA LEU D 94 -9.10 44.58 -46.69
C LEU D 94 -9.24 46.06 -47.07
N PRO D 95 -9.17 46.37 -48.35
CA PRO D 95 -9.28 47.78 -48.79
C PRO D 95 -10.71 48.16 -49.16
N TYR D 96 -10.88 49.44 -49.44
CA TYR D 96 -12.14 49.99 -49.92
C TYR D 96 -12.07 50.16 -51.43
N VAL D 97 -13.23 50.06 -52.08
CA VAL D 97 -13.33 50.11 -53.53
C VAL D 97 -14.46 51.05 -53.95
N CYS D 98 -14.19 51.87 -54.96
CA CYS D 98 -15.21 52.70 -55.60
C CYS D 98 -15.40 52.21 -57.03
N LEU D 99 -16.65 52.03 -57.43
CA LEU D 99 -16.98 51.37 -58.68
C LEU D 99 -17.45 52.32 -59.78
N SER D 100 -17.82 53.56 -59.45
CA SER D 100 -18.51 54.44 -60.38
C SER D 100 -17.65 54.86 -61.57
N GLY D 101 -16.42 54.37 -61.65
CA GLY D 101 -15.52 54.75 -62.73
C GLY D 101 -15.64 53.85 -63.95
N GLY D 102 -15.45 54.46 -65.12
CA GLY D 102 -15.50 53.74 -66.38
C GLY D 102 -16.91 53.36 -66.78
N ILE D 103 -17.01 52.68 -67.92
CA ILE D 103 -18.30 52.20 -68.40
C ILE D 103 -18.62 50.90 -67.67
N LYS D 104 -19.84 50.38 -67.87
CA LYS D 104 -20.35 49.29 -67.06
C LYS D 104 -19.45 48.05 -67.11
N SER D 105 -18.69 47.86 -68.19
CA SER D 105 -17.87 46.67 -68.31
C SER D 105 -16.79 46.61 -67.22
N MET D 106 -15.98 47.67 -67.10
CA MET D 106 -14.95 47.66 -66.06
C MET D 106 -15.55 47.79 -64.67
N SER D 107 -16.74 48.40 -64.57
CA SER D 107 -17.44 48.43 -63.28
C SER D 107 -17.77 47.01 -62.82
N ALA D 108 -18.33 46.21 -63.73
CA ALA D 108 -18.65 44.82 -63.40
C ALA D 108 -17.38 44.02 -63.12
N SER D 109 -16.32 44.25 -63.91
CA SER D 109 -15.07 43.54 -63.67
C SER D 109 -14.50 43.88 -62.29
N LEU D 110 -14.55 45.15 -61.91
CA LEU D 110 -14.06 45.56 -60.60
C LEU D 110 -14.91 44.98 -59.47
N GLN D 111 -16.23 44.94 -59.66
CA GLN D 111 -17.08 44.30 -58.65
C GLN D 111 -16.76 42.82 -58.51
N LYS D 112 -16.50 42.15 -59.65
CA LYS D 112 -16.12 40.75 -59.60
C LYS D 112 -14.79 40.58 -58.86
N ALA D 113 -13.84 41.48 -59.10
CA ALA D 113 -12.57 41.44 -58.38
C ALA D 113 -12.79 41.61 -56.88
N ALA D 114 -13.64 42.56 -56.50
CA ALA D 114 -13.91 42.79 -55.08
C ALA D 114 -14.57 41.57 -54.43
N THR D 115 -15.52 40.96 -55.13
CA THR D 115 -16.17 39.76 -54.60
C THR D 115 -15.16 38.62 -54.48
N LEU D 116 -14.28 38.49 -55.47
CA LEU D 116 -13.35 37.37 -55.53
C LEU D 116 -12.29 37.48 -54.45
N PHE D 117 -11.66 38.64 -54.31
CA PHE D 117 -10.55 38.82 -53.39
C PHE D 117 -10.97 39.44 -52.06
N GLY D 118 -12.23 39.84 -51.91
CA GLY D 118 -12.68 40.42 -50.66
C GLY D 118 -12.27 41.87 -50.52
N ALA D 119 -13.14 42.67 -49.90
CA ALA D 119 -12.86 44.08 -49.70
C ALA D 119 -13.51 44.55 -48.41
N GLN D 120 -12.99 45.65 -47.87
CA GLN D 120 -13.49 46.15 -46.60
C GLN D 120 -14.91 46.71 -46.74
N SER D 121 -15.06 47.73 -47.60
CA SER D 121 -16.39 48.31 -47.83
C SER D 121 -16.36 48.97 -49.21
N VAL D 122 -16.97 48.31 -50.19
CA VAL D 122 -17.09 48.88 -51.52
C VAL D 122 -18.30 49.81 -51.57
N PHE D 123 -18.27 50.78 -52.48
CA PHE D 123 -19.30 51.80 -52.52
C PHE D 123 -19.36 52.43 -53.90
N HIS D 124 -20.40 53.24 -54.11
CA HIS D 124 -20.61 54.00 -55.33
C HIS D 124 -20.63 55.49 -55.00
N VAL D 125 -20.29 56.30 -55.99
CA VAL D 125 -20.31 57.76 -55.85
C VAL D 125 -20.99 58.35 -57.08
N LEU D 126 -22.01 59.18 -56.87
CA LEU D 126 -22.72 59.84 -57.95
C LEU D 126 -22.90 61.31 -57.62
N ALA D 127 -22.85 62.14 -58.67
CA ALA D 127 -23.03 63.58 -58.54
C ALA D 127 -24.03 64.03 -59.61
N ASP D 128 -25.00 64.85 -59.20
CA ASP D 128 -26.05 65.27 -60.12
C ASP D 128 -25.56 66.31 -61.11
N ASN D 129 -24.69 67.23 -60.66
CA ASN D 129 -24.30 68.36 -61.48
C ASN D 129 -23.12 68.08 -62.40
N ASN D 130 -22.53 66.88 -62.30
CA ASN D 130 -21.35 66.51 -63.08
C ASN D 130 -20.24 67.55 -62.94
N PRO D 131 -19.64 67.71 -61.75
CA PRO D 131 -18.62 68.74 -61.56
C PRO D 131 -17.34 68.47 -62.34
N ARG D 132 -16.52 69.51 -62.52
CA ARG D 132 -15.35 69.43 -63.40
C ARG D 132 -14.02 69.80 -62.73
N ASN D 133 -13.99 70.87 -61.93
CA ASN D 133 -12.72 71.39 -61.42
C ASN D 133 -12.79 71.56 -59.91
N ILE D 134 -11.60 71.48 -59.30
CA ILE D 134 -11.49 71.11 -57.88
C ILE D 134 -12.35 72.00 -56.99
N GLU D 135 -12.34 73.32 -57.27
CA GLU D 135 -13.05 74.25 -56.40
C GLU D 135 -14.52 73.91 -56.32
N GLU D 136 -15.15 73.56 -57.44
CA GLU D 136 -16.59 73.31 -57.40
C GLU D 136 -16.93 71.87 -57.06
N MET D 137 -16.01 70.91 -57.20
CA MET D 137 -16.18 69.65 -56.46
C MET D 137 -16.30 69.94 -54.97
N PHE D 138 -15.38 70.75 -54.43
CA PHE D 138 -15.44 71.09 -53.01
C PHE D 138 -16.73 71.82 -52.68
N ASP D 139 -17.14 72.75 -53.54
CA ASP D 139 -18.39 73.49 -53.32
C ASP D 139 -19.59 72.54 -53.26
N ALA D 140 -19.71 71.65 -54.26
CA ALA D 140 -20.82 70.71 -54.28
C ALA D 140 -20.79 69.79 -53.06
N LEU D 141 -19.58 69.47 -52.57
CA LEU D 141 -19.50 68.65 -51.37
C LEU D 141 -19.95 69.45 -50.14
N GLN D 142 -19.71 70.77 -50.15
CA GLN D 142 -20.20 71.61 -49.06
C GLN D 142 -21.73 71.60 -48.98
N LYS D 143 -22.40 71.72 -50.13
CA LYS D 143 -23.86 71.76 -50.14
C LYS D 143 -24.51 70.43 -49.84
N GLY D 144 -23.74 69.34 -49.76
CA GLY D 144 -24.30 68.03 -49.53
C GLY D 144 -24.77 67.30 -50.76
N GLN D 145 -24.48 67.82 -51.96
CA GLN D 145 -24.84 67.11 -53.19
C GLN D 145 -24.06 65.81 -53.36
N ILE D 146 -22.95 65.64 -52.64
CA ILE D 146 -22.20 64.40 -52.71
C ILE D 146 -23.02 63.27 -52.08
N HIS D 147 -22.92 62.09 -52.68
CA HIS D 147 -23.67 60.93 -52.19
C HIS D 147 -22.82 59.68 -52.39
N PHE D 148 -22.62 58.93 -51.31
CA PHE D 148 -21.90 57.67 -51.35
C PHE D 148 -22.91 56.53 -51.23
N ILE D 149 -22.83 55.57 -52.14
CA ILE D 149 -23.75 54.44 -52.17
C ILE D 149 -22.99 53.19 -51.77
N GLU D 150 -23.01 52.88 -50.48
CA GLU D 150 -22.30 51.73 -49.93
C GLU D 150 -22.98 50.45 -50.39
N MET D 151 -22.17 49.49 -50.86
CA MET D 151 -22.72 48.22 -51.31
C MET D 151 -22.74 47.19 -50.18
N GLY D 152 -21.58 46.92 -49.60
CA GLY D 152 -21.46 45.91 -48.58
C GLY D 152 -20.01 45.69 -48.20
N TYR D 153 -19.77 44.55 -47.55
CA TYR D 153 -18.43 44.20 -47.08
C TYR D 153 -18.18 42.75 -47.49
N GLU D 154 -17.47 42.55 -48.59
CA GLU D 154 -17.20 41.20 -49.08
C GLU D 154 -15.97 40.64 -48.39
N PRO D 155 -16.07 39.49 -47.71
CA PRO D 155 -14.88 38.87 -47.13
C PRO D 155 -13.99 38.25 -48.18
N GLY D 156 -14.61 37.70 -49.21
CA GLY D 156 -13.88 37.09 -50.31
C GLY D 156 -13.31 35.73 -49.96
N TRP D 157 -12.66 35.13 -50.96
CA TRP D 157 -12.00 33.85 -50.78
C TRP D 157 -10.68 34.07 -50.05
N ALA D 158 -10.58 33.56 -48.82
CA ALA D 158 -9.35 33.74 -48.05
C ALA D 158 -8.17 33.08 -48.73
N ALA D 159 -8.35 31.88 -49.28
CA ALA D 159 -7.28 31.20 -50.00
C ALA D 159 -6.90 31.91 -51.28
N LEU D 160 -7.79 32.72 -51.84
CA LEU D 160 -7.53 33.36 -53.13
C LEU D 160 -6.90 34.73 -52.99
N ARG D 161 -6.57 35.15 -51.76
CA ARG D 161 -5.72 36.32 -51.58
C ARG D 161 -4.25 35.94 -51.62
N ARG D 162 -3.94 34.66 -51.80
CA ARG D 162 -2.58 34.13 -51.71
C ARG D 162 -1.92 33.96 -53.08
N LEU D 163 -2.49 34.52 -54.15
CA LEU D 163 -1.88 34.47 -55.47
C LEU D 163 -0.83 35.55 -55.69
N LYS D 164 -0.61 36.44 -54.72
CA LYS D 164 0.47 37.40 -54.84
C LYS D 164 1.84 36.73 -54.89
N LYS D 165 1.96 35.51 -54.36
CA LYS D 165 3.25 34.85 -54.30
C LYS D 165 3.71 34.37 -55.68
N ILE D 166 2.80 33.78 -56.46
CA ILE D 166 3.19 33.21 -57.74
C ILE D 166 3.64 34.30 -58.71
N LEU D 167 2.90 35.41 -58.76
CA LEU D 167 3.26 36.48 -59.70
C LEU D 167 2.74 37.82 -59.22
N PRO D 168 3.58 38.63 -58.56
CA PRO D 168 3.19 40.01 -58.27
C PRO D 168 3.06 40.82 -59.56
N ILE D 169 4.08 40.74 -60.40
CA ILE D 169 4.04 41.34 -61.74
C ILE D 169 5.06 40.61 -62.61
N ASN D 170 4.72 40.43 -63.88
CA ASN D 170 5.61 39.80 -64.83
C ASN D 170 6.43 40.82 -65.61
N GLU D 171 7.09 41.72 -64.87
CA GLU D 171 7.94 42.79 -65.42
C GLU D 171 7.36 43.39 -66.71
N GLY D 172 6.07 43.70 -66.66
CA GLY D 172 5.39 44.24 -67.83
C GLY D 172 5.30 43.26 -68.96
N CYS D 173 4.54 42.19 -68.78
CA CYS D 173 4.43 41.15 -69.78
C CYS D 173 3.78 41.68 -71.06
N SER D 174 4.21 41.16 -72.19
CA SER D 174 3.69 41.52 -73.50
C SER D 174 2.79 40.42 -74.04
N ARG D 175 2.14 40.70 -75.18
CA ARG D 175 1.22 39.73 -75.76
C ARG D 175 1.95 38.47 -76.21
N ASP D 176 3.22 38.59 -76.59
CA ASP D 176 3.97 37.41 -77.02
C ASP D 176 4.16 36.42 -75.89
N ASN D 177 4.46 36.91 -74.68
CA ASN D 177 4.71 36.06 -73.53
C ASN D 177 3.63 36.19 -72.46
N PHE D 178 2.45 36.69 -72.82
CA PHE D 178 1.37 36.81 -71.86
C PHE D 178 0.88 35.43 -71.43
N LYS D 179 0.42 35.34 -70.18
CA LYS D 179 -0.10 34.10 -69.64
C LYS D 179 -1.29 34.44 -68.74
N PRO D 180 -2.40 33.70 -68.86
CA PRO D 180 -3.59 33.95 -68.01
C PRO D 180 -3.56 33.23 -66.67
N LEU D 181 -2.76 33.77 -65.74
CA LEU D 181 -2.63 33.14 -64.43
C LEU D 181 -3.89 33.32 -63.59
N ILE D 182 -4.49 34.52 -63.63
CA ILE D 182 -5.72 34.73 -62.87
C ILE D 182 -6.84 33.90 -63.46
N SER D 183 -6.80 33.66 -64.78
CA SER D 183 -7.71 32.69 -65.37
C SER D 183 -7.48 31.30 -64.78
N LYS D 184 -6.22 30.95 -64.54
CA LYS D 184 -5.92 29.68 -63.88
C LYS D 184 -6.53 29.63 -62.49
N SER D 185 -6.44 30.73 -61.75
CA SER D 185 -7.04 30.77 -60.41
C SER D 185 -8.55 30.57 -60.48
N ILE D 186 -9.22 31.33 -61.35
CA ILE D 186 -10.68 31.24 -61.41
C ILE D 186 -11.11 29.86 -61.90
N GLU D 187 -10.38 29.29 -62.86
CA GLU D 187 -10.75 27.97 -63.35
C GLU D 187 -10.51 26.90 -62.29
N GLU D 188 -9.43 27.03 -61.52
CA GLU D 188 -9.19 26.05 -60.47
C GLU D 188 -10.28 26.10 -59.40
N ILE D 189 -10.70 27.30 -59.01
CA ILE D 189 -11.73 27.38 -57.97
C ILE D 189 -13.08 26.91 -58.50
N LEU D 190 -13.43 27.28 -59.74
CA LEU D 190 -14.70 26.83 -60.28
C LEU D 190 -14.70 25.31 -60.50
N SER D 191 -13.57 24.75 -60.92
CA SER D 191 -13.47 23.31 -61.07
C SER D 191 -13.58 22.61 -59.73
N ASN D 192 -12.98 23.18 -58.68
CA ASN D 192 -13.11 22.59 -57.35
C ASN D 192 -14.57 22.58 -56.90
N VAL D 193 -15.27 23.70 -57.09
CA VAL D 193 -16.67 23.77 -56.68
C VAL D 193 -17.52 22.80 -57.50
N LYS D 194 -17.28 22.73 -58.81
CA LYS D 194 -18.06 21.84 -59.67
C LYS D 194 -17.79 20.38 -59.34
N ILE D 195 -16.54 20.04 -59.05
CA ILE D 195 -16.21 18.67 -58.63
C ILE D 195 -16.89 18.34 -57.31
N MET D 196 -16.93 19.30 -56.40
CA MET D 196 -17.64 19.09 -55.14
C MET D 196 -19.12 18.81 -55.39
N ALA D 197 -19.73 19.60 -56.27
CA ALA D 197 -21.17 19.48 -56.52
C ALA D 197 -21.55 18.30 -57.38
N SER D 198 -20.64 17.78 -58.22
CA SER D 198 -20.97 16.74 -59.19
C SER D 198 -20.66 15.34 -58.65
N ASP D 199 -19.40 15.08 -58.33
CA ASP D 199 -18.99 13.75 -57.93
C ASP D 199 -19.27 13.53 -56.44
N THR D 200 -19.15 12.29 -56.00
CA THR D 200 -19.28 11.92 -54.60
C THR D 200 -18.07 11.17 -54.07
N GLY D 201 -17.50 10.26 -54.86
CA GLY D 201 -16.33 9.50 -54.45
C GLY D 201 -15.10 10.36 -54.23
N LYS D 202 -14.84 11.28 -55.16
CA LYS D 202 -13.78 12.25 -54.96
C LYS D 202 -14.21 13.32 -53.96
N SER D 203 -15.52 13.53 -53.80
CA SER D 203 -16.01 14.64 -53.00
C SER D 203 -15.79 14.45 -51.51
N ASN D 204 -15.66 13.20 -51.05
CA ASN D 204 -15.69 12.94 -49.62
C ASN D 204 -14.33 12.64 -49.00
N GLN D 205 -13.31 12.32 -49.79
CA GLN D 205 -12.05 11.86 -49.22
C GLN D 205 -11.38 12.93 -48.36
N LEU D 206 -10.91 14.03 -48.97
CA LEU D 206 -10.45 15.28 -48.34
C LEU D 206 -9.88 15.09 -46.93
N PRO D 207 -8.83 14.30 -46.73
CA PRO D 207 -8.35 14.08 -45.35
C PRO D 207 -7.18 14.95 -44.89
N PHE D 208 -7.25 16.29 -44.97
CA PHE D 208 -6.06 17.07 -44.58
C PHE D 208 -6.44 18.54 -44.36
N PRO D 209 -5.48 19.46 -43.99
CA PRO D 209 -5.82 20.54 -43.06
C PRO D 209 -6.67 21.65 -43.67
N SER D 210 -7.41 21.33 -44.74
CA SER D 210 -8.19 22.25 -45.55
C SER D 210 -7.31 23.01 -46.54
N LEU D 211 -6.26 22.35 -47.03
CA LEU D 211 -5.64 22.76 -48.28
C LEU D 211 -6.38 22.21 -49.51
N ALA D 212 -7.66 21.86 -49.38
CA ALA D 212 -8.39 21.31 -50.51
C ALA D 212 -8.54 22.29 -51.66
N ILE D 213 -8.16 23.55 -51.49
CA ILE D 213 -8.43 24.59 -52.49
C ILE D 213 -7.35 24.71 -53.54
N LEU D 214 -6.34 23.84 -53.56
CA LEU D 214 -5.43 23.81 -54.69
C LEU D 214 -6.16 23.38 -55.96
N PRO D 215 -5.62 23.73 -57.13
CA PRO D 215 -6.21 23.26 -58.37
C PRO D 215 -6.23 21.75 -58.42
N PRO D 216 -7.22 21.15 -59.09
CA PRO D 216 -7.24 19.68 -59.19
C PRO D 216 -5.98 19.10 -59.78
N ILE D 217 -5.33 19.82 -60.70
CA ILE D 217 -4.06 19.36 -61.24
C ILE D 217 -3.02 19.28 -60.13
N ALA D 218 -3.01 20.26 -59.22
CA ALA D 218 -2.10 20.23 -58.10
C ALA D 218 -2.34 19.01 -57.21
N GLN D 219 -3.62 18.70 -56.94
CA GLN D 219 -3.94 17.55 -56.13
C GLN D 219 -3.51 16.25 -56.82
N GLN D 220 -3.73 16.16 -58.13
CA GLN D 220 -3.30 14.97 -58.87
C GLN D 220 -1.78 14.82 -58.82
N TRP D 221 -1.06 15.94 -58.95
CA TRP D 221 0.40 15.89 -58.82
C TRP D 221 0.81 15.44 -57.42
N LEU D 222 0.09 15.89 -56.40
CA LEU D 222 0.38 15.47 -55.04
C LEU D 222 0.16 13.97 -54.87
N GLN D 223 -0.91 13.43 -55.48
CA GLN D 223 -1.18 12.00 -55.39
C GLN D 223 -0.11 11.17 -56.07
N LEU D 224 0.69 11.75 -56.96
CA LEU D 224 1.76 11.03 -57.62
C LEU D 224 2.85 10.67 -56.61
N PRO D 225 3.54 9.55 -56.82
CA PRO D 225 4.62 9.17 -55.90
C PRO D 225 5.79 10.15 -55.97
N LEU D 226 6.60 10.16 -54.90
CA LEU D 226 7.79 10.99 -54.90
C LEU D 226 8.73 10.62 -56.04
N SER D 227 9.35 11.64 -56.63
CA SER D 227 10.46 11.47 -57.54
C SER D 227 11.72 12.03 -56.89
N ALA D 228 12.88 11.52 -57.33
CA ALA D 228 14.13 12.00 -56.79
C ALA D 228 14.43 13.44 -57.19
N ASN D 229 13.68 14.01 -58.12
CA ASN D 229 13.89 15.36 -58.60
C ASN D 229 13.06 16.41 -57.87
N ASP D 230 12.30 16.02 -56.85
CA ASP D 230 11.52 16.96 -56.06
C ASP D 230 12.32 17.60 -54.93
N GLY D 231 13.65 17.59 -55.04
CA GLY D 231 14.48 18.10 -53.95
C GLY D 231 14.20 19.57 -53.65
N ALA D 232 14.04 20.39 -54.69
CA ALA D 232 13.73 21.79 -54.47
C ALA D 232 12.40 21.96 -53.75
N TRP D 233 11.40 21.15 -54.13
CA TRP D 233 10.09 21.25 -53.50
C TRP D 233 10.17 20.92 -52.01
N ILE D 234 10.80 19.80 -51.65
CA ILE D 234 10.88 19.42 -50.24
C ILE D 234 11.73 20.41 -49.47
N GLN D 235 12.79 20.93 -50.09
CA GLN D 235 13.57 21.98 -49.43
C GLN D 235 12.74 23.22 -49.16
N ASN D 236 11.83 23.55 -50.07
CA ASN D 236 11.00 24.74 -49.90
C ASN D 236 9.90 24.54 -48.87
N LEU D 237 9.40 23.32 -48.68
CA LEU D 237 8.35 23.08 -47.69
C LEU D 237 8.87 23.34 -46.29
N PRO D 238 8.11 23.99 -45.42
CA PRO D 238 8.50 24.09 -44.02
C PRO D 238 8.47 22.72 -43.36
N LYS D 239 9.39 22.49 -42.42
CA LYS D 239 9.56 21.19 -41.81
C LYS D 239 9.64 21.34 -40.29
N VAL D 240 9.68 20.19 -39.61
CA VAL D 240 9.76 20.14 -38.16
C VAL D 240 10.73 19.02 -37.77
N ASP D 241 11.64 19.31 -36.85
CA ASP D 241 12.65 18.35 -36.40
C ASP D 241 12.48 18.15 -34.89
N LEU D 242 11.75 17.10 -34.51
CA LEU D 242 11.38 16.86 -33.12
C LEU D 242 12.48 16.18 -32.31
N HIS D 243 13.60 15.81 -32.94
CA HIS D 243 14.64 15.05 -32.26
C HIS D 243 15.98 15.43 -32.89
N CYS D 244 16.70 16.34 -32.22
CA CYS D 244 18.02 16.75 -32.68
C CYS D 244 18.92 16.95 -31.47
N HIS D 245 20.12 16.36 -31.52
CA HIS D 245 21.09 16.46 -30.45
C HIS D 245 22.03 17.62 -30.73
N LEU D 246 22.13 18.54 -29.75
CA LEU D 246 22.94 19.74 -29.95
C LEU D 246 24.43 19.40 -30.03
N GLY D 247 24.89 18.47 -29.20
CA GLY D 247 26.32 18.20 -29.10
C GLY D 247 26.93 17.47 -30.26
N GLY D 248 26.11 16.96 -31.19
CA GLY D 248 26.63 16.22 -32.31
C GLY D 248 26.58 16.96 -33.64
N PHE D 249 26.56 18.29 -33.58
CA PHE D 249 26.49 19.07 -34.81
C PHE D 249 27.87 19.20 -35.46
N ALA D 250 28.83 19.79 -34.74
CA ALA D 250 30.18 19.99 -35.27
C ALA D 250 31.04 18.77 -34.96
N THR D 251 30.76 17.69 -35.68
CA THR D 251 31.51 16.44 -35.53
C THR D 251 32.17 16.04 -36.84
N ASN D 300 34.40 16.80 -30.14
CA ASN D 300 33.35 17.73 -29.76
C ASN D 300 32.50 17.17 -28.62
N GLY D 301 31.80 18.06 -27.93
CA GLY D 301 30.95 17.66 -26.81
C GLY D 301 31.65 17.85 -25.46
N SER D 302 31.91 16.74 -24.77
CA SER D 302 32.51 16.83 -23.44
C SER D 302 33.92 17.40 -23.50
N LYS D 303 34.71 17.00 -24.49
CA LYS D 303 36.12 17.37 -24.52
C LYS D 303 36.35 18.82 -24.96
N LEU D 304 35.49 19.35 -25.82
CA LEU D 304 35.71 20.67 -26.42
C LEU D 304 34.83 21.76 -25.83
N LEU D 305 33.58 21.43 -25.50
CA LEU D 305 32.56 22.43 -25.24
C LEU D 305 32.49 22.86 -23.78
N LYS D 306 33.57 22.65 -23.00
CA LYS D 306 33.54 23.01 -21.59
C LYS D 306 33.52 24.52 -21.39
N ASP D 307 34.02 25.28 -22.35
CA ASP D 307 34.08 26.74 -22.23
C ASP D 307 32.72 27.34 -22.57
N LYS D 308 32.67 28.68 -22.65
CA LYS D 308 31.43 29.40 -22.91
C LYS D 308 31.29 29.85 -24.36
N GLY D 309 32.34 30.43 -24.94
CA GLY D 309 32.24 30.92 -26.30
C GLY D 309 31.97 29.81 -27.30
N CYS D 310 32.56 28.64 -27.08
CA CYS D 310 32.32 27.50 -27.96
C CYS D 310 30.84 27.12 -27.97
N LEU D 311 30.21 27.14 -26.79
CA LEU D 311 28.79 26.81 -26.74
C LEU D 311 27.96 27.84 -27.48
N ILE D 312 28.32 29.13 -27.36
CA ILE D 312 27.59 30.18 -28.05
C ILE D 312 27.70 29.99 -29.56
N ARG D 313 28.92 29.75 -30.07
CA ARG D 313 29.06 29.60 -31.51
C ARG D 313 28.40 28.32 -32.00
N GLN D 314 28.42 27.25 -31.19
CA GLN D 314 27.70 26.04 -31.58
C GLN D 314 26.20 26.28 -31.68
N VAL D 315 25.63 27.01 -30.71
CA VAL D 315 24.21 27.31 -30.73
C VAL D 315 23.86 28.16 -31.95
N GLU D 316 24.68 29.18 -32.22
CA GLU D 316 24.43 30.04 -33.36
C GLU D 316 24.52 29.26 -34.68
N LEU D 317 25.52 28.38 -34.79
CA LEU D 317 25.65 27.57 -35.99
C LEU D 317 24.46 26.64 -36.17
N LEU D 318 24.01 26.03 -35.08
CA LEU D 318 22.84 25.14 -35.16
C LEU D 318 21.60 25.92 -35.59
N TYR D 319 21.41 27.11 -35.03
CA TYR D 319 20.27 27.94 -35.45
C TYR D 319 20.36 28.31 -36.91
N GLN D 320 21.55 28.71 -37.37
CA GLN D 320 21.71 29.13 -38.75
C GLN D 320 21.45 27.99 -39.72
N SER D 321 21.97 26.80 -39.41
CA SER D 321 21.69 25.64 -40.25
C SER D 321 20.22 25.27 -40.20
N LEU D 322 19.59 25.39 -39.03
CA LEU D 322 18.20 25.01 -38.88
C LEU D 322 17.29 25.92 -39.70
N VAL D 323 17.55 27.22 -39.66
CA VAL D 323 16.81 28.16 -40.50
C VAL D 323 17.14 27.94 -41.97
N ASN D 324 18.38 27.57 -42.27
CA ASN D 324 18.80 27.38 -43.66
C ASN D 324 17.93 26.35 -44.37
N ASP D 325 17.38 25.39 -43.62
CA ASP D 325 16.49 24.38 -44.18
C ASP D 325 15.02 24.74 -44.05
N ASN D 326 14.71 26.00 -43.75
CA ASN D 326 13.33 26.48 -43.68
C ASN D 326 12.49 25.75 -42.63
N VAL D 327 13.14 25.11 -41.67
CA VAL D 327 12.40 24.42 -40.61
C VAL D 327 11.80 25.45 -39.67
N ALA D 328 10.52 25.26 -39.34
CA ALA D 328 9.80 26.22 -38.52
C ALA D 328 9.81 25.89 -37.02
N TYR D 329 9.95 24.62 -36.65
CA TYR D 329 9.93 24.24 -35.24
C TYR D 329 10.84 23.05 -35.04
N ALA D 330 11.48 23.01 -33.88
CA ALA D 330 12.36 21.91 -33.54
C ALA D 330 12.45 21.77 -32.03
N GLU D 331 12.73 20.54 -31.58
CA GLU D 331 12.98 20.24 -30.18
C GLU D 331 14.40 19.68 -30.07
N ILE D 332 15.16 20.20 -29.10
CA ILE D 332 16.58 19.89 -28.98
C ILE D 332 16.81 19.18 -27.65
N ARG D 333 17.53 18.06 -27.70
CA ARG D 333 17.94 17.33 -26.50
C ARG D 333 19.40 17.66 -26.21
N CYS D 334 19.67 18.12 -24.99
CA CYS D 334 21.00 18.54 -24.59
C CYS D 334 21.40 17.83 -23.30
N SER D 335 22.69 17.92 -22.97
CA SER D 335 23.28 17.22 -21.83
C SER D 335 23.97 18.25 -20.94
N PRO D 336 23.22 18.93 -20.07
CA PRO D 336 23.82 19.97 -19.22
C PRO D 336 24.93 19.46 -18.32
N ASN D 337 24.79 18.24 -17.76
CA ASN D 337 25.83 17.72 -16.88
C ASN D 337 27.12 17.44 -17.65
N ASN D 338 27.01 17.01 -18.91
CA ASN D 338 28.18 16.77 -19.74
C ASN D 338 28.94 18.04 -20.03
N TYR D 339 28.34 19.21 -19.77
CA TYR D 339 28.90 20.48 -20.19
C TYR D 339 29.30 21.36 -19.01
N ALA D 340 28.90 21.01 -17.79
CA ALA D 340 29.26 21.79 -16.62
C ALA D 340 30.75 21.68 -16.32
N ASP D 341 31.28 22.71 -15.65
CA ASP D 341 32.69 22.77 -15.30
C ASP D 341 32.82 23.41 -13.92
N LYS D 342 32.90 22.57 -12.88
CA LYS D 342 32.90 23.06 -11.51
C LYS D 342 34.12 23.93 -11.22
N ASN D 343 35.29 23.55 -11.74
CA ASN D 343 36.50 24.33 -11.46
C ASN D 343 36.38 25.75 -11.98
N LYS D 344 35.63 25.97 -13.07
CA LYS D 344 35.34 27.29 -13.57
C LYS D 344 34.06 27.87 -12.97
N ASN D 345 33.52 27.23 -11.94
CA ASN D 345 32.24 27.62 -11.34
C ASN D 345 31.13 27.62 -12.40
N ARG D 346 31.15 26.62 -13.27
CA ARG D 346 30.18 26.48 -14.36
C ARG D 346 29.30 25.28 -14.04
N SER D 347 28.17 25.55 -13.39
CA SER D 347 27.22 24.49 -13.07
C SER D 347 26.42 24.10 -14.30
N ALA D 348 25.81 22.90 -14.23
CA ALA D 348 24.95 22.46 -15.31
C ALA D 348 23.75 23.38 -15.47
N TRP D 349 23.21 23.86 -14.34
CA TRP D 349 22.12 24.84 -14.41
C TRP D 349 22.57 26.10 -15.14
N VAL D 350 23.80 26.54 -14.90
CA VAL D 350 24.32 27.72 -15.57
C VAL D 350 24.40 27.48 -17.07
N VAL D 351 24.88 26.30 -17.47
CA VAL D 351 25.00 25.98 -18.89
C VAL D 351 23.62 25.97 -19.55
N LEU D 352 22.65 25.34 -18.89
CA LEU D 352 21.30 25.28 -19.46
C LEU D 352 20.67 26.67 -19.54
N GLN D 353 20.88 27.50 -18.52
CA GLN D 353 20.38 28.87 -18.56
C GLN D 353 21.01 29.65 -19.70
N ASP D 354 22.32 29.45 -19.92
CA ASP D 354 22.99 30.12 -21.02
C ASP D 354 22.40 29.67 -22.36
N ILE D 355 22.13 28.37 -22.50
CA ILE D 355 21.52 27.85 -23.72
C ILE D 355 20.17 28.49 -23.95
N ASN D 356 19.33 28.52 -22.91
CA ASN D 356 18.01 29.12 -23.05
C ASN D 356 18.11 30.58 -23.41
N ASP D 357 19.03 31.31 -22.76
CA ASP D 357 19.16 32.74 -23.01
C ASP D 357 19.62 33.02 -24.43
N THR D 358 20.63 32.30 -24.92
CA THR D 358 21.09 32.56 -26.28
C THR D 358 20.02 32.17 -27.30
N PHE D 359 19.31 31.07 -27.06
CA PHE D 359 18.24 30.69 -27.98
C PHE D 359 17.14 31.74 -28.01
N THR D 360 16.70 32.23 -26.86
CA THR D 360 15.62 33.21 -26.87
C THR D 360 16.10 34.55 -27.43
N ARG D 361 17.36 34.92 -27.20
CA ARG D 361 17.89 36.13 -27.80
C ARG D 361 17.91 36.03 -29.32
N LEU D 362 18.34 34.88 -29.84
CA LEU D 362 18.36 34.68 -31.29
C LEU D 362 16.94 34.68 -31.86
N ILE D 363 15.99 34.07 -31.15
CA ILE D 363 14.61 34.06 -31.62
C ILE D 363 14.07 35.48 -31.69
N THR D 364 14.32 36.27 -30.65
CA THR D 364 13.84 37.65 -30.64
C THR D 364 14.50 38.47 -31.74
N GLU D 365 15.80 38.26 -31.96
CA GLU D 365 16.49 38.98 -33.03
C GLU D 365 15.90 38.64 -34.39
N ALA D 366 15.65 37.35 -34.65
CA ALA D 366 15.07 36.95 -35.93
C ALA D 366 13.65 37.50 -36.08
N LYS D 367 12.86 37.48 -35.00
CA LYS D 367 11.49 37.95 -35.07
C LYS D 367 11.41 39.44 -35.30
N GLN D 368 12.33 40.21 -34.70
CA GLN D 368 12.31 41.66 -34.87
C GLN D 368 12.57 42.05 -36.32
N LYS D 369 13.35 41.26 -37.05
CA LYS D 369 13.57 41.51 -38.47
C LYS D 369 12.38 41.11 -39.33
N ASN D 370 11.37 40.48 -38.74
CA ASN D 370 10.19 39.97 -39.44
C ASN D 370 10.53 38.88 -40.45
N GLN D 371 11.77 38.42 -40.48
CA GLN D 371 12.17 37.32 -41.35
C GLN D 371 11.72 36.00 -40.75
N PHE D 372 11.71 34.97 -41.58
CA PHE D 372 11.31 33.64 -41.14
C PHE D 372 12.22 33.15 -40.02
N TYR D 373 11.62 32.66 -38.94
CA TYR D 373 12.34 32.22 -37.77
C TYR D 373 11.82 30.85 -37.34
N CYS D 374 12.67 30.12 -36.60
CA CYS D 374 12.35 28.78 -36.15
C CYS D 374 12.27 28.77 -34.62
N HIS D 375 11.06 28.56 -34.09
CA HIS D 375 10.90 28.39 -32.66
C HIS D 375 11.54 27.08 -32.23
N VAL D 376 12.31 27.11 -31.14
CA VAL D 376 13.05 25.95 -30.66
C VAL D 376 12.81 25.79 -29.17
N ASN D 377 12.50 24.58 -28.75
CA ASN D 377 12.36 24.23 -27.35
C ASN D 377 13.40 23.17 -26.99
N LEU D 378 13.75 23.10 -25.71
CA LEU D 378 14.84 22.27 -25.24
C LEU D 378 14.32 21.08 -24.46
N LEU D 379 14.99 19.95 -24.60
CA LEU D 379 14.69 18.73 -23.86
C LEU D 379 15.92 18.34 -23.06
N VAL D 380 15.72 18.12 -21.75
CA VAL D 380 16.82 17.73 -20.88
C VAL D 380 17.02 16.22 -20.98
N ILE D 381 18.17 15.80 -21.50
CA ILE D 381 18.46 14.38 -21.61
C ILE D 381 18.77 13.82 -20.23
N ALA D 382 18.58 12.51 -20.08
CA ALA D 382 18.96 11.77 -18.89
C ALA D 382 19.76 10.56 -19.38
N SER D 383 21.07 10.76 -19.56
CA SER D 383 21.92 9.69 -20.06
C SER D 383 21.86 8.50 -19.13
N ARG D 384 21.62 7.31 -19.70
CA ARG D 384 21.45 6.10 -18.91
C ARG D 384 22.83 5.54 -18.58
N LYS D 385 23.49 6.20 -17.63
CA LYS D 385 24.84 5.83 -17.24
C LYS D 385 24.90 4.58 -16.37
N PHE D 386 23.74 4.05 -15.95
CA PHE D 386 23.67 2.82 -15.17
C PHE D 386 24.37 2.92 -13.82
N SER D 387 25.40 2.08 -13.62
CA SER D 387 26.00 1.94 -12.30
C SER D 387 26.64 3.24 -11.83
N GLY D 388 27.36 3.93 -12.72
CA GLY D 388 28.04 5.15 -12.33
C GLY D 388 27.10 6.26 -11.91
N ASP D 389 27.36 6.83 -10.73
CA ASP D 389 26.65 7.98 -10.18
C ASP D 389 25.14 7.89 -10.41
N LEU D 390 24.53 6.86 -9.80
CA LEU D 390 23.11 6.60 -10.00
C LEU D 390 22.24 7.80 -9.64
N SER D 391 22.74 8.72 -8.81
CA SER D 391 22.01 9.94 -8.50
C SER D 391 21.97 10.93 -9.66
N ASP D 392 22.72 10.68 -10.73
CA ASP D 392 22.73 11.60 -11.86
C ASP D 392 21.35 11.67 -12.51
N ILE D 393 20.61 10.55 -12.52
CA ILE D 393 19.26 10.56 -13.09
C ILE D 393 18.37 11.51 -12.31
N SER D 394 18.35 11.37 -10.99
CA SER D 394 17.53 12.26 -10.16
C SER D 394 17.98 13.71 -10.32
N LYS D 395 19.29 13.93 -10.43
CA LYS D 395 19.80 15.28 -10.63
C LYS D 395 19.25 15.87 -11.93
N HIS D 396 19.26 15.09 -13.01
CA HIS D 396 18.81 15.60 -14.29
C HIS D 396 17.31 15.91 -14.28
N LEU D 397 16.50 15.01 -13.75
CA LEU D 397 15.06 15.32 -13.68
C LEU D 397 14.79 16.52 -12.79
N ALA D 398 15.45 16.62 -11.64
CA ALA D 398 15.24 17.78 -10.77
C ALA D 398 15.65 19.07 -11.47
N LEU D 399 16.76 19.02 -12.21
CA LEU D 399 17.19 20.17 -12.98
C LEU D 399 16.14 20.56 -14.01
N ALA D 400 15.54 19.57 -14.66
CA ALA D 400 14.50 19.85 -15.64
C ALA D 400 13.29 20.53 -15.00
N ILE D 401 12.84 20.01 -13.85
CA ILE D 401 11.69 20.61 -13.17
C ILE D 401 12.00 22.05 -12.77
N THR D 402 13.19 22.29 -12.22
CA THR D 402 13.54 23.65 -11.86
C THR D 402 13.68 24.57 -13.06
N ALA D 403 14.26 24.09 -14.16
CA ALA D 403 14.48 24.94 -15.33
C ALA D 403 13.17 25.30 -16.02
N MET D 404 12.23 24.36 -16.12
CA MET D 404 10.98 24.67 -16.81
C MET D 404 10.17 25.76 -16.13
N GLN D 405 10.45 26.06 -14.87
CA GLN D 405 9.68 27.03 -14.09
C GLN D 405 10.17 28.46 -14.26
N GLN D 406 11.23 28.68 -15.03
CA GLN D 406 11.69 30.05 -15.25
C GLN D 406 10.63 30.90 -15.93
N GLY D 407 9.78 30.26 -16.74
CA GLY D 407 8.60 30.93 -17.27
C GLY D 407 8.84 31.88 -18.42
N GLU D 408 9.44 33.04 -18.13
CA GLU D 408 9.63 34.05 -19.15
C GLU D 408 10.70 33.60 -20.14
N GLY D 409 10.40 33.76 -21.42
CA GLY D 409 11.28 33.31 -22.49
C GLY D 409 10.53 32.51 -23.53
N VAL D 410 10.67 32.90 -24.79
CA VAL D 410 10.00 32.17 -25.87
C VAL D 410 10.53 30.75 -25.98
N CYS D 411 11.78 30.53 -25.56
CA CYS D 411 12.34 29.20 -25.52
C CYS D 411 12.30 28.69 -24.09
N ARG D 412 11.89 27.43 -23.93
CA ARG D 412 11.69 26.87 -22.60
C ARG D 412 11.94 25.36 -22.66
N ILE D 413 11.82 24.72 -21.50
CA ILE D 413 11.94 23.27 -21.38
C ILE D 413 10.54 22.69 -21.33
N VAL D 414 10.26 21.76 -22.25
CA VAL D 414 8.93 21.17 -22.36
C VAL D 414 8.91 19.69 -22.03
N GLY D 415 10.07 19.03 -21.94
CA GLY D 415 10.08 17.61 -21.65
C GLY D 415 11.48 17.13 -21.37
N VAL D 416 11.55 15.88 -20.91
CA VAL D 416 12.81 15.23 -20.60
C VAL D 416 13.02 14.08 -21.60
N ASP D 417 14.20 13.47 -21.55
CA ASP D 417 14.56 12.39 -22.44
C ASP D 417 15.10 11.21 -21.65
N LEU D 418 14.91 10.02 -22.19
CA LEU D 418 15.35 8.78 -21.55
C LEU D 418 16.39 8.04 -22.39
N ALA D 419 17.15 8.76 -23.21
CA ALA D 419 18.16 8.12 -24.04
C ALA D 419 19.34 7.65 -23.20
N GLY D 420 20.06 6.67 -23.72
CA GLY D 420 21.23 6.13 -23.06
C GLY D 420 21.45 4.67 -23.44
N PHE D 421 22.30 4.01 -22.66
CA PHE D 421 22.61 2.60 -22.86
C PHE D 421 21.36 1.76 -22.63
N GLU D 422 20.92 1.04 -23.65
CA GLU D 422 19.71 0.23 -23.58
C GLU D 422 20.07 -1.21 -23.26
N ASN D 423 19.40 -1.78 -22.26
CA ASN D 423 19.62 -3.15 -21.85
C ASN D 423 18.39 -3.61 -21.08
N LYS D 424 18.31 -4.93 -20.85
CA LYS D 424 17.19 -5.48 -20.10
C LYS D 424 17.16 -4.91 -18.68
N GLU D 425 18.32 -4.77 -18.05
CA GLU D 425 18.38 -4.14 -16.73
C GLU D 425 18.06 -2.65 -16.81
N THR D 426 18.33 -2.01 -17.94
CA THR D 426 18.02 -0.60 -18.13
C THR D 426 16.56 -0.38 -18.55
N ARG D 427 15.69 -1.36 -18.32
CA ARG D 427 14.31 -1.26 -18.74
C ARG D 427 13.59 -0.16 -17.96
N ALA D 428 12.37 0.15 -18.41
CA ALA D 428 11.58 1.20 -17.78
C ALA D 428 11.21 0.88 -16.34
N SER D 429 11.24 -0.40 -15.96
CA SER D 429 10.90 -0.83 -14.61
C SER D 429 12.07 -0.68 -13.65
N TYR D 430 13.08 0.11 -14.00
CA TYR D 430 14.24 0.35 -13.14
C TYR D 430 14.32 1.80 -12.71
N TYR D 431 14.01 2.75 -13.58
CA TYR D 431 13.98 4.17 -13.25
C TYR D 431 12.60 4.65 -12.80
N GLU D 432 11.60 3.76 -12.79
CA GLU D 432 10.22 4.19 -12.58
C GLU D 432 9.99 4.75 -11.18
N HIS D 433 10.87 4.46 -10.22
CA HIS D 433 10.71 5.04 -8.89
C HIS D 433 10.89 6.55 -8.91
N ASP D 434 11.58 7.08 -9.91
CA ASP D 434 11.93 8.48 -9.96
C ASP D 434 10.97 9.32 -10.79
N PHE D 435 10.04 8.71 -11.51
CA PHE D 435 9.15 9.43 -12.41
C PHE D 435 7.77 9.66 -11.84
N LYS D 436 7.55 9.38 -10.55
CA LYS D 436 6.26 9.62 -9.94
C LYS D 436 5.89 11.09 -9.88
N ALA D 437 6.85 11.99 -10.10
CA ALA D 437 6.62 13.41 -9.92
C ALA D 437 6.86 14.24 -11.19
N VAL D 438 7.57 13.70 -12.18
CA VAL D 438 7.77 14.43 -13.43
C VAL D 438 6.44 14.72 -14.08
N HIS D 439 5.52 13.76 -14.04
CA HIS D 439 4.17 14.01 -14.54
C HIS D 439 3.35 14.85 -13.57
N ARG D 440 3.73 14.85 -12.28
CA ARG D 440 3.00 15.67 -11.31
C ARG D 440 3.17 17.15 -11.61
N CYS D 441 4.36 17.56 -12.01
CA CYS D 441 4.63 18.97 -12.30
C CYS D 441 4.21 19.38 -13.70
N GLY D 442 3.68 18.46 -14.49
CA GLY D 442 3.20 18.77 -15.82
C GLY D 442 4.24 18.69 -16.93
N LEU D 443 5.31 17.92 -16.75
CA LEU D 443 6.34 17.80 -17.76
C LEU D 443 5.93 16.77 -18.81
N ALA D 444 6.87 16.48 -19.72
CA ALA D 444 6.68 15.47 -20.75
C ALA D 444 7.91 14.57 -20.78
N VAL D 445 7.71 13.33 -21.21
CA VAL D 445 8.77 12.34 -21.28
C VAL D 445 8.74 11.67 -22.64
N THR D 446 9.92 11.47 -23.22
CA THR D 446 10.09 10.64 -24.39
C THR D 446 10.91 9.41 -24.02
N ALA D 447 11.24 8.59 -25.01
CA ALA D 447 11.99 7.38 -24.75
C ALA D 447 12.69 6.93 -26.02
N HIS D 448 13.68 6.07 -25.85
CA HIS D 448 14.40 5.44 -26.96
C HIS D 448 14.49 3.96 -26.67
N ALA D 449 13.72 3.15 -27.39
CA ALA D 449 13.70 1.72 -27.16
C ALA D 449 13.23 1.04 -28.43
N GLY D 450 13.46 -0.28 -28.50
CA GLY D 450 13.09 -1.09 -29.63
C GLY D 450 14.21 -1.36 -30.62
N GLU D 451 15.29 -0.58 -30.57
CA GLU D 451 16.42 -0.85 -31.45
C GLU D 451 17.05 -2.19 -31.14
N ASN D 452 17.25 -2.50 -29.86
CA ASN D 452 17.76 -3.80 -29.44
C ASN D 452 17.03 -4.36 -28.23
N ASP D 453 16.06 -3.64 -27.68
CA ASP D 453 15.34 -4.07 -26.49
C ASP D 453 14.23 -5.05 -26.90
N ASP D 454 13.36 -5.36 -25.96
CA ASP D 454 12.28 -6.32 -26.06
C ASP D 454 10.91 -5.63 -26.10
N PRO D 455 9.92 -6.26 -26.74
CA PRO D 455 8.60 -5.61 -26.87
C PRO D 455 7.94 -5.27 -25.54
N GLU D 456 8.05 -6.13 -24.53
CA GLU D 456 7.46 -5.81 -23.23
C GLU D 456 8.14 -4.60 -22.60
N GLY D 457 9.42 -4.37 -22.92
CA GLY D 457 10.06 -3.14 -22.51
C GLY D 457 9.38 -1.91 -23.10
N ILE D 458 9.03 -1.97 -24.39
CA ILE D 458 8.28 -0.90 -25.00
C ILE D 458 6.92 -0.76 -24.32
N TRP D 459 6.28 -1.88 -24.00
CA TRP D 459 4.96 -1.83 -23.37
C TRP D 459 5.02 -1.12 -22.02
N GLN D 460 6.00 -1.48 -21.20
CA GLN D 460 6.10 -0.85 -19.88
C GLN D 460 6.53 0.61 -20.01
N ALA D 461 7.37 0.93 -21.01
CA ALA D 461 7.71 2.32 -21.24
C ALA D 461 6.48 3.13 -21.60
N VAL D 462 5.58 2.55 -22.39
CA VAL D 462 4.35 3.24 -22.77
C VAL D 462 3.42 3.39 -21.58
N TYR D 463 3.30 2.35 -20.75
CA TYR D 463 2.30 2.35 -19.71
C TYR D 463 2.81 2.74 -18.33
N SER D 464 4.06 2.44 -17.99
CA SER D 464 4.58 2.85 -16.69
C SER D 464 5.12 4.28 -16.72
N LEU D 465 5.94 4.60 -17.72
CA LEU D 465 6.43 5.97 -17.87
C LEU D 465 5.40 6.91 -18.49
N HIS D 466 4.36 6.36 -19.12
CA HIS D 466 3.36 7.16 -19.83
C HIS D 466 4.02 8.06 -20.85
N ALA D 467 4.97 7.51 -21.60
CA ALA D 467 5.72 8.28 -22.59
C ALA D 467 4.79 8.80 -23.67
N ARG D 468 4.74 10.12 -23.82
CA ARG D 468 3.90 10.72 -24.85
C ARG D 468 4.43 10.43 -26.24
N ARG D 469 5.73 10.24 -26.37
CA ARG D 469 6.37 9.94 -27.64
C ARG D 469 7.23 8.68 -27.49
N LEU D 470 7.86 8.28 -28.58
CA LEU D 470 8.68 7.07 -28.58
C LEU D 470 9.76 7.21 -29.65
N GLY D 471 10.92 6.63 -29.37
CA GLY D 471 12.05 6.70 -30.28
C GLY D 471 12.27 5.38 -30.99
N HIS D 472 12.42 5.46 -32.31
CA HIS D 472 12.74 4.31 -33.15
C HIS D 472 11.72 3.19 -33.03
N ALA D 473 12.13 2.06 -32.45
CA ALA D 473 11.29 0.87 -32.33
C ALA D 473 10.80 0.40 -33.71
N LEU D 474 11.76 0.02 -34.55
CA LEU D 474 11.47 -0.36 -35.93
C LEU D 474 10.79 -1.71 -36.04
N ASN D 475 10.96 -2.60 -35.06
CA ASN D 475 10.44 -3.95 -35.12
C ASN D 475 9.04 -4.04 -34.49
N LEU D 476 8.30 -2.94 -34.54
CA LEU D 476 6.97 -2.92 -33.92
C LEU D 476 5.97 -3.77 -34.69
N LEU D 477 6.30 -4.13 -35.95
CA LEU D 477 5.42 -4.96 -36.75
C LEU D 477 5.22 -6.34 -36.13
N GLU D 478 6.26 -6.91 -35.53
CA GLU D 478 6.22 -8.28 -35.05
C GLU D 478 5.28 -8.47 -33.86
N ALA D 479 4.79 -7.39 -33.27
CA ALA D 479 3.84 -7.45 -32.16
C ALA D 479 2.61 -6.65 -32.55
N PRO D 480 1.66 -7.29 -33.25
CA PRO D 480 0.43 -6.57 -33.64
C PRO D 480 -0.34 -6.02 -32.45
N ASP D 481 -0.27 -6.71 -31.30
CA ASP D 481 -0.89 -6.18 -30.09
C ASP D 481 -0.26 -4.84 -29.72
N LEU D 482 1.06 -4.75 -29.79
CA LEU D 482 1.73 -3.47 -29.56
C LEU D 482 1.37 -2.44 -30.63
N MET D 483 1.20 -2.86 -31.88
CA MET D 483 0.67 -1.95 -32.89
C MET D 483 -0.66 -1.35 -32.45
N ARG D 484 -1.59 -2.19 -31.99
CA ARG D 484 -2.87 -1.66 -31.57
C ARG D 484 -2.73 -0.72 -30.37
N THR D 485 -1.90 -1.10 -29.39
CA THR D 485 -1.73 -0.25 -28.20
C THR D 485 -1.17 1.11 -28.57
N VAL D 486 -0.17 1.15 -29.47
CA VAL D 486 0.39 2.45 -29.85
C VAL D 486 -0.59 3.21 -30.73
N ILE D 487 -1.41 2.50 -31.51
CA ILE D 487 -2.37 3.17 -32.38
C ILE D 487 -3.43 3.90 -31.56
N GLU D 488 -4.16 3.17 -30.71
CA GLU D 488 -5.31 3.80 -30.07
C GLU D 488 -4.89 4.84 -29.04
N ARG D 489 -3.70 4.72 -28.47
CA ARG D 489 -3.22 5.72 -27.53
C ARG D 489 -2.53 6.90 -28.20
N LYS D 490 -2.41 6.88 -29.53
CA LYS D 490 -1.86 7.99 -30.31
C LYS D 490 -0.44 8.35 -29.86
N ILE D 491 0.35 7.33 -29.54
CA ILE D 491 1.74 7.53 -29.14
C ILE D 491 2.58 7.69 -30.39
N GLY D 492 3.24 8.84 -30.51
CA GLY D 492 4.07 9.09 -31.68
C GLY D 492 5.34 8.27 -31.67
N VAL D 493 5.95 8.19 -32.85
CA VAL D 493 7.21 7.47 -33.04
C VAL D 493 8.19 8.39 -33.74
N GLU D 494 9.37 8.57 -33.13
CA GLU D 494 10.46 9.34 -33.73
C GLU D 494 11.45 8.36 -34.32
N MET D 495 11.53 8.32 -35.65
CA MET D 495 12.41 7.41 -36.36
C MET D 495 13.16 8.18 -37.43
N CYS D 496 14.47 8.06 -37.44
CA CYS D 496 15.33 8.81 -38.36
C CYS D 496 15.83 7.89 -39.45
N PRO D 497 15.39 8.06 -40.70
CA PRO D 497 15.75 7.10 -41.75
C PRO D 497 17.25 6.96 -41.98
N TYR D 498 18.00 8.05 -41.87
CA TYR D 498 19.46 7.95 -42.03
C TYR D 498 20.08 7.15 -40.90
N ALA D 499 19.55 7.29 -39.68
CA ALA D 499 20.11 6.57 -38.54
C ALA D 499 19.99 5.06 -38.73
N ASN D 500 18.83 4.59 -39.18
CA ASN D 500 18.67 3.16 -39.44
C ASN D 500 19.37 2.73 -40.72
N TYR D 501 19.50 3.65 -41.68
CA TYR D 501 20.24 3.32 -42.91
C TYR D 501 21.70 3.01 -42.60
N GLN D 502 22.31 3.78 -41.71
CA GLN D 502 23.70 3.57 -41.33
C GLN D 502 23.80 2.47 -40.28
N LEU D 515 13.67 -4.44 -45.35
CA LEU D 515 13.05 -3.27 -45.97
C LEU D 515 12.56 -2.29 -44.90
N TYR D 516 12.64 -1.01 -45.19
CA TYR D 516 12.22 0.00 -44.23
C TYR D 516 10.70 0.00 -44.09
N PRO D 517 10.17 -0.13 -42.88
CA PRO D 517 8.73 -0.36 -42.70
C PRO D 517 7.90 0.91 -42.53
N LEU D 518 8.45 2.09 -42.80
CA LEU D 518 7.71 3.32 -42.52
C LEU D 518 6.40 3.38 -43.28
N LYS D 519 6.40 2.93 -44.54
CA LYS D 519 5.16 2.89 -45.32
C LYS D 519 4.07 2.14 -44.58
N LYS D 520 4.38 0.94 -44.09
CA LYS D 520 3.41 0.17 -43.32
C LYS D 520 2.98 0.94 -42.09
N TYR D 521 3.87 1.74 -41.51
CA TYR D 521 3.50 2.54 -40.35
C TYR D 521 2.45 3.59 -40.73
N LEU D 522 2.61 4.25 -41.87
CA LEU D 522 1.55 5.17 -42.30
C LEU D 522 0.25 4.43 -42.59
N GLU D 523 0.33 3.26 -43.22
CA GLU D 523 -0.89 2.51 -43.50
C GLU D 523 -1.62 2.14 -42.22
N ALA D 524 -0.88 1.65 -41.23
CA ALA D 524 -1.51 1.29 -39.95
C ALA D 524 -2.04 2.53 -39.24
N GLY D 525 -1.24 3.60 -39.19
CA GLY D 525 -1.71 4.82 -38.57
C GLY D 525 -0.85 5.37 -37.44
N ILE D 526 0.39 4.90 -37.36
CA ILE D 526 1.36 5.50 -36.44
C ILE D 526 1.62 6.94 -36.82
N LEU D 527 1.55 7.85 -35.84
CA LEU D 527 1.93 9.23 -36.07
C LEU D 527 3.46 9.27 -36.16
N VAL D 528 3.95 8.98 -37.35
CA VAL D 528 5.38 8.82 -37.58
C VAL D 528 5.99 10.18 -37.85
N SER D 529 7.08 10.47 -37.15
CA SER D 529 7.83 11.71 -37.33
C SER D 529 9.24 11.38 -37.80
N VAL D 530 9.66 12.04 -38.87
CA VAL D 530 11.00 11.84 -39.43
C VAL D 530 11.91 12.91 -38.87
N ASN D 531 13.08 12.50 -38.36
CA ASN D 531 13.98 13.41 -37.67
C ASN D 531 15.41 13.20 -38.14
N THR D 532 16.28 14.11 -37.69
CA THR D 532 17.69 14.06 -38.03
C THR D 532 18.53 13.28 -37.04
N ASP D 533 17.99 12.99 -35.85
CA ASP D 533 18.79 12.44 -34.76
C ASP D 533 19.95 13.37 -34.46
N ASN D 534 21.11 13.10 -35.05
CA ASN D 534 22.28 13.96 -34.94
C ASN D 534 22.72 14.35 -36.35
N ILE D 535 22.75 15.66 -36.61
CA ILE D 535 23.02 16.15 -37.97
C ILE D 535 24.47 15.87 -38.36
N GLY D 536 25.42 16.19 -37.47
CA GLY D 536 26.82 16.14 -37.82
C GLY D 536 27.38 14.78 -38.14
N ILE D 537 27.20 13.81 -37.25
CA ILE D 537 27.75 12.47 -37.49
C ILE D 537 27.07 11.83 -38.69
N SER D 538 25.75 11.98 -38.81
CA SER D 538 25.05 11.50 -39.99
C SER D 538 25.43 12.29 -41.24
N GLY D 539 25.83 13.54 -41.09
CA GLY D 539 26.23 14.35 -42.23
C GLY D 539 25.12 14.61 -43.21
N ALA D 540 23.91 14.84 -42.72
CA ALA D 540 22.76 15.10 -43.59
C ALA D 540 21.69 15.81 -42.78
N ASN D 541 20.90 16.64 -43.46
CA ASN D 541 19.84 17.40 -42.82
C ASN D 541 18.51 16.66 -42.97
N LEU D 542 17.42 17.29 -42.52
CA LEU D 542 16.13 16.63 -42.55
C LEU D 542 15.55 16.59 -43.97
N SER D 543 15.89 17.58 -44.80
CA SER D 543 15.48 17.53 -46.20
C SER D 543 16.09 16.32 -46.90
N GLU D 544 17.38 16.05 -46.63
CA GLU D 544 17.98 14.83 -47.15
C GLU D 544 17.29 13.59 -46.61
N ASN D 545 16.93 13.60 -45.33
CA ASN D 545 16.23 12.47 -44.75
C ASN D 545 14.92 12.20 -45.46
N LEU D 546 14.16 13.25 -45.77
CA LEU D 546 12.93 13.09 -46.54
C LEU D 546 13.22 12.65 -47.97
N LEU D 547 14.38 13.04 -48.51
CA LEU D 547 14.71 12.67 -49.87
C LEU D 547 15.01 11.17 -49.99
N ILE D 548 15.67 10.60 -48.98
CA ILE D 548 15.97 9.16 -49.03
C ILE D 548 14.72 8.30 -49.08
N LEU D 549 13.57 8.79 -48.59
CA LEU D 549 12.37 7.97 -48.59
C LEU D 549 11.90 7.60 -50.00
N ALA D 550 12.32 8.36 -51.02
CA ALA D 550 11.91 8.05 -52.39
C ALA D 550 12.44 6.70 -52.84
N ASP D 551 13.76 6.58 -52.96
CA ASP D 551 14.36 5.33 -53.40
C ASP D 551 14.38 4.29 -52.30
N LEU D 552 14.55 4.71 -51.06
CA LEU D 552 14.59 3.78 -49.94
C LEU D 552 13.25 3.06 -49.76
N CYS D 553 12.15 3.76 -49.95
CA CYS D 553 10.81 3.16 -49.91
C CYS D 553 10.09 3.42 -51.23
N PRO D 554 9.98 2.43 -52.10
CA PRO D 554 9.27 2.64 -53.36
C PRO D 554 7.77 2.82 -53.13
N GLY D 555 7.14 3.54 -54.07
CA GLY D 555 5.70 3.73 -54.01
C GLY D 555 5.22 4.69 -52.96
N ILE D 556 6.07 5.63 -52.52
CA ILE D 556 5.68 6.63 -51.54
C ILE D 556 5.17 7.86 -52.27
N SER D 557 3.99 8.34 -51.87
CA SER D 557 3.35 9.46 -52.54
C SER D 557 3.62 10.76 -51.81
N ARG D 558 3.52 11.87 -52.55
CA ARG D 558 3.84 13.18 -51.98
C ARG D 558 2.86 13.57 -50.89
N MET D 559 1.69 12.91 -50.86
CA MET D 559 0.73 13.14 -49.79
C MET D 559 1.30 12.70 -48.44
N ASP D 560 2.00 11.55 -48.42
CA ASP D 560 2.51 11.03 -47.16
C ASP D 560 3.60 11.92 -46.56
N VAL D 561 4.31 12.69 -47.38
CA VAL D 561 5.27 13.65 -46.81
C VAL D 561 4.55 14.68 -45.96
N LEU D 562 3.45 15.23 -46.48
CA LEU D 562 2.64 16.15 -45.70
C LEU D 562 2.04 15.47 -44.49
N THR D 563 1.62 14.21 -44.63
CA THR D 563 1.11 13.49 -43.46
C THR D 563 2.19 13.34 -42.38
N ILE D 564 3.43 13.08 -42.79
CA ILE D 564 4.53 12.98 -41.85
C ILE D 564 4.72 14.31 -41.13
N ILE D 565 4.69 15.41 -41.89
CA ILE D 565 4.84 16.73 -41.28
C ILE D 565 3.72 16.99 -40.28
N ARG D 566 2.48 16.66 -40.66
CA ARG D 566 1.35 16.88 -39.77
C ARG D 566 1.48 16.05 -38.50
N ASN D 567 1.84 14.77 -38.64
CA ASN D 567 2.02 13.93 -37.46
C ASN D 567 3.13 14.48 -36.57
N SER D 568 4.19 15.02 -37.17
CA SER D 568 5.24 15.64 -36.39
C SER D 568 4.72 16.82 -35.59
N ILE D 569 3.92 17.68 -36.22
CA ILE D 569 3.46 18.87 -35.49
C ILE D 569 2.40 18.51 -34.46
N GLU D 570 1.70 17.38 -34.60
CA GLU D 570 0.81 16.94 -33.54
C GLU D 570 1.53 16.38 -32.33
N THR D 571 2.70 15.76 -32.51
CA THR D 571 3.39 15.07 -31.44
C THR D 571 4.38 15.96 -30.70
N ALA D 572 4.46 17.25 -31.04
CA ALA D 572 5.35 18.17 -30.34
C ALA D 572 4.77 18.55 -28.99
N PHE D 573 5.62 18.54 -27.96
CA PHE D 573 5.21 18.92 -26.62
C PHE D 573 5.06 20.43 -26.58
N ILE D 574 3.90 20.90 -27.03
CA ILE D 574 3.62 22.32 -27.13
C ILE D 574 2.25 22.62 -26.54
N SER D 575 2.04 23.88 -26.18
CA SER D 575 0.77 24.32 -25.64
C SER D 575 -0.29 24.34 -26.75
N HIS D 576 -1.55 24.41 -26.33
CA HIS D 576 -2.65 24.37 -27.29
C HIS D 576 -2.64 25.58 -28.21
N ASP D 577 -2.49 26.78 -27.64
CA ASP D 577 -2.48 27.99 -28.46
C ASP D 577 -1.27 28.02 -29.39
N PHE D 578 -0.11 27.61 -28.89
CA PHE D 578 1.08 27.57 -29.73
C PHE D 578 0.91 26.57 -30.87
N ARG D 579 0.32 25.42 -30.56
CA ARG D 579 0.03 24.45 -31.62
C ARG D 579 -0.93 25.04 -32.65
N MET D 580 -1.92 25.80 -32.19
CA MET D 580 -2.86 26.44 -33.09
C MET D 580 -2.15 27.42 -34.03
N GLU D 581 -1.30 28.28 -33.47
CA GLU D 581 -0.54 29.23 -34.30
C GLU D 581 0.35 28.50 -35.30
N LEU D 582 1.03 27.44 -34.84
CA LEU D 582 1.91 26.71 -35.71
C LEU D 582 1.14 26.03 -36.83
N LEU D 583 -0.06 25.52 -36.52
CA LEU D 583 -0.92 24.96 -37.55
C LEU D 583 -1.28 25.99 -38.61
N LYS D 584 -1.70 27.19 -38.17
CA LYS D 584 -2.07 28.22 -39.13
C LYS D 584 -0.90 28.59 -40.02
N PHE D 585 0.26 28.86 -39.41
CA PHE D 585 1.42 29.27 -40.19
C PHE D 585 1.85 28.17 -41.16
N PHE D 586 1.87 26.91 -40.68
CA PHE D 586 2.24 25.81 -41.55
C PHE D 586 1.27 25.66 -42.71
N ASP D 587 -0.03 25.79 -42.44
CA ASP D 587 -1.03 25.68 -43.51
C ASP D 587 -0.80 26.74 -44.57
N ARG D 588 -0.64 28.00 -44.15
CA ARG D 588 -0.42 29.06 -45.12
C ARG D 588 0.86 28.80 -45.92
N LYS D 589 1.92 28.38 -45.25
CA LYS D 589 3.19 28.18 -45.95
C LYS D 589 3.11 27.04 -46.95
N ILE D 590 2.48 25.91 -46.58
CA ILE D 590 2.41 24.80 -47.51
C ILE D 590 1.53 25.16 -48.70
N TYR D 591 0.41 25.85 -48.43
CA TYR D 591 -0.43 26.36 -49.51
C TYR D 591 0.40 27.16 -50.50
N ASP D 592 1.15 28.15 -49.99
CA ASP D 592 1.91 29.02 -50.88
C ASP D 592 2.97 28.24 -51.64
N VAL D 593 3.68 27.33 -50.96
CA VAL D 593 4.81 26.68 -51.62
C VAL D 593 4.33 25.71 -52.69
N CYS D 594 3.26 24.94 -52.42
CA CYS D 594 2.76 24.04 -53.45
C CYS D 594 2.16 24.83 -54.60
N LEU D 595 1.45 25.91 -54.30
CA LEU D 595 0.86 26.73 -55.36
C LEU D 595 1.94 27.34 -56.25
N ILE D 596 3.08 27.71 -55.67
CA ILE D 596 4.17 28.22 -56.47
C ILE D 596 4.82 27.10 -57.28
N SER D 597 5.07 25.96 -56.66
CA SER D 597 5.88 24.91 -57.27
C SER D 597 5.14 24.11 -58.32
N ILE D 598 3.80 24.12 -58.33
CA ILE D 598 3.08 23.37 -59.35
C ILE D 598 3.38 23.91 -60.74
N LYS D 599 3.58 25.23 -60.87
CA LYS D 599 3.89 25.81 -62.16
C LYS D 599 5.21 25.29 -62.70
N ASN D 600 6.22 25.17 -61.85
CA ASN D 600 7.53 24.69 -62.27
C ASN D 600 7.81 23.30 -61.70
N MET E 1 -22.35 -68.52 37.92
CA MET E 1 -22.70 -68.48 36.51
C MET E 1 -23.93 -69.38 36.34
N SER E 2 -25.11 -68.75 36.24
CA SER E 2 -26.36 -69.47 36.17
C SER E 2 -27.18 -68.96 35.00
N ARG E 3 -27.66 -69.89 34.18
CA ARG E 3 -28.50 -69.56 33.04
C ARG E 3 -29.96 -69.50 33.47
N VAL E 4 -30.71 -68.59 32.88
CA VAL E 4 -32.13 -68.43 33.16
C VAL E 4 -32.92 -68.86 31.93
N LEU E 5 -33.82 -69.82 32.12
CA LEU E 5 -34.68 -70.30 31.04
C LEU E 5 -35.97 -69.50 31.04
N LEU E 6 -36.28 -68.90 29.90
CA LEU E 6 -37.52 -68.15 29.71
C LEU E 6 -38.37 -68.85 28.66
N CYS E 7 -39.64 -69.08 28.98
CA CYS E 7 -40.53 -69.78 28.07
C CYS E 7 -41.96 -69.30 28.29
N SER E 8 -42.78 -69.51 27.28
CA SER E 8 -44.20 -69.20 27.35
C SER E 8 -44.96 -70.22 26.52
N ALA E 9 -46.23 -70.44 26.88
CA ALA E 9 -47.04 -71.43 26.19
C ALA E 9 -48.51 -71.05 26.29
N GLY E 10 -49.27 -71.44 25.28
CA GLY E 10 -50.70 -71.17 25.26
C GLY E 10 -51.54 -72.43 25.39
N HIS E 11 -51.05 -73.54 24.83
CA HIS E 11 -51.73 -74.82 24.95
C HIS E 11 -50.82 -75.99 25.30
N SER E 12 -49.52 -75.90 25.03
CA SER E 12 -48.57 -76.99 25.31
C SER E 12 -47.77 -76.60 26.55
N SER E 13 -48.32 -76.92 27.72
CA SER E 13 -47.67 -76.57 28.99
C SER E 13 -46.44 -77.43 29.27
N MET E 14 -46.20 -78.47 28.47
CA MET E 14 -45.20 -79.48 28.79
C MET E 14 -43.93 -79.31 27.97
N VAL E 15 -43.76 -78.17 27.30
CA VAL E 15 -42.54 -77.93 26.53
C VAL E 15 -41.37 -77.64 27.47
N VAL E 16 -41.64 -77.04 28.63
CA VAL E 16 -40.56 -76.63 29.54
C VAL E 16 -39.73 -77.81 30.02
N PRO E 17 -40.31 -78.93 30.49
CA PRO E 17 -39.46 -80.07 30.87
C PRO E 17 -38.59 -80.57 29.74
N GLU E 18 -39.10 -80.59 28.50
CA GLU E 18 -38.28 -80.99 27.38
C GLU E 18 -37.13 -80.02 27.15
N ALA E 19 -37.41 -78.72 27.21
CA ALA E 19 -36.38 -77.70 26.99
C ALA E 19 -35.35 -77.68 28.12
N PHE E 20 -35.70 -78.22 29.30
CA PHE E 20 -34.77 -78.23 30.41
C PHE E 20 -33.47 -78.96 30.09
N HIS E 21 -33.53 -79.96 29.22
CA HIS E 21 -32.36 -80.77 28.88
C HIS E 21 -31.74 -80.36 27.55
N ALA E 22 -31.71 -79.07 27.23
CA ALA E 22 -31.12 -78.62 25.98
C ALA E 22 -29.63 -78.94 25.92
N VAL E 23 -28.90 -78.69 27.01
CA VAL E 23 -27.46 -78.91 27.05
C VAL E 23 -27.15 -79.86 28.20
N PRO E 24 -26.30 -80.87 27.98
CA PRO E 24 -25.99 -81.82 29.06
C PRO E 24 -25.28 -81.21 30.25
N GLU E 25 -24.78 -79.98 30.13
CA GLU E 25 -24.05 -79.35 31.23
C GLU E 25 -24.94 -79.06 32.43
N GLY E 26 -26.27 -79.12 32.27
CA GLY E 26 -27.18 -78.87 33.37
C GLY E 26 -27.68 -77.45 33.39
N PHE E 27 -28.99 -77.28 33.62
CA PHE E 27 -29.62 -75.97 33.61
C PHE E 27 -30.05 -75.59 35.03
N GLU E 28 -29.90 -74.30 35.35
CA GLU E 28 -30.02 -73.83 36.72
C GLU E 28 -31.34 -73.12 36.99
N GLU E 29 -31.67 -72.09 36.22
CA GLU E 29 -32.83 -71.25 36.48
C GLU E 29 -33.80 -71.33 35.32
N VAL E 30 -35.08 -71.54 35.62
CA VAL E 30 -36.13 -71.61 34.62
C VAL E 30 -37.30 -70.76 35.10
N HIS E 31 -37.86 -69.96 34.18
CA HIS E 31 -39.01 -69.12 34.51
C HIS E 31 -39.95 -69.09 33.31
N VAL E 32 -41.24 -69.14 33.61
CA VAL E 32 -42.28 -69.29 32.59
C VAL E 32 -43.33 -68.20 32.75
N PHE E 33 -43.73 -67.60 31.64
CA PHE E 33 -44.79 -66.61 31.62
C PHE E 33 -45.98 -67.18 30.85
N THR E 34 -47.19 -66.95 31.38
CA THR E 34 -48.41 -67.50 30.81
C THR E 34 -49.57 -66.63 31.25
N THR E 35 -50.62 -66.58 30.43
CA THR E 35 -51.80 -65.80 30.75
C THR E 35 -52.65 -66.53 31.78
N ASP E 36 -53.89 -66.07 31.99
CA ASP E 36 -54.78 -66.64 32.99
C ASP E 36 -55.60 -67.81 32.45
N SER E 37 -55.10 -68.50 31.42
CA SER E 37 -55.81 -69.64 30.86
C SER E 37 -56.01 -70.71 31.92
N GLU E 38 -57.28 -71.04 32.20
CA GLU E 38 -57.60 -72.05 33.20
C GLU E 38 -57.20 -73.45 32.77
N LYS E 39 -56.92 -73.66 31.48
CA LYS E 39 -56.51 -74.98 31.00
C LYS E 39 -55.17 -75.39 31.59
N PHE E 40 -54.25 -74.45 31.77
CA PHE E 40 -52.90 -74.77 32.21
C PHE E 40 -52.91 -75.37 33.61
N ASN E 41 -52.13 -76.44 33.79
CA ASN E 41 -51.94 -77.09 35.08
C ASN E 41 -50.48 -76.95 35.49
N PRO E 42 -50.15 -76.04 36.40
CA PRO E 42 -48.75 -75.92 36.85
C PRO E 42 -48.27 -77.08 37.70
N VAL E 43 -49.18 -77.97 38.13
CA VAL E 43 -48.82 -79.03 39.06
C VAL E 43 -47.84 -80.00 38.42
N VAL E 44 -48.03 -80.31 37.14
CA VAL E 44 -47.16 -81.27 36.46
C VAL E 44 -45.72 -80.75 36.42
N LEU E 45 -45.56 -79.48 36.03
CA LEU E 45 -44.22 -78.88 36.02
C LEU E 45 -43.66 -78.78 37.43
N ASN E 46 -44.52 -78.49 38.41
CA ASN E 46 -44.07 -78.41 39.80
C ASN E 46 -43.49 -79.74 40.26
N ASP E 47 -44.19 -80.85 40.00
CA ASP E 47 -43.68 -82.13 40.45
C ASP E 47 -42.48 -82.57 39.64
N PHE E 48 -42.43 -82.18 38.36
CA PHE E 48 -41.24 -82.50 37.55
C PHE E 48 -40.01 -81.81 38.10
N PHE E 49 -40.14 -80.54 38.48
CA PHE E 49 -38.99 -79.79 38.98
C PHE E 49 -38.73 -80.02 40.47
N HIS E 50 -39.67 -80.63 41.19
CA HIS E 50 -39.40 -81.00 42.58
C HIS E 50 -38.34 -82.08 42.66
N SER E 51 -38.11 -82.81 41.58
CA SER E 51 -37.01 -83.77 41.55
C SER E 51 -35.65 -83.10 41.57
N LEU E 52 -35.59 -81.81 41.27
CA LEU E 52 -34.33 -81.03 41.30
C LEU E 52 -34.56 -79.78 42.14
N PRO E 53 -34.45 -79.89 43.46
CA PRO E 53 -34.56 -78.70 44.31
C PRO E 53 -33.58 -77.59 43.94
N ASN E 54 -32.41 -77.95 43.40
CA ASN E 54 -31.40 -76.95 43.03
C ASN E 54 -31.89 -75.98 41.97
N VAL E 55 -32.94 -76.32 41.23
CA VAL E 55 -33.49 -75.46 40.20
C VAL E 55 -34.69 -74.72 40.78
N ARG E 56 -34.67 -73.39 40.64
CA ARG E 56 -35.71 -72.52 41.19
C ARG E 56 -36.70 -72.20 40.08
N PHE E 57 -37.97 -72.53 40.30
CA PHE E 57 -39.02 -72.41 39.30
C PHE E 57 -39.97 -71.29 39.71
N SER E 58 -40.20 -70.34 38.80
CA SER E 58 -41.14 -69.25 39.01
C SER E 58 -42.25 -69.34 37.96
N ILE E 59 -43.49 -69.28 38.42
CA ILE E 59 -44.66 -69.28 37.56
C ILE E 59 -45.27 -67.89 37.61
N THR E 60 -45.25 -67.20 36.48
CA THR E 60 -45.79 -65.84 36.37
C THR E 60 -47.02 -65.87 35.49
N LYS E 61 -48.13 -65.35 36.01
CA LYS E 61 -49.41 -65.34 35.32
C LYS E 61 -49.78 -63.92 34.93
N CYS E 62 -50.16 -63.72 33.68
CA CYS E 62 -50.60 -62.42 33.18
C CYS E 62 -51.98 -62.13 33.75
N HIS E 63 -52.02 -61.43 34.88
CA HIS E 63 -53.29 -61.16 35.55
C HIS E 63 -54.21 -60.33 34.68
N GLY E 64 -55.50 -60.69 34.68
CA GLY E 64 -56.51 -59.97 33.92
C GLY E 64 -56.59 -60.33 32.46
N LEU E 65 -55.78 -61.27 31.97
CA LEU E 65 -55.79 -61.67 30.58
C LEU E 65 -55.58 -63.16 30.47
N ALA E 66 -56.34 -63.80 29.57
CA ALA E 66 -56.26 -65.23 29.32
C ALA E 66 -55.78 -65.56 27.92
N ASP E 67 -56.13 -64.72 26.95
CA ASP E 67 -55.75 -64.95 25.56
C ASP E 67 -55.92 -63.65 24.80
N ILE E 68 -55.05 -63.44 23.82
CA ILE E 68 -55.14 -62.27 22.95
C ILE E 68 -56.34 -62.45 22.04
N LEU E 69 -57.20 -61.43 22.00
CA LEU E 69 -58.38 -61.48 21.14
C LEU E 69 -58.41 -60.28 20.20
N ASN E 70 -57.85 -59.16 20.64
CA ASN E 70 -57.92 -57.92 19.88
C ASN E 70 -56.69 -57.08 20.20
N GLU E 71 -56.76 -55.79 19.86
CA GLU E 71 -55.60 -54.91 19.99
C GLU E 71 -55.21 -54.72 21.45
N ARG E 72 -56.18 -54.37 22.30
CA ARG E 72 -55.87 -54.05 23.69
C ARG E 72 -55.30 -55.26 24.42
N ASP E 73 -55.86 -56.45 24.18
CA ASP E 73 -55.33 -57.65 24.80
C ASP E 73 -53.90 -57.89 24.37
N PHE E 74 -53.61 -57.69 23.07
CA PHE E 74 -52.26 -57.92 22.56
C PHE E 74 -51.27 -56.96 23.20
N GLU E 75 -51.60 -55.66 23.23
CA GLU E 75 -50.66 -54.70 23.77
C GLU E 75 -50.47 -54.89 25.27
N PHE E 76 -51.54 -55.26 25.99
CA PHE E 76 -51.42 -55.52 27.42
C PHE E 76 -50.49 -56.71 27.66
N TYR E 77 -50.72 -57.81 26.94
CA TYR E 77 -49.83 -58.97 27.08
C TYR E 77 -48.39 -58.58 26.75
N GLN E 78 -48.21 -57.81 25.69
CA GLN E 78 -46.86 -57.45 25.26
C GLN E 78 -46.15 -56.63 26.33
N GLU E 79 -46.86 -55.68 26.94
CA GLU E 79 -46.25 -54.86 27.97
C GLU E 79 -45.88 -55.70 29.19
N MET E 80 -46.79 -56.56 29.65
CA MET E 80 -46.46 -57.37 30.82
C MET E 80 -45.36 -58.38 30.52
N LEU E 81 -45.34 -58.96 29.32
CA LEU E 81 -44.27 -59.88 28.96
C LEU E 81 -42.92 -59.17 28.91
N TRP E 82 -42.90 -57.96 28.34
CA TRP E 82 -41.66 -57.19 28.33
C TRP E 82 -41.20 -56.85 29.74
N GLN E 83 -42.14 -56.47 30.61
CA GLN E 83 -41.78 -56.18 31.99
C GLN E 83 -41.22 -57.41 32.69
N TRP E 84 -41.82 -58.57 32.46
CA TRP E 84 -41.34 -59.80 33.07
C TRP E 84 -39.95 -60.17 32.54
N TYR E 85 -39.73 -60.00 31.24
CA TYR E 85 -38.41 -60.28 30.66
C TYR E 85 -37.36 -59.33 31.23
N LEU E 86 -37.70 -58.06 31.38
CA LEU E 86 -36.79 -57.11 32.03
C LEU E 86 -36.51 -57.52 33.47
N THR E 87 -37.54 -57.96 34.19
CA THR E 87 -37.37 -58.26 35.62
C THR E 87 -36.50 -59.49 35.83
N LYS E 88 -36.76 -60.58 35.09
CA LYS E 88 -36.09 -61.84 35.32
C LYS E 88 -34.70 -61.91 34.69
N MET E 89 -34.22 -60.81 34.13
CA MET E 89 -32.94 -60.81 33.41
C MET E 89 -31.79 -60.96 34.40
N PRO E 90 -30.88 -61.91 34.20
CA PRO E 90 -29.63 -61.88 34.97
C PRO E 90 -28.86 -60.60 34.69
N ASP E 91 -28.27 -60.03 35.75
CA ASP E 91 -27.65 -58.73 35.62
C ASP E 91 -26.31 -58.77 34.90
N ASN E 92 -25.76 -59.96 34.64
CA ASN E 92 -24.45 -60.07 34.02
C ASN E 92 -24.53 -60.79 32.67
N GLU E 93 -25.12 -61.97 32.63
CA GLU E 93 -25.02 -62.85 31.47
C GLU E 93 -26.34 -62.93 30.72
N LEU E 94 -26.25 -63.08 29.40
CA LEU E 94 -27.44 -63.29 28.58
C LEU E 94 -28.02 -64.67 28.84
N PRO E 95 -29.34 -64.83 28.71
CA PRO E 95 -29.98 -66.10 29.09
C PRO E 95 -30.18 -67.05 27.93
N TYR E 96 -30.68 -68.25 28.24
CA TYR E 96 -31.14 -69.20 27.25
C TYR E 96 -32.66 -69.18 27.22
N VAL E 97 -33.23 -68.96 26.04
CA VAL E 97 -34.68 -68.75 25.92
C VAL E 97 -35.21 -69.61 24.78
N CYS E 98 -36.38 -70.21 25.00
CA CYS E 98 -37.06 -70.99 23.99
C CYS E 98 -38.49 -70.49 23.85
N LEU E 99 -39.09 -70.76 22.69
CA LEU E 99 -40.41 -70.22 22.35
C LEU E 99 -41.28 -71.25 21.64
N SER E 100 -41.06 -72.54 21.91
CA SER E 100 -41.87 -73.57 21.26
C SER E 100 -43.34 -73.46 21.65
N GLY E 101 -43.63 -73.19 22.92
CA GLY E 101 -45.00 -73.06 23.36
C GLY E 101 -45.63 -71.75 22.95
N GLY E 102 -46.96 -71.75 22.94
CA GLY E 102 -47.73 -70.56 22.58
C GLY E 102 -47.97 -70.48 21.07
N ILE E 103 -49.06 -69.81 20.72
CA ILE E 103 -49.39 -69.62 19.30
C ILE E 103 -48.50 -68.49 18.76
N LYS E 104 -48.56 -68.28 17.44
CA LYS E 104 -47.59 -67.44 16.75
C LYS E 104 -47.37 -66.10 17.44
N SER E 105 -48.41 -65.54 18.07
CA SER E 105 -48.31 -64.19 18.61
C SER E 105 -47.29 -64.11 19.75
N MET E 106 -47.43 -64.96 20.78
CA MET E 106 -46.47 -64.93 21.87
C MET E 106 -45.06 -65.31 21.42
N SER E 107 -44.95 -66.27 20.50
CA SER E 107 -43.62 -66.65 20.02
C SER E 107 -42.94 -65.48 19.31
N ALA E 108 -43.67 -64.79 18.43
CA ALA E 108 -43.10 -63.65 17.72
C ALA E 108 -42.73 -62.53 18.69
N SER E 109 -43.59 -62.26 19.67
CA SER E 109 -43.28 -61.22 20.64
C SER E 109 -42.05 -61.56 21.47
N LEU E 110 -41.94 -62.82 21.89
CA LEU E 110 -40.76 -63.24 22.64
C LEU E 110 -39.50 -63.16 21.78
N GLN E 111 -39.61 -63.52 20.51
CA GLN E 111 -38.45 -63.43 19.61
C GLN E 111 -38.01 -61.98 19.44
N LYS E 112 -38.97 -61.05 19.29
CA LYS E 112 -38.59 -59.65 19.15
C LYS E 112 -38.00 -59.12 20.45
N ALA E 113 -38.53 -59.54 21.60
CA ALA E 113 -37.96 -59.13 22.87
C ALA E 113 -36.53 -59.64 23.03
N ALA E 114 -36.30 -60.89 22.65
CA ALA E 114 -34.95 -61.44 22.72
C ALA E 114 -34.00 -60.71 21.78
N THR E 115 -34.44 -60.42 20.55
CA THR E 115 -33.60 -59.68 19.62
C THR E 115 -33.29 -58.28 20.12
N LEU E 116 -34.22 -57.69 20.87
CA LEU E 116 -33.97 -56.37 21.46
C LEU E 116 -32.97 -56.45 22.61
N PHE E 117 -33.32 -57.21 23.65
CA PHE E 117 -32.55 -57.19 24.89
C PHE E 117 -31.50 -58.29 24.97
N GLY E 118 -31.38 -59.15 23.96
CA GLY E 118 -30.31 -60.11 23.91
C GLY E 118 -30.65 -61.43 24.57
N ALA E 119 -29.92 -62.47 24.18
CA ALA E 119 -30.05 -63.80 24.74
C ALA E 119 -28.81 -64.60 24.39
N GLN E 120 -28.37 -65.45 25.32
CA GLN E 120 -27.15 -66.22 25.10
C GLN E 120 -27.34 -67.19 23.93
N SER E 121 -28.45 -67.92 23.91
CA SER E 121 -28.74 -68.84 22.81
C SER E 121 -30.25 -69.05 22.77
N VAL E 122 -30.92 -68.36 21.86
CA VAL E 122 -32.33 -68.62 21.60
C VAL E 122 -32.45 -69.81 20.66
N PHE E 123 -33.44 -70.66 20.89
CA PHE E 123 -33.56 -71.91 20.16
C PHE E 123 -35.01 -72.34 20.12
N HIS E 124 -35.25 -73.46 19.43
CA HIS E 124 -36.58 -74.03 19.27
C HIS E 124 -36.55 -75.50 19.64
N VAL E 125 -37.60 -75.96 20.32
CA VAL E 125 -37.75 -77.35 20.68
C VAL E 125 -38.58 -78.04 19.62
N LEU E 126 -38.03 -79.10 19.03
CA LEU E 126 -38.70 -79.85 17.97
C LEU E 126 -39.10 -81.22 18.53
N ALA E 127 -40.40 -81.39 18.76
CA ALA E 127 -40.95 -82.63 19.29
C ALA E 127 -41.74 -83.32 18.19
N ASP E 128 -41.32 -84.55 17.85
CA ASP E 128 -42.01 -85.28 16.79
C ASP E 128 -43.34 -85.82 17.25
N ASN E 129 -43.39 -86.37 18.47
CA ASN E 129 -44.58 -87.06 18.96
C ASN E 129 -45.40 -86.21 19.92
N ASN E 130 -44.99 -84.96 20.19
CA ASN E 130 -45.60 -84.03 21.14
C ASN E 130 -46.08 -84.77 22.39
N PRO E 131 -45.15 -85.23 23.23
CA PRO E 131 -45.52 -86.09 24.36
C PRO E 131 -46.47 -85.40 25.33
N ARG E 132 -47.36 -86.20 25.92
CA ARG E 132 -48.29 -85.74 26.94
C ARG E 132 -48.07 -86.39 28.30
N ASN E 133 -47.66 -87.66 28.33
CA ASN E 133 -47.35 -88.33 29.57
C ASN E 133 -45.91 -88.04 29.97
N ILE E 134 -45.61 -88.17 31.26
CA ILE E 134 -44.32 -87.80 31.82
C ILE E 134 -43.19 -88.68 31.27
N GLU E 135 -43.47 -89.97 31.05
CA GLU E 135 -42.44 -90.91 30.66
C GLU E 135 -42.02 -90.70 29.20
N GLU E 136 -42.93 -90.21 28.36
CA GLU E 136 -42.71 -90.21 26.91
C GLU E 136 -41.51 -89.38 26.50
N MET E 137 -41.33 -88.19 27.10
CA MET E 137 -40.17 -87.38 26.70
C MET E 137 -38.87 -88.03 27.13
N PHE E 138 -38.86 -88.71 28.27
CA PHE E 138 -37.67 -89.46 28.66
C PHE E 138 -37.38 -90.59 27.67
N ASP E 139 -38.43 -91.28 27.21
CA ASP E 139 -38.22 -92.31 26.19
C ASP E 139 -37.64 -91.71 24.92
N ALA E 140 -38.16 -90.55 24.51
CA ALA E 140 -37.65 -89.89 23.31
C ALA E 140 -36.20 -89.45 23.49
N LEU E 141 -35.86 -88.96 24.68
CA LEU E 141 -34.49 -88.57 24.96
C LEU E 141 -33.54 -89.76 24.89
N GLN E 142 -33.95 -90.90 25.45
CA GLN E 142 -33.14 -92.11 25.34
C GLN E 142 -33.01 -92.54 23.87
N LYS E 143 -34.11 -92.46 23.11
CA LYS E 143 -34.07 -92.79 21.70
C LYS E 143 -33.43 -91.70 20.86
N GLY E 144 -33.52 -90.45 21.30
CA GLY E 144 -33.08 -89.33 20.50
C GLY E 144 -34.14 -88.71 19.63
N GLN E 145 -35.41 -89.05 19.86
CA GLN E 145 -36.50 -88.50 19.04
C GLN E 145 -36.60 -87.00 19.18
N ILE E 146 -36.48 -86.49 20.40
CA ILE E 146 -36.58 -85.05 20.63
C ILE E 146 -35.36 -84.36 20.04
N HIS E 147 -35.60 -83.35 19.21
CA HIS E 147 -34.54 -82.61 18.54
C HIS E 147 -34.61 -81.14 18.94
N PHE E 148 -33.44 -80.53 19.11
CA PHE E 148 -33.34 -79.12 19.48
C PHE E 148 -32.60 -78.38 18.37
N ILE E 149 -33.19 -77.27 17.93
CA ILE E 149 -32.64 -76.49 16.83
C ILE E 149 -32.48 -75.04 17.27
N GLU E 150 -31.38 -74.42 16.86
CA GLU E 150 -31.09 -73.03 17.17
C GLU E 150 -30.55 -72.34 15.91
N MET E 151 -30.94 -71.08 15.72
CA MET E 151 -30.49 -70.33 14.56
C MET E 151 -29.15 -69.66 14.77
N GLY E 152 -28.61 -69.67 15.99
CA GLY E 152 -27.31 -69.10 16.27
C GLY E 152 -27.35 -68.14 17.45
N TYR E 153 -26.15 -67.70 17.83
CA TYR E 153 -26.01 -66.74 18.91
C TYR E 153 -26.63 -65.41 18.52
N GLU E 154 -27.26 -64.74 19.48
CA GLU E 154 -27.94 -63.48 19.24
C GLU E 154 -27.60 -62.50 20.34
N PRO E 155 -26.59 -61.65 20.13
CA PRO E 155 -26.17 -60.73 21.21
C PRO E 155 -27.25 -59.77 21.65
N GLY E 156 -28.15 -59.36 20.76
CA GLY E 156 -29.09 -58.35 21.13
C GLY E 156 -28.38 -57.02 21.34
N TRP E 157 -29.06 -56.14 22.06
CA TRP E 157 -28.45 -54.85 22.35
C TRP E 157 -27.69 -54.93 23.67
N ALA E 158 -26.59 -54.18 23.75
CA ALA E 158 -25.67 -54.31 24.88
C ALA E 158 -26.29 -53.79 26.17
N ALA E 159 -26.55 -52.48 26.25
CA ALA E 159 -26.96 -51.83 27.50
C ALA E 159 -28.31 -51.14 27.33
N LEU E 160 -29.38 -51.89 27.61
CA LEU E 160 -30.71 -51.34 27.82
C LEU E 160 -31.25 -51.82 29.16
N ARG E 161 -30.36 -52.27 30.03
CA ARG E 161 -30.78 -53.01 31.22
C ARG E 161 -31.26 -52.10 32.34
N ARG E 162 -30.75 -50.88 32.45
CA ARG E 162 -31.21 -50.08 33.59
C ARG E 162 -32.65 -49.55 33.40
N LEU E 163 -33.36 -49.95 32.35
CA LEU E 163 -34.80 -49.70 32.29
C LEU E 163 -35.53 -50.40 33.43
N LYS E 164 -34.99 -51.51 33.95
CA LYS E 164 -35.59 -52.17 35.10
C LYS E 164 -35.54 -51.31 36.35
N LYS E 165 -34.66 -50.29 36.38
CA LYS E 165 -34.66 -49.30 37.44
C LYS E 165 -35.33 -47.99 37.03
N ILE E 166 -35.32 -47.66 35.75
CA ILE E 166 -36.08 -46.51 35.27
C ILE E 166 -37.57 -46.72 35.54
N LEU E 167 -38.08 -47.91 35.20
CA LEU E 167 -39.41 -48.32 35.59
C LEU E 167 -39.27 -49.14 36.86
N PRO E 168 -39.81 -48.70 37.99
CA PRO E 168 -39.68 -49.49 39.22
C PRO E 168 -40.38 -50.83 39.08
N ILE E 169 -39.84 -51.84 39.77
CA ILE E 169 -40.40 -53.19 39.71
C ILE E 169 -41.74 -53.17 40.44
N ASN E 170 -42.83 -53.18 39.68
CA ASN E 170 -44.17 -53.14 40.24
C ASN E 170 -45.02 -54.21 39.57
N GLU E 171 -45.70 -55.02 40.39
CA GLU E 171 -46.57 -56.07 39.88
C GLU E 171 -48.04 -55.70 39.91
N GLY E 172 -48.45 -54.82 40.81
CA GLY E 172 -49.84 -54.38 40.87
C GLY E 172 -50.09 -53.18 40.00
N CYS E 173 -50.62 -53.40 38.80
CA CYS E 173 -50.90 -52.33 37.85
C CYS E 173 -51.84 -52.89 36.78
N SER E 174 -52.21 -52.03 35.84
CA SER E 174 -53.09 -52.38 34.75
C SER E 174 -52.54 -51.78 33.45
N ARG E 175 -53.23 -52.05 32.35
CA ARG E 175 -52.84 -51.50 31.05
C ARG E 175 -53.17 -50.02 30.93
N ASP E 176 -53.88 -49.44 31.90
CA ASP E 176 -54.12 -48.00 31.88
C ASP E 176 -52.81 -47.22 31.94
N ASN E 177 -51.84 -47.73 32.71
CA ASN E 177 -50.55 -47.07 32.87
C ASN E 177 -49.42 -47.99 32.41
N PHE E 178 -49.10 -47.89 31.13
CA PHE E 178 -47.95 -48.57 30.55
C PHE E 178 -47.00 -47.53 29.97
N LYS E 179 -45.80 -47.98 29.61
CA LYS E 179 -44.79 -47.07 29.05
C LYS E 179 -44.66 -47.29 27.54
N PRO E 180 -45.07 -46.31 26.73
CA PRO E 180 -44.92 -46.48 25.28
C PRO E 180 -43.53 -46.09 24.78
N LEU E 181 -42.48 -46.52 25.47
CA LEU E 181 -41.13 -46.23 24.98
C LEU E 181 -40.67 -47.25 23.96
N ILE E 182 -41.15 -48.49 24.04
CA ILE E 182 -40.83 -49.46 23.01
C ILE E 182 -41.58 -49.12 21.71
N SER E 183 -42.83 -48.70 21.80
CA SER E 183 -43.54 -48.22 20.62
C SER E 183 -42.92 -46.92 20.11
N LYS E 184 -42.43 -46.08 21.02
CA LYS E 184 -41.66 -44.91 20.61
C LYS E 184 -40.44 -45.32 19.82
N SER E 185 -39.74 -46.37 20.29
CA SER E 185 -38.65 -46.94 19.51
C SER E 185 -39.13 -47.37 18.13
N ILE E 186 -40.13 -48.24 18.09
CA ILE E 186 -40.71 -48.77 16.85
C ILE E 186 -40.95 -47.64 15.86
N GLU E 187 -41.55 -46.54 16.33
CA GLU E 187 -41.76 -45.39 15.47
C GLU E 187 -40.42 -44.79 15.01
N GLU E 188 -39.45 -44.68 15.93
CA GLU E 188 -38.21 -44.02 15.58
C GLU E 188 -37.32 -44.85 14.66
N ILE E 189 -37.57 -46.16 14.57
CA ILE E 189 -36.62 -47.06 13.91
C ILE E 189 -36.43 -46.68 12.44
N LEU E 190 -37.53 -46.45 11.72
CA LEU E 190 -37.44 -46.07 10.33
C LEU E 190 -38.35 -44.90 9.99
N SER E 191 -38.56 -43.99 10.94
CA SER E 191 -39.33 -42.79 10.66
C SER E 191 -38.63 -41.93 9.61
N ASN E 192 -37.31 -41.79 9.73
CA ASN E 192 -36.55 -40.98 8.79
C ASN E 192 -35.30 -41.72 8.32
N THR E 200 -28.59 -38.43 1.09
CA THR E 200 -27.60 -38.86 2.08
C THR E 200 -27.41 -37.82 3.17
N GLY E 201 -28.52 -37.27 3.66
CA GLY E 201 -28.45 -36.27 4.72
C GLY E 201 -27.83 -36.81 5.99
N LYS E 202 -28.11 -38.08 6.32
CA LYS E 202 -27.54 -38.70 7.50
C LYS E 202 -27.13 -40.15 7.27
N SER E 203 -27.22 -40.67 6.04
CA SER E 203 -26.92 -42.07 5.81
C SER E 203 -25.41 -42.32 5.76
N ASN E 204 -24.72 -41.69 4.82
CA ASN E 204 -23.28 -41.87 4.65
C ASN E 204 -22.47 -40.79 5.34
N GLN E 205 -23.13 -39.86 6.04
CA GLN E 205 -22.44 -38.86 6.84
C GLN E 205 -21.86 -39.45 8.13
N LEU E 206 -21.80 -40.77 8.24
CA LEU E 206 -21.43 -41.41 9.49
C LEU E 206 -19.93 -41.24 9.73
N PRO E 207 -19.52 -40.55 10.79
CA PRO E 207 -18.09 -40.50 11.09
C PRO E 207 -17.67 -41.70 11.91
N PHE E 208 -16.36 -41.91 12.09
CA PHE E 208 -15.86 -42.99 12.94
C PHE E 208 -16.37 -44.33 12.43
N PRO E 209 -15.83 -44.84 11.31
CA PRO E 209 -16.42 -46.02 10.65
C PRO E 209 -16.73 -47.19 11.56
N SER E 210 -16.18 -47.20 12.78
CA SER E 210 -16.62 -48.16 13.78
C SER E 210 -18.04 -47.92 14.25
N LEU E 211 -18.63 -46.77 13.88
CA LEU E 211 -20.03 -46.47 14.20
C LEU E 211 -21.01 -47.34 13.44
N ALA E 212 -20.53 -48.17 12.51
CA ALA E 212 -21.40 -49.05 11.74
C ALA E 212 -21.62 -50.41 12.39
N ILE E 213 -21.07 -50.63 13.58
CA ILE E 213 -21.16 -51.94 14.21
C ILE E 213 -22.37 -52.08 15.13
N LEU E 214 -22.84 -50.99 15.73
CA LEU E 214 -23.95 -51.08 16.65
C LEU E 214 -25.21 -51.60 15.94
N PRO E 215 -26.10 -52.25 16.67
CA PRO E 215 -27.30 -52.79 16.04
C PRO E 215 -28.09 -51.68 15.37
N PRO E 216 -28.85 -52.01 14.32
CA PRO E 216 -29.54 -50.95 13.56
C PRO E 216 -30.41 -50.07 14.41
N ILE E 217 -30.90 -50.59 15.54
CA ILE E 217 -31.64 -49.78 16.49
C ILE E 217 -30.81 -48.57 16.92
N ALA E 218 -29.52 -48.78 17.19
CA ALA E 218 -28.63 -47.66 17.50
C ALA E 218 -28.37 -46.79 16.28
N GLN E 219 -28.17 -47.44 15.13
CA GLN E 219 -27.80 -46.72 13.92
C GLN E 219 -28.89 -45.74 13.51
N GLN E 220 -30.13 -46.03 13.90
CA GLN E 220 -31.21 -45.06 13.72
C GLN E 220 -31.46 -44.20 14.95
N TRP E 221 -31.14 -44.70 16.14
CA TRP E 221 -31.33 -43.91 17.36
C TRP E 221 -30.49 -42.65 17.32
N LEU E 222 -29.29 -42.76 16.76
CA LEU E 222 -28.42 -41.59 16.63
C LEU E 222 -29.06 -40.51 15.76
N GLN E 223 -29.91 -40.90 14.80
CA GLN E 223 -30.58 -39.95 13.93
C GLN E 223 -31.71 -39.20 14.61
N LEU E 224 -32.13 -39.62 15.80
CA LEU E 224 -33.22 -38.96 16.49
C LEU E 224 -32.82 -37.54 16.89
N PRO E 225 -33.78 -36.61 16.95
CA PRO E 225 -33.45 -35.25 17.36
C PRO E 225 -32.92 -35.20 18.79
N LEU E 226 -31.98 -34.28 19.01
CA LEU E 226 -31.38 -34.15 20.33
C LEU E 226 -32.39 -33.56 21.31
N SER E 227 -32.28 -33.96 22.57
CA SER E 227 -33.19 -33.53 23.62
C SER E 227 -32.40 -33.06 24.83
N ALA E 228 -33.07 -32.29 25.69
CA ALA E 228 -32.46 -31.78 26.91
C ALA E 228 -32.06 -32.87 27.88
N ASN E 229 -32.75 -34.01 27.86
CA ASN E 229 -32.45 -35.12 28.76
C ASN E 229 -31.24 -35.94 28.33
N ASP E 230 -30.46 -35.46 27.36
CA ASP E 230 -29.29 -36.17 26.87
C ASP E 230 -28.03 -35.79 27.62
N GLY E 231 -28.16 -35.27 28.85
CA GLY E 231 -26.99 -34.80 29.57
C GLY E 231 -26.01 -35.92 29.89
N ALA E 232 -26.51 -37.09 30.28
CA ALA E 232 -25.63 -38.19 30.66
C ALA E 232 -24.77 -38.64 29.49
N TRP E 233 -25.37 -38.85 28.32
CA TRP E 233 -24.61 -39.30 27.17
C TRP E 233 -23.61 -38.24 26.73
N ILE E 234 -24.00 -36.97 26.75
CA ILE E 234 -23.10 -35.90 26.35
C ILE E 234 -21.91 -35.84 27.30
N GLN E 235 -22.18 -35.93 28.61
CA GLN E 235 -21.09 -35.92 29.58
C GLN E 235 -20.16 -37.12 29.37
N ASN E 236 -20.72 -38.31 29.19
CA ASN E 236 -19.88 -39.48 28.95
C ASN E 236 -19.22 -39.45 27.57
N LEU E 237 -19.75 -38.66 26.65
CA LEU E 237 -19.18 -38.55 25.32
C LEU E 237 -17.84 -37.80 25.41
N PRO E 238 -16.75 -38.38 24.91
CA PRO E 238 -15.51 -37.61 24.82
C PRO E 238 -15.67 -36.44 23.86
N LYS E 239 -15.17 -35.28 24.27
CA LYS E 239 -15.32 -34.05 23.51
C LYS E 239 -13.95 -33.41 23.28
N VAL E 240 -13.93 -32.38 22.44
CA VAL E 240 -12.71 -31.63 22.15
C VAL E 240 -13.04 -30.15 22.17
N ASP E 241 -12.23 -29.37 22.88
CA ASP E 241 -12.39 -27.92 22.98
C ASP E 241 -11.17 -27.27 22.34
N LEU E 242 -11.42 -26.39 21.36
CA LEU E 242 -10.34 -25.78 20.60
C LEU E 242 -10.19 -24.29 20.83
N HIS E 243 -11.18 -23.63 21.43
CA HIS E 243 -11.13 -22.20 21.74
C HIS E 243 -11.49 -22.03 23.21
N CYS E 244 -10.46 -22.03 24.06
CA CYS E 244 -10.63 -21.85 25.49
C CYS E 244 -9.59 -20.87 26.00
N HIS E 245 -10.04 -19.84 26.70
CA HIS E 245 -9.15 -18.81 27.25
C HIS E 245 -8.80 -19.19 28.68
N LEU E 246 -7.50 -19.34 28.95
CA LEU E 246 -7.07 -19.71 30.30
C LEU E 246 -7.34 -18.58 31.29
N GLY E 247 -7.28 -17.34 30.84
CA GLY E 247 -7.49 -16.21 31.73
C GLY E 247 -8.93 -16.03 32.15
N GLY E 248 -9.74 -17.05 31.96
CA GLY E 248 -11.15 -16.99 32.35
C GLY E 248 -11.67 -18.28 32.93
N PHE E 249 -10.77 -19.19 33.33
CA PHE E 249 -11.21 -20.45 33.90
C PHE E 249 -11.84 -20.25 35.27
N ALA E 250 -11.06 -19.73 36.22
CA ALA E 250 -11.55 -19.46 37.57
C ALA E 250 -11.95 -17.99 37.66
N THR E 251 -13.22 -17.75 37.98
CA THR E 251 -13.74 -16.40 38.08
C THR E 251 -14.51 -16.12 39.36
N SER E 252 -15.09 -17.13 40.00
CA SER E 252 -15.84 -16.92 41.23
C SER E 252 -15.98 -18.26 41.95
N GLY E 253 -16.39 -18.17 43.21
CA GLY E 253 -16.72 -19.36 43.97
C GLY E 253 -15.49 -20.15 44.42
N SER E 254 -15.68 -21.48 44.48
CA SER E 254 -14.66 -22.35 45.06
C SER E 254 -13.36 -22.31 44.26
N LEU E 255 -13.46 -22.25 42.93
CA LEU E 255 -12.25 -22.18 42.11
C LEU E 255 -11.47 -20.91 42.40
N LEU E 256 -12.18 -19.78 42.49
CA LEU E 256 -11.52 -18.52 42.81
C LEU E 256 -10.88 -18.57 44.19
N ASP E 257 -11.58 -19.13 45.17
CA ASP E 257 -11.01 -19.24 46.51
C ASP E 257 -9.76 -20.11 46.51
N GLN E 258 -9.80 -21.23 45.78
CA GLN E 258 -8.64 -22.13 45.75
C GLN E 258 -7.45 -21.47 45.08
N VAL E 259 -7.66 -20.78 43.96
CA VAL E 259 -6.54 -20.15 43.28
C VAL E 259 -6.00 -18.98 44.10
N ARG E 260 -6.88 -18.25 44.78
CA ARG E 260 -6.43 -17.15 45.63
C ARG E 260 -5.61 -17.68 46.82
N GLY E 261 -6.06 -18.78 47.42
CA GLY E 261 -5.37 -19.32 48.59
C GLY E 261 -4.03 -19.94 48.29
N ALA E 262 -3.79 -20.33 47.03
CA ALA E 262 -2.52 -20.91 46.63
C ALA E 262 -1.50 -19.86 46.20
N ALA E 263 -1.86 -18.58 46.29
CA ALA E 263 -0.92 -17.53 45.95
C ALA E 263 0.26 -17.52 46.92
N SER E 264 1.45 -17.27 46.39
CA SER E 264 2.64 -17.20 47.23
C SER E 264 2.56 -16.02 48.19
N GLU E 265 2.02 -14.89 47.73
CA GLU E 265 1.88 -13.70 48.56
C GLU E 265 0.41 -13.34 48.71
N PRO E 266 -0.25 -13.77 49.79
CA PRO E 266 -1.66 -13.40 49.98
C PRO E 266 -1.87 -11.90 50.11
N ASP E 267 -0.89 -11.17 50.65
CA ASP E 267 -1.04 -9.73 50.81
C ASP E 267 -1.12 -9.00 49.48
N LEU E 268 -0.52 -9.56 48.43
CA LEU E 268 -0.50 -8.92 47.12
C LEU E 268 -1.81 -9.04 46.37
N ILE E 269 -2.77 -9.81 46.88
CA ILE E 269 -4.06 -9.99 46.22
C ILE E 269 -5.14 -9.32 47.07
N ASP E 270 -6.26 -9.04 46.42
CA ASP E 270 -7.42 -8.45 47.07
C ASP E 270 -8.58 -9.43 47.05
N ARG E 271 -9.27 -9.56 48.18
CA ARG E 271 -10.43 -10.42 48.32
C ARG E 271 -11.70 -9.63 48.58
N THR E 272 -11.78 -8.41 48.03
CA THR E 272 -12.91 -7.54 48.25
C THR E 272 -13.79 -7.32 47.02
N PHE E 273 -13.25 -7.50 45.82
CA PHE E 273 -14.00 -7.28 44.59
C PHE E 273 -14.52 -8.61 44.06
N SER E 274 -15.80 -8.63 43.69
CA SER E 274 -16.42 -9.78 43.08
C SER E 274 -17.26 -9.35 41.89
N PRO E 275 -17.34 -10.18 40.86
CA PRO E 275 -18.18 -9.84 39.71
C PRO E 275 -19.65 -9.78 40.08
N GLN E 276 -20.38 -8.88 39.42
CA GLN E 276 -21.80 -8.71 39.71
C GLN E 276 -22.60 -9.85 39.11
N GLU E 277 -23.53 -10.39 39.89
CA GLU E 277 -24.36 -11.49 39.43
C GLU E 277 -25.33 -11.01 38.36
N ILE E 278 -25.60 -11.88 37.38
CA ILE E 278 -26.58 -11.63 36.34
C ILE E 278 -27.74 -12.57 36.56
N ALA E 279 -28.96 -12.03 36.60
CA ALA E 279 -30.14 -12.84 36.87
C ALA E 279 -30.27 -13.95 35.83
N GLY E 280 -30.41 -15.18 36.30
CA GLY E 280 -30.55 -16.33 35.43
C GLY E 280 -29.27 -16.80 34.77
N TRP E 281 -28.12 -16.25 35.15
CA TRP E 281 -26.87 -16.68 34.53
C TRP E 281 -26.65 -18.17 34.76
N PRO E 282 -26.20 -18.91 33.75
CA PRO E 282 -25.73 -18.44 32.43
C PRO E 282 -26.85 -18.15 31.45
N ARG E 283 -28.07 -18.64 31.68
CA ARG E 283 -29.18 -18.41 30.77
C ARG E 283 -29.70 -16.99 30.96
N SER E 284 -29.04 -16.05 30.30
CA SER E 284 -29.39 -14.64 30.42
C SER E 284 -30.73 -14.35 29.73
N HIS E 285 -31.54 -13.51 30.37
CA HIS E 285 -32.79 -13.06 29.77
C HIS E 285 -32.62 -11.80 28.92
N LYS E 286 -31.45 -11.16 28.95
CA LYS E 286 -31.22 -9.95 28.19
C LYS E 286 -29.81 -9.98 27.63
N SER E 287 -29.68 -9.66 26.33
CA SER E 287 -28.37 -9.65 25.69
C SER E 287 -27.50 -8.57 26.32
N ILE E 288 -26.21 -8.89 26.46
CA ILE E 288 -25.27 -8.00 27.12
C ILE E 288 -24.15 -7.64 26.16
N SER E 289 -23.57 -6.46 26.37
CA SER E 289 -22.48 -5.99 25.54
C SER E 289 -21.18 -6.72 25.89
N LEU E 290 -20.19 -6.56 25.02
CA LEU E 290 -18.90 -7.21 25.23
C LEU E 290 -18.18 -6.66 26.46
N ASP E 291 -18.26 -5.35 26.69
CA ASP E 291 -17.49 -4.72 27.76
C ASP E 291 -17.84 -5.33 29.12
N LYS E 292 -19.13 -5.50 29.39
CA LYS E 292 -19.52 -6.14 30.65
C LYS E 292 -19.11 -7.60 30.68
N TYR E 293 -19.06 -8.26 29.52
CA TYR E 293 -18.63 -9.65 29.49
C TYR E 293 -17.17 -9.78 29.92
N MET E 294 -16.29 -8.89 29.44
CA MET E 294 -14.92 -8.90 29.92
C MET E 294 -14.82 -8.41 31.36
N GLU E 295 -15.70 -7.48 31.76
CA GLU E 295 -15.66 -6.98 33.13
C GLU E 295 -16.02 -8.07 34.13
N LEU E 296 -16.91 -8.99 33.75
CA LEU E 296 -17.27 -10.08 34.65
C LEU E 296 -16.08 -10.98 34.97
N GLY E 297 -15.02 -10.94 34.16
CA GLY E 297 -13.82 -11.70 34.43
C GLY E 297 -12.73 -10.85 35.06
N ASN E 298 -13.09 -9.67 35.57
CA ASN E 298 -12.10 -8.78 36.16
C ASN E 298 -11.48 -9.35 37.42
N ALA E 299 -12.20 -10.20 38.15
CA ALA E 299 -11.63 -10.82 39.34
C ALA E 299 -10.41 -11.68 39.02
N ASN E 300 -10.27 -12.11 37.78
CA ASN E 300 -9.11 -12.87 37.34
C ASN E 300 -8.48 -12.18 36.14
N GLY E 301 -7.52 -12.85 35.50
CA GLY E 301 -6.84 -12.26 34.36
C GLY E 301 -5.37 -12.01 34.63
N SER E 302 -4.99 -10.74 34.73
CA SER E 302 -3.63 -10.37 35.06
C SER E 302 -3.47 -9.75 36.43
N LYS E 303 -4.54 -9.16 36.99
CA LYS E 303 -4.47 -8.56 38.32
C LYS E 303 -4.24 -9.60 39.42
N LEU E 304 -4.50 -10.88 39.14
CA LEU E 304 -4.36 -11.93 40.15
C LEU E 304 -3.42 -13.05 39.73
N LEU E 305 -3.19 -13.26 38.44
CA LEU E 305 -2.43 -14.40 37.95
C LEU E 305 -0.93 -14.11 37.82
N LYS E 306 -0.48 -12.93 38.25
CA LYS E 306 0.95 -12.63 38.22
C LYS E 306 1.73 -13.60 39.10
N ASP E 307 1.15 -14.03 40.21
CA ASP E 307 1.84 -14.90 41.14
C ASP E 307 2.10 -16.26 40.50
N LYS E 308 3.32 -16.77 40.67
CA LYS E 308 3.69 -18.06 40.07
C LYS E 308 2.87 -19.19 40.67
N GLY E 309 2.68 -19.19 41.98
CA GLY E 309 1.83 -20.19 42.60
C GLY E 309 0.41 -20.13 42.10
N CYS E 310 -0.11 -18.90 41.89
CA CYS E 310 -1.42 -18.74 41.29
C CYS E 310 -1.46 -19.32 39.89
N LEU E 311 -0.40 -19.09 39.10
CA LEU E 311 -0.30 -19.69 37.77
C LEU E 311 -0.40 -21.21 37.84
N ILE E 312 0.41 -21.83 38.70
CA ILE E 312 0.43 -23.29 38.76
C ILE E 312 -0.92 -23.83 39.23
N ARG E 313 -1.51 -23.19 40.25
CA ARG E 313 -2.80 -23.64 40.76
C ARG E 313 -3.88 -23.52 39.70
N GLN E 314 -3.90 -22.40 38.97
CA GLN E 314 -4.89 -22.22 37.91
C GLN E 314 -4.73 -23.26 36.81
N VAL E 315 -3.49 -23.53 36.41
CA VAL E 315 -3.26 -24.50 35.35
C VAL E 315 -3.70 -25.90 35.79
N GLU E 316 -3.33 -26.28 37.02
CA GLU E 316 -3.73 -27.60 37.52
C GLU E 316 -5.24 -27.72 37.65
N LEU E 317 -5.89 -26.67 38.14
CA LEU E 317 -7.34 -26.70 38.28
C LEU E 317 -8.03 -26.79 36.92
N LEU E 318 -7.53 -26.05 35.93
CA LEU E 318 -8.10 -26.12 34.59
C LEU E 318 -7.92 -27.51 33.99
N TYR E 319 -6.74 -28.10 34.17
CA TYR E 319 -6.52 -29.44 33.65
C TYR E 319 -7.42 -30.46 34.33
N GLN E 320 -7.58 -30.35 35.65
CA GLN E 320 -8.47 -31.26 36.36
C GLN E 320 -9.91 -31.12 35.90
N SER E 321 -10.37 -29.87 35.70
CA SER E 321 -11.73 -29.67 35.21
C SER E 321 -11.90 -30.24 33.81
N LEU E 322 -10.90 -30.06 32.94
CA LEU E 322 -10.99 -30.59 31.59
C LEU E 322 -11.05 -32.12 31.61
N VAL E 323 -10.24 -32.75 32.45
CA VAL E 323 -10.28 -34.21 32.56
C VAL E 323 -11.62 -34.65 33.12
N ASN E 324 -12.18 -33.88 34.06
CA ASN E 324 -13.47 -34.24 34.63
C ASN E 324 -14.59 -34.20 33.59
N ASP E 325 -14.46 -33.32 32.61
CA ASP E 325 -15.47 -33.18 31.57
C ASP E 325 -15.27 -34.17 30.43
N ASN E 326 -14.50 -35.24 30.65
CA ASN E 326 -14.28 -36.31 29.67
C ASN E 326 -13.62 -35.80 28.39
N VAL E 327 -13.06 -34.59 28.40
CA VAL E 327 -12.38 -34.06 27.23
C VAL E 327 -11.12 -34.86 26.98
N ALA E 328 -10.94 -35.33 25.75
CA ALA E 328 -9.77 -36.13 25.40
C ALA E 328 -8.66 -35.33 24.74
N TYR E 329 -8.97 -34.16 24.19
CA TYR E 329 -7.98 -33.29 23.59
C TYR E 329 -8.49 -31.86 23.63
N ALA E 330 -7.58 -30.92 23.86
CA ALA E 330 -7.96 -29.52 23.91
C ALA E 330 -6.76 -28.65 23.56
N GLU E 331 -7.04 -27.43 23.16
CA GLU E 331 -6.03 -26.42 22.91
C GLU E 331 -6.39 -25.16 23.69
N ILE E 332 -5.44 -24.64 24.47
CA ILE E 332 -5.68 -23.56 25.39
C ILE E 332 -5.10 -22.27 24.80
N ARG E 333 -5.75 -21.15 25.10
CA ARG E 333 -5.27 -19.84 24.69
C ARG E 333 -4.74 -19.10 25.91
N CYS E 334 -3.47 -18.68 25.83
CA CYS E 334 -2.82 -17.99 26.93
C CYS E 334 -2.00 -16.83 26.40
N SER E 335 -1.89 -15.78 27.22
CA SER E 335 -1.13 -14.58 26.88
C SER E 335 0.06 -14.50 27.82
N PRO E 336 1.22 -15.02 27.41
CA PRO E 336 2.39 -15.00 28.31
C PRO E 336 2.83 -13.60 28.69
N ASN E 337 2.70 -12.63 27.78
CA ASN E 337 3.12 -11.26 28.11
C ASN E 337 2.21 -10.62 29.13
N ASN E 338 0.91 -10.95 29.11
CA ASN E 338 -0.05 -10.34 30.01
C ASN E 338 0.20 -10.69 31.48
N TYR E 339 0.94 -11.77 31.75
CA TYR E 339 1.21 -12.20 33.11
C TYR E 339 2.68 -12.05 33.49
N ALA E 340 3.51 -11.51 32.61
CA ALA E 340 4.91 -11.32 32.92
C ALA E 340 5.09 -10.18 33.92
N ASP E 341 6.23 -10.20 34.61
CA ASP E 341 6.53 -9.19 35.61
C ASP E 341 8.04 -9.09 35.77
N LYS E 342 8.62 -8.00 35.29
CA LYS E 342 10.07 -7.84 35.34
C LYS E 342 10.60 -7.64 36.76
N ASN E 343 9.77 -7.17 37.69
CA ASN E 343 10.23 -6.91 39.05
C ASN E 343 10.68 -8.20 39.73
N LYS E 344 9.95 -9.29 39.56
CA LYS E 344 10.33 -10.59 40.10
C LYS E 344 11.05 -11.45 39.06
N ASN E 345 11.59 -10.82 38.02
CA ASN E 345 12.26 -11.51 36.93
C ASN E 345 11.34 -12.56 36.29
N ARG E 346 10.05 -12.21 36.16
CA ARG E 346 9.07 -13.09 35.53
C ARG E 346 8.81 -12.57 34.13
N SER E 347 9.63 -13.01 33.19
CA SER E 347 9.45 -12.66 31.79
C SER E 347 8.34 -13.51 31.19
N ALA E 348 7.88 -13.10 30.00
CA ALA E 348 6.83 -13.85 29.31
C ALA E 348 7.31 -15.26 28.96
N TRP E 349 8.57 -15.39 28.53
CA TRP E 349 9.12 -16.70 28.22
C TRP E 349 9.11 -17.60 29.45
N VAL E 350 9.44 -17.03 30.61
CA VAL E 350 9.42 -17.81 31.85
C VAL E 350 8.01 -18.29 32.14
N VAL E 351 7.01 -17.43 31.94
CA VAL E 351 5.62 -17.82 32.17
C VAL E 351 5.23 -18.96 31.24
N LEU E 352 5.58 -18.85 29.96
CA LEU E 352 5.22 -19.90 29.02
C LEU E 352 5.94 -21.20 29.35
N GLN E 353 7.21 -21.13 29.76
CA GLN E 353 7.93 -22.33 30.15
C GLN E 353 7.30 -22.98 31.36
N ASP E 354 6.90 -22.17 32.34
CA ASP E 354 6.23 -22.71 33.53
C ASP E 354 4.94 -23.42 33.14
N ILE E 355 4.14 -22.81 32.27
CA ILE E 355 2.89 -23.42 31.87
C ILE E 355 3.14 -24.71 31.11
N ASN E 356 4.19 -24.74 30.27
CA ASN E 356 4.51 -25.92 29.49
C ASN E 356 4.93 -27.07 30.40
N ASP E 357 5.83 -26.80 31.34
CA ASP E 357 6.26 -27.84 32.26
C ASP E 357 5.12 -28.32 33.15
N THR E 358 4.25 -27.41 33.58
CA THR E 358 3.12 -27.81 34.41
C THR E 358 2.20 -28.77 33.65
N PHE E 359 1.83 -28.40 32.42
CA PHE E 359 0.97 -29.28 31.63
C PHE E 359 1.65 -30.61 31.33
N THR E 360 2.95 -30.57 30.99
CA THR E 360 3.67 -31.80 30.69
C THR E 360 3.70 -32.73 31.90
N ARG E 361 4.00 -32.18 33.08
CA ARG E 361 4.03 -32.99 34.29
C ARG E 361 2.64 -33.56 34.60
N LEU E 362 1.60 -32.75 34.45
CA LEU E 362 0.26 -33.24 34.73
C LEU E 362 -0.12 -34.39 33.81
N ILE E 363 0.10 -34.23 32.50
CA ILE E 363 -0.29 -35.27 31.57
C ILE E 363 0.57 -36.52 31.74
N THR E 364 1.86 -36.33 32.05
CA THR E 364 2.72 -37.49 32.28
C THR E 364 2.28 -38.26 33.52
N GLU E 365 1.93 -37.55 34.60
CA GLU E 365 1.43 -38.22 35.79
C GLU E 365 0.13 -38.96 35.52
N ALA E 366 -0.78 -38.33 34.76
CA ALA E 366 -2.04 -38.98 34.44
C ALA E 366 -1.81 -40.23 33.60
N LYS E 367 -0.90 -40.16 32.62
CA LYS E 367 -0.65 -41.29 31.75
C LYS E 367 0.08 -42.43 32.45
N GLN E 368 0.96 -42.11 33.41
CA GLN E 368 1.73 -43.15 34.09
C GLN E 368 0.82 -44.12 34.85
N LYS E 369 -0.29 -43.61 35.37
CA LYS E 369 -1.26 -44.47 36.05
C LYS E 369 -2.29 -45.07 35.11
N ASN E 370 -2.14 -44.85 33.80
CA ASN E 370 -3.02 -45.44 32.79
C ASN E 370 -4.47 -45.05 33.01
N GLN E 371 -4.70 -43.81 33.42
CA GLN E 371 -6.04 -43.26 33.56
C GLN E 371 -6.38 -42.46 32.30
N PHE E 372 -7.53 -41.80 32.32
CA PHE E 372 -7.94 -40.96 31.21
C PHE E 372 -7.28 -39.59 31.35
N TYR E 373 -6.53 -39.19 30.33
CA TYR E 373 -5.79 -37.94 30.36
C TYR E 373 -6.17 -37.08 29.17
N CYS E 374 -6.26 -35.77 29.39
CA CYS E 374 -6.65 -34.81 28.37
C CYS E 374 -5.39 -34.17 27.80
N HIS E 375 -5.02 -34.55 26.57
CA HIS E 375 -3.88 -33.94 25.91
C HIS E 375 -4.18 -32.47 25.63
N VAL E 376 -3.22 -31.60 25.94
CA VAL E 376 -3.42 -30.16 25.89
C VAL E 376 -2.25 -29.53 25.13
N ASN E 377 -2.57 -28.63 24.20
CA ASN E 377 -1.59 -27.85 23.47
C ASN E 377 -1.91 -26.36 23.65
N LEU E 378 -0.89 -25.52 23.47
CA LEU E 378 -1.00 -24.10 23.77
C LEU E 378 -1.39 -23.31 22.53
N LEU E 379 -1.86 -22.09 22.77
CA LEU E 379 -2.09 -21.09 21.72
C LEU E 379 -1.62 -19.74 22.24
N VAL E 380 -0.62 -19.16 21.58
CA VAL E 380 -0.08 -17.87 21.97
C VAL E 380 -0.96 -16.80 21.33
N ILE E 381 -1.84 -16.19 22.13
CA ILE E 381 -2.72 -15.17 21.61
C ILE E 381 -1.93 -13.89 21.39
N ALA E 382 -1.98 -13.36 20.17
CA ALA E 382 -1.34 -12.09 19.82
C ALA E 382 -2.38 -10.99 20.04
N SER E 383 -2.46 -10.51 21.27
CA SER E 383 -3.44 -9.50 21.62
C SER E 383 -3.25 -8.26 20.77
N ARG E 384 -4.37 -7.66 20.35
CA ARG E 384 -4.32 -6.58 19.38
C ARG E 384 -3.55 -5.38 19.91
N LYS E 385 -3.93 -4.89 21.11
CA LYS E 385 -3.28 -3.73 21.72
C LYS E 385 -3.27 -2.55 20.76
N PHE E 386 -4.47 -2.01 20.53
CA PHE E 386 -4.79 -1.07 19.45
C PHE E 386 -3.65 -0.12 19.13
N SER E 387 -3.08 0.55 20.13
CA SER E 387 -1.78 1.17 19.99
C SER E 387 -0.74 0.50 20.88
N GLY E 388 -0.94 0.56 22.20
CA GLY E 388 -0.33 -0.33 23.18
C GLY E 388 1.08 -0.83 22.91
N ASP E 389 1.96 0.04 22.40
CA ASP E 389 3.33 -0.35 22.03
C ASP E 389 3.27 -1.57 21.10
N LEU E 390 2.81 -1.30 19.88
CA LEU E 390 2.44 -2.34 18.92
C LEU E 390 3.58 -3.31 18.58
N SER E 391 4.80 -3.03 19.05
CA SER E 391 5.88 -3.99 18.89
C SER E 391 5.65 -5.26 19.70
N ASP E 392 4.67 -5.23 20.62
CA ASP E 392 4.29 -6.45 21.33
C ASP E 392 3.83 -7.54 20.38
N ILE E 393 3.29 -7.17 19.22
CA ILE E 393 2.89 -8.17 18.24
C ILE E 393 4.10 -8.95 17.76
N SER E 394 5.16 -8.24 17.35
CA SER E 394 6.38 -8.91 16.94
C SER E 394 7.01 -9.68 18.09
N LYS E 395 6.93 -9.14 19.30
CA LYS E 395 7.44 -9.86 20.47
C LYS E 395 6.72 -11.18 20.66
N HIS E 396 5.39 -11.17 20.54
CA HIS E 396 4.61 -12.39 20.69
C HIS E 396 4.95 -13.39 19.58
N LEU E 397 5.09 -12.90 18.35
CA LEU E 397 5.45 -13.80 17.26
C LEU E 397 6.80 -14.45 17.48
N ALA E 398 7.80 -13.67 17.93
CA ALA E 398 9.11 -14.22 18.22
C ALA E 398 9.04 -15.24 19.35
N LEU E 399 8.28 -14.92 20.39
CA LEU E 399 8.15 -15.85 21.53
C LEU E 399 7.52 -17.15 21.09
N ALA E 400 6.47 -17.09 20.26
CA ALA E 400 5.85 -18.30 19.76
C ALA E 400 6.81 -19.11 18.89
N ILE E 401 7.57 -18.42 18.03
CA ILE E 401 8.50 -19.11 17.16
C ILE E 401 9.55 -19.86 17.96
N THR E 402 10.13 -19.20 18.96
CA THR E 402 11.16 -19.87 19.75
C THR E 402 10.57 -20.95 20.65
N ALA E 403 9.34 -20.77 21.13
CA ALA E 403 8.70 -21.81 21.93
C ALA E 403 8.47 -23.07 21.10
N MET E 404 8.04 -22.90 19.86
CA MET E 404 7.92 -24.05 18.97
C MET E 404 9.30 -24.64 18.67
N GLN E 405 10.30 -23.78 18.51
CA GLN E 405 11.66 -24.25 18.24
C GLN E 405 12.26 -25.01 19.41
N GLN E 406 11.71 -24.85 20.62
CA GLN E 406 12.19 -25.65 21.74
C GLN E 406 12.01 -27.14 21.45
N GLY E 407 10.87 -27.50 20.87
CA GLY E 407 10.70 -28.79 20.22
C GLY E 407 10.39 -29.97 21.11
N GLU E 408 11.38 -30.48 21.84
CA GLU E 408 11.22 -31.72 22.57
C GLU E 408 10.21 -31.57 23.70
N GLY E 409 9.33 -32.55 23.82
CA GLY E 409 8.26 -32.51 24.78
C GLY E 409 6.98 -33.09 24.20
N VAL E 410 6.06 -33.42 25.10
CA VAL E 410 4.80 -34.02 24.70
C VAL E 410 3.71 -32.95 24.63
N CYS E 411 3.80 -31.95 25.51
CA CYS E 411 2.93 -30.79 25.42
C CYS E 411 3.65 -29.68 24.66
N ARG E 412 2.96 -29.11 23.66
CA ARG E 412 3.63 -28.26 22.69
C ARG E 412 2.74 -27.10 22.30
N ILE E 413 3.38 -26.00 21.91
CA ILE E 413 2.71 -24.86 21.31
C ILE E 413 2.54 -25.15 19.81
N VAL E 414 1.33 -24.94 19.30
CA VAL E 414 0.99 -25.37 17.96
C VAL E 414 0.59 -24.21 17.04
N GLY E 415 0.25 -23.05 17.57
CA GLY E 415 -0.16 -21.96 16.71
C GLY E 415 -0.34 -20.68 17.49
N VAL E 416 -0.70 -19.62 16.75
CA VAL E 416 -0.93 -18.31 17.31
C VAL E 416 -2.36 -17.88 16.98
N ASP E 417 -2.87 -16.96 17.78
CA ASP E 417 -4.22 -16.43 17.60
C ASP E 417 -4.16 -14.92 17.75
N LEU E 418 -4.91 -14.21 16.91
CA LEU E 418 -5.05 -12.77 17.01
C LEU E 418 -6.51 -12.43 17.24
N ALA E 419 -6.78 -11.58 18.22
CA ALA E 419 -8.13 -11.25 18.63
C ALA E 419 -8.09 -9.95 19.44
N GLY E 420 -9.21 -9.62 20.08
CA GLY E 420 -9.28 -8.44 20.91
C GLY E 420 -9.59 -7.19 20.12
N PHE E 421 -10.49 -6.36 20.64
CA PHE E 421 -10.91 -5.11 20.00
C PHE E 421 -11.39 -5.40 18.57
N GLU E 422 -12.45 -6.21 18.48
CA GLU E 422 -12.90 -6.76 17.21
C GLU E 422 -13.40 -5.69 16.24
N ASN E 423 -13.68 -4.47 16.73
CA ASN E 423 -14.19 -3.41 15.88
C ASN E 423 -13.28 -3.18 14.67
N LYS E 424 -13.87 -2.58 13.62
CA LYS E 424 -13.19 -2.43 12.34
C LYS E 424 -11.89 -1.64 12.45
N GLU E 425 -11.73 -0.82 13.50
CA GLU E 425 -10.50 -0.05 13.67
C GLU E 425 -9.30 -0.96 13.86
N THR E 426 -9.49 -2.18 14.36
CA THR E 426 -8.39 -3.11 14.55
C THR E 426 -8.59 -4.39 13.73
N ARG E 427 -8.96 -4.23 12.45
CA ARG E 427 -9.20 -5.38 11.60
C ARG E 427 -7.88 -6.07 11.28
N ALA E 428 -7.98 -7.15 10.50
CA ALA E 428 -6.83 -7.99 10.17
C ALA E 428 -6.09 -7.52 8.92
N SER E 429 -6.47 -6.39 8.35
CA SER E 429 -5.84 -5.86 7.14
C SER E 429 -4.68 -4.94 7.43
N TYR E 430 -4.02 -5.09 8.58
CA TYR E 430 -2.88 -4.27 8.95
C TYR E 430 -1.60 -5.07 9.07
N TYR E 431 -1.63 -6.20 9.77
CA TYR E 431 -0.43 -6.97 10.10
C TYR E 431 -0.19 -8.13 9.13
N GLU E 432 -0.68 -8.02 7.90
CA GLU E 432 -0.48 -9.08 6.91
C GLU E 432 0.98 -9.27 6.53
N HIS E 433 1.84 -8.28 6.78
CA HIS E 433 3.25 -8.37 6.41
C HIS E 433 4.12 -9.00 7.48
N ASP E 434 3.73 -8.93 8.76
CA ASP E 434 4.53 -9.51 9.81
C ASP E 434 4.43 -11.04 9.85
N PHE E 435 3.31 -11.61 9.44
CA PHE E 435 3.04 -13.02 9.62
C PHE E 435 3.79 -13.92 8.65
N LYS E 436 4.74 -13.37 7.90
CA LYS E 436 5.50 -14.19 6.96
C LYS E 436 6.43 -15.16 7.68
N ALA E 437 7.15 -14.69 8.70
CA ALA E 437 8.14 -15.53 9.37
C ALA E 437 7.46 -16.66 10.17
N VAL E 438 6.42 -16.32 10.93
CA VAL E 438 5.74 -17.32 11.75
C VAL E 438 5.13 -18.40 10.86
N HIS E 439 4.65 -18.03 9.68
CA HIS E 439 4.13 -19.02 8.75
C HIS E 439 5.23 -19.84 8.09
N ARG E 440 6.37 -19.21 7.77
CA ARG E 440 7.46 -19.94 7.13
C ARG E 440 8.10 -20.96 8.06
N CYS E 441 8.30 -20.60 9.33
CA CYS E 441 8.98 -21.52 10.24
C CYS E 441 8.18 -22.80 10.43
N GLY E 442 6.85 -22.70 10.42
CA GLY E 442 6.03 -23.89 10.46
C GLY E 442 4.86 -23.85 11.41
N LEU E 443 4.59 -22.69 12.00
CA LEU E 443 3.52 -22.56 12.97
C LEU E 443 2.16 -22.55 12.27
N ALA E 444 1.10 -22.44 13.06
CA ALA E 444 -0.26 -22.37 12.55
C ALA E 444 -0.87 -21.03 12.93
N VAL E 445 -1.85 -20.60 12.14
CA VAL E 445 -2.45 -19.28 12.28
C VAL E 445 -3.95 -19.41 12.54
N THR E 446 -4.45 -18.61 13.46
CA THR E 446 -5.88 -18.50 13.74
C THR E 446 -6.24 -17.03 13.85
N ALA E 447 -7.37 -16.65 13.27
CA ALA E 447 -7.80 -15.25 13.24
C ALA E 447 -9.24 -15.18 13.71
N HIS E 448 -9.46 -14.47 14.82
CA HIS E 448 -10.82 -14.26 15.34
C HIS E 448 -11.36 -12.96 14.75
N ALA E 449 -12.38 -13.06 13.91
CA ALA E 449 -13.02 -11.90 13.31
C ALA E 449 -14.32 -12.33 12.67
N GLY E 450 -15.37 -11.53 12.85
CA GLY E 450 -16.63 -11.79 12.18
C GLY E 450 -17.86 -11.66 13.05
N GLU E 451 -17.67 -11.40 14.34
CA GLU E 451 -18.82 -11.21 15.22
C GLU E 451 -19.63 -9.99 14.82
N ASN E 452 -18.96 -8.89 14.51
CA ASN E 452 -19.64 -7.69 14.03
C ASN E 452 -18.85 -6.98 12.94
N ASP E 453 -17.98 -7.70 12.24
CA ASP E 453 -17.12 -7.10 11.24
C ASP E 453 -17.74 -7.21 9.84
N ASP E 454 -17.13 -6.50 8.90
CA ASP E 454 -17.58 -6.52 7.51
C ASP E 454 -17.32 -7.89 6.89
N PRO E 455 -18.05 -8.25 5.84
CA PRO E 455 -17.81 -9.54 5.16
C PRO E 455 -16.58 -9.57 4.28
N GLU E 456 -15.70 -8.57 4.36
CA GLU E 456 -14.46 -8.56 3.61
C GLU E 456 -13.25 -8.90 4.47
N GLY E 457 -13.28 -8.55 5.75
CA GLY E 457 -12.16 -8.86 6.62
C GLY E 457 -11.88 -10.33 6.72
N ILE E 458 -12.92 -11.17 6.69
CA ILE E 458 -12.71 -12.61 6.68
C ILE E 458 -11.92 -13.04 5.45
N TRP E 459 -12.21 -12.43 4.28
CA TRP E 459 -11.51 -12.79 3.07
C TRP E 459 -10.01 -12.48 3.19
N GLN E 460 -9.68 -11.30 3.72
CA GLN E 460 -8.28 -10.97 3.95
C GLN E 460 -7.66 -11.94 4.96
N ALA E 461 -8.37 -12.24 6.04
CA ALA E 461 -7.81 -13.12 7.06
C ALA E 461 -7.51 -14.51 6.50
N VAL E 462 -8.40 -15.04 5.67
CA VAL E 462 -8.20 -16.40 5.16
C VAL E 462 -7.20 -16.39 4.01
N TYR E 463 -7.09 -15.28 3.29
CA TYR E 463 -6.30 -15.26 2.06
C TYR E 463 -5.06 -14.40 2.14
N SER E 464 -4.85 -13.66 3.24
CA SER E 464 -3.59 -12.96 3.46
C SER E 464 -2.78 -13.60 4.58
N LEU E 465 -3.41 -13.86 5.73
CA LEU E 465 -2.74 -14.58 6.81
C LEU E 465 -2.83 -16.09 6.66
N HIS E 466 -3.65 -16.57 5.73
CA HIS E 466 -3.83 -18.00 5.49
C HIS E 466 -4.32 -18.72 6.75
N ALA E 467 -5.19 -18.05 7.50
CA ALA E 467 -5.66 -18.60 8.75
C ALA E 467 -6.44 -19.88 8.52
N ARG E 468 -6.11 -20.92 9.26
CA ARG E 468 -6.78 -22.22 9.16
C ARG E 468 -8.03 -22.30 10.03
N ARG E 469 -8.25 -21.31 10.89
CA ARG E 469 -9.44 -21.28 11.73
C ARG E 469 -9.96 -19.86 11.82
N LEU E 470 -11.27 -19.74 11.97
CA LEU E 470 -11.98 -18.47 12.00
C LEU E 470 -12.80 -18.38 13.28
N GLY E 471 -12.47 -17.41 14.13
CA GLY E 471 -13.23 -17.19 15.34
C GLY E 471 -14.62 -16.65 15.06
N HIS E 472 -15.64 -17.27 15.66
CA HIS E 472 -17.01 -16.82 15.53
C HIS E 472 -17.47 -16.76 14.09
N ALA E 473 -17.39 -15.58 13.46
CA ALA E 473 -17.88 -15.35 12.11
C ALA E 473 -19.37 -15.72 12.01
N LEU E 474 -20.14 -15.24 12.97
CA LEU E 474 -21.57 -15.56 13.07
C LEU E 474 -22.37 -15.03 11.90
N ASN E 475 -21.89 -13.99 11.21
CA ASN E 475 -22.64 -13.34 10.14
C ASN E 475 -22.23 -13.82 8.76
N LEU E 476 -21.61 -15.00 8.68
CA LEU E 476 -21.18 -15.53 7.39
C LEU E 476 -22.36 -15.84 6.46
N LEU E 477 -23.54 -16.08 7.02
CA LEU E 477 -24.71 -16.49 6.24
C LEU E 477 -25.13 -15.46 5.21
N GLU E 478 -24.72 -14.21 5.35
CA GLU E 478 -25.11 -13.15 4.42
C GLU E 478 -24.06 -12.90 3.34
N ALA E 479 -23.03 -13.76 3.27
CA ALA E 479 -21.98 -13.64 2.25
C ALA E 479 -21.83 -15.00 1.57
N PRO E 480 -22.68 -15.31 0.59
CA PRO E 480 -22.65 -16.65 -0.03
C PRO E 480 -21.29 -17.03 -0.60
N ASP E 481 -20.59 -16.09 -1.22
CA ASP E 481 -19.27 -16.41 -1.79
C ASP E 481 -18.28 -16.75 -0.69
N LEU E 482 -18.40 -16.09 0.47
CA LEU E 482 -17.57 -16.44 1.61
C LEU E 482 -17.86 -17.85 2.09
N MET E 483 -19.14 -18.24 2.14
CA MET E 483 -19.47 -19.63 2.41
C MET E 483 -18.80 -20.56 1.41
N ARG E 484 -18.88 -20.24 0.12
CA ARG E 484 -18.33 -21.13 -0.89
C ARG E 484 -16.83 -21.31 -0.70
N THR E 485 -16.10 -20.19 -0.54
CA THR E 485 -14.65 -20.30 -0.42
C THR E 485 -14.24 -20.96 0.89
N VAL E 486 -14.94 -20.68 1.99
CA VAL E 486 -14.61 -21.32 3.26
C VAL E 486 -14.84 -22.83 3.16
N ILE E 487 -15.95 -23.23 2.53
CA ILE E 487 -16.26 -24.65 2.40
C ILE E 487 -15.24 -25.35 1.53
N GLU E 488 -14.89 -24.78 0.38
CA GLU E 488 -14.00 -25.48 -0.53
C GLU E 488 -12.56 -25.48 0.00
N ARG E 489 -12.16 -24.44 0.72
CA ARG E 489 -10.81 -24.40 1.26
C ARG E 489 -10.66 -25.18 2.56
N LYS E 490 -11.75 -25.75 3.07
CA LYS E 490 -11.73 -26.56 4.28
C LYS E 490 -11.12 -25.80 5.46
N ILE E 491 -11.77 -24.70 5.81
CA ILE E 491 -11.32 -23.82 6.89
C ILE E 491 -12.26 -23.99 8.06
N GLY E 492 -11.73 -24.47 9.18
CA GLY E 492 -12.55 -24.68 10.36
C GLY E 492 -13.06 -23.39 10.94
N VAL E 493 -14.23 -23.47 11.57
CA VAL E 493 -14.85 -22.35 12.26
C VAL E 493 -15.10 -22.76 13.70
N GLU E 494 -14.37 -22.14 14.63
CA GLU E 494 -14.57 -22.38 16.05
C GLU E 494 -15.52 -21.32 16.57
N MET E 495 -16.52 -21.72 17.36
CA MET E 495 -17.60 -20.83 17.72
C MET E 495 -18.27 -21.34 19.00
N CYS E 496 -18.40 -20.43 19.98
CA CYS E 496 -18.88 -20.79 21.31
C CYS E 496 -20.38 -20.56 21.40
N PRO E 497 -21.18 -21.60 21.64
CA PRO E 497 -22.64 -21.40 21.67
C PRO E 497 -23.11 -20.48 22.78
N TYR E 498 -22.76 -20.79 24.03
CA TYR E 498 -23.35 -20.07 25.15
C TYR E 498 -22.85 -18.64 25.23
N ALA E 499 -21.56 -18.43 24.93
CA ALA E 499 -21.01 -17.08 24.97
C ALA E 499 -21.67 -16.18 23.94
N ASN E 500 -21.83 -16.68 22.71
CA ASN E 500 -22.50 -15.88 21.68
C ASN E 500 -23.97 -15.68 22.02
N TYR E 501 -24.60 -16.68 22.64
CA TYR E 501 -25.98 -16.52 23.07
C TYR E 501 -26.10 -15.40 24.10
N GLN E 502 -25.16 -15.34 25.05
CA GLN E 502 -25.18 -14.30 26.06
C GLN E 502 -24.85 -12.93 25.46
N ILE E 503 -23.96 -12.90 24.47
CA ILE E 503 -23.53 -11.62 23.90
C ILE E 503 -24.53 -11.13 22.86
N LYS E 504 -24.72 -11.91 21.79
CA LYS E 504 -25.57 -11.47 20.70
C LYS E 504 -27.05 -11.72 21.01
N GLY E 505 -27.42 -12.98 21.24
CA GLY E 505 -28.80 -13.31 21.52
C GLY E 505 -29.49 -14.00 20.36
N PHE E 506 -30.04 -15.19 20.62
CA PHE E 506 -30.74 -15.96 19.61
C PHE E 506 -31.92 -16.67 20.25
N ALA E 507 -32.84 -17.13 19.40
CA ALA E 507 -34.03 -17.80 19.89
C ALA E 507 -33.64 -19.02 20.74
N PRO E 508 -34.36 -19.29 21.83
CA PRO E 508 -35.58 -18.62 22.30
C PRO E 508 -35.32 -17.44 23.23
N MET E 509 -34.41 -16.53 22.88
CA MET E 509 -34.25 -15.32 23.68
C MET E 509 -35.51 -14.47 23.57
N PRO E 510 -36.01 -13.94 24.69
CA PRO E 510 -37.18 -13.05 24.60
C PRO E 510 -36.85 -11.79 23.81
N ASN E 511 -37.87 -11.30 23.09
CA ASN E 511 -37.73 -10.10 22.25
C ASN E 511 -36.60 -10.26 21.24
N PHE E 512 -36.46 -11.46 20.68
CA PHE E 512 -35.43 -11.74 19.70
C PHE E 512 -36.01 -12.57 18.57
N SER E 513 -35.45 -12.40 17.38
CA SER E 513 -35.92 -13.13 16.21
C SER E 513 -34.76 -13.84 15.52
N ALA E 514 -33.54 -13.35 15.72
CA ALA E 514 -32.38 -13.97 15.12
C ALA E 514 -32.21 -15.40 15.63
N LEU E 515 -31.90 -16.30 14.70
CA LEU E 515 -31.74 -17.71 15.02
C LEU E 515 -30.28 -18.10 14.91
N TYR E 516 -29.91 -19.15 15.63
CA TYR E 516 -28.54 -19.64 15.61
C TYR E 516 -28.20 -20.20 14.23
N PRO E 517 -27.15 -19.70 13.58
CA PRO E 517 -26.82 -20.18 12.23
C PRO E 517 -26.07 -21.51 12.23
N LEU E 518 -26.08 -22.20 13.37
CA LEU E 518 -25.34 -23.46 13.46
C LEU E 518 -25.85 -24.48 12.45
N LYS E 519 -27.13 -24.87 12.55
CA LYS E 519 -27.67 -25.93 11.70
C LYS E 519 -27.38 -25.67 10.23
N LYS E 520 -27.54 -24.42 9.80
CA LYS E 520 -27.17 -24.05 8.44
C LYS E 520 -25.69 -24.28 8.18
N TYR E 521 -24.84 -23.92 9.14
CA TYR E 521 -23.41 -24.10 8.97
C TYR E 521 -23.06 -25.57 8.81
N LEU E 522 -23.72 -26.45 9.56
CA LEU E 522 -23.49 -27.88 9.38
C LEU E 522 -23.97 -28.37 8.03
N GLU E 523 -25.22 -28.06 7.65
CA GLU E 523 -25.74 -28.73 6.45
C GLU E 523 -25.08 -28.17 5.20
N ALA E 524 -24.58 -26.93 5.28
CA ALA E 524 -23.79 -26.38 4.19
C ALA E 524 -22.47 -27.14 4.03
N GLY E 525 -21.86 -27.52 5.15
CA GLY E 525 -20.62 -28.28 5.10
C GLY E 525 -19.43 -27.59 5.75
N ILE E 526 -19.70 -26.51 6.48
CA ILE E 526 -18.63 -25.80 7.17
C ILE E 526 -18.10 -26.65 8.32
N LEU E 527 -16.79 -26.71 8.45
CA LEU E 527 -16.13 -27.51 9.48
C LEU E 527 -16.27 -26.79 10.82
N VAL E 528 -17.47 -26.84 11.38
CA VAL E 528 -17.77 -26.16 12.63
C VAL E 528 -17.24 -26.97 13.80
N SER E 529 -16.68 -26.29 14.79
CA SER E 529 -16.19 -26.92 16.01
C SER E 529 -16.67 -26.12 17.20
N VAL E 530 -17.55 -26.72 18.00
CA VAL E 530 -18.11 -26.05 19.17
C VAL E 530 -17.03 -25.92 20.23
N ASN E 531 -16.95 -24.74 20.85
CA ASN E 531 -15.96 -24.51 21.90
C ASN E 531 -16.57 -23.74 23.07
N THR E 532 -15.75 -23.41 24.07
CA THR E 532 -16.23 -22.83 25.32
C THR E 532 -15.81 -21.39 25.56
N ASP E 533 -14.79 -20.88 24.85
CA ASP E 533 -14.29 -19.53 25.06
C ASP E 533 -13.83 -19.33 26.49
N ASN E 534 -14.68 -18.74 27.34
CA ASN E 534 -14.36 -18.45 28.72
C ASN E 534 -15.29 -19.26 29.61
N ILE E 535 -14.76 -20.33 30.22
CA ILE E 535 -15.59 -21.22 31.02
C ILE E 535 -16.14 -20.48 32.24
N GLY E 536 -15.27 -19.80 32.98
CA GLY E 536 -15.71 -19.19 34.23
C GLY E 536 -16.71 -18.06 34.04
N ILE E 537 -16.44 -17.18 33.07
CA ILE E 537 -17.33 -16.04 32.84
C ILE E 537 -18.68 -16.53 32.32
N SER E 538 -18.67 -17.40 31.32
CA SER E 538 -19.92 -17.93 30.79
C SER E 538 -20.59 -18.89 31.77
N GLY E 539 -19.81 -19.54 32.63
CA GLY E 539 -20.38 -20.50 33.56
C GLY E 539 -20.95 -21.74 32.92
N ALA E 540 -20.28 -22.28 31.90
CA ALA E 540 -20.75 -23.46 31.21
C ALA E 540 -19.56 -24.15 30.57
N ASN E 541 -19.44 -25.45 30.80
CA ASN E 541 -18.36 -26.24 30.21
C ASN E 541 -18.77 -26.72 28.83
N LEU E 542 -17.97 -27.62 28.24
CA LEU E 542 -18.27 -28.12 26.90
C LEU E 542 -19.56 -28.92 26.88
N SER E 543 -19.81 -29.71 27.93
CA SER E 543 -21.02 -30.54 27.97
C SER E 543 -22.27 -29.68 27.95
N GLU E 544 -22.29 -28.61 28.75
CA GLU E 544 -23.45 -27.72 28.75
C GLU E 544 -23.59 -26.99 27.42
N ASN E 545 -22.47 -26.63 26.79
CA ASN E 545 -22.53 -25.99 25.49
C ASN E 545 -23.14 -26.91 24.45
N LEU E 546 -22.77 -28.18 24.45
CA LEU E 546 -23.39 -29.14 23.54
C LEU E 546 -24.86 -29.33 23.87
N LEU E 547 -25.20 -29.41 25.16
CA LEU E 547 -26.58 -29.67 25.54
C LEU E 547 -27.50 -28.51 25.14
N ILE E 548 -27.02 -27.27 25.25
CA ILE E 548 -27.84 -26.10 24.95
C ILE E 548 -28.20 -26.00 23.48
N LEU E 549 -27.54 -26.78 22.62
CA LEU E 549 -27.84 -26.71 21.18
C LEU E 549 -29.27 -27.14 20.89
N ALA E 550 -29.84 -28.03 21.71
CA ALA E 550 -31.21 -28.46 21.50
C ALA E 550 -32.18 -27.29 21.61
N ASP E 551 -31.85 -26.28 22.41
CA ASP E 551 -32.68 -25.09 22.51
C ASP E 551 -32.26 -24.02 21.51
N LEU E 552 -30.95 -23.85 21.29
CA LEU E 552 -30.50 -22.85 20.33
C LEU E 552 -30.86 -23.26 18.89
N CYS E 553 -30.61 -24.52 18.53
CA CYS E 553 -30.91 -25.03 17.20
C CYS E 553 -31.87 -26.21 17.32
N PRO E 554 -33.17 -25.97 17.23
CA PRO E 554 -34.13 -27.07 17.31
C PRO E 554 -34.05 -27.96 16.09
N GLY E 555 -34.41 -29.22 16.29
CA GLY E 555 -34.37 -30.18 15.20
C GLY E 555 -33.02 -30.82 14.97
N ILE E 556 -31.99 -30.39 15.69
CA ILE E 556 -30.68 -31.02 15.55
C ILE E 556 -30.75 -32.44 16.09
N SER E 557 -30.03 -33.35 15.46
CA SER E 557 -30.04 -34.75 15.85
C SER E 557 -28.83 -35.07 16.71
N ARG E 558 -28.83 -36.26 17.30
CA ARG E 558 -27.74 -36.67 18.17
C ARG E 558 -26.50 -37.09 17.39
N MET E 559 -26.60 -37.12 16.06
CA MET E 559 -25.45 -37.52 15.25
C MET E 559 -24.70 -36.30 14.68
N ASP E 560 -25.39 -35.16 14.57
CA ASP E 560 -24.69 -33.94 14.16
C ASP E 560 -23.61 -33.57 15.17
N VAL E 561 -23.80 -33.92 16.44
CA VAL E 561 -22.75 -33.65 17.41
C VAL E 561 -21.54 -34.54 17.15
N LEU E 562 -21.76 -35.79 16.75
CA LEU E 562 -20.62 -36.64 16.38
C LEU E 562 -19.89 -36.08 15.16
N THR E 563 -20.64 -35.60 14.17
CA THR E 563 -19.99 -34.99 13.01
C THR E 563 -19.23 -33.73 13.42
N ILE E 564 -19.78 -32.96 14.35
CA ILE E 564 -19.08 -31.78 14.88
C ILE E 564 -17.76 -32.18 15.51
N ILE E 565 -17.78 -33.24 16.33
CA ILE E 565 -16.56 -33.67 16.99
C ILE E 565 -15.55 -34.17 15.96
N ARG E 566 -16.01 -34.89 14.94
CA ARG E 566 -15.11 -35.32 13.87
C ARG E 566 -14.47 -34.12 13.18
N ASN E 567 -15.27 -33.09 12.90
CA ASN E 567 -14.71 -31.86 12.33
C ASN E 567 -13.67 -31.25 13.26
N SER E 568 -13.95 -31.27 14.57
CA SER E 568 -12.99 -30.73 15.54
C SER E 568 -11.66 -31.48 15.49
N ILE E 569 -11.71 -32.80 15.39
CA ILE E 569 -10.47 -33.56 15.22
C ILE E 569 -9.79 -33.17 13.92
N GLU E 570 -10.56 -32.98 12.85
CA GLU E 570 -9.95 -32.68 11.55
C GLU E 570 -9.26 -31.31 11.55
N THR E 571 -9.83 -30.34 12.24
CA THR E 571 -9.35 -28.96 12.14
C THR E 571 -8.29 -28.60 13.17
N ALA E 572 -7.81 -29.55 13.97
CA ALA E 572 -6.80 -29.24 14.97
C ALA E 572 -5.41 -29.26 14.34
N PHE E 573 -4.59 -28.26 14.68
CA PHE E 573 -3.24 -28.13 14.14
C PHE E 573 -2.35 -29.17 14.81
N ILE E 574 -2.44 -30.41 14.34
CA ILE E 574 -1.72 -31.53 14.94
C ILE E 574 -1.09 -32.36 13.83
N SER E 575 -0.11 -33.17 14.23
CA SER E 575 0.62 -34.00 13.28
C SER E 575 -0.26 -35.15 12.79
N HIS E 576 0.19 -35.78 11.71
CA HIS E 576 -0.61 -36.83 11.06
C HIS E 576 -0.73 -38.07 11.94
N ASP E 577 0.40 -38.59 12.43
CA ASP E 577 0.37 -39.84 13.18
C ASP E 577 -0.42 -39.67 14.47
N PHE E 578 -0.23 -38.54 15.15
CA PHE E 578 -1.04 -38.26 16.33
C PHE E 578 -2.52 -38.18 15.96
N ARG E 579 -2.82 -37.71 14.75
CA ARG E 579 -4.21 -37.69 14.30
C ARG E 579 -4.76 -39.10 14.15
N MET E 580 -3.99 -40.02 13.56
CA MET E 580 -4.46 -41.40 13.45
C MET E 580 -4.69 -42.02 14.82
N GLU E 581 -3.75 -41.82 15.74
CA GLU E 581 -3.93 -42.38 17.09
C GLU E 581 -5.16 -41.78 17.77
N LEU E 582 -5.35 -40.46 17.64
CA LEU E 582 -6.49 -39.82 18.24
C LEU E 582 -7.80 -40.35 17.66
N LEU E 583 -7.86 -40.49 16.33
CA LEU E 583 -9.06 -41.03 15.71
C LEU E 583 -9.36 -42.45 16.18
N LYS E 584 -8.32 -43.28 16.26
CA LYS E 584 -8.54 -44.67 16.66
C LYS E 584 -9.07 -44.76 18.09
N PHE E 585 -8.37 -44.12 19.03
CA PHE E 585 -8.83 -44.13 20.42
C PHE E 585 -10.21 -43.52 20.52
N PHE E 586 -10.45 -42.42 19.81
CA PHE E 586 -11.68 -41.68 19.97
C PHE E 586 -12.87 -42.47 19.42
N ASP E 587 -12.69 -43.14 18.27
CA ASP E 587 -13.81 -43.88 17.71
C ASP E 587 -14.12 -45.12 18.55
N ARG E 588 -13.09 -45.78 19.08
CA ARG E 588 -13.36 -46.89 19.99
C ARG E 588 -14.13 -46.40 21.22
N LYS E 589 -13.69 -45.27 21.79
CA LYS E 589 -14.35 -44.75 22.98
C LYS E 589 -15.79 -44.36 22.69
N ILE E 590 -16.04 -43.70 21.55
CA ILE E 590 -17.40 -43.34 21.18
C ILE E 590 -18.24 -44.59 21.00
N TYR E 591 -17.69 -45.62 20.36
CA TYR E 591 -18.46 -46.85 20.16
C TYR E 591 -18.92 -47.42 21.49
N ASP E 592 -18.00 -47.50 22.46
CA ASP E 592 -18.38 -48.00 23.78
C ASP E 592 -19.42 -47.09 24.43
N VAL E 593 -19.24 -45.76 24.30
CA VAL E 593 -20.16 -44.83 24.94
C VAL E 593 -21.57 -44.99 24.40
N CYS E 594 -21.72 -45.11 23.07
CA CYS E 594 -23.07 -45.25 22.53
C CYS E 594 -23.62 -46.65 22.78
N LEU E 595 -22.75 -47.66 22.92
CA LEU E 595 -23.22 -48.97 23.31
C LEU E 595 -23.81 -48.96 24.72
N ILE E 596 -23.24 -48.15 25.62
CA ILE E 596 -23.68 -48.15 27.01
C ILE E 596 -24.67 -47.03 27.34
N SER E 597 -24.85 -46.04 26.45
CA SER E 597 -25.50 -44.80 26.82
C SER E 597 -27.01 -44.95 27.01
N ILE E 598 -27.75 -45.26 25.96
CA ILE E 598 -29.21 -45.16 25.98
C ILE E 598 -29.84 -46.05 27.05
N LYS E 599 -29.04 -46.90 27.70
CA LYS E 599 -29.46 -47.62 28.89
C LYS E 599 -30.36 -46.74 29.76
N ASN E 600 -29.92 -45.51 30.05
CA ASN E 600 -30.78 -44.51 30.66
C ASN E 600 -31.86 -44.07 29.69
N MET F 1 -43.61 -46.08 -5.50
CA MET F 1 -44.86 -46.28 -4.78
C MET F 1 -45.31 -47.72 -5.04
N SER F 2 -44.89 -48.63 -4.16
CA SER F 2 -45.20 -50.04 -4.28
C SER F 2 -45.05 -50.71 -2.92
N ARG F 3 -46.06 -51.47 -2.52
CA ARG F 3 -46.09 -52.14 -1.21
C ARG F 3 -46.21 -53.64 -1.46
N VAL F 4 -45.11 -54.36 -1.26
CA VAL F 4 -45.00 -55.78 -1.58
C VAL F 4 -45.11 -56.58 -0.29
N LEU F 5 -45.88 -57.66 -0.34
CA LEU F 5 -46.13 -58.51 0.82
C LEU F 5 -45.48 -59.86 0.63
N LEU F 6 -44.73 -60.31 1.64
CA LEU F 6 -44.17 -61.65 1.70
C LEU F 6 -44.86 -62.41 2.81
N CYS F 7 -45.39 -63.58 2.48
CA CYS F 7 -46.20 -64.35 3.42
C CYS F 7 -45.77 -65.81 3.38
N SER F 8 -46.22 -66.55 4.40
CA SER F 8 -45.97 -67.98 4.48
C SER F 8 -47.06 -68.61 5.34
N ALA F 9 -47.65 -69.69 4.85
CA ALA F 9 -48.74 -70.37 5.56
C ALA F 9 -48.53 -71.88 5.46
N GLY F 10 -49.12 -72.58 6.42
CA GLY F 10 -49.01 -74.03 6.47
C GLY F 10 -50.33 -74.74 6.22
N HIS F 11 -50.96 -75.20 7.31
CA HIS F 11 -52.20 -75.96 7.20
C HIS F 11 -53.40 -75.10 6.83
N SER F 12 -53.28 -73.78 6.87
CA SER F 12 -54.38 -72.88 6.58
C SER F 12 -54.07 -72.04 5.36
N SER F 13 -55.13 -71.54 4.72
CA SER F 13 -55.02 -70.69 3.54
C SER F 13 -55.82 -69.41 3.72
N MET F 14 -55.93 -68.93 4.96
CA MET F 14 -56.68 -67.72 5.25
C MET F 14 -55.81 -66.46 5.19
N VAL F 15 -54.54 -66.58 4.82
CA VAL F 15 -53.63 -65.45 4.88
C VAL F 15 -53.95 -64.44 3.77
N VAL F 16 -54.15 -64.92 2.54
CA VAL F 16 -54.21 -64.02 1.39
C VAL F 16 -55.42 -63.07 1.42
N PRO F 17 -56.65 -63.50 1.74
CA PRO F 17 -57.77 -62.56 1.60
C PRO F 17 -57.70 -61.44 2.61
N GLU F 18 -57.39 -61.75 3.87
CA GLU F 18 -57.16 -60.70 4.86
C GLU F 18 -55.91 -59.90 4.53
N ALA F 19 -54.94 -60.51 3.84
CA ALA F 19 -53.74 -59.78 3.44
C ALA F 19 -54.08 -58.68 2.45
N PHE F 20 -54.96 -58.96 1.49
CA PHE F 20 -55.43 -57.90 0.61
C PHE F 20 -56.16 -56.81 1.39
N HIS F 21 -57.01 -57.20 2.33
CA HIS F 21 -57.82 -56.26 3.10
C HIS F 21 -57.10 -55.76 4.34
N ALA F 22 -55.77 -55.91 4.40
CA ALA F 22 -55.01 -55.41 5.55
C ALA F 22 -55.13 -53.90 5.66
N VAL F 23 -55.00 -53.20 4.54
CA VAL F 23 -55.07 -51.74 4.52
C VAL F 23 -56.37 -51.33 3.85
N PRO F 24 -57.13 -50.40 4.43
CA PRO F 24 -58.40 -49.99 3.79
C PRO F 24 -58.24 -49.44 2.39
N GLU F 25 -57.10 -48.84 2.07
CA GLU F 25 -56.80 -48.35 0.73
C GLU F 25 -56.48 -49.49 -0.25
N GLY F 26 -56.09 -50.66 0.27
CA GLY F 26 -55.78 -51.78 -0.58
C GLY F 26 -54.29 -52.13 -0.56
N PHE F 27 -53.89 -52.91 -1.56
CA PHE F 27 -52.50 -53.31 -1.70
C PHE F 27 -52.21 -53.56 -3.18
N GLU F 28 -50.92 -53.72 -3.50
CA GLU F 28 -50.47 -53.74 -4.88
C GLU F 28 -49.56 -54.91 -5.23
N GLU F 29 -49.04 -55.66 -4.25
CA GLU F 29 -48.12 -56.74 -4.54
C GLU F 29 -48.08 -57.69 -3.36
N VAL F 30 -48.39 -58.96 -3.62
CA VAL F 30 -48.39 -59.99 -2.58
C VAL F 30 -47.65 -61.22 -3.10
N HIS F 31 -46.84 -61.83 -2.23
CA HIS F 31 -46.19 -63.10 -2.52
C HIS F 31 -46.23 -63.96 -1.26
N VAL F 32 -46.33 -65.27 -1.47
CA VAL F 32 -46.50 -66.23 -0.38
C VAL F 32 -45.47 -67.33 -0.52
N PHE F 33 -44.79 -67.64 0.58
CA PHE F 33 -43.89 -68.80 0.64
C PHE F 33 -44.67 -70.02 1.12
N THR F 34 -44.38 -71.17 0.52
CA THR F 34 -45.15 -72.37 0.81
C THR F 34 -44.25 -73.60 0.69
N THR F 35 -44.40 -74.53 1.63
CA THR F 35 -43.70 -75.81 1.58
C THR F 35 -44.40 -76.78 0.65
N ASP F 36 -43.99 -78.05 0.67
CA ASP F 36 -44.59 -79.08 -0.16
C ASP F 36 -45.78 -79.75 0.52
N SER F 37 -46.51 -79.01 1.37
CA SER F 37 -47.67 -79.58 2.04
C SER F 37 -48.78 -79.86 1.04
N GLU F 38 -49.34 -81.07 1.12
CA GLU F 38 -50.46 -81.45 0.26
C GLU F 38 -51.79 -80.90 0.74
N LYS F 39 -51.87 -80.46 1.99
CA LYS F 39 -53.10 -79.83 2.48
C LYS F 39 -53.36 -78.51 1.75
N PHE F 40 -52.29 -77.78 1.41
CA PHE F 40 -52.43 -76.53 0.68
C PHE F 40 -53.04 -76.78 -0.69
N ASN F 41 -53.97 -75.92 -1.09
CA ASN F 41 -54.58 -75.97 -2.42
C ASN F 41 -54.28 -74.67 -3.16
N PRO F 42 -53.72 -74.74 -4.37
CA PRO F 42 -53.47 -73.50 -5.12
C PRO F 42 -54.71 -72.88 -5.72
N VAL F 43 -55.80 -73.64 -5.82
CA VAL F 43 -56.98 -73.16 -6.56
C VAL F 43 -57.59 -71.93 -5.89
N VAL F 44 -57.73 -71.96 -4.56
CA VAL F 44 -58.49 -70.92 -3.87
C VAL F 44 -57.81 -69.56 -4.04
N LEU F 45 -56.53 -69.47 -3.69
CA LEU F 45 -55.86 -68.18 -3.81
C LEU F 45 -55.54 -67.86 -5.26
N ASN F 46 -55.39 -68.87 -6.12
CA ASN F 46 -55.21 -68.60 -7.53
C ASN F 46 -56.42 -67.89 -8.11
N ASP F 47 -57.63 -68.35 -7.78
CA ASP F 47 -58.82 -67.65 -8.26
C ASP F 47 -59.04 -66.34 -7.53
N PHE F 48 -58.63 -66.26 -6.25
CA PHE F 48 -58.76 -65.00 -5.52
C PHE F 48 -57.91 -63.90 -6.14
N PHE F 49 -56.69 -64.22 -6.57
CA PHE F 49 -55.81 -63.24 -7.18
C PHE F 49 -56.07 -63.06 -8.67
N HIS F 50 -56.63 -64.07 -9.34
CA HIS F 50 -56.98 -63.95 -10.75
C HIS F 50 -58.17 -63.05 -11.00
N SER F 51 -58.98 -62.77 -9.97
CA SER F 51 -60.07 -61.81 -10.11
C SER F 51 -59.56 -60.39 -10.19
N LEU F 52 -58.32 -60.14 -9.78
CA LEU F 52 -57.68 -58.82 -9.89
C LEU F 52 -56.32 -58.99 -10.54
N PRO F 53 -56.27 -59.12 -11.88
CA PRO F 53 -54.97 -59.22 -12.56
C PRO F 53 -54.10 -57.99 -12.36
N ASN F 54 -54.73 -56.85 -12.03
CA ASN F 54 -54.00 -55.60 -11.87
C ASN F 54 -52.94 -55.67 -10.78
N VAL F 55 -53.08 -56.60 -9.83
CA VAL F 55 -52.08 -56.81 -8.79
C VAL F 55 -51.29 -58.08 -9.15
N ARG F 56 -50.01 -57.91 -9.41
CA ARG F 56 -49.17 -59.03 -9.80
C ARG F 56 -49.01 -60.02 -8.65
N PHE F 57 -48.94 -61.31 -9.00
CA PHE F 57 -48.79 -62.35 -7.99
C PHE F 57 -48.07 -63.53 -8.62
N SER F 58 -47.37 -64.29 -7.77
CA SER F 58 -46.66 -65.49 -8.19
C SER F 58 -46.59 -66.45 -7.01
N ILE F 59 -46.28 -67.71 -7.31
CA ILE F 59 -46.17 -68.75 -6.29
C ILE F 59 -44.70 -69.01 -6.04
N THR F 60 -44.32 -69.07 -4.76
CA THR F 60 -42.94 -69.31 -4.34
C THR F 60 -42.97 -70.52 -3.42
N LYS F 61 -42.78 -71.70 -4.00
CA LYS F 61 -42.95 -72.97 -3.30
C LYS F 61 -41.59 -73.51 -2.86
N CYS F 62 -41.53 -73.97 -1.61
CA CYS F 62 -40.35 -74.65 -1.09
C CYS F 62 -40.52 -76.15 -1.27
N HIS F 63 -39.59 -76.76 -2.01
CA HIS F 63 -39.68 -78.17 -2.37
C HIS F 63 -38.92 -79.04 -1.39
N GLY F 64 -39.17 -80.35 -1.47
CA GLY F 64 -38.43 -81.33 -0.73
C GLY F 64 -38.93 -81.63 0.66
N LEU F 65 -39.92 -80.88 1.16
CA LEU F 65 -40.42 -81.10 2.51
C LEU F 65 -41.75 -80.40 2.69
N ALA F 66 -42.64 -81.02 3.47
CA ALA F 66 -43.92 -80.45 3.85
C ALA F 66 -43.92 -79.88 5.26
N ASP F 67 -43.38 -80.61 6.23
CA ASP F 67 -43.29 -80.17 7.61
C ASP F 67 -41.88 -80.44 8.13
N ILE F 68 -41.34 -79.48 8.88
CA ILE F 68 -39.99 -79.60 9.40
C ILE F 68 -39.97 -80.55 10.58
N LEU F 69 -39.08 -81.54 10.54
CA LEU F 69 -39.00 -82.54 11.59
C LEU F 69 -37.56 -82.90 11.97
N ASN F 70 -36.56 -82.18 11.46
CA ASN F 70 -35.18 -82.46 11.83
C ASN F 70 -34.34 -81.21 11.60
N GLU F 71 -33.13 -81.22 12.18
CA GLU F 71 -32.26 -80.06 12.12
C GLU F 71 -31.84 -79.74 10.68
N ARG F 72 -31.52 -80.77 9.89
CA ARG F 72 -31.11 -80.54 8.52
C ARG F 72 -32.25 -79.92 7.70
N ASP F 73 -33.47 -80.40 7.91
CA ASP F 73 -34.62 -79.84 7.21
C ASP F 73 -34.82 -78.37 7.57
N PHE F 74 -34.72 -78.04 8.85
CA PHE F 74 -34.88 -76.64 9.25
C PHE F 74 -33.77 -75.77 8.69
N GLU F 75 -32.53 -76.27 8.69
CA GLU F 75 -31.42 -75.50 8.14
C GLU F 75 -31.64 -75.23 6.65
N PHE F 76 -32.01 -76.26 5.90
CA PHE F 76 -32.27 -76.07 4.48
C PHE F 76 -33.44 -75.12 4.24
N TYR F 77 -34.51 -75.26 5.03
CA TYR F 77 -35.67 -74.39 4.85
C TYR F 77 -35.30 -72.94 5.13
N GLN F 78 -34.53 -72.70 6.20
CA GLN F 78 -34.12 -71.34 6.50
C GLN F 78 -33.23 -70.78 5.40
N GLU F 79 -32.32 -71.60 4.87
CA GLU F 79 -31.45 -71.12 3.80
C GLU F 79 -32.25 -70.75 2.55
N MET F 80 -33.18 -71.61 2.13
CA MET F 80 -33.97 -71.29 0.94
C MET F 80 -34.95 -70.14 1.20
N LEU F 81 -35.47 -70.02 2.42
CA LEU F 81 -36.34 -68.88 2.72
C LEU F 81 -35.56 -67.57 2.67
N TRP F 82 -34.34 -67.56 3.22
CA TRP F 82 -33.50 -66.38 3.13
C TRP F 82 -33.15 -66.06 1.68
N GLN F 83 -32.87 -67.09 0.88
CA GLN F 83 -32.57 -66.87 -0.54
C GLN F 83 -33.77 -66.29 -1.27
N TRP F 84 -34.97 -66.82 -1.00
CA TRP F 84 -36.17 -66.31 -1.65
C TRP F 84 -36.45 -64.87 -1.24
N TYR F 85 -36.24 -64.54 0.04
CA TYR F 85 -36.38 -63.17 0.48
C TYR F 85 -35.34 -62.28 -0.21
N LEU F 86 -34.14 -62.81 -0.41
CA LEU F 86 -33.05 -62.08 -1.04
C LEU F 86 -33.35 -61.78 -2.51
N THR F 87 -34.00 -62.71 -3.20
CA THR F 87 -34.43 -62.44 -4.57
C THR F 87 -35.65 -61.53 -4.64
N LYS F 88 -36.23 -61.15 -3.49
CA LYS F 88 -37.48 -60.41 -3.49
C LYS F 88 -37.46 -59.17 -2.59
N MET F 89 -36.45 -58.31 -2.73
CA MET F 89 -36.36 -57.06 -1.95
C MET F 89 -37.36 -55.97 -2.33
N PRO F 90 -37.79 -55.89 -3.59
CA PRO F 90 -37.91 -54.57 -4.24
C PRO F 90 -36.84 -53.58 -3.80
N ASP F 91 -36.01 -53.20 -4.78
CA ASP F 91 -34.70 -52.61 -4.50
C ASP F 91 -34.77 -51.41 -3.58
N ASN F 92 -35.76 -50.54 -3.77
CA ASN F 92 -35.83 -49.29 -3.02
C ASN F 92 -36.57 -49.45 -1.69
N GLU F 93 -37.72 -50.12 -1.72
CA GLU F 93 -38.62 -50.15 -0.58
C GLU F 93 -38.69 -51.57 -0.02
N LEU F 94 -38.56 -51.69 1.30
CA LEU F 94 -38.58 -53.00 1.94
C LEU F 94 -39.98 -53.61 1.84
N PRO F 95 -40.08 -54.92 1.67
CA PRO F 95 -41.39 -55.56 1.54
C PRO F 95 -42.08 -55.72 2.89
N TYR F 96 -43.34 -56.10 2.83
CA TYR F 96 -44.14 -56.41 4.02
C TYR F 96 -44.08 -57.90 4.32
N VAL F 97 -44.38 -58.25 5.57
CA VAL F 97 -44.24 -59.62 6.03
C VAL F 97 -45.44 -60.00 6.90
N CYS F 98 -45.96 -61.20 6.68
CA CYS F 98 -47.00 -61.80 7.51
C CYS F 98 -46.49 -63.13 8.04
N LEU F 99 -46.56 -63.32 9.36
CA LEU F 99 -45.96 -64.46 10.03
C LEU F 99 -47.00 -65.21 10.87
N SER F 100 -48.16 -65.46 10.28
CA SER F 100 -49.26 -66.13 10.97
C SER F 100 -49.64 -67.40 10.22
N GLY F 101 -48.65 -68.19 9.83
CA GLY F 101 -48.92 -69.42 9.12
C GLY F 101 -47.98 -70.57 9.45
N GLY F 102 -48.50 -71.80 9.44
CA GLY F 102 -47.70 -72.97 9.68
C GLY F 102 -47.28 -73.12 11.13
N ILE F 103 -46.40 -74.09 11.35
CA ILE F 103 -45.81 -74.30 12.67
C ILE F 103 -44.81 -73.16 12.92
N LYS F 104 -44.35 -73.04 14.16
CA LYS F 104 -43.60 -71.85 14.56
C LYS F 104 -42.19 -71.81 14.00
N SER F 105 -41.71 -72.90 13.38
CA SER F 105 -40.38 -72.90 12.81
C SER F 105 -40.25 -71.87 11.69
N MET F 106 -41.16 -71.92 10.71
CA MET F 106 -41.08 -70.95 9.62
C MET F 106 -41.45 -69.55 10.08
N SER F 107 -42.35 -69.42 11.06
CA SER F 107 -42.66 -68.10 11.59
C SER F 107 -41.43 -67.46 12.22
N ALA F 108 -40.70 -68.24 13.03
CA ALA F 108 -39.47 -67.73 13.64
C ALA F 108 -38.42 -67.42 12.60
N SER F 109 -38.27 -68.29 11.60
CA SER F 109 -37.28 -68.04 10.55
C SER F 109 -37.60 -66.77 9.77
N LEU F 110 -38.88 -66.56 9.47
CA LEU F 110 -39.27 -65.37 8.70
C LEU F 110 -39.13 -64.11 9.55
N GLN F 111 -39.42 -64.19 10.86
CA GLN F 111 -39.17 -63.05 11.72
C GLN F 111 -37.68 -62.73 11.79
N LYS F 112 -36.84 -63.76 11.87
CA LYS F 112 -35.40 -63.53 11.84
C LYS F 112 -34.98 -62.88 10.54
N ALA F 113 -35.55 -63.32 9.42
CA ALA F 113 -35.25 -62.68 8.14
C ALA F 113 -35.71 -61.22 8.13
N ALA F 114 -36.88 -60.94 8.69
CA ALA F 114 -37.36 -59.57 8.74
C ALA F 114 -36.43 -58.69 9.57
N THR F 115 -35.95 -59.21 10.69
CA THR F 115 -34.96 -58.47 11.49
C THR F 115 -33.65 -58.31 10.74
N LEU F 116 -33.29 -59.32 9.94
CA LEU F 116 -31.95 -59.38 9.35
C LEU F 116 -31.82 -58.46 8.13
N PHE F 117 -32.75 -58.55 7.18
CA PHE F 117 -32.71 -57.70 6.00
C PHE F 117 -33.68 -56.53 6.04
N GLY F 118 -34.51 -56.43 7.05
CA GLY F 118 -35.40 -55.29 7.17
C GLY F 118 -36.79 -55.59 6.62
N ALA F 119 -37.78 -54.89 7.16
CA ALA F 119 -39.16 -55.05 6.73
C ALA F 119 -39.91 -53.74 6.97
N GLN F 120 -40.77 -53.38 6.01
CA GLN F 120 -41.55 -52.16 6.16
C GLN F 120 -42.55 -52.27 7.31
N SER F 121 -43.23 -53.40 7.41
CA SER F 121 -44.21 -53.60 8.49
C SER F 121 -44.41 -55.09 8.70
N VAL F 122 -44.55 -55.47 9.96
CA VAL F 122 -44.78 -56.85 10.37
C VAL F 122 -46.16 -56.91 11.01
N PHE F 123 -47.06 -57.67 10.40
CA PHE F 123 -48.45 -57.73 10.84
C PHE F 123 -48.88 -59.17 11.06
N HIS F 124 -50.05 -59.33 11.69
CA HIS F 124 -50.61 -60.63 12.02
C HIS F 124 -52.03 -60.73 11.48
N VAL F 125 -52.42 -61.97 11.17
CA VAL F 125 -53.78 -62.28 10.74
C VAL F 125 -54.30 -63.43 11.60
N LEU F 126 -55.52 -63.27 12.11
CA LEU F 126 -56.11 -64.31 12.96
C LEU F 126 -57.62 -64.21 12.87
N ALA F 127 -58.26 -65.27 12.36
CA ALA F 127 -59.72 -65.33 12.29
C ALA F 127 -60.26 -65.94 13.57
N ASP F 128 -61.29 -65.30 14.13
CA ASP F 128 -61.86 -65.77 15.39
C ASP F 128 -62.47 -67.16 15.24
N ASN F 129 -63.20 -67.39 14.15
CA ASN F 129 -63.87 -68.66 13.92
C ASN F 129 -63.17 -69.54 12.89
N ASN F 130 -62.10 -69.04 12.27
CA ASN F 130 -61.41 -69.74 11.20
C ASN F 130 -62.38 -70.22 10.11
N PRO F 131 -63.09 -69.29 9.45
CA PRO F 131 -64.09 -69.70 8.46
C PRO F 131 -63.41 -70.26 7.21
N ARG F 132 -63.72 -71.51 6.89
CA ARG F 132 -63.04 -72.19 5.78
C ARG F 132 -63.48 -71.64 4.43
N ASN F 133 -64.78 -71.53 4.22
CA ASN F 133 -65.29 -71.16 2.90
C ASN F 133 -65.32 -69.64 2.73
N ILE F 134 -65.52 -69.22 1.47
CA ILE F 134 -65.30 -67.84 1.08
C ILE F 134 -66.37 -66.92 1.67
N GLU F 135 -67.62 -67.35 1.61
CA GLU F 135 -68.73 -66.47 2.01
C GLU F 135 -68.63 -66.10 3.49
N GLU F 136 -68.32 -67.08 4.34
CA GLU F 136 -68.37 -66.84 5.79
C GLU F 136 -67.30 -65.84 6.23
N MET F 137 -66.04 -66.05 5.85
CA MET F 137 -65.07 -65.07 6.32
C MET F 137 -65.16 -63.77 5.53
N PHE F 138 -65.74 -63.78 4.32
CA PHE F 138 -66.03 -62.53 3.65
C PHE F 138 -67.02 -61.68 4.45
N ASP F 139 -68.14 -62.27 4.87
CA ASP F 139 -69.08 -61.49 5.66
C ASP F 139 -68.55 -61.19 7.05
N ALA F 140 -67.67 -62.04 7.59
CA ALA F 140 -67.02 -61.72 8.85
C ALA F 140 -66.13 -60.49 8.73
N LEU F 141 -65.36 -60.40 7.64
CA LEU F 141 -64.56 -59.21 7.38
C LEU F 141 -65.44 -58.00 7.17
N GLN F 142 -66.58 -58.17 6.51
CA GLN F 142 -67.53 -57.07 6.37
C GLN F 142 -68.02 -56.60 7.72
N LYS F 143 -68.35 -57.53 8.62
CA LYS F 143 -68.81 -57.16 9.96
C LYS F 143 -67.68 -56.62 10.81
N GLY F 144 -66.52 -57.28 10.78
CA GLY F 144 -65.38 -56.85 11.57
C GLY F 144 -64.87 -57.90 12.53
N GLN F 145 -65.14 -59.17 12.24
CA GLN F 145 -64.64 -60.25 13.10
C GLN F 145 -63.13 -60.38 13.02
N ILE F 146 -62.54 -60.09 11.85
CA ILE F 146 -61.10 -60.22 11.66
C ILE F 146 -60.39 -59.08 12.38
N HIS F 147 -59.36 -59.42 13.14
CA HIS F 147 -58.53 -58.45 13.82
C HIS F 147 -57.09 -58.61 13.34
N PHE F 148 -56.38 -57.48 13.23
CA PHE F 148 -55.01 -57.48 12.75
C PHE F 148 -54.08 -56.88 13.79
N ILE F 149 -52.92 -57.51 13.97
CA ILE F 149 -51.94 -57.11 14.96
C ILE F 149 -50.66 -56.74 14.23
N GLU F 150 -50.18 -55.52 14.43
CA GLU F 150 -48.92 -55.06 13.89
C GLU F 150 -47.98 -54.73 15.06
N MET F 151 -46.78 -55.31 15.04
CA MET F 151 -45.85 -55.18 16.15
C MET F 151 -44.44 -54.77 15.75
N GLY F 152 -44.02 -55.02 14.51
CA GLY F 152 -42.63 -54.92 14.14
C GLY F 152 -42.37 -53.84 13.11
N TYR F 153 -41.17 -53.26 13.18
CA TYR F 153 -40.71 -52.26 12.20
C TYR F 153 -39.19 -52.43 12.12
N GLU F 154 -38.75 -53.20 11.14
CA GLU F 154 -37.35 -53.61 11.09
C GLU F 154 -36.61 -52.87 10.00
N PRO F 155 -35.50 -52.21 10.33
CA PRO F 155 -34.70 -51.54 9.29
C PRO F 155 -33.80 -52.51 8.57
N GLY F 156 -33.31 -53.52 9.30
CA GLY F 156 -32.38 -54.48 8.75
C GLY F 156 -30.97 -53.95 8.64
N TRP F 157 -29.99 -54.84 8.61
CA TRP F 157 -28.62 -54.45 8.39
C TRP F 157 -28.48 -53.86 6.98
N ALA F 158 -28.22 -52.56 6.92
CA ALA F 158 -28.10 -51.90 5.63
C ALA F 158 -27.00 -52.53 4.77
N ALA F 159 -25.94 -53.02 5.41
CA ALA F 159 -24.90 -53.73 4.68
C ALA F 159 -25.38 -55.10 4.19
N LEU F 160 -26.29 -55.73 4.94
CA LEU F 160 -26.73 -57.08 4.59
C LEU F 160 -27.83 -57.07 3.54
N ARG F 161 -28.27 -55.89 3.10
CA ARG F 161 -29.18 -55.83 1.96
C ARG F 161 -28.42 -55.98 0.65
N ARG F 162 -27.09 -56.04 0.71
CA ARG F 162 -26.23 -55.96 -0.46
C ARG F 162 -25.71 -57.32 -0.92
N LEU F 163 -26.25 -58.43 -0.42
CA LEU F 163 -25.84 -59.75 -0.87
C LEU F 163 -26.51 -60.18 -2.16
N LYS F 164 -27.38 -59.35 -2.73
CA LYS F 164 -27.99 -59.68 -4.02
C LYS F 164 -26.95 -59.78 -5.13
N LYS F 165 -25.78 -59.17 -4.95
CA LYS F 165 -24.79 -59.14 -6.03
C LYS F 165 -24.15 -60.50 -6.24
N ILE F 166 -23.77 -61.18 -5.16
CA ILE F 166 -23.02 -62.42 -5.29
C ILE F 166 -23.89 -63.53 -5.86
N LEU F 167 -25.08 -63.72 -5.30
CA LEU F 167 -25.95 -64.81 -5.75
C LEU F 167 -27.39 -64.58 -5.33
N PRO F 168 -28.21 -63.92 -6.16
CA PRO F 168 -29.63 -63.79 -5.81
C PRO F 168 -30.33 -65.13 -5.62
N ILE F 169 -30.00 -66.11 -6.45
CA ILE F 169 -30.55 -67.45 -6.33
C ILE F 169 -29.69 -68.39 -7.18
N ASN F 170 -29.44 -69.58 -6.64
CA ASN F 170 -28.68 -70.59 -7.37
C ASN F 170 -29.59 -71.54 -8.15
N GLU F 171 -30.51 -70.95 -8.92
CA GLU F 171 -31.44 -71.66 -9.80
C GLU F 171 -31.93 -72.97 -9.20
N GLY F 172 -32.34 -72.91 -7.93
CA GLY F 172 -32.83 -74.09 -7.25
C GLY F 172 -31.74 -75.12 -7.00
N CYS F 173 -30.79 -74.79 -6.12
CA CYS F 173 -29.67 -75.67 -5.86
C CYS F 173 -30.15 -77.00 -5.26
N SER F 174 -29.41 -78.06 -5.56
CA SER F 174 -29.75 -79.40 -5.12
C SER F 174 -29.35 -79.58 -3.65
N ARG F 175 -29.43 -80.82 -3.17
CA ARG F 175 -29.08 -81.15 -1.79
C ARG F 175 -27.63 -81.59 -1.64
N ASP F 176 -26.83 -81.56 -2.71
CA ASP F 176 -25.45 -82.03 -2.67
C ASP F 176 -24.45 -80.90 -2.87
N ASN F 177 -24.57 -80.13 -3.94
CA ASN F 177 -23.64 -79.06 -4.25
C ASN F 177 -24.03 -77.73 -3.62
N PHE F 178 -25.13 -77.69 -2.87
CA PHE F 178 -25.55 -76.44 -2.25
C PHE F 178 -24.58 -76.02 -1.15
N LYS F 179 -24.52 -74.72 -0.92
CA LYS F 179 -23.71 -74.16 0.15
C LYS F 179 -24.48 -73.05 0.84
N PRO F 180 -24.65 -73.10 2.16
CA PRO F 180 -25.40 -72.04 2.85
C PRO F 180 -24.62 -70.73 2.88
N LEU F 181 -24.52 -70.09 1.72
CA LEU F 181 -23.76 -68.84 1.64
C LEU F 181 -24.42 -67.71 2.41
N ILE F 182 -25.75 -67.70 2.49
CA ILE F 182 -26.43 -66.68 3.28
C ILE F 182 -26.10 -66.85 4.75
N SER F 183 -26.18 -68.09 5.25
CA SER F 183 -25.79 -68.36 6.63
C SER F 183 -24.30 -68.07 6.84
N LYS F 184 -23.48 -68.32 5.81
CA LYS F 184 -22.06 -68.01 5.90
C LYS F 184 -21.84 -66.51 6.08
N SER F 185 -22.54 -65.70 5.29
CA SER F 185 -22.43 -64.25 5.45
C SER F 185 -22.95 -63.80 6.81
N ILE F 186 -24.03 -64.40 7.28
CA ILE F 186 -24.61 -64.03 8.57
C ILE F 186 -23.63 -64.32 9.69
N GLU F 187 -23.01 -65.52 9.66
CA GLU F 187 -22.04 -65.85 10.70
C GLU F 187 -20.77 -65.04 10.57
N GLU F 188 -20.42 -64.61 9.35
CA GLU F 188 -19.29 -63.69 9.20
C GLU F 188 -19.59 -62.34 9.85
N ILE F 189 -20.80 -61.82 9.66
CA ILE F 189 -21.19 -60.58 10.32
C ILE F 189 -21.20 -60.76 11.84
N LEU F 190 -21.71 -61.89 12.32
CA LEU F 190 -21.71 -62.17 13.75
C LEU F 190 -20.29 -62.24 14.29
N SER F 191 -19.38 -62.86 13.54
CA SER F 191 -17.97 -62.92 13.95
C SER F 191 -17.36 -61.53 13.99
N ASN F 192 -17.71 -60.68 13.02
CA ASN F 192 -17.24 -59.30 13.06
C ASN F 192 -17.70 -58.60 14.33
N VAL F 193 -18.98 -58.74 14.67
CA VAL F 193 -19.50 -58.08 15.88
C VAL F 193 -18.83 -58.65 17.13
N LYS F 194 -18.66 -59.96 17.19
CA LYS F 194 -18.06 -60.59 18.37
C LYS F 194 -16.60 -60.18 18.52
N ILE F 195 -15.85 -60.13 17.42
CA ILE F 195 -14.46 -59.69 17.46
C ILE F 195 -14.40 -58.23 17.91
N MET F 196 -15.31 -57.40 17.41
CA MET F 196 -15.33 -55.99 17.79
C MET F 196 -15.60 -55.84 19.28
N ALA F 197 -16.53 -56.62 19.82
CA ALA F 197 -16.91 -56.52 21.22
C ALA F 197 -16.01 -57.30 22.16
N SER F 198 -15.09 -58.12 21.64
CA SER F 198 -14.22 -58.94 22.48
C SER F 198 -12.86 -58.29 22.71
N ASP F 199 -12.14 -57.99 21.63
CA ASP F 199 -10.80 -57.40 21.73
C ASP F 199 -10.94 -55.89 21.73
N THR F 200 -10.94 -55.30 22.92
CA THR F 200 -11.06 -53.85 23.04
C THR F 200 -9.85 -53.14 22.43
N GLY F 201 -8.65 -53.67 22.64
CA GLY F 201 -7.47 -53.03 22.11
C GLY F 201 -7.40 -53.07 20.60
N LYS F 202 -7.73 -54.21 20.00
CA LYS F 202 -7.68 -54.34 18.55
C LYS F 202 -8.80 -53.56 17.87
N SER F 203 -9.77 -53.06 18.63
CA SER F 203 -10.97 -52.46 18.07
C SER F 203 -10.69 -51.16 17.32
N ASN F 204 -9.42 -50.77 17.22
CA ASN F 204 -9.01 -49.66 16.36
C ASN F 204 -9.29 -50.01 14.90
N GLN F 205 -10.27 -49.34 14.31
CA GLN F 205 -10.66 -49.54 12.92
C GLN F 205 -10.71 -48.20 12.21
N LEU F 206 -10.02 -48.11 11.08
CA LEU F 206 -10.10 -46.94 10.20
C LEU F 206 -10.18 -47.38 8.73
N PRO F 207 -11.27 -48.02 8.35
CA PRO F 207 -11.49 -48.34 6.93
C PRO F 207 -11.90 -47.08 6.19
N PHE F 208 -11.82 -47.14 4.86
CA PHE F 208 -12.03 -45.90 4.13
C PHE F 208 -13.50 -45.45 4.16
N PRO F 209 -14.47 -46.13 3.52
CA PRO F 209 -15.81 -45.53 3.49
C PRO F 209 -16.57 -45.66 4.80
N SER F 210 -17.05 -46.89 5.07
CA SER F 210 -17.47 -47.35 6.39
C SER F 210 -17.27 -48.86 6.51
N LEU F 211 -16.39 -49.45 5.71
CA LEU F 211 -16.55 -50.86 5.33
C LEU F 211 -16.15 -51.85 6.42
N ALA F 212 -16.07 -51.40 7.67
CA ALA F 212 -15.72 -52.33 8.72
C ALA F 212 -16.94 -53.17 9.10
N ILE F 213 -17.59 -53.77 8.11
CA ILE F 213 -18.68 -54.71 8.32
C ILE F 213 -18.40 -55.95 7.48
N LEU F 214 -17.34 -55.89 6.69
CA LEU F 214 -16.97 -57.01 5.84
C LEU F 214 -16.53 -58.20 6.69
N PRO F 215 -16.63 -59.41 6.15
CA PRO F 215 -16.15 -60.57 6.89
C PRO F 215 -14.68 -60.44 7.21
N PRO F 216 -14.24 -60.97 8.35
CA PRO F 216 -12.83 -60.83 8.73
C PRO F 216 -11.86 -61.35 7.69
N ILE F 217 -12.25 -62.39 6.95
CA ILE F 217 -11.42 -62.88 5.87
C ILE F 217 -11.24 -61.80 4.81
N ALA F 218 -12.28 -61.01 4.55
CA ALA F 218 -12.16 -59.93 3.58
C ALA F 218 -11.16 -58.87 4.04
N GLN F 219 -11.21 -58.50 5.33
CA GLN F 219 -10.24 -57.54 5.84
C GLN F 219 -8.82 -58.10 5.77
N GLN F 220 -8.66 -59.38 6.13
CA GLN F 220 -7.34 -59.99 6.05
C GLN F 220 -6.83 -60.00 4.62
N TRP F 221 -7.71 -60.27 3.65
CA TRP F 221 -7.35 -60.20 2.25
C TRP F 221 -6.92 -58.80 1.87
N LEU F 222 -7.63 -57.79 2.39
CA LEU F 222 -7.25 -56.40 2.14
C LEU F 222 -5.89 -56.07 2.74
N GLN F 223 -5.50 -56.75 3.81
CA GLN F 223 -4.27 -56.40 4.51
C GLN F 223 -3.00 -56.83 3.78
N LEU F 224 -3.03 -57.93 3.03
CA LEU F 224 -1.81 -58.38 2.36
C LEU F 224 -1.43 -57.42 1.25
N PRO F 225 -0.14 -57.40 0.87
CA PRO F 225 0.28 -56.52 -0.23
C PRO F 225 -0.33 -56.93 -1.55
N LEU F 226 -0.39 -55.98 -2.48
CA LEU F 226 -0.91 -56.26 -3.82
C LEU F 226 -0.07 -57.30 -4.52
N SER F 227 -0.74 -58.14 -5.29
CA SER F 227 -0.11 -59.04 -6.24
C SER F 227 -0.42 -58.57 -7.66
N ALA F 228 0.36 -59.07 -8.62
CA ALA F 228 0.11 -58.73 -10.01
C ALA F 228 -1.15 -59.37 -10.57
N ASN F 229 -1.77 -60.29 -9.83
CA ASN F 229 -2.93 -61.04 -10.30
C ASN F 229 -4.25 -60.41 -9.88
N ASP F 230 -4.23 -59.26 -9.22
CA ASP F 230 -5.44 -58.58 -8.79
C ASP F 230 -6.01 -57.66 -9.85
N GLY F 231 -5.63 -57.85 -11.12
CA GLY F 231 -6.08 -56.95 -12.17
C GLY F 231 -7.59 -56.89 -12.31
N ALA F 232 -8.25 -58.05 -12.21
CA ALA F 232 -9.71 -58.08 -12.29
C ALA F 232 -10.33 -57.30 -11.14
N TRP F 233 -9.77 -57.44 -9.93
CA TRP F 233 -10.33 -56.76 -8.77
C TRP F 233 -10.24 -55.24 -8.93
N ILE F 234 -9.08 -54.73 -9.33
CA ILE F 234 -8.94 -53.28 -9.47
C ILE F 234 -9.79 -52.78 -10.64
N GLN F 235 -9.87 -53.57 -11.71
CA GLN F 235 -10.73 -53.19 -12.83
C GLN F 235 -12.19 -53.10 -12.38
N ASN F 236 -12.58 -53.96 -11.43
CA ASN F 236 -13.94 -53.89 -10.90
C ASN F 236 -14.15 -52.68 -9.99
N LEU F 237 -13.12 -52.27 -9.25
CA LEU F 237 -13.25 -51.15 -8.33
C LEU F 237 -13.44 -49.85 -9.11
N PRO F 238 -14.47 -49.06 -8.79
CA PRO F 238 -14.56 -47.72 -9.37
C PRO F 238 -13.39 -46.86 -8.90
N LYS F 239 -12.91 -45.99 -9.79
CA LYS F 239 -11.75 -45.15 -9.51
C LYS F 239 -12.10 -43.70 -9.83
N VAL F 240 -11.09 -42.82 -9.77
CA VAL F 240 -11.26 -41.41 -10.03
C VAL F 240 -10.01 -40.87 -10.72
N ASP F 241 -10.22 -40.06 -11.75
CA ASP F 241 -9.13 -39.58 -12.63
C ASP F 241 -9.11 -38.06 -12.60
N LEU F 242 -8.18 -37.47 -11.84
CA LEU F 242 -8.13 -36.02 -11.70
C LEU F 242 -7.12 -35.36 -12.64
N HIS F 243 -6.47 -36.11 -13.52
CA HIS F 243 -5.49 -35.56 -14.44
C HIS F 243 -5.59 -36.36 -15.75
N CYS F 244 -6.33 -35.82 -16.71
CA CYS F 244 -6.48 -36.44 -18.02
C CYS F 244 -6.59 -35.35 -19.07
N HIS F 245 -5.61 -35.29 -19.97
CA HIS F 245 -5.59 -34.30 -21.04
C HIS F 245 -6.46 -34.78 -22.19
N LEU F 246 -7.40 -33.94 -22.61
CA LEU F 246 -8.28 -34.31 -23.72
C LEU F 246 -7.51 -34.51 -25.01
N GLY F 247 -6.54 -33.64 -25.29
CA GLY F 247 -5.78 -33.73 -26.51
C GLY F 247 -4.79 -34.88 -26.55
N GLY F 248 -4.51 -35.51 -25.41
CA GLY F 248 -3.58 -36.62 -25.37
C GLY F 248 -4.25 -37.95 -25.08
N PHE F 249 -5.44 -38.17 -25.64
CA PHE F 249 -6.16 -39.42 -25.44
C PHE F 249 -5.93 -40.38 -26.61
N ALA F 250 -5.96 -39.87 -27.83
CA ALA F 250 -5.78 -40.71 -29.01
C ALA F 250 -4.78 -40.07 -29.97
N ASN F 300 -1.51 -35.92 -33.32
CA ASN F 300 -2.79 -35.43 -32.82
C ASN F 300 -2.60 -34.20 -31.94
N GLY F 301 -3.57 -33.28 -31.99
CA GLY F 301 -3.49 -32.08 -31.20
C GLY F 301 -4.22 -30.90 -31.81
N SER F 302 -3.52 -29.77 -31.93
CA SER F 302 -4.15 -28.55 -32.43
C SER F 302 -4.59 -28.70 -33.87
N LYS F 303 -3.74 -29.30 -34.72
CA LYS F 303 -4.01 -29.35 -36.15
C LYS F 303 -5.22 -30.20 -36.46
N LEU F 304 -5.27 -31.43 -35.93
CA LEU F 304 -6.34 -32.36 -36.26
C LEU F 304 -7.68 -31.93 -35.66
N LEU F 305 -7.66 -31.30 -34.48
CA LEU F 305 -8.87 -31.08 -33.71
C LEU F 305 -9.53 -29.72 -33.99
N LYS F 306 -8.99 -28.93 -34.91
CA LYS F 306 -9.65 -27.66 -35.25
C LYS F 306 -11.01 -27.90 -35.88
N ASP F 307 -11.18 -29.02 -36.57
CA ASP F 307 -12.48 -29.38 -37.12
C ASP F 307 -13.45 -29.75 -36.00
N LYS F 308 -14.71 -29.33 -36.15
CA LYS F 308 -15.72 -29.63 -35.14
C LYS F 308 -15.91 -31.14 -34.99
N GLY F 309 -16.12 -31.85 -36.09
CA GLY F 309 -16.41 -33.27 -36.02
C GLY F 309 -15.32 -34.07 -35.36
N CYS F 310 -14.05 -33.69 -35.61
CA CYS F 310 -12.93 -34.35 -34.94
C CYS F 310 -13.02 -34.18 -33.43
N LEU F 311 -13.37 -32.97 -32.97
CA LEU F 311 -13.51 -32.74 -31.54
C LEU F 311 -14.68 -33.52 -30.97
N ILE F 312 -15.80 -33.58 -31.69
CA ILE F 312 -16.94 -34.34 -31.20
C ILE F 312 -16.59 -35.81 -31.05
N ARG F 313 -15.94 -36.40 -32.06
CA ARG F 313 -15.61 -37.81 -31.99
C ARG F 313 -14.55 -38.08 -30.94
N GLN F 314 -13.60 -37.13 -30.77
CA GLN F 314 -12.62 -37.28 -29.70
C GLN F 314 -13.27 -37.27 -28.33
N VAL F 315 -14.21 -36.35 -28.11
CA VAL F 315 -14.89 -36.27 -26.82
C VAL F 315 -15.68 -37.55 -26.56
N GLU F 316 -16.42 -38.00 -27.58
CA GLU F 316 -17.22 -39.22 -27.40
C GLU F 316 -16.35 -40.45 -27.15
N LEU F 317 -15.24 -40.56 -27.89
CA LEU F 317 -14.34 -41.70 -27.69
C LEU F 317 -13.70 -41.64 -26.31
N LEU F 318 -13.31 -40.45 -25.86
CA LEU F 318 -12.75 -40.31 -24.52
C LEU F 318 -13.76 -40.72 -23.47
N TYR F 319 -15.01 -40.28 -23.63
CA TYR F 319 -16.04 -40.65 -22.66
C TYR F 319 -16.29 -42.16 -22.67
N GLN F 320 -16.32 -42.77 -23.85
CA GLN F 320 -16.58 -44.21 -23.93
C GLN F 320 -15.45 -45.01 -23.30
N SER F 321 -14.20 -44.68 -23.62
CA SER F 321 -13.07 -45.38 -23.00
C SER F 321 -12.99 -45.06 -21.52
N LEU F 322 -13.42 -43.88 -21.12
CA LEU F 322 -13.38 -43.46 -19.73
C LEU F 322 -14.36 -44.27 -18.90
N VAL F 323 -15.57 -44.48 -19.42
CA VAL F 323 -16.53 -45.37 -18.78
C VAL F 323 -16.04 -46.81 -18.83
N ASN F 324 -15.37 -47.19 -19.92
CA ASN F 324 -14.84 -48.54 -20.05
C ASN F 324 -13.84 -48.87 -18.95
N ASP F 325 -13.22 -47.85 -18.36
CA ASP F 325 -12.34 -48.07 -17.22
C ASP F 325 -13.11 -48.15 -15.90
N ASN F 326 -14.43 -48.01 -15.94
CA ASN F 326 -15.31 -48.23 -14.80
C ASN F 326 -15.10 -47.23 -13.68
N VAL F 327 -14.65 -46.02 -14.00
CA VAL F 327 -14.46 -45.00 -12.98
C VAL F 327 -15.68 -44.10 -12.94
N ALA F 328 -15.88 -43.41 -11.83
CA ALA F 328 -17.09 -42.63 -11.61
C ALA F 328 -16.90 -41.13 -11.81
N TYR F 329 -15.72 -40.59 -11.54
CA TYR F 329 -15.51 -39.15 -11.63
C TYR F 329 -14.18 -38.88 -12.29
N ALA F 330 -14.12 -37.78 -13.04
CA ALA F 330 -12.89 -37.40 -13.72
C ALA F 330 -12.90 -35.90 -13.98
N GLU F 331 -11.72 -35.29 -13.85
CA GLU F 331 -11.50 -33.89 -14.19
C GLU F 331 -10.60 -33.84 -15.41
N ILE F 332 -11.05 -33.16 -16.46
CA ILE F 332 -10.36 -33.14 -17.75
C ILE F 332 -9.74 -31.76 -17.95
N ARG F 333 -8.48 -31.74 -18.37
CA ARG F 333 -7.77 -30.50 -18.64
C ARG F 333 -7.55 -30.36 -20.14
N CYS F 334 -8.04 -29.26 -20.71
CA CYS F 334 -8.00 -29.05 -22.15
C CYS F 334 -7.68 -27.59 -22.44
N SER F 335 -7.17 -27.35 -23.66
CA SER F 335 -6.75 -26.02 -24.10
C SER F 335 -7.70 -25.52 -25.18
N PRO F 336 -8.73 -24.75 -24.83
CA PRO F 336 -9.67 -24.27 -25.86
C PRO F 336 -9.03 -23.39 -26.91
N ASN F 337 -8.03 -22.58 -26.56
CA ASN F 337 -7.40 -21.71 -27.55
C ASN F 337 -6.64 -22.53 -28.60
N ASN F 338 -6.07 -23.66 -28.19
CA ASN F 338 -5.38 -24.53 -29.12
C ASN F 338 -6.31 -25.14 -30.15
N TYR F 339 -7.62 -25.06 -29.92
CA TYR F 339 -8.60 -25.68 -30.80
C TYR F 339 -9.44 -24.67 -31.57
N ALA F 340 -9.32 -23.38 -31.25
CA ALA F 340 -10.08 -22.35 -31.93
C ALA F 340 -9.60 -22.17 -33.36
N ASP F 341 -10.51 -21.73 -34.22
CA ASP F 341 -10.21 -21.48 -35.64
C ASP F 341 -10.98 -20.24 -36.08
N LYS F 342 -10.32 -19.08 -35.98
CA LYS F 342 -10.97 -17.82 -36.37
C LYS F 342 -11.33 -17.79 -37.85
N ASN F 343 -10.64 -18.56 -38.69
CA ASN F 343 -10.98 -18.60 -40.11
C ASN F 343 -12.39 -19.15 -40.32
N LYS F 344 -12.76 -20.20 -39.58
CA LYS F 344 -14.10 -20.74 -39.61
C LYS F 344 -15.00 -20.12 -38.56
N ASN F 345 -14.60 -18.96 -38.00
CA ASN F 345 -15.33 -18.31 -36.91
C ASN F 345 -15.49 -19.24 -35.72
N ARG F 346 -14.43 -20.00 -35.43
CA ARG F 346 -14.43 -20.94 -34.30
C ARG F 346 -13.64 -20.29 -33.16
N SER F 347 -14.36 -19.59 -32.29
CA SER F 347 -13.73 -18.99 -31.13
C SER F 347 -13.40 -20.07 -30.10
N ALA F 348 -12.43 -19.75 -29.22
CA ALA F 348 -12.10 -20.66 -28.13
C ALA F 348 -13.29 -20.86 -27.21
N TRP F 349 -14.05 -19.79 -26.97
CA TRP F 349 -15.28 -19.91 -26.19
C TRP F 349 -16.25 -20.88 -26.84
N VAL F 350 -16.36 -20.83 -28.17
CA VAL F 350 -17.24 -21.75 -28.88
C VAL F 350 -16.77 -23.18 -28.69
N VAL F 351 -15.46 -23.42 -28.78
CA VAL F 351 -14.93 -24.77 -28.60
C VAL F 351 -15.24 -25.27 -27.20
N LEU F 352 -15.00 -24.45 -26.18
CA LEU F 352 -15.26 -24.86 -24.81
C LEU F 352 -16.74 -25.13 -24.59
N GLN F 353 -17.61 -24.27 -25.12
CA GLN F 353 -19.04 -24.47 -24.97
C GLN F 353 -19.49 -25.76 -25.65
N ASP F 354 -18.95 -26.05 -26.83
CA ASP F 354 -19.32 -27.27 -27.53
C ASP F 354 -18.85 -28.51 -26.77
N ILE F 355 -17.64 -28.46 -26.20
CA ILE F 355 -17.15 -29.57 -25.40
C ILE F 355 -18.05 -29.80 -24.19
N ASN F 356 -18.41 -28.71 -23.50
CA ASN F 356 -19.30 -28.83 -22.35
C ASN F 356 -20.65 -29.41 -22.74
N ASP F 357 -21.21 -28.95 -23.86
CA ASP F 357 -22.50 -29.45 -24.32
C ASP F 357 -22.43 -30.92 -24.67
N THR F 358 -21.36 -31.34 -25.35
CA THR F 358 -21.22 -32.75 -25.70
C THR F 358 -21.11 -33.62 -24.46
N PHE F 359 -20.31 -33.19 -23.47
CA PHE F 359 -20.19 -33.96 -22.24
C PHE F 359 -21.53 -34.03 -21.51
N THR F 360 -22.26 -32.90 -21.46
CA THR F 360 -23.56 -32.90 -20.81
C THR F 360 -24.52 -33.85 -21.52
N ARG F 361 -24.53 -33.82 -22.86
CA ARG F 361 -25.42 -34.71 -23.61
C ARG F 361 -25.08 -36.17 -23.35
N LEU F 362 -23.79 -36.51 -23.36
CA LEU F 362 -23.40 -37.89 -23.12
C LEU F 362 -23.78 -38.34 -21.71
N ILE F 363 -23.56 -37.48 -20.71
CA ILE F 363 -23.89 -37.85 -19.34
C ILE F 363 -25.40 -38.02 -19.19
N THR F 364 -26.19 -37.11 -19.78
CA THR F 364 -27.63 -37.22 -19.68
C THR F 364 -28.14 -38.48 -20.36
N GLU F 365 -27.59 -38.81 -21.53
CA GLU F 365 -28.00 -40.02 -22.23
C GLU F 365 -27.65 -41.27 -21.42
N ALA F 366 -26.46 -41.29 -20.83
CA ALA F 366 -26.08 -42.45 -20.00
C ALA F 366 -26.97 -42.57 -18.78
N LYS F 367 -27.29 -41.44 -18.14
CA LYS F 367 -28.14 -41.47 -16.95
C LYS F 367 -29.55 -41.91 -17.28
N GLN F 368 -30.06 -41.50 -18.45
CA GLN F 368 -31.41 -41.90 -18.85
C GLN F 368 -31.50 -43.41 -19.01
N LYS F 369 -30.44 -44.06 -19.50
CA LYS F 369 -30.39 -45.51 -19.55
C LYS F 369 -30.26 -46.14 -18.18
N ASN F 370 -30.01 -45.34 -17.13
CA ASN F 370 -29.91 -45.79 -15.74
C ASN F 370 -28.78 -46.79 -15.53
N GLN F 371 -27.79 -46.80 -16.43
CA GLN F 371 -26.62 -47.65 -16.26
C GLN F 371 -25.53 -46.85 -15.56
N PHE F 372 -24.31 -47.41 -15.51
CA PHE F 372 -23.20 -46.78 -14.82
C PHE F 372 -22.58 -45.71 -15.72
N TYR F 373 -22.53 -44.48 -15.24
CA TYR F 373 -21.99 -43.35 -15.98
C TYR F 373 -20.83 -42.74 -15.22
N CYS F 374 -20.17 -41.78 -15.86
CA CYS F 374 -19.00 -41.10 -15.30
C CYS F 374 -19.23 -39.60 -15.35
N HIS F 375 -19.32 -38.98 -14.17
CA HIS F 375 -19.38 -37.52 -14.10
C HIS F 375 -18.03 -36.93 -14.49
N VAL F 376 -18.05 -35.86 -15.27
CA VAL F 376 -16.85 -35.26 -15.82
C VAL F 376 -16.94 -33.74 -15.71
N ASN F 377 -15.85 -33.12 -15.27
CA ASN F 377 -15.71 -31.66 -15.25
C ASN F 377 -14.43 -31.28 -15.98
N LEU F 378 -14.43 -30.09 -16.57
CA LEU F 378 -13.28 -29.60 -17.32
C LEU F 378 -12.47 -28.62 -16.46
N LEU F 379 -11.16 -28.57 -16.72
CA LEU F 379 -10.27 -27.56 -16.15
C LEU F 379 -9.50 -26.93 -17.30
N VAL F 380 -9.73 -25.63 -17.54
CA VAL F 380 -9.02 -24.94 -18.60
C VAL F 380 -7.56 -24.75 -18.19
N ILE F 381 -6.65 -25.14 -19.07
CA ILE F 381 -5.22 -25.09 -18.80
C ILE F 381 -4.65 -23.77 -19.32
N ALA F 382 -3.87 -23.09 -18.48
CA ALA F 382 -3.17 -21.90 -18.92
C ALA F 382 -2.10 -22.27 -19.94
N SER F 383 -1.80 -21.32 -20.83
CA SER F 383 -0.88 -21.59 -21.92
C SER F 383 0.52 -21.92 -21.41
N ARG F 384 1.14 -22.91 -22.02
CA ARG F 384 2.53 -23.27 -21.73
C ARG F 384 3.47 -22.49 -22.64
N LYS F 385 3.30 -21.17 -22.64
CA LYS F 385 4.05 -20.29 -23.54
C LYS F 385 4.54 -19.08 -22.74
N PHE F 386 5.75 -19.19 -22.18
CA PHE F 386 6.39 -18.02 -21.59
C PHE F 386 6.80 -17.03 -22.66
N SER F 387 7.20 -17.52 -23.83
CA SER F 387 7.56 -16.66 -24.94
C SER F 387 6.28 -16.18 -25.65
N GLY F 388 6.45 -15.35 -26.67
CA GLY F 388 5.31 -14.84 -27.39
C GLY F 388 4.51 -13.84 -26.56
N ASP F 389 3.26 -13.66 -26.96
CA ASP F 389 2.37 -12.74 -26.26
C ASP F 389 2.06 -13.28 -24.86
N LEU F 390 2.05 -12.37 -23.88
CA LEU F 390 1.70 -12.73 -22.52
C LEU F 390 0.24 -12.47 -22.18
N SER F 391 -0.53 -11.93 -23.14
CA SER F 391 -1.96 -11.73 -22.91
C SER F 391 -2.73 -13.05 -22.95
N ASP F 392 -2.08 -14.13 -23.38
CA ASP F 392 -2.75 -15.42 -23.46
C ASP F 392 -3.23 -15.88 -22.10
N ILE F 393 -2.42 -15.70 -21.05
CA ILE F 393 -2.84 -16.08 -19.70
C ILE F 393 -4.08 -15.29 -19.30
N SER F 394 -4.07 -13.98 -19.54
CA SER F 394 -5.20 -13.15 -19.15
C SER F 394 -6.47 -13.57 -19.86
N LYS F 395 -6.39 -13.82 -21.19
CA LYS F 395 -7.60 -14.20 -21.90
C LYS F 395 -8.07 -15.58 -21.49
N HIS F 396 -7.15 -16.52 -21.22
CA HIS F 396 -7.55 -17.83 -20.72
C HIS F 396 -8.31 -17.72 -19.41
N LEU F 397 -7.75 -16.98 -18.45
CA LEU F 397 -8.40 -16.88 -17.15
C LEU F 397 -9.74 -16.15 -17.25
N ALA F 398 -9.80 -15.07 -18.02
CA ALA F 398 -11.06 -14.36 -18.22
C ALA F 398 -12.09 -15.24 -18.91
N LEU F 399 -11.65 -16.13 -19.79
CA LEU F 399 -12.55 -17.12 -20.36
C LEU F 399 -13.07 -18.06 -19.28
N ALA F 400 -12.21 -18.44 -18.34
CA ALA F 400 -12.63 -19.32 -17.26
C ALA F 400 -13.71 -18.69 -16.38
N ILE F 401 -13.52 -17.42 -16.00
CA ILE F 401 -14.51 -16.79 -15.11
C ILE F 401 -15.85 -16.64 -15.84
N THR F 402 -15.82 -16.51 -17.16
CA THR F 402 -17.08 -16.49 -17.89
C THR F 402 -17.69 -17.87 -17.99
N ALA F 403 -16.85 -18.88 -18.24
CA ALA F 403 -17.34 -20.24 -18.43
C ALA F 403 -17.99 -20.80 -17.17
N MET F 404 -17.51 -20.40 -15.99
CA MET F 404 -18.08 -20.96 -14.77
C MET F 404 -19.54 -20.52 -14.60
N GLN F 405 -19.92 -19.42 -15.23
CA GLN F 405 -21.22 -18.78 -15.01
C GLN F 405 -22.33 -19.41 -15.85
N GLN F 406 -22.07 -20.48 -16.61
CA GLN F 406 -23.16 -21.14 -17.33
C GLN F 406 -24.18 -21.71 -16.37
N GLY F 407 -23.73 -22.29 -15.26
CA GLY F 407 -24.62 -22.74 -14.22
C GLY F 407 -25.30 -24.06 -14.52
N GLU F 408 -26.24 -24.03 -15.46
CA GLU F 408 -26.99 -25.23 -15.81
C GLU F 408 -26.10 -26.24 -16.51
N GLY F 409 -26.54 -27.49 -16.51
CA GLY F 409 -25.78 -28.56 -17.13
C GLY F 409 -25.04 -29.36 -16.08
N VAL F 410 -25.02 -30.68 -16.25
CA VAL F 410 -24.31 -31.55 -15.32
C VAL F 410 -22.81 -31.24 -15.35
N CYS F 411 -22.27 -31.05 -16.55
CA CYS F 411 -20.85 -30.74 -16.68
C CYS F 411 -20.60 -29.27 -16.33
N ARG F 412 -19.38 -28.97 -15.91
CA ARG F 412 -19.04 -27.62 -15.46
C ARG F 412 -17.54 -27.39 -15.56
N ILE F 413 -17.16 -26.12 -15.54
CA ILE F 413 -15.79 -25.72 -15.24
C ILE F 413 -15.73 -25.54 -13.73
N VAL F 414 -14.67 -26.02 -13.09
CA VAL F 414 -14.54 -25.93 -11.65
C VAL F 414 -13.16 -25.45 -11.23
N GLY F 415 -12.24 -25.28 -12.17
CA GLY F 415 -10.91 -24.83 -11.82
C GLY F 415 -10.02 -24.61 -13.02
N VAL F 416 -8.87 -23.97 -12.80
CA VAL F 416 -7.91 -23.72 -13.86
C VAL F 416 -6.63 -24.48 -13.56
N ASP F 417 -5.76 -24.63 -14.56
CA ASP F 417 -4.47 -25.28 -14.37
C ASP F 417 -3.40 -24.22 -14.58
N LEU F 418 -2.42 -24.19 -13.70
CA LEU F 418 -1.41 -23.14 -13.74
C LEU F 418 -0.11 -23.58 -14.37
N ALA F 419 -0.12 -24.72 -15.07
CA ALA F 419 1.04 -25.17 -15.82
C ALA F 419 1.38 -24.16 -16.91
N GLY F 420 2.67 -24.01 -17.18
CA GLY F 420 3.12 -23.03 -18.15
C GLY F 420 4.46 -22.41 -17.79
N PHE F 421 4.85 -22.52 -16.52
CA PHE F 421 6.18 -22.09 -16.12
C PHE F 421 7.20 -23.19 -16.41
N GLU F 422 8.37 -22.77 -16.89
CA GLU F 422 9.40 -23.70 -17.36
C GLU F 422 10.44 -24.00 -16.30
N ASN F 423 10.08 -23.91 -15.02
CA ASN F 423 10.95 -24.20 -13.88
C ASN F 423 12.14 -23.26 -13.80
N LYS F 424 12.22 -22.28 -14.68
CA LYS F 424 13.28 -21.26 -14.66
C LYS F 424 12.81 -20.10 -13.78
N GLU F 425 13.48 -18.96 -13.89
CA GLU F 425 13.21 -17.77 -13.06
C GLU F 425 11.74 -17.38 -13.04
N THR F 426 10.95 -17.93 -13.97
CA THR F 426 9.50 -17.72 -13.94
C THR F 426 8.91 -18.08 -12.59
N ARG F 427 9.33 -19.23 -12.04
CA ARG F 427 8.82 -19.79 -10.78
C ARG F 427 7.30 -19.83 -10.88
N ALA F 428 6.56 -19.41 -9.86
CA ALA F 428 5.11 -19.31 -9.93
C ALA F 428 4.58 -17.99 -9.40
N SER F 429 5.43 -17.17 -8.78
CA SER F 429 5.03 -15.87 -8.25
C SER F 429 5.11 -14.76 -9.29
N TYR F 430 5.66 -15.04 -10.48
CA TYR F 430 5.71 -14.01 -11.51
C TYR F 430 4.31 -13.64 -11.98
N TYR F 431 3.49 -14.63 -12.32
CA TYR F 431 2.14 -14.40 -12.82
C TYR F 431 1.18 -13.96 -11.73
N GLU F 432 1.67 -13.68 -10.52
CA GLU F 432 0.79 -13.50 -9.36
C GLU F 432 -0.14 -12.30 -9.49
N HIS F 433 0.17 -11.33 -10.35
CA HIS F 433 -0.66 -10.14 -10.41
C HIS F 433 -2.04 -10.46 -10.98
N ASP F 434 -2.13 -11.54 -11.75
CA ASP F 434 -3.35 -11.86 -12.49
C ASP F 434 -4.30 -12.76 -11.72
N PHE F 435 -3.92 -13.27 -10.56
CA PHE F 435 -4.68 -14.33 -9.90
C PHE F 435 -5.48 -13.83 -8.70
N LYS F 436 -5.59 -12.51 -8.52
CA LYS F 436 -6.46 -11.99 -7.48
C LYS F 436 -7.94 -12.11 -7.86
N ALA F 437 -8.23 -12.53 -9.09
CA ALA F 437 -9.58 -12.54 -9.63
C ALA F 437 -10.29 -13.88 -9.47
N VAL F 438 -9.64 -14.99 -9.84
CA VAL F 438 -10.32 -16.28 -9.85
C VAL F 438 -10.70 -16.70 -8.43
N HIS F 439 -9.86 -16.39 -7.46
CA HIS F 439 -10.18 -16.72 -6.08
C HIS F 439 -11.29 -15.84 -5.54
N ARG F 440 -11.31 -14.56 -5.95
CA ARG F 440 -12.40 -13.67 -5.55
C ARG F 440 -13.73 -14.12 -6.15
N CYS F 441 -13.70 -14.70 -7.34
CA CYS F 441 -14.91 -15.14 -8.02
C CYS F 441 -15.29 -16.59 -7.72
N GLY F 442 -14.51 -17.27 -6.87
CA GLY F 442 -14.88 -18.59 -6.40
C GLY F 442 -14.34 -19.77 -7.18
N LEU F 443 -13.35 -19.56 -8.04
CA LEU F 443 -12.80 -20.66 -8.83
C LEU F 443 -11.72 -21.40 -8.03
N ALA F 444 -11.06 -22.33 -8.71
CA ALA F 444 -9.97 -23.11 -8.14
C ALA F 444 -8.81 -23.13 -9.12
N VAL F 445 -7.61 -23.37 -8.59
CA VAL F 445 -6.39 -23.41 -9.39
C VAL F 445 -5.67 -24.72 -9.12
N THR F 446 -4.74 -25.06 -10.00
CA THR F 446 -3.99 -26.31 -9.89
C THR F 446 -2.58 -26.06 -10.42
N ALA F 447 -1.61 -26.09 -9.51
CA ALA F 447 -0.23 -25.92 -9.92
C ALA F 447 0.31 -27.21 -10.53
N HIS F 448 1.42 -27.07 -11.26
CA HIS F 448 2.14 -28.19 -11.85
C HIS F 448 3.63 -28.04 -11.57
N ALA F 449 3.96 -27.78 -10.31
CA ALA F 449 5.34 -27.51 -9.90
C ALA F 449 6.12 -28.83 -9.78
N GLY F 450 6.16 -29.56 -10.88
CA GLY F 450 6.94 -30.78 -10.96
C GLY F 450 8.25 -30.56 -11.69
N GLU F 451 8.54 -31.42 -12.67
CA GLU F 451 9.74 -31.30 -13.50
C GLU F 451 10.99 -31.23 -12.64
N ASN F 452 11.63 -30.06 -12.59
CA ASN F 452 12.83 -29.84 -11.78
C ASN F 452 12.67 -28.48 -11.10
N ASP F 453 12.11 -28.49 -9.88
CA ASP F 453 11.85 -27.27 -9.14
C ASP F 453 12.34 -27.47 -7.70
N ASP F 454 12.87 -26.40 -7.13
CA ASP F 454 13.34 -26.40 -5.76
C ASP F 454 12.18 -26.30 -4.80
N PRO F 455 12.39 -26.69 -3.53
CA PRO F 455 11.31 -26.56 -2.54
C PRO F 455 10.76 -25.15 -2.43
N GLU F 456 11.60 -24.13 -2.62
CA GLU F 456 11.14 -22.75 -2.50
C GLU F 456 10.07 -22.44 -3.55
N GLY F 457 10.22 -22.98 -4.75
CA GLY F 457 9.23 -22.75 -5.78
C GLY F 457 7.86 -23.30 -5.41
N ILE F 458 7.83 -24.54 -4.93
CA ILE F 458 6.57 -25.14 -4.49
C ILE F 458 5.99 -24.36 -3.32
N TRP F 459 6.86 -23.92 -2.40
CA TRP F 459 6.41 -23.16 -1.24
C TRP F 459 5.73 -21.86 -1.67
N GLN F 460 6.39 -21.08 -2.52
CA GLN F 460 5.81 -19.82 -2.95
C GLN F 460 4.57 -20.05 -3.81
N ALA F 461 4.55 -21.12 -4.60
CA ALA F 461 3.34 -21.43 -5.37
C ALA F 461 2.17 -21.71 -4.45
N VAL F 462 2.36 -22.57 -3.45
CA VAL F 462 1.26 -22.96 -2.58
C VAL F 462 0.85 -21.83 -1.64
N TYR F 463 1.73 -20.86 -1.39
CA TYR F 463 1.40 -19.78 -0.47
C TYR F 463 1.10 -18.45 -1.15
N SER F 464 1.20 -18.38 -2.48
CA SER F 464 0.74 -17.21 -3.21
C SER F 464 -0.41 -17.53 -4.15
N LEU F 465 -0.27 -18.58 -4.98
CA LEU F 465 -1.37 -19.08 -5.76
C LEU F 465 -2.43 -19.76 -4.91
N HIS F 466 -2.07 -20.23 -3.72
CA HIS F 466 -2.98 -20.94 -2.83
C HIS F 466 -3.64 -22.12 -3.54
N ALA F 467 -2.81 -22.90 -4.24
CA ALA F 467 -3.30 -24.03 -5.03
C ALA F 467 -3.91 -25.10 -4.14
N ARG F 468 -5.18 -25.43 -4.39
CA ARG F 468 -5.83 -26.50 -3.63
C ARG F 468 -5.22 -27.85 -3.96
N ARG F 469 -4.59 -27.97 -5.13
CA ARG F 469 -3.94 -29.22 -5.53
C ARG F 469 -2.52 -28.95 -5.95
N LEU F 470 -1.81 -29.98 -6.41
CA LEU F 470 -0.41 -29.83 -6.77
C LEU F 470 -0.02 -30.99 -7.66
N GLY F 471 0.73 -30.68 -8.72
CA GLY F 471 1.13 -31.67 -9.70
C GLY F 471 2.53 -32.18 -9.46
N HIS F 472 2.68 -33.50 -9.52
CA HIS F 472 3.98 -34.18 -9.42
C HIS F 472 4.69 -33.86 -8.11
N ALA F 473 5.80 -33.12 -8.19
CA ALA F 473 6.64 -32.78 -7.04
C ALA F 473 7.12 -34.05 -6.32
N LEU F 474 7.89 -34.86 -7.05
CA LEU F 474 8.40 -36.12 -6.52
C LEU F 474 9.51 -35.93 -5.50
N ASN F 475 10.27 -34.84 -5.57
CA ASN F 475 11.43 -34.64 -4.71
C ASN F 475 11.05 -33.90 -3.43
N LEU F 476 9.81 -34.06 -2.99
CA LEU F 476 9.33 -33.37 -1.79
C LEU F 476 9.96 -33.93 -0.52
N LEU F 477 10.60 -35.09 -0.60
CA LEU F 477 11.21 -35.70 0.59
C LEU F 477 12.31 -34.82 1.17
N GLU F 478 13.16 -34.25 0.30
CA GLU F 478 14.34 -33.52 0.73
C GLU F 478 14.02 -32.21 1.43
N ALA F 479 12.75 -31.85 1.55
CA ALA F 479 12.31 -30.64 2.25
C ALA F 479 11.31 -31.04 3.31
N PRO F 480 11.78 -31.46 4.48
CA PRO F 480 10.83 -31.86 5.55
C PRO F 480 9.89 -30.75 5.95
N ASP F 481 10.35 -29.50 5.92
CA ASP F 481 9.45 -28.38 6.18
C ASP F 481 8.33 -28.33 5.14
N LEU F 482 8.67 -28.60 3.87
CA LEU F 482 7.65 -28.63 2.84
C LEU F 482 6.71 -29.82 3.02
N MET F 483 7.24 -30.97 3.43
CA MET F 483 6.37 -32.08 3.83
C MET F 483 5.35 -31.64 4.86
N ARG F 484 5.82 -31.02 5.94
CA ARG F 484 4.90 -30.67 7.02
C ARG F 484 3.89 -29.62 6.56
N THR F 485 4.35 -28.61 5.83
CA THR F 485 3.44 -27.55 5.39
C THR F 485 2.45 -28.03 4.35
N VAL F 486 2.77 -29.08 3.59
CA VAL F 486 1.77 -29.68 2.71
C VAL F 486 0.87 -30.66 3.47
N ILE F 487 1.34 -31.17 4.61
CA ILE F 487 0.51 -32.08 5.41
C ILE F 487 -0.58 -31.30 6.13
N GLU F 488 -0.21 -30.21 6.82
CA GLU F 488 -1.19 -29.49 7.63
C GLU F 488 -2.29 -28.87 6.78
N ARG F 489 -1.93 -28.30 5.64
CA ARG F 489 -2.92 -27.64 4.80
C ARG F 489 -3.69 -28.61 3.91
N LYS F 490 -3.36 -29.90 3.96
CA LYS F 490 -4.06 -30.93 3.20
C LYS F 490 -4.04 -30.65 1.70
N ILE F 491 -2.93 -30.10 1.22
CA ILE F 491 -2.78 -29.82 -0.20
C ILE F 491 -2.45 -31.13 -0.91
N GLY F 492 -3.39 -31.61 -1.73
CA GLY F 492 -3.22 -32.87 -2.39
C GLY F 492 -2.15 -32.84 -3.47
N VAL F 493 -1.74 -34.03 -3.90
CA VAL F 493 -0.71 -34.18 -4.92
C VAL F 493 -1.26 -35.07 -6.03
N GLU F 494 -1.22 -34.58 -7.27
CA GLU F 494 -1.60 -35.37 -8.43
C GLU F 494 -0.31 -35.87 -9.08
N MET F 495 0.09 -37.08 -8.75
CA MET F 495 1.27 -37.70 -9.33
C MET F 495 0.83 -38.91 -10.14
N CYS F 496 1.41 -39.08 -11.32
CA CYS F 496 1.03 -40.17 -12.23
C CYS F 496 2.12 -41.22 -12.25
N PRO F 497 1.85 -42.45 -11.79
CA PRO F 497 2.92 -43.45 -11.72
C PRO F 497 3.57 -43.76 -13.06
N TYR F 498 2.77 -43.86 -14.13
CA TYR F 498 3.35 -44.17 -15.44
C TYR F 498 4.10 -42.98 -16.01
N ALA F 499 3.74 -41.76 -15.62
CA ALA F 499 4.43 -40.57 -16.14
C ALA F 499 5.89 -40.58 -15.73
N ASN F 500 6.17 -40.84 -14.45
CA ASN F 500 7.55 -40.96 -14.00
C ASN F 500 8.19 -42.26 -14.46
N TYR F 501 7.38 -43.27 -14.78
CA TYR F 501 7.93 -44.53 -15.30
C TYR F 501 8.61 -44.31 -16.64
N GLN F 502 8.01 -43.48 -17.50
CA GLN F 502 8.57 -43.18 -18.81
C GLN F 502 9.52 -41.99 -18.74
N LEU F 515 13.83 -45.19 -5.73
CA LEU F 515 12.54 -45.85 -5.59
C LEU F 515 11.41 -44.83 -5.55
N TYR F 516 10.18 -45.31 -5.72
CA TYR F 516 9.03 -44.42 -5.73
C TYR F 516 8.73 -43.92 -4.32
N PRO F 517 8.54 -42.61 -4.14
CA PRO F 517 8.28 -42.08 -2.80
C PRO F 517 6.85 -42.21 -2.33
N LEU F 518 5.97 -42.84 -3.11
CA LEU F 518 4.55 -42.87 -2.75
C LEU F 518 4.31 -43.58 -1.43
N LYS F 519 5.08 -44.64 -1.15
CA LYS F 519 4.93 -45.33 0.12
C LYS F 519 5.24 -44.38 1.28
N LYS F 520 6.38 -43.72 1.24
CA LYS F 520 6.68 -42.70 2.25
C LYS F 520 5.67 -41.57 2.21
N TYR F 521 5.13 -41.27 1.03
CA TYR F 521 4.13 -40.21 0.93
C TYR F 521 2.88 -40.54 1.72
N LEU F 522 2.39 -41.79 1.63
CA LEU F 522 1.15 -42.11 2.34
C LEU F 522 1.43 -42.46 3.79
N GLU F 523 2.66 -42.87 4.12
CA GLU F 523 3.03 -42.93 5.53
C GLU F 523 3.00 -41.55 6.17
N ALA F 524 3.54 -40.55 5.46
CA ALA F 524 3.48 -39.18 5.98
C ALA F 524 2.04 -38.69 6.09
N GLY F 525 1.21 -39.02 5.09
CA GLY F 525 -0.19 -38.63 5.14
C GLY F 525 -0.59 -37.67 4.03
N ILE F 526 0.28 -37.51 3.03
CA ILE F 526 -0.04 -36.64 1.91
C ILE F 526 -1.18 -37.25 1.11
N LEU F 527 -2.16 -36.41 0.77
CA LEU F 527 -3.34 -36.87 0.04
C LEU F 527 -2.94 -37.14 -1.41
N VAL F 528 -2.33 -38.30 -1.62
CA VAL F 528 -1.75 -38.66 -2.90
C VAL F 528 -2.83 -39.26 -3.79
N SER F 529 -2.92 -38.77 -5.03
CA SER F 529 -3.87 -39.26 -6.01
C SER F 529 -3.14 -39.82 -7.21
N VAL F 530 -3.52 -41.02 -7.64
CA VAL F 530 -2.92 -41.68 -8.79
C VAL F 530 -3.72 -41.30 -10.03
N ASN F 531 -3.04 -40.88 -11.08
CA ASN F 531 -3.67 -40.31 -12.26
C ASN F 531 -2.94 -40.82 -13.50
N THR F 532 -3.61 -40.74 -14.65
CA THR F 532 -3.04 -41.25 -15.90
C THR F 532 -2.34 -40.19 -16.73
N ASP F 533 -2.47 -38.90 -16.39
CA ASP F 533 -1.94 -37.83 -17.22
C ASP F 533 -2.52 -37.94 -18.63
N ASN F 534 -1.81 -38.59 -19.53
CA ASN F 534 -2.26 -38.79 -20.90
C ASN F 534 -2.52 -40.27 -21.13
N ILE F 535 -3.59 -40.58 -21.87
CA ILE F 535 -3.95 -41.97 -22.12
C ILE F 535 -3.18 -42.53 -23.31
N GLY F 536 -3.35 -41.92 -24.48
CA GLY F 536 -2.68 -42.43 -25.67
C GLY F 536 -1.17 -42.29 -25.62
N ILE F 537 -0.68 -41.17 -25.08
CA ILE F 537 0.75 -40.93 -25.01
C ILE F 537 1.42 -41.95 -24.10
N SER F 538 0.84 -42.19 -22.92
CA SER F 538 1.39 -43.17 -22.00
C SER F 538 1.01 -44.59 -22.36
N GLY F 539 -0.06 -44.78 -23.12
CA GLY F 539 -0.50 -46.12 -23.49
C GLY F 539 -0.93 -46.98 -22.32
N ALA F 540 -1.55 -46.36 -21.31
CA ALA F 540 -2.02 -47.10 -20.14
C ALA F 540 -3.08 -46.28 -19.44
N ASN F 541 -4.15 -46.94 -18.99
CA ASN F 541 -5.25 -46.28 -18.31
C ASN F 541 -5.02 -46.30 -16.80
N LEU F 542 -6.03 -45.87 -16.04
CA LEU F 542 -5.89 -45.82 -14.58
C LEU F 542 -5.78 -47.21 -13.97
N SER F 543 -6.42 -48.20 -14.58
CA SER F 543 -6.27 -49.57 -14.07
C SER F 543 -4.82 -50.03 -14.16
N GLU F 544 -4.18 -49.81 -15.30
CA GLU F 544 -2.77 -50.16 -15.44
C GLU F 544 -1.90 -49.30 -14.54
N ASN F 545 -2.24 -48.02 -14.40
CA ASN F 545 -1.47 -47.13 -13.52
C ASN F 545 -1.49 -47.65 -12.09
N LEU F 546 -2.65 -48.06 -11.59
CA LEU F 546 -2.76 -48.60 -10.25
C LEU F 546 -2.13 -49.98 -10.14
N LEU F 547 -2.17 -50.78 -11.22
CA LEU F 547 -1.55 -52.10 -11.17
C LEU F 547 -0.04 -52.02 -11.11
N ILE F 548 0.56 -51.02 -11.76
CA ILE F 548 2.01 -50.99 -11.93
C ILE F 548 2.77 -50.86 -10.61
N LEU F 549 2.14 -50.31 -9.56
CA LEU F 549 2.91 -50.10 -8.33
C LEU F 549 3.04 -51.37 -7.49
N ALA F 550 2.42 -52.48 -7.91
CA ALA F 550 2.62 -53.74 -7.20
C ALA F 550 4.10 -54.13 -7.22
N ASP F 551 4.76 -53.97 -8.37
CA ASP F 551 6.20 -54.16 -8.46
C ASP F 551 6.98 -52.85 -8.53
N LEU F 552 6.36 -51.76 -8.99
CA LEU F 552 7.06 -50.48 -9.02
C LEU F 552 7.32 -49.97 -7.60
N CYS F 553 6.38 -50.18 -6.69
CA CYS F 553 6.52 -49.80 -5.29
C CYS F 553 6.20 -51.02 -4.43
N PRO F 554 7.16 -51.92 -4.24
CA PRO F 554 6.89 -53.13 -3.48
C PRO F 554 6.58 -52.82 -2.03
N GLY F 555 5.78 -53.68 -1.40
CA GLY F 555 5.34 -53.49 -0.03
C GLY F 555 4.09 -52.66 0.13
N ILE F 556 3.22 -52.62 -0.88
CA ILE F 556 2.02 -51.80 -0.87
C ILE F 556 0.82 -52.71 -0.65
N SER F 557 0.00 -52.38 0.36
CA SER F 557 -1.13 -53.22 0.73
C SER F 557 -2.40 -52.74 0.04
N ARG F 558 -3.44 -53.59 0.08
CA ARG F 558 -4.66 -53.37 -0.68
C ARG F 558 -5.61 -52.38 -0.02
N MET F 559 -5.34 -51.97 1.22
CA MET F 559 -6.09 -50.86 1.81
C MET F 559 -5.62 -49.51 1.29
N ASP F 560 -4.32 -49.38 0.99
CA ASP F 560 -3.78 -48.10 0.57
C ASP F 560 -4.33 -47.65 -0.77
N VAL F 561 -4.77 -48.57 -1.63
CA VAL F 561 -5.43 -48.12 -2.86
C VAL F 561 -6.76 -47.46 -2.54
N LEU F 562 -7.48 -47.97 -1.53
CA LEU F 562 -8.70 -47.30 -1.09
C LEU F 562 -8.39 -45.96 -0.44
N THR F 563 -7.29 -45.87 0.29
CA THR F 563 -6.87 -44.57 0.82
C THR F 563 -6.54 -43.61 -0.31
N ILE F 564 -5.93 -44.11 -1.39
CA ILE F 564 -5.66 -43.30 -2.56
C ILE F 564 -6.96 -42.79 -3.17
N ILE F 565 -7.97 -43.65 -3.23
CA ILE F 565 -9.28 -43.23 -3.71
C ILE F 565 -9.85 -42.15 -2.81
N ARG F 566 -9.68 -42.30 -1.50
CA ARG F 566 -10.16 -41.27 -0.57
C ARG F 566 -9.48 -39.94 -0.85
N ASN F 567 -8.16 -39.98 -1.05
CA ASN F 567 -7.43 -38.76 -1.34
C ASN F 567 -7.90 -38.14 -2.64
N SER F 568 -8.13 -38.96 -3.67
CA SER F 568 -8.55 -38.45 -4.97
C SER F 568 -9.91 -37.78 -4.88
N ILE F 569 -10.90 -38.47 -4.32
CA ILE F 569 -12.25 -37.91 -4.23
C ILE F 569 -12.39 -36.89 -3.11
N GLU F 570 -11.35 -36.71 -2.30
CA GLU F 570 -11.34 -35.66 -1.28
C GLU F 570 -10.72 -34.36 -1.78
N THR F 571 -9.77 -34.44 -2.71
CA THR F 571 -9.08 -33.27 -3.22
C THR F 571 -9.66 -32.76 -4.53
N ALA F 572 -10.76 -33.34 -5.00
CA ALA F 572 -11.41 -32.89 -6.22
C ALA F 572 -12.29 -31.67 -5.95
N PHE F 573 -12.22 -30.70 -6.86
CA PHE F 573 -12.97 -29.46 -6.73
C PHE F 573 -14.42 -29.75 -7.06
N ILE F 574 -15.19 -30.11 -6.03
CA ILE F 574 -16.61 -30.43 -6.18
C ILE F 574 -17.38 -29.75 -5.07
N SER F 575 -18.69 -29.62 -5.28
CA SER F 575 -19.56 -29.07 -4.25
C SER F 575 -19.70 -30.06 -3.09
N HIS F 576 -20.13 -29.53 -1.95
CA HIS F 576 -20.27 -30.36 -0.76
C HIS F 576 -21.29 -31.47 -0.96
N ASP F 577 -22.48 -31.12 -1.43
CA ASP F 577 -23.53 -32.12 -1.64
C ASP F 577 -23.09 -33.16 -2.66
N PHE F 578 -22.47 -32.72 -3.76
CA PHE F 578 -21.98 -33.66 -4.75
C PHE F 578 -20.91 -34.57 -4.16
N ARG F 579 -20.10 -34.03 -3.24
CA ARG F 579 -19.08 -34.85 -2.58
C ARG F 579 -19.72 -35.94 -1.71
N MET F 580 -20.78 -35.59 -0.97
CA MET F 580 -21.51 -36.63 -0.23
C MET F 580 -22.13 -37.67 -1.16
N GLU F 581 -22.72 -37.24 -2.29
CA GLU F 581 -23.28 -38.22 -3.22
C GLU F 581 -22.20 -39.16 -3.74
N LEU F 582 -21.05 -38.60 -4.11
CA LEU F 582 -19.95 -39.43 -4.60
C LEU F 582 -19.45 -40.38 -3.53
N LEU F 583 -19.34 -39.89 -2.29
CA LEU F 583 -18.91 -40.76 -1.18
C LEU F 583 -19.85 -41.93 -1.01
N LYS F 584 -21.16 -41.66 -0.98
CA LYS F 584 -22.13 -42.74 -0.78
C LYS F 584 -22.07 -43.75 -1.91
N PHE F 585 -22.06 -43.26 -3.16
CA PHE F 585 -22.05 -44.17 -4.30
C PHE F 585 -20.77 -45.00 -4.32
N PHE F 586 -19.63 -44.37 -4.07
CA PHE F 586 -18.36 -45.09 -4.05
C PHE F 586 -18.34 -46.14 -2.94
N ASP F 587 -18.85 -45.79 -1.76
CA ASP F 587 -18.90 -46.73 -0.65
C ASP F 587 -19.71 -47.96 -1.04
N ARG F 588 -20.91 -47.76 -1.56
CA ARG F 588 -21.76 -48.90 -1.94
C ARG F 588 -21.09 -49.74 -3.01
N LYS F 589 -20.52 -49.08 -4.02
CA LYS F 589 -19.93 -49.82 -5.14
C LYS F 589 -18.74 -50.64 -4.69
N ILE F 590 -17.84 -50.06 -3.89
CA ILE F 590 -16.66 -50.81 -3.47
C ILE F 590 -17.06 -51.93 -2.53
N TYR F 591 -18.06 -51.69 -1.67
CA TYR F 591 -18.54 -52.75 -0.78
C TYR F 591 -19.02 -53.95 -1.60
N ASP F 592 -19.85 -53.69 -2.61
CA ASP F 592 -20.33 -54.78 -3.45
C ASP F 592 -19.18 -55.45 -4.21
N VAL F 593 -18.21 -54.65 -4.68
CA VAL F 593 -17.12 -55.20 -5.46
C VAL F 593 -16.28 -56.16 -4.62
N CYS F 594 -15.91 -55.73 -3.40
CA CYS F 594 -15.08 -56.61 -2.57
C CYS F 594 -15.88 -57.82 -2.10
N LEU F 595 -17.18 -57.62 -1.82
CA LEU F 595 -18.01 -58.76 -1.43
C LEU F 595 -18.06 -59.80 -2.52
N ILE F 596 -18.19 -59.37 -3.79
CA ILE F 596 -18.17 -60.31 -4.90
C ILE F 596 -16.79 -60.95 -5.04
N SER F 597 -15.74 -60.15 -4.95
CA SER F 597 -14.39 -60.65 -5.25
C SER F 597 -13.89 -61.64 -4.22
N ILE F 598 -14.25 -61.44 -2.94
CA ILE F 598 -13.70 -62.30 -1.89
C ILE F 598 -14.19 -63.74 -2.07
N LYS F 599 -15.42 -63.92 -2.52
CA LYS F 599 -15.94 -65.27 -2.72
C LYS F 599 -15.23 -65.98 -3.88
N ASN F 600 -14.95 -65.25 -4.95
CA ASN F 600 -14.29 -65.84 -6.10
C ASN F 600 -12.84 -65.38 -6.21
MG MG G . 8.66 25.91 13.25
MG MG H . 34.12 -11.63 11.35
MG MG I . -24.01 8.28 -16.90
MG MG J . 19.08 10.59 -31.05
MG MG K . -12.45 -15.94 22.59
MG MG L . -0.24 -33.60 -17.67
#